data_8EEA
#
_entry.id   8EEA
#
loop_
_entity.id
_entity.type
_entity.pdbx_description
1 polymer PtuA
2 polymer PtuB
3 non-polymer "ADENOSINE-5'-TRIPHOSPHATE"
#
loop_
_entity_poly.entity_id
_entity_poly.type
_entity_poly.pdbx_seq_one_letter_code
_entity_poly.pdbx_strand_id
1 'polypeptide(L)'
;MRIDKLSLLNFRCFKQLDITFDEHITILVAPNGAGKTTVLDAVRLALFPFIRGFDASLYVKDKSLAIRTEDLRLIYRQEA
LNMEMSSPAKITATGEWASGKTATWMLDKRGEQPPHEDKMAAQLTRWGEQLQKRVREEHSLQQVELPLMLYLGTARLWYQ
ERYEKQPTEQRLDNSAFSRLSGYDDCLSATSNYKQFEQWYSWLWLSYREHQITQLESPSAKLKEGVRVQRMKEAIQAIQQ
AINCLTQQVTGWHDLEYSASHNQQLVMSHPQYGKIPLSQLSDGLRNAVAMVADIAFRCVKLNPHLQNDAALKTQGIVLID
EVDMFLHPAWQQQIIQSLRSAFPQIQFIVTTHSPQVLSTVKRESIRLLEQDENGNGKALMPLGATYGEPSNDVLQSVMGV
DPQPAVKEKADLQKLTGWVDQGKYDEPKTQQLMVALEVALGEKHPQLQRLQRSIARQRLLKGKAQ
;
A,B,C,D,E,F
2 'polypeptide(L)'
;MRHVIKTQLGTVALLTAHENPPQDADQSTRRWRNFRRDKAAVMVQLINEQYHLCCYSEIRSDLRGLGYHIEHVENKSQHP
ERTFDYQNLAASALDSGENGGLSSLKGKNAFGGHAQGKQDVVDMAKFIHCHIRDCSRYFAYLSDGRIVPADELNAQETEN
AQYTIDLLNLNSGFLQTERRNHWEELEQLFDEHIEKDWDLQQLLQLDLVSTPDHKLHEFFSITRQFFQQEAEQVLQSHAP
ALI
;
G,H
#
# COMPACT_ATOMS: atom_id res chain seq x y z
N MET A 1 -5.59 41.37 27.43
CA MET A 1 -6.55 40.43 28.07
C MET A 1 -6.04 40.03 29.45
N ARG A 2 -6.77 40.42 30.48
CA ARG A 2 -6.33 40.17 31.84
C ARG A 2 -7.27 39.22 32.55
N ILE A 3 -6.75 38.54 33.56
CA ILE A 3 -7.55 37.71 34.47
C ILE A 3 -7.26 38.16 35.90
N ASP A 4 -8.31 38.32 36.69
CA ASP A 4 -8.19 38.88 38.03
C ASP A 4 -8.48 37.89 39.14
N LYS A 5 -9.40 36.95 38.93
CA LYS A 5 -9.88 36.09 40.00
C LYS A 5 -10.25 34.74 39.41
N LEU A 6 -10.03 33.68 40.20
CA LEU A 6 -10.39 32.33 39.81
C LEU A 6 -11.04 31.62 40.99
N SER A 7 -12.02 30.77 40.70
CA SER A 7 -12.69 29.97 41.72
C SER A 7 -12.78 28.53 41.23
N LEU A 8 -12.64 27.58 42.15
CA LEU A 8 -12.70 26.16 41.84
C LEU A 8 -13.68 25.47 42.78
N LEU A 9 -14.22 24.35 42.33
CA LEU A 9 -15.15 23.55 43.13
C LEU A 9 -15.05 22.11 42.68
N ASN A 10 -14.69 21.21 43.59
CA ASN A 10 -14.62 19.77 43.33
C ASN A 10 -13.72 19.48 42.13
N PHE A 11 -12.57 20.13 42.09
CA PHE A 11 -11.62 19.99 40.99
C PHE A 11 -10.35 19.34 41.54
N ARG A 12 -10.10 18.10 41.13
CA ARG A 12 -8.98 17.31 41.63
C ARG A 12 -8.85 17.40 43.15
N CYS A 13 -7.78 17.98 43.66
CA CYS A 13 -7.52 17.93 45.10
C CYS A 13 -8.27 18.99 45.90
N PHE A 14 -8.81 20.02 45.26
CA PHE A 14 -9.43 21.14 45.97
C PHE A 14 -10.93 20.93 46.06
N LYS A 15 -11.46 20.97 47.29
CA LYS A 15 -12.90 21.04 47.46
C LYS A 15 -13.43 22.42 47.06
N GLN A 16 -12.76 23.48 47.51
CA GLN A 16 -13.03 24.83 47.04
C GLN A 16 -11.77 25.66 47.23
N LEU A 17 -11.63 26.69 46.38
CA LEU A 17 -10.44 27.52 46.38
C LEU A 17 -10.73 28.84 45.70
N ASP A 18 -10.27 29.92 46.30
CA ASP A 18 -10.31 31.26 45.70
C ASP A 18 -8.90 31.82 45.63
N ILE A 19 -8.54 32.41 44.50
CA ILE A 19 -7.20 32.94 44.29
C ILE A 19 -7.29 34.22 43.46
N THR A 20 -6.51 35.22 43.87
CA THR A 20 -6.47 36.51 43.19
C THR A 20 -5.10 36.70 42.56
N PHE A 21 -5.06 37.30 41.37
CA PHE A 21 -3.85 37.42 40.57
C PHE A 21 -3.38 38.86 40.53
N ASP A 22 -2.07 39.03 40.56
CA ASP A 22 -1.43 40.33 40.42
C ASP A 22 -1.36 40.72 38.95
N GLU A 23 -1.31 42.04 38.71
CA GLU A 23 -1.44 42.55 37.34
C GLU A 23 -0.30 42.11 36.44
N HIS A 24 0.90 41.93 37.00
CA HIS A 24 2.09 41.65 36.20
C HIS A 24 2.67 40.26 36.45
N ILE A 25 2.95 39.91 37.70
CA ILE A 25 3.60 38.64 38.02
C ILE A 25 2.98 38.06 39.29
N THR A 26 2.70 36.76 39.28
CA THR A 26 2.23 36.03 40.44
C THR A 26 2.98 34.71 40.50
N ILE A 27 3.49 34.36 41.67
CA ILE A 27 4.27 33.13 41.87
C ILE A 27 3.54 32.25 42.87
N LEU A 28 3.30 30.99 42.48
CA LEU A 28 2.67 30.00 43.34
C LEU A 28 3.77 29.13 43.94
N VAL A 29 3.84 29.10 45.28
CA VAL A 29 4.90 28.39 46.00
C VAL A 29 4.27 27.32 46.87
N ALA A 30 4.75 26.09 46.74
CA ALA A 30 4.26 24.98 47.53
C ALA A 30 5.11 23.75 47.22
N PRO A 31 5.02 22.70 48.06
CA PRO A 31 5.74 21.44 47.76
C PRO A 31 4.99 20.53 46.79
N ASN A 32 5.52 19.34 46.56
CA ASN A 32 4.88 18.39 45.64
C ASN A 32 3.50 17.99 46.12
N GLY A 33 2.57 17.88 45.19
CA GLY A 33 1.22 17.46 45.48
C GLY A 33 0.33 18.51 46.09
N ALA A 34 0.73 19.78 46.04
CA ALA A 34 -0.04 20.84 46.64
C ALA A 34 -1.07 21.48 45.71
N GLY A 35 -0.90 21.33 44.38
CA GLY A 35 -1.90 21.80 43.45
C GLY A 35 -1.43 22.92 42.54
N LYS A 36 -0.12 23.02 42.29
CA LYS A 36 0.40 24.08 41.43
C LYS A 36 0.05 23.85 39.97
N THR A 37 0.04 22.59 39.52
CA THR A 37 -0.35 22.29 38.16
C THR A 37 -1.87 22.36 37.97
N THR A 38 -2.63 22.06 39.03
CA THR A 38 -4.08 22.12 38.97
C THR A 38 -4.56 23.54 38.66
N VAL A 39 -3.94 24.55 39.29
CA VAL A 39 -4.35 25.93 39.06
C VAL A 39 -4.08 26.34 37.61
N LEU A 40 -2.91 25.98 37.08
CA LEU A 40 -2.58 26.36 35.71
C LEU A 40 -3.48 25.62 34.71
N ASP A 41 -3.84 24.37 35.00
CA ASP A 41 -4.76 23.66 34.13
C ASP A 41 -6.14 24.31 34.13
N ALA A 42 -6.61 24.74 35.30
CA ALA A 42 -7.87 25.43 35.36
C ALA A 42 -7.84 26.74 34.56
N VAL A 43 -6.72 27.47 34.63
CA VAL A 43 -6.62 28.70 33.85
C VAL A 43 -6.63 28.39 32.35
N ARG A 44 -5.91 27.35 31.93
CA ARG A 44 -5.98 26.91 30.53
C ARG A 44 -7.42 26.68 30.10
N LEU A 45 -8.16 25.91 30.89
CA LEU A 45 -9.51 25.54 30.52
C LEU A 45 -10.41 26.77 30.48
N ALA A 46 -10.18 27.73 31.37
CA ALA A 46 -10.96 28.96 31.35
C ALA A 46 -10.65 29.82 30.12
N LEU A 47 -9.41 29.78 29.64
CA LEU A 47 -9.02 30.61 28.50
C LEU A 47 -9.29 29.97 27.15
N PHE A 48 -9.51 28.67 27.09
CA PHE A 48 -9.59 28.00 25.79
C PHE A 48 -10.77 28.41 24.92
N PRO A 49 -11.94 28.86 25.44
CA PRO A 49 -13.01 29.28 24.53
C PRO A 49 -12.62 30.37 23.55
N PHE A 50 -11.87 31.38 24.01
CA PHE A 50 -11.41 32.44 23.12
C PHE A 50 -10.63 31.86 21.95
N ILE A 51 -9.72 30.92 22.23
CA ILE A 51 -8.96 30.28 21.16
C ILE A 51 -9.87 29.44 20.28
N ARG A 52 -10.89 28.81 20.88
CA ARG A 52 -11.87 28.07 20.09
C ARG A 52 -12.59 28.97 19.10
N GLY A 53 -12.61 30.28 19.36
CA GLY A 53 -13.15 31.20 18.37
C GLY A 53 -12.23 31.49 17.20
N PHE A 54 -11.25 30.63 16.93
CA PHE A 54 -10.30 30.81 15.83
C PHE A 54 -10.21 29.53 15.02
N ASP A 55 -9.67 29.66 13.80
CA ASP A 55 -9.52 28.52 12.91
C ASP A 55 -8.30 27.66 13.26
N ALA A 56 -7.31 28.24 13.94
CA ALA A 56 -6.14 27.46 14.33
C ALA A 56 -6.48 26.37 15.34
N SER A 57 -7.63 26.47 16.01
CA SER A 57 -8.01 25.48 17.01
C SER A 57 -8.64 24.23 16.41
N LEU A 58 -8.77 24.16 15.08
CA LEU A 58 -9.31 22.96 14.45
C LEU A 58 -8.32 21.81 14.45
N TYR A 59 -7.06 22.06 14.77
CA TYR A 59 -6.01 21.03 14.76
C TYR A 59 -5.53 20.68 16.16
N VAL A 60 -6.33 20.98 17.18
CA VAL A 60 -5.94 20.70 18.56
C VAL A 60 -6.27 19.25 18.87
N LYS A 61 -5.24 18.46 19.18
CA LYS A 61 -5.39 17.06 19.56
C LYS A 61 -5.23 16.83 21.06
N ASP A 62 -5.04 17.88 21.84
CA ASP A 62 -4.81 17.74 23.28
C ASP A 62 -6.13 17.40 23.98
N LYS A 63 -6.18 16.20 24.58
CA LYS A 63 -7.38 15.75 25.27
C LYS A 63 -7.54 16.36 26.64
N SER A 64 -6.50 16.99 27.19
CA SER A 64 -6.57 17.63 28.49
C SER A 64 -7.00 19.09 28.40
N LEU A 65 -7.41 19.56 27.22
CA LEU A 65 -7.93 20.90 27.06
C LEU A 65 -9.43 20.98 27.32
N ALA A 66 -10.04 19.89 27.81
CA ALA A 66 -11.43 19.88 28.24
C ALA A 66 -11.51 19.17 29.58
N ILE A 67 -12.54 19.52 30.38
CA ILE A 67 -12.73 18.86 31.66
C ILE A 67 -13.06 17.39 31.42
N ARG A 68 -12.46 16.51 32.21
CA ARG A 68 -12.60 15.08 32.05
C ARG A 68 -13.14 14.47 33.34
N THR A 69 -13.61 13.23 33.23
CA THR A 69 -14.13 12.52 34.40
C THR A 69 -13.04 12.31 35.45
N GLU A 70 -11.79 12.25 35.02
CA GLU A 70 -10.68 12.09 35.96
C GLU A 70 -10.38 13.36 36.75
N ASP A 71 -10.95 14.49 36.35
CA ASP A 71 -10.75 15.75 37.06
C ASP A 71 -11.72 15.94 38.21
N LEU A 72 -12.76 15.12 38.32
CA LEU A 72 -13.71 15.23 39.41
C LEU A 72 -13.10 14.68 40.69
N ARG A 73 -13.20 15.45 41.76
CA ARG A 73 -12.52 15.09 43.00
C ARG A 73 -13.08 13.79 43.58
N LEU A 74 -12.19 12.96 44.11
CA LEU A 74 -12.54 11.69 44.75
C LEU A 74 -12.26 11.79 46.24
N ILE A 75 -13.24 11.37 47.04
CA ILE A 75 -13.11 11.38 48.49
C ILE A 75 -12.84 9.97 48.97
N TYR A 76 -11.94 9.83 49.93
CA TYR A 76 -11.56 8.54 50.48
C TYR A 76 -12.29 8.32 51.80
N ARG A 77 -13.11 7.27 51.86
CA ARG A 77 -13.80 6.88 53.08
C ARG A 77 -12.98 5.78 53.75
N GLN A 78 -12.28 6.14 54.82
CA GLN A 78 -11.34 5.20 55.43
C GLN A 78 -12.05 4.03 56.08
N GLU A 79 -13.24 4.25 56.63
CA GLU A 79 -13.96 3.16 57.29
C GLU A 79 -14.34 2.07 56.29
N ALA A 80 -14.88 2.45 55.14
CA ALA A 80 -15.32 1.49 54.14
C ALA A 80 -14.26 1.19 53.09
N LEU A 81 -13.10 1.84 53.15
CA LEU A 81 -12.05 1.65 52.16
C LEU A 81 -12.61 1.83 50.74
N ASN A 82 -13.23 2.98 50.51
CA ASN A 82 -13.96 3.26 49.29
C ASN A 82 -13.60 4.65 48.79
N MET A 83 -13.79 4.85 47.49
CA MET A 83 -13.64 6.16 46.86
C MET A 83 -14.96 6.55 46.23
N GLU A 84 -15.46 7.71 46.59
CA GLU A 84 -16.69 8.26 46.03
C GLU A 84 -16.39 9.55 45.30
N MET A 85 -17.08 9.76 44.18
CA MET A 85 -16.81 10.86 43.28
C MET A 85 -17.76 12.02 43.56
N SER A 86 -17.20 13.20 43.79
CA SER A 86 -17.99 14.40 44.00
C SER A 86 -18.37 15.03 42.68
N SER A 87 -19.48 15.77 42.67
CA SER A 87 -19.97 16.38 41.45
C SER A 87 -20.87 17.55 41.81
N PRO A 88 -20.92 18.61 40.99
CA PRO A 88 -20.16 18.84 39.75
C PRO A 88 -18.81 19.51 39.98
N ALA A 89 -17.92 19.45 38.99
CA ALA A 89 -16.71 20.26 38.99
C ALA A 89 -17.00 21.59 38.30
N LYS A 90 -16.50 22.68 38.87
CA LYS A 90 -16.83 24.01 38.41
C LYS A 90 -15.57 24.88 38.36
N ILE A 91 -15.48 25.71 37.34
CA ILE A 91 -14.40 26.70 37.19
C ILE A 91 -15.03 28.03 36.81
N THR A 92 -14.77 29.05 37.62
CA THR A 92 -15.25 30.40 37.37
C THR A 92 -14.05 31.35 37.25
N ALA A 93 -14.09 32.24 36.27
CA ALA A 93 -13.03 33.21 36.04
C ALA A 93 -13.63 34.60 35.90
N THR A 94 -12.92 35.60 36.42
CA THR A 94 -13.30 37.00 36.30
C THR A 94 -12.11 37.78 35.77
N GLY A 95 -12.36 38.68 34.82
CA GLY A 95 -11.28 39.43 34.22
C GLY A 95 -11.79 40.47 33.26
N GLU A 96 -10.88 40.92 32.40
CA GLU A 96 -11.15 41.97 31.43
C GLU A 96 -10.70 41.47 30.05
N TRP A 97 -11.58 41.62 29.06
CA TRP A 97 -11.27 41.15 27.70
C TRP A 97 -10.56 42.23 26.89
N ALA A 98 -11.22 43.36 26.68
CA ALA A 98 -10.63 44.52 26.05
C ALA A 98 -10.69 45.69 27.02
N SER A 99 -10.25 46.87 26.55
CA SER A 99 -10.31 48.05 27.39
C SER A 99 -11.75 48.33 27.79
N GLY A 100 -11.99 48.42 29.10
CA GLY A 100 -13.31 48.71 29.61
C GLY A 100 -14.34 47.64 29.27
N LYS A 101 -13.99 46.37 29.48
CA LYS A 101 -14.92 45.27 29.23
C LYS A 101 -14.62 44.18 30.26
N THR A 102 -15.35 44.22 31.37
CA THR A 102 -15.20 43.26 32.46
C THR A 102 -16.27 42.19 32.34
N ALA A 103 -15.90 40.95 32.64
CA ALA A 103 -16.78 39.81 32.41
C ALA A 103 -16.52 38.74 33.45
N THR A 104 -17.47 37.80 33.55
CA THR A 104 -17.38 36.64 34.41
C THR A 104 -17.96 35.45 33.66
N TRP A 105 -17.19 34.36 33.55
CA TRP A 105 -17.63 33.19 32.80
C TRP A 105 -17.30 31.93 33.59
N MET A 106 -17.94 30.83 33.20
CA MET A 106 -18.00 29.64 34.04
C MET A 106 -17.98 28.38 33.16
N LEU A 107 -17.36 27.33 33.69
CA LEU A 107 -17.31 26.02 33.05
C LEU A 107 -17.76 24.97 34.05
N ASP A 108 -18.32 23.87 33.56
CA ASP A 108 -19.01 22.94 34.43
C ASP A 108 -18.98 21.54 33.84
N LYS A 109 -19.00 20.54 34.73
CA LYS A 109 -19.16 19.15 34.33
C LYS A 109 -19.74 18.34 35.49
N ARG A 110 -20.75 17.52 35.18
CA ARG A 110 -21.42 16.68 36.16
C ARG A 110 -21.25 15.22 35.78
N GLY A 111 -20.85 14.40 36.74
CA GLY A 111 -20.80 12.96 36.51
C GLY A 111 -19.97 12.62 35.29
N GLU A 112 -20.58 11.87 34.38
CA GLU A 112 -19.91 11.44 33.15
C GLU A 112 -20.62 12.00 31.91
N GLN A 113 -21.35 13.10 32.06
CA GLN A 113 -21.95 13.77 30.92
C GLN A 113 -20.95 14.77 30.34
N PRO A 114 -21.14 15.18 29.08
CA PRO A 114 -20.19 16.11 28.48
C PRO A 114 -20.15 17.41 29.26
N PRO A 115 -19.00 18.10 29.24
CA PRO A 115 -18.91 19.38 29.95
C PRO A 115 -19.73 20.46 29.27
N HIS A 116 -20.07 21.49 30.05
CA HIS A 116 -21.01 22.52 29.65
C HIS A 116 -20.47 23.89 30.05
N GLU A 117 -20.84 24.91 29.28
CA GLU A 117 -20.43 26.28 29.53
C GLU A 117 -21.65 27.20 29.54
N ASP A 118 -21.49 28.37 30.13
CA ASP A 118 -22.58 29.33 30.23
C ASP A 118 -22.52 30.32 29.07
N LYS A 119 -23.28 31.42 29.17
CA LYS A 119 -23.45 32.32 28.04
C LYS A 119 -22.20 33.15 27.78
N MET A 120 -21.55 33.63 28.84
CA MET A 120 -20.39 34.51 28.64
C MET A 120 -19.22 33.78 28.00
N ALA A 121 -19.12 32.47 28.19
CA ALA A 121 -18.12 31.71 27.45
C ALA A 121 -18.37 31.75 25.95
N ALA A 122 -19.64 31.62 25.55
CA ALA A 122 -19.99 31.72 24.15
C ALA A 122 -19.71 33.13 23.63
N GLN A 123 -19.93 34.14 24.47
CA GLN A 123 -19.58 35.51 24.06
C GLN A 123 -18.08 35.69 23.89
N LEU A 124 -17.28 35.00 24.71
CA LEU A 124 -15.83 35.01 24.52
C LEU A 124 -15.45 34.39 23.17
N THR A 125 -16.09 33.26 22.83
CA THR A 125 -15.85 32.67 21.51
C THR A 125 -16.25 33.63 20.39
N ARG A 126 -17.37 34.33 20.56
CA ARG A 126 -17.81 35.28 19.55
C ARG A 126 -16.84 36.44 19.39
N TRP A 127 -16.28 36.92 20.50
CA TRP A 127 -15.26 37.97 20.40
C TRP A 127 -14.04 37.48 19.64
N GLY A 128 -13.62 36.25 19.90
CA GLY A 128 -12.53 35.69 19.10
C GLY A 128 -12.85 35.66 17.63
N GLU A 129 -14.07 35.23 17.28
CA GLU A 129 -14.48 35.18 15.88
C GLU A 129 -14.48 36.57 15.25
N GLN A 130 -14.93 37.59 15.99
CA GLN A 130 -14.95 38.93 15.45
C GLN A 130 -13.53 39.47 15.22
N LEU A 131 -12.60 39.16 16.14
CA LEU A 131 -11.21 39.55 15.92
C LEU A 131 -10.64 38.88 14.68
N GLN A 132 -10.92 37.58 14.51
CA GLN A 132 -10.46 36.89 13.31
C GLN A 132 -11.03 37.55 12.05
N LYS A 133 -12.31 37.92 12.09
CA LYS A 133 -12.92 38.58 10.93
C LYS A 133 -12.25 39.91 10.63
N ARG A 134 -11.98 40.71 11.66
CA ARG A 134 -11.37 42.01 11.44
C ARG A 134 -9.96 41.88 10.87
N VAL A 135 -9.23 40.83 11.27
CA VAL A 135 -7.87 40.66 10.76
C VAL A 135 -7.86 40.42 9.26
N ARG A 136 -8.88 39.73 8.74
CA ARG A 136 -8.91 39.30 7.33
C ARG A 136 -9.59 40.31 6.41
N GLU A 137 -9.57 41.59 6.77
CA GLU A 137 -10.21 42.63 5.96
C GLU A 137 -9.18 43.37 5.11
N GLU A 138 -9.49 43.51 3.84
CA GLU A 138 -8.67 44.29 2.92
C GLU A 138 -9.03 45.76 3.01
N HIS A 139 -8.02 46.63 2.94
CA HIS A 139 -8.22 48.07 2.92
C HIS A 139 -9.00 48.53 4.15
N SER A 140 -8.38 48.34 5.32
CA SER A 140 -8.94 48.77 6.59
C SER A 140 -8.13 49.91 7.15
N LEU A 141 -8.82 50.89 7.76
CA LEU A 141 -8.15 52.03 8.36
C LEU A 141 -7.80 51.78 9.82
N GLN A 142 -8.72 51.20 10.58
CA GLN A 142 -8.46 50.89 11.97
C GLN A 142 -7.43 49.76 12.10
N GLN A 143 -6.54 49.89 13.06
CA GLN A 143 -5.64 48.80 13.41
C GLN A 143 -6.33 47.80 14.31
N VAL A 144 -5.81 46.58 14.31
CA VAL A 144 -6.26 45.53 15.22
C VAL A 144 -5.06 45.10 16.05
N GLU A 145 -5.24 45.10 17.37
CA GLU A 145 -4.23 44.60 18.30
C GLU A 145 -4.69 43.24 18.83
N LEU A 146 -3.80 42.27 18.80
CA LEU A 146 -4.12 40.93 19.24
C LEU A 146 -3.41 40.63 20.56
N PRO A 147 -4.09 40.03 21.53
CA PRO A 147 -3.43 39.65 22.78
C PRO A 147 -2.71 38.32 22.67
N LEU A 148 -1.63 38.21 23.44
CA LEU A 148 -0.86 36.98 23.51
C LEU A 148 -1.50 35.99 24.49
N MET A 149 -1.40 34.71 24.17
CA MET A 149 -1.97 33.65 25.00
C MET A 149 -1.07 32.43 24.86
N LEU A 150 -0.45 31.99 25.95
CA LEU A 150 0.56 30.95 25.87
C LEU A 150 0.63 30.14 27.16
N TYR A 151 0.86 28.85 27.01
CA TYR A 151 1.03 27.92 28.13
C TYR A 151 2.33 27.15 27.95
N LEU A 152 3.25 27.30 28.90
CA LEU A 152 4.56 26.63 28.86
C LEU A 152 4.64 25.65 30.04
N GLY A 153 4.22 24.41 29.82
CA GLY A 153 4.29 23.37 30.82
C GLY A 153 5.58 22.56 30.71
N THR A 154 5.60 21.44 31.44
CA THR A 154 6.79 20.59 31.45
C THR A 154 6.99 19.84 30.14
N ALA A 155 5.99 19.82 29.25
CA ALA A 155 6.16 19.22 27.94
C ALA A 155 7.07 20.04 27.03
N ARG A 156 7.44 21.25 27.44
CA ARG A 156 8.33 22.11 26.67
C ARG A 156 9.78 21.67 26.71
N LEU A 157 10.18 20.86 27.70
CA LEU A 157 11.58 20.65 27.98
C LEU A 157 12.31 19.98 26.83
N TRP A 158 13.58 20.38 26.64
CA TRP A 158 14.44 19.88 25.57
C TRP A 158 15.45 18.93 26.21
N TYR A 159 15.15 17.64 26.18
CA TYR A 159 16.04 16.65 26.77
C TYR A 159 17.05 16.16 25.74
N GLN A 160 17.92 15.25 26.16
CA GLN A 160 19.04 14.80 25.33
C GLN A 160 18.56 14.07 24.09
N GLU A 161 18.93 14.60 22.92
CA GLU A 161 18.65 13.99 21.62
C GLU A 161 17.16 14.04 21.26
N ARG A 162 16.44 15.06 21.73
CA ARG A 162 15.02 15.16 21.41
C ARG A 162 14.81 15.55 19.95
N TYR A 163 15.66 16.42 19.42
CA TYR A 163 15.47 16.97 18.09
C TYR A 163 16.64 16.66 17.16
N ARG A 171 8.98 25.14 1.80
CA ARG A 171 8.66 24.13 2.80
C ARG A 171 7.60 24.63 3.77
N LEU A 172 7.67 25.90 4.15
CA LEU A 172 6.69 26.47 5.07
C LEU A 172 5.30 26.46 4.43
N ASP A 173 4.31 26.03 5.19
CA ASP A 173 2.93 26.04 4.72
C ASP A 173 2.44 27.49 4.61
N ASN A 174 1.46 27.70 3.73
CA ASN A 174 0.96 29.05 3.49
C ASN A 174 0.26 29.64 4.70
N SER A 175 -0.23 28.80 5.61
CA SER A 175 -0.86 29.31 6.82
C SER A 175 0.15 29.81 7.84
N ALA A 176 1.42 29.42 7.70
CA ALA A 176 2.46 29.87 8.61
C ALA A 176 2.89 31.30 8.36
N PHE A 177 2.31 31.98 7.36
CA PHE A 177 2.61 33.37 7.08
C PHE A 177 1.51 34.32 7.54
N SER A 178 0.59 33.85 8.36
CA SER A 178 -0.56 34.63 8.81
C SER A 178 -0.31 35.20 10.20
N ARG A 179 -0.97 36.32 10.49
CA ARG A 179 -0.93 36.85 11.84
C ARG A 179 -1.52 35.86 12.84
N LEU A 180 -2.50 35.08 12.41
CA LEU A 180 -3.22 34.20 13.32
C LEU A 180 -2.52 32.87 13.52
N SER A 181 -1.37 32.64 12.88
CA SER A 181 -0.55 31.48 13.19
C SER A 181 0.12 31.60 14.55
N GLY A 182 0.05 32.76 15.20
CA GLY A 182 0.53 32.92 16.55
C GLY A 182 -0.32 32.23 17.60
N TYR A 183 -1.50 31.73 17.23
CA TYR A 183 -2.35 30.95 18.12
C TYR A 183 -2.30 29.46 17.79
N ASP A 184 -1.20 28.99 17.19
CA ASP A 184 -1.06 27.61 16.78
C ASP A 184 -0.48 26.79 17.92
N ASP A 185 -1.30 25.94 18.53
CA ASP A 185 -0.89 25.10 19.66
C ASP A 185 -0.47 25.95 20.85
N CYS A 186 -1.13 27.09 21.04
CA CYS A 186 -0.72 28.06 22.05
C CYS A 186 -1.07 27.63 23.47
N LEU A 187 -2.08 26.79 23.66
CA LEU A 187 -2.48 26.33 24.98
C LEU A 187 -2.37 24.83 25.14
N SER A 188 -1.72 24.14 24.20
CA SER A 188 -1.59 22.69 24.23
C SER A 188 -0.37 22.27 25.04
N ALA A 189 -0.42 21.03 25.52
CA ALA A 189 0.71 20.42 26.23
C ALA A 189 1.64 19.78 25.21
N THR A 190 2.49 20.62 24.60
CA THR A 190 3.38 20.18 23.55
C THR A 190 4.62 21.06 23.54
N SER A 191 5.59 20.68 22.70
CA SER A 191 6.76 21.48 22.43
C SER A 191 6.56 22.18 21.08
N ASN A 192 6.95 23.45 21.01
CA ASN A 192 6.74 24.27 19.82
C ASN A 192 8.05 24.81 19.27
N TYR A 193 9.14 24.05 19.41
CA TYR A 193 10.44 24.55 19.00
C TYR A 193 10.63 24.52 17.49
N LYS A 194 10.10 23.49 16.81
CA LYS A 194 10.34 23.36 15.38
C LYS A 194 9.65 24.45 14.58
N GLN A 195 8.46 24.88 15.02
CA GLN A 195 7.81 26.03 14.39
C GLN A 195 8.74 27.24 14.37
N PHE A 196 9.27 27.58 15.55
CA PHE A 196 10.14 28.74 15.64
C PHE A 196 11.40 28.55 14.80
N GLU A 197 11.98 27.36 14.83
CA GLU A 197 13.21 27.12 14.08
C GLU A 197 12.97 27.32 12.59
N GLN A 198 11.87 26.77 12.07
CA GLN A 198 11.57 26.89 10.65
C GLN A 198 11.33 28.35 10.25
N TRP A 199 10.51 29.06 11.02
CA TRP A 199 10.19 30.44 10.66
C TRP A 199 11.42 31.35 10.78
N TYR A 200 12.24 31.14 11.81
CA TYR A 200 13.43 31.96 12.01
C TYR A 200 14.46 31.70 10.90
N SER A 201 14.59 30.45 10.48
CA SER A 201 15.47 30.16 9.35
C SER A 201 14.98 30.85 8.08
N TRP A 202 13.67 30.84 7.84
CA TRP A 202 13.13 31.56 6.69
C TRP A 202 13.50 33.04 6.76
N LEU A 203 13.32 33.66 7.92
CA LEU A 203 13.72 35.05 8.09
C LEU A 203 15.16 35.28 7.68
N TRP A 204 16.08 34.48 8.25
CA TRP A 204 17.49 34.73 8.01
C TRP A 204 17.85 34.53 6.55
N LEU A 205 17.28 33.51 5.90
CA LEU A 205 17.59 33.27 4.49
C LEU A 205 17.08 34.41 3.61
N SER A 206 15.87 34.92 3.88
CA SER A 206 15.38 36.06 3.11
C SER A 206 16.26 37.29 3.30
N TYR A 207 16.68 37.54 4.54
CA TYR A 207 17.55 38.68 4.81
C TYR A 207 18.87 38.56 4.05
N ARG A 208 19.46 37.36 4.04
CA ARG A 208 20.71 37.17 3.31
C ARG A 208 20.51 37.32 1.82
N GLU A 209 19.36 36.86 1.30
CA GLU A 209 19.06 37.08 -0.11
C GLU A 209 19.09 38.56 -0.46
N HIS A 210 18.43 39.38 0.37
CA HIS A 210 18.41 40.81 0.11
C HIS A 210 19.81 41.41 0.20
N GLN A 211 20.61 40.95 1.16
CA GLN A 211 21.99 41.43 1.26
C GLN A 211 22.77 41.13 -0.01
N ILE A 212 22.68 39.89 -0.49
CA ILE A 212 23.41 39.49 -1.69
C ILE A 212 22.96 40.32 -2.87
N THR A 213 21.65 40.50 -3.03
CA THR A 213 21.15 41.27 -4.17
C THR A 213 21.62 42.72 -4.12
N GLN A 214 21.55 43.35 -2.95
CA GLN A 214 21.98 44.75 -2.87
C GLN A 214 23.49 44.89 -3.01
N LEU A 215 24.25 43.84 -2.73
CA LEU A 215 25.69 43.87 -3.03
C LEU A 215 25.94 43.72 -4.53
N GLU A 216 25.19 42.85 -5.20
CA GLU A 216 25.47 42.54 -6.60
C GLU A 216 24.99 43.63 -7.55
N SER A 217 23.70 43.97 -7.48
CA SER A 217 23.06 44.89 -8.43
C SER A 217 22.36 45.99 -7.65
N PRO A 218 23.09 47.03 -7.24
CA PRO A 218 22.44 48.12 -6.48
C PRO A 218 21.52 48.97 -7.33
N SER A 219 20.43 48.37 -7.83
CA SER A 219 19.53 49.05 -8.74
C SER A 219 18.05 48.81 -8.45
N ALA A 220 17.70 48.09 -7.39
CA ALA A 220 16.31 47.77 -7.11
C ALA A 220 15.97 47.90 -5.63
N LYS A 221 16.63 48.81 -4.92
CA LYS A 221 16.36 49.03 -3.51
C LYS A 221 15.42 50.23 -3.32
N LEU A 222 14.19 50.07 -3.83
CA LEU A 222 13.16 51.09 -3.70
C LEU A 222 11.82 50.36 -3.58
N LYS A 223 11.24 50.40 -2.38
CA LYS A 223 10.07 49.61 -2.00
C LYS A 223 10.45 48.15 -1.80
N GLU A 224 11.69 47.79 -2.14
CA GLU A 224 12.27 46.52 -1.74
C GLU A 224 13.11 46.66 -0.48
N GLY A 225 13.61 47.86 -0.18
CA GLY A 225 14.31 48.11 1.07
C GLY A 225 13.42 48.19 2.27
N VAL A 226 12.13 48.49 2.08
CA VAL A 226 11.19 48.47 3.20
C VAL A 226 11.05 47.05 3.75
N ARG A 227 10.98 46.05 2.87
CA ARG A 227 10.91 44.67 3.32
C ARG A 227 12.18 44.27 4.07
N VAL A 228 13.34 44.71 3.59
CA VAL A 228 14.59 44.44 4.28
C VAL A 228 14.57 45.07 5.67
N GLN A 229 14.07 46.29 5.77
CA GLN A 229 13.98 46.95 7.07
C GLN A 229 13.08 46.18 8.01
N ARG A 230 11.95 45.68 7.52
CA ARG A 230 11.04 44.91 8.36
C ARG A 230 11.69 43.63 8.86
N MET A 231 12.38 42.91 7.97
CA MET A 231 13.06 41.68 8.37
C MET A 231 14.14 41.97 9.41
N LYS A 232 14.93 43.03 9.19
CA LYS A 232 15.99 43.38 10.13
C LYS A 232 15.41 43.71 11.49
N GLU A 233 14.34 44.48 11.54
CA GLU A 233 13.75 44.86 12.81
C GLU A 233 13.18 43.65 13.55
N ALA A 234 12.54 42.73 12.82
CA ALA A 234 12.04 41.51 13.45
C ALA A 234 13.18 40.71 14.07
N ILE A 235 14.26 40.52 13.30
CA ILE A 235 15.39 39.74 13.80
C ILE A 235 15.95 40.38 15.06
N GLN A 236 16.13 41.69 15.07
CA GLN A 236 16.76 42.31 16.22
C GLN A 236 15.83 42.31 17.43
N ALA A 237 14.52 42.41 17.23
CA ALA A 237 13.59 42.28 18.35
C ALA A 237 13.72 40.93 19.02
N ILE A 238 13.71 39.85 18.22
CA ILE A 238 13.83 38.51 18.80
C ILE A 238 15.18 38.35 19.49
N GLN A 239 16.25 38.82 18.86
CA GLN A 239 17.58 38.66 19.43
C GLN A 239 17.71 39.39 20.76
N GLN A 240 17.19 40.61 20.85
CA GLN A 240 17.26 41.35 22.11
C GLN A 240 16.44 40.68 23.19
N ALA A 241 15.26 40.16 22.85
CA ALA A 241 14.48 39.43 23.83
C ALA A 241 15.28 38.26 24.40
N ILE A 242 15.94 37.50 23.54
CA ILE A 242 16.72 36.36 24.05
C ILE A 242 17.92 36.83 24.85
N ASN A 243 18.57 37.92 24.42
CA ASN A 243 19.73 38.43 25.15
C ASN A 243 19.36 38.87 26.56
N CYS A 244 18.12 39.33 26.78
CA CYS A 244 17.73 39.77 28.11
C CYS A 244 17.85 38.70 29.19
N LEU A 245 18.10 37.44 28.82
CA LEU A 245 18.09 36.35 29.78
C LEU A 245 19.40 35.57 29.86
N THR A 246 20.16 35.46 28.77
CA THR A 246 21.33 34.59 28.75
C THR A 246 22.65 35.32 28.92
N GLN A 247 22.77 36.54 28.38
CA GLN A 247 24.08 37.16 28.25
C GLN A 247 24.71 37.45 29.60
N GLN A 248 23.95 38.01 30.53
CA GLN A 248 24.55 38.51 31.77
C GLN A 248 25.15 37.38 32.60
N VAL A 249 24.46 36.25 32.69
CA VAL A 249 24.92 35.16 33.55
C VAL A 249 25.84 34.19 32.81
N THR A 250 25.53 33.86 31.55
CA THR A 250 26.30 32.85 30.84
C THR A 250 27.32 33.42 29.87
N GLY A 251 27.04 34.58 29.27
CA GLY A 251 27.90 35.16 28.27
C GLY A 251 27.50 34.87 26.84
N TRP A 252 26.62 33.89 26.61
CA TRP A 252 26.17 33.56 25.26
C TRP A 252 25.12 34.56 24.78
N HIS A 253 25.11 34.82 23.48
CA HIS A 253 24.23 35.84 22.92
C HIS A 253 24.12 35.66 21.42
N ASP A 254 23.19 36.42 20.82
CA ASP A 254 23.07 36.60 19.37
C ASP A 254 22.83 35.26 18.66
N LEU A 255 21.66 34.69 18.92
CA LEU A 255 21.22 33.51 18.19
C LEU A 255 20.96 33.86 16.73
N GLU A 256 21.45 33.02 15.83
CA GLU A 256 21.31 33.30 14.40
C GLU A 256 21.47 32.02 13.60
N TYR A 257 21.07 32.09 12.34
CA TYR A 257 21.17 30.98 11.41
C TYR A 257 22.51 31.03 10.70
N SER A 258 23.20 29.89 10.65
CA SER A 258 24.53 29.81 10.05
C SER A 258 24.53 28.73 8.98
N ALA A 259 24.93 29.11 7.76
CA ALA A 259 25.10 28.14 6.68
C ALA A 259 26.43 27.42 6.77
N SER A 260 27.44 28.03 7.39
CA SER A 260 28.73 27.35 7.56
C SER A 260 28.59 26.11 8.44
N HIS A 261 27.82 26.21 9.51
CA HIS A 261 27.68 25.10 10.45
C HIS A 261 26.58 24.13 10.04
N ASN A 262 26.58 23.72 8.78
CA ASN A 262 25.64 22.73 8.28
C ASN A 262 24.19 23.22 8.41
N GLN A 263 23.99 24.53 8.26
CA GLN A 263 22.65 25.12 8.24
C GLN A 263 21.92 24.90 9.57
N GLN A 264 22.50 25.46 10.63
CA GLN A 264 22.02 25.27 11.99
C GLN A 264 21.87 26.62 12.68
N LEU A 265 21.06 26.64 13.73
CA LEU A 265 21.01 27.77 14.65
C LEU A 265 22.23 27.72 15.58
N VAL A 266 22.79 28.89 15.87
CA VAL A 266 24.10 28.98 16.51
C VAL A 266 24.09 30.18 17.46
N MET A 267 24.92 30.12 18.49
CA MET A 267 25.15 31.24 19.40
C MET A 267 26.65 31.52 19.48
N SER A 268 27.01 32.62 20.13
CA SER A 268 28.41 33.03 20.23
C SER A 268 28.74 33.46 21.65
N HIS A 269 30.02 33.36 21.99
CA HIS A 269 30.56 33.63 23.31
C HIS A 269 31.84 34.42 23.15
N PRO A 270 32.19 35.29 24.11
CA PRO A 270 33.44 36.05 23.97
C PRO A 270 34.70 35.21 24.15
N GLN A 271 34.73 34.30 25.13
CA GLN A 271 35.89 33.45 25.34
C GLN A 271 35.78 32.15 24.56
N TYR A 272 34.61 31.51 24.61
CA TYR A 272 34.33 30.38 23.76
C TYR A 272 33.95 30.90 22.38
N GLY A 273 33.93 30.02 21.39
CA GLY A 273 33.75 30.49 20.04
C GLY A 273 32.30 30.66 19.60
N LYS A 274 31.97 30.02 18.48
CA LYS A 274 30.64 30.05 17.89
C LYS A 274 30.18 28.61 17.75
N ILE A 275 29.16 28.21 18.52
CA ILE A 275 28.80 26.81 18.68
C ILE A 275 27.31 26.62 18.42
N PRO A 276 26.90 25.51 17.81
CA PRO A 276 25.46 25.28 17.60
C PRO A 276 24.70 25.15 18.91
N LEU A 277 23.43 25.57 18.88
CA LEU A 277 22.61 25.59 20.08
C LEU A 277 22.33 24.19 20.60
N SER A 278 22.28 23.19 19.72
CA SER A 278 22.02 21.83 20.16
C SER A 278 23.20 21.19 20.89
N GLN A 279 24.38 21.81 20.87
CA GLN A 279 25.55 21.32 21.57
C GLN A 279 25.84 22.08 22.86
N LEU A 280 24.95 22.97 23.26
CA LEU A 280 25.13 23.73 24.49
C LEU A 280 24.45 23.00 25.65
N SER A 281 24.55 23.56 26.85
CA SER A 281 24.12 22.87 28.05
C SER A 281 22.59 22.86 28.19
N ASP A 282 22.12 22.11 29.18
CA ASP A 282 20.68 21.93 29.38
C ASP A 282 20.00 23.24 29.75
N GLY A 283 20.57 23.97 30.71
CA GLY A 283 19.97 25.22 31.13
C GLY A 283 19.90 26.23 30.00
N LEU A 284 20.97 26.33 29.23
CA LEU A 284 21.00 27.29 28.12
C LEU A 284 19.98 26.93 27.06
N ARG A 285 19.93 25.65 26.66
CA ARG A 285 18.97 25.23 25.65
C ARG A 285 17.54 25.51 26.10
N ASN A 286 17.23 25.18 27.35
CA ASN A 286 15.85 25.32 27.80
C ASN A 286 15.47 26.79 28.02
N ALA A 287 16.38 27.61 28.54
CA ALA A 287 16.08 29.03 28.67
C ALA A 287 15.88 29.67 27.30
N VAL A 288 16.72 29.32 26.32
CA VAL A 288 16.59 29.90 25.00
C VAL A 288 15.27 29.50 24.37
N ALA A 289 14.89 28.23 24.48
CA ALA A 289 13.62 27.80 23.91
C ALA A 289 12.45 28.53 24.59
N MET A 290 12.49 28.64 25.92
CA MET A 290 11.42 29.32 26.63
C MET A 290 11.23 30.76 26.15
N VAL A 291 12.32 31.52 26.05
CA VAL A 291 12.19 32.92 25.69
C VAL A 291 11.81 33.06 24.21
N ALA A 292 12.41 32.25 23.34
CA ALA A 292 12.11 32.34 21.92
C ALA A 292 10.64 32.05 21.64
N ASP A 293 10.05 31.14 22.41
CA ASP A 293 8.65 30.77 22.20
C ASP A 293 7.73 31.97 22.40
N ILE A 294 8.00 32.80 23.40
CA ILE A 294 7.22 34.02 23.60
C ILE A 294 7.55 35.06 22.54
N ALA A 295 8.84 35.21 22.21
CA ALA A 295 9.27 36.32 21.38
C ALA A 295 8.73 36.20 19.95
N PHE A 296 8.80 35.00 19.36
CA PHE A 296 8.44 34.96 17.94
C PHE A 296 6.94 35.09 17.77
N ARG A 297 6.17 34.66 18.77
CA ARG A 297 4.73 34.89 18.77
C ARG A 297 4.41 36.37 18.92
N CYS A 298 5.11 37.06 19.83
CA CYS A 298 4.94 38.51 19.93
C CYS A 298 5.19 39.18 18.60
N VAL A 299 6.21 38.73 17.87
CA VAL A 299 6.54 39.36 16.59
C VAL A 299 5.48 39.04 15.54
N LYS A 300 5.01 37.79 15.50
CA LYS A 300 4.05 37.40 14.46
C LYS A 300 2.66 37.98 14.68
N LEU A 301 2.23 38.14 15.93
CA LEU A 301 0.85 38.55 16.17
C LEU A 301 0.60 40.02 15.81
N ASN A 302 1.60 40.89 16.00
CA ASN A 302 1.43 42.33 15.82
C ASN A 302 2.56 42.89 14.95
N PRO A 303 2.44 42.74 13.63
CA PRO A 303 3.53 43.19 12.75
C PRO A 303 3.79 44.68 12.74
N HIS A 304 2.84 45.51 13.16
CA HIS A 304 2.94 46.95 12.95
C HIS A 304 3.78 47.68 14.00
N LEU A 305 4.25 46.99 15.05
CA LEU A 305 5.12 47.61 16.05
C LEU A 305 6.58 47.57 15.61
N GLN A 306 6.97 46.46 14.99
CA GLN A 306 8.17 46.30 14.17
C GLN A 306 9.50 46.21 14.92
N ASN A 307 9.60 46.80 16.10
CA ASN A 307 10.70 46.46 16.99
C ASN A 307 10.34 46.63 18.46
N ASP A 308 9.12 47.04 18.77
CA ASP A 308 8.58 46.98 20.12
C ASP A 308 7.50 45.91 20.22
N ALA A 309 7.53 44.92 19.33
CA ALA A 309 6.54 43.85 19.37
C ALA A 309 6.61 43.11 20.70
N ALA A 310 7.81 42.81 21.17
CA ALA A 310 7.97 42.16 22.47
C ALA A 310 7.79 43.14 23.61
N LEU A 311 8.18 44.40 23.43
CA LEU A 311 8.12 45.38 24.51
C LEU A 311 6.73 45.97 24.72
N LYS A 312 5.80 45.80 23.78
CA LYS A 312 4.51 46.46 23.87
C LYS A 312 3.31 45.53 23.71
N THR A 313 3.52 44.24 23.47
CA THR A 313 2.43 43.30 23.35
C THR A 313 1.84 42.98 24.74
N GLN A 314 0.56 42.62 24.75
CA GLN A 314 -0.16 42.29 25.97
C GLN A 314 -0.73 40.87 25.87
N GLY A 315 -0.98 40.27 27.03
CA GLY A 315 -1.49 38.92 27.08
C GLY A 315 -1.07 38.23 28.35
N ILE A 316 -1.28 36.91 28.36
CA ILE A 316 -1.08 36.06 29.53
C ILE A 316 -0.15 34.91 29.15
N VAL A 317 0.88 34.69 29.97
CA VAL A 317 1.80 33.56 29.80
C VAL A 317 1.83 32.78 31.10
N LEU A 318 1.66 31.45 30.98
CA LEU A 318 1.69 30.55 32.12
C LEU A 318 2.91 29.63 32.01
N ILE A 319 3.72 29.60 33.07
CA ILE A 319 4.94 28.78 33.10
C ILE A 319 4.88 27.88 34.32
N ASP A 320 5.07 26.59 34.10
CA ASP A 320 5.12 25.59 35.15
C ASP A 320 6.57 25.24 35.44
N GLU A 321 7.01 25.49 36.67
CA GLU A 321 8.37 25.18 37.10
C GLU A 321 9.40 25.96 36.28
N VAL A 322 9.35 27.28 36.46
CA VAL A 322 10.13 28.22 35.68
C VAL A 322 11.64 28.05 35.84
N ASP A 323 12.08 27.33 36.87
CA ASP A 323 13.50 27.26 37.22
C ASP A 323 14.13 25.89 36.90
N MET A 324 13.56 25.13 35.98
CA MET A 324 14.16 23.85 35.60
C MET A 324 15.51 24.08 34.92
N PHE A 325 16.50 23.30 35.33
CA PHE A 325 17.84 23.23 34.73
C PHE A 325 18.67 24.48 34.94
N LEU A 326 18.26 25.41 35.80
CA LEU A 326 19.01 26.63 36.07
C LEU A 326 19.63 26.54 37.45
N HIS A 327 20.92 26.88 37.54
CA HIS A 327 21.64 26.79 38.80
C HIS A 327 21.31 27.98 39.71
N PRO A 328 21.61 27.87 41.00
CA PRO A 328 21.09 28.86 41.96
C PRO A 328 21.44 30.31 41.65
N ALA A 329 22.58 30.59 41.01
CA ALA A 329 22.89 31.98 40.67
C ALA A 329 22.06 32.48 39.51
N TRP A 330 21.65 31.57 38.61
CA TRP A 330 20.75 31.93 37.52
C TRP A 330 19.32 32.13 38.02
N GLN A 331 18.91 31.39 39.06
CA GLN A 331 17.54 31.48 39.55
C GLN A 331 17.24 32.83 40.17
N GLN A 332 18.26 33.54 40.64
CA GLN A 332 18.08 34.84 41.26
C GLN A 332 17.84 35.96 40.26
N GLN A 333 17.80 35.65 38.96
CA GLN A 333 17.67 36.66 37.92
C GLN A 333 16.47 36.46 37.00
N ILE A 334 15.82 35.30 37.04
CA ILE A 334 14.90 34.91 35.98
C ILE A 334 13.65 35.79 35.97
N ILE A 335 13.10 36.06 37.15
CA ILE A 335 11.86 36.84 37.23
C ILE A 335 12.08 38.25 36.68
N GLN A 336 13.17 38.88 37.11
CA GLN A 336 13.47 40.23 36.64
C GLN A 336 13.80 40.24 35.15
N SER A 337 14.48 39.21 34.66
CA SER A 337 14.76 39.14 33.23
C SER A 337 13.48 39.05 32.42
N LEU A 338 12.53 38.24 32.87
CA LEU A 338 11.27 38.11 32.15
C LEU A 338 10.46 39.39 32.22
N ARG A 339 10.50 40.09 33.36
CA ARG A 339 9.82 41.37 33.44
C ARG A 339 10.46 42.42 32.53
N SER A 340 11.78 42.36 32.36
CA SER A 340 12.47 43.33 31.51
C SER A 340 12.21 43.06 30.04
N ALA A 341 12.20 41.79 29.63
CA ALA A 341 12.02 41.47 28.22
C ALA A 341 10.61 41.80 27.74
N PHE A 342 9.60 41.55 28.58
CA PHE A 342 8.20 41.67 28.21
C PHE A 342 7.48 42.51 29.25
N PRO A 343 7.59 43.84 29.18
CA PRO A 343 7.07 44.69 30.27
C PRO A 343 5.55 44.77 30.37
N GLN A 344 4.80 44.29 29.38
CA GLN A 344 3.35 44.50 29.34
C GLN A 344 2.54 43.22 29.46
N ILE A 345 3.19 42.09 29.77
CA ILE A 345 2.51 40.80 29.85
C ILE A 345 2.24 40.43 31.29
N GLN A 346 1.15 39.70 31.51
CA GLN A 346 0.82 39.14 32.82
C GLN A 346 1.40 37.74 32.93
N PHE A 347 2.29 37.53 33.89
CA PHE A 347 2.94 36.24 34.11
C PHE A 347 2.33 35.56 35.33
N ILE A 348 2.06 34.26 35.20
CA ILE A 348 1.65 33.43 36.33
C ILE A 348 2.54 32.19 36.30
N VAL A 349 3.42 32.06 37.29
CA VAL A 349 4.45 31.03 37.31
C VAL A 349 4.39 30.28 38.63
N THR A 350 4.93 29.06 38.61
CA THR A 350 4.96 28.19 39.78
C THR A 350 6.39 27.74 40.06
N THR A 351 6.68 27.47 41.33
CA THR A 351 8.02 27.04 41.72
C THR A 351 7.96 26.41 43.10
N HIS A 352 9.02 25.69 43.46
CA HIS A 352 9.25 25.30 44.84
C HIS A 352 10.67 25.64 45.31
N SER A 353 11.41 26.43 44.54
CA SER A 353 12.79 26.77 44.87
C SER A 353 12.84 28.12 45.59
N PRO A 354 13.37 28.20 46.81
CA PRO A 354 13.38 29.49 47.52
C PRO A 354 14.27 30.54 46.89
N GLN A 355 15.19 30.16 45.99
CA GLN A 355 16.09 31.13 45.39
C GLN A 355 15.42 31.97 44.33
N VAL A 356 14.28 31.53 43.80
CA VAL A 356 13.58 32.30 42.78
C VAL A 356 12.87 33.51 43.38
N LEU A 357 12.67 33.53 44.70
CA LEU A 357 11.93 34.58 45.39
C LEU A 357 12.84 35.56 46.13
N SER A 358 14.12 35.61 45.77
CA SER A 358 15.09 36.31 46.61
C SER A 358 14.78 37.80 46.70
N THR A 359 14.37 38.42 45.59
CA THR A 359 14.16 39.86 45.54
C THR A 359 12.84 40.21 44.87
N VAL A 360 11.77 39.50 45.21
CA VAL A 360 10.45 39.78 44.69
C VAL A 360 9.59 40.29 45.84
N LYS A 361 8.67 41.20 45.51
CA LYS A 361 7.77 41.76 46.51
C LYS A 361 6.86 40.68 47.07
N ARG A 362 6.46 40.86 48.33
CA ARG A 362 5.59 39.88 48.98
C ARG A 362 4.18 39.89 48.40
N GLU A 363 3.80 40.97 47.70
CA GLU A 363 2.49 41.06 47.08
C GLU A 363 2.39 40.24 45.79
N SER A 364 3.44 39.52 45.41
CA SER A 364 3.42 38.69 44.22
C SER A 364 3.44 37.20 44.53
N ILE A 365 3.46 36.82 45.81
CA ILE A 365 3.60 35.43 46.22
C ILE A 365 2.25 34.94 46.75
N ARG A 366 1.88 33.73 46.34
CA ARG A 366 0.70 33.04 46.87
C ARG A 366 1.15 31.68 47.39
N LEU A 367 1.02 31.46 48.69
CA LEU A 367 1.33 30.18 49.30
C LEU A 367 0.10 29.29 49.31
N LEU A 368 0.23 28.11 48.73
CA LEU A 368 -0.89 27.19 48.54
C LEU A 368 -0.97 26.23 49.72
N GLU A 369 -2.11 26.20 50.40
CA GLU A 369 -2.33 25.36 51.56
C GLU A 369 -3.66 24.62 51.42
N GLN A 370 -3.85 23.64 52.30
CA GLN A 370 -5.07 22.87 52.34
C GLN A 370 -5.29 22.38 53.76
N ASP A 371 -6.52 22.01 54.07
CA ASP A 371 -6.87 21.44 55.36
C ASP A 371 -7.25 19.98 55.18
N GLU A 372 -7.64 19.34 56.29
CA GLU A 372 -7.90 17.91 56.27
C GLU A 372 -9.13 17.55 55.43
N ASN A 373 -9.99 18.51 55.11
CA ASN A 373 -11.20 18.24 54.36
C ASN A 373 -11.12 18.70 52.91
N GLY A 374 -9.99 19.25 52.48
CA GLY A 374 -9.81 19.64 51.10
C GLY A 374 -10.13 21.08 50.78
N ASN A 375 -10.30 21.94 51.78
CA ASN A 375 -10.59 23.35 51.55
C ASN A 375 -9.27 24.10 51.46
N GLY A 376 -9.03 24.74 50.31
CA GLY A 376 -7.75 25.33 50.02
C GLY A 376 -7.67 26.82 50.31
N LYS A 377 -6.43 27.29 50.46
CA LYS A 377 -6.14 28.70 50.60
C LYS A 377 -4.91 29.03 49.79
N ALA A 378 -4.87 30.26 49.26
CA ALA A 378 -3.73 30.78 48.49
C ALA A 378 -3.46 32.17 49.03
N LEU A 379 -2.61 32.26 50.06
CA LEU A 379 -2.48 33.46 50.87
C LEU A 379 -1.14 34.13 50.64
N MET A 380 -1.15 35.46 50.72
CA MET A 380 0.08 36.23 50.62
C MET A 380 0.94 36.03 51.87
N PRO A 381 2.26 35.95 51.72
CA PRO A 381 3.09 35.68 52.89
C PRO A 381 3.04 36.81 53.91
N LEU A 382 3.22 36.44 55.18
CA LEU A 382 3.28 37.42 56.27
C LEU A 382 4.65 38.07 56.32
N MET B 1 31.19 -5.03 38.95
CA MET B 1 32.01 -4.33 37.93
C MET B 1 32.23 -2.89 38.36
N ARG B 2 33.47 -2.58 38.77
CA ARG B 2 33.78 -1.26 39.27
C ARG B 2 34.56 -0.46 38.24
N ILE B 3 34.51 0.86 38.38
CA ILE B 3 35.38 1.77 37.64
C ILE B 3 36.04 2.68 38.67
N ASP B 4 37.35 2.85 38.55
CA ASP B 4 38.14 3.56 39.55
C ASP B 4 38.66 4.91 39.07
N LYS B 5 39.07 5.02 37.81
CA LYS B 5 39.67 6.24 37.31
C LYS B 5 39.26 6.46 35.86
N LEU B 6 39.21 7.73 35.46
CA LEU B 6 38.90 8.11 34.09
C LEU B 6 39.84 9.23 33.68
N SER B 7 40.22 9.22 32.40
CA SER B 7 41.06 10.27 31.83
C SER B 7 40.46 10.70 30.50
N LEU B 8 40.54 12.01 30.22
CA LEU B 8 40.03 12.58 28.99
C LEU B 8 41.12 13.40 28.32
N LEU B 9 41.03 13.51 27.00
CA LEU B 9 41.96 14.32 26.22
C LEU B 9 41.23 14.84 25.00
N ASN B 10 41.17 16.16 24.86
CA ASN B 10 40.54 16.82 23.72
C ASN B 10 39.07 16.43 23.58
N PHE B 11 38.41 16.13 24.70
CA PHE B 11 36.97 15.91 24.70
C PHE B 11 36.27 17.23 24.92
N ARG B 12 34.95 17.24 24.71
CA ARG B 12 34.25 18.44 24.26
C ARG B 12 34.83 19.74 24.80
N CYS B 13 34.83 19.93 26.12
CA CYS B 13 35.31 21.17 26.70
C CYS B 13 36.62 21.02 27.47
N PHE B 14 37.05 19.79 27.75
CA PHE B 14 38.24 19.54 28.55
C PHE B 14 39.42 19.29 27.62
N LYS B 15 40.46 20.11 27.77
CA LYS B 15 41.74 19.78 27.13
C LYS B 15 42.33 18.52 27.74
N GLN B 16 42.32 18.43 29.06
CA GLN B 16 42.67 17.20 29.77
C GLN B 16 41.99 17.22 31.13
N LEU B 17 41.76 16.03 31.68
CA LEU B 17 41.04 15.89 32.94
C LEU B 17 41.28 14.51 33.51
N ASP B 18 41.56 14.47 34.82
CA ASP B 18 41.66 13.23 35.58
C ASP B 18 40.67 13.26 36.72
N ILE B 19 39.95 12.16 36.93
CA ILE B 19 38.93 12.09 37.97
C ILE B 19 38.92 10.69 38.58
N THR B 20 38.83 10.63 39.90
CA THR B 20 38.80 9.38 40.65
C THR B 20 37.43 9.20 41.28
N PHE B 21 36.95 7.95 41.30
CA PHE B 21 35.60 7.63 41.73
C PHE B 21 35.61 6.90 43.07
N ASP B 22 34.63 7.21 43.90
CA ASP B 22 34.44 6.53 45.17
C ASP B 22 33.71 5.20 44.95
N GLU B 23 33.94 4.27 45.86
CA GLU B 23 33.47 2.90 45.68
C GLU B 23 31.95 2.81 45.62
N HIS B 24 31.23 3.68 46.32
CA HIS B 24 29.79 3.60 46.44
C HIS B 24 29.05 4.76 45.79
N ILE B 25 29.40 6.00 46.15
CA ILE B 25 28.67 7.16 45.66
C ILE B 25 29.67 8.28 45.37
N THR B 26 29.51 8.94 44.23
CA THR B 26 30.29 10.12 43.87
C THR B 26 29.34 11.16 43.28
N ILE B 27 29.44 12.41 43.74
CA ILE B 27 28.58 13.48 43.29
C ILE B 27 29.42 14.55 42.61
N LEU B 28 29.04 14.92 41.40
CA LEU B 28 29.70 15.97 40.64
C LEU B 28 28.90 17.26 40.77
N VAL B 29 29.54 18.30 41.29
CA VAL B 29 28.88 19.57 41.60
C VAL B 29 29.53 20.67 40.78
N ALA B 30 28.72 21.43 40.06
CA ALA B 30 29.20 22.54 39.25
C ALA B 30 28.01 23.27 38.64
N PRO B 31 28.21 24.50 38.13
CA PRO B 31 27.13 25.22 37.45
C PRO B 31 26.94 24.78 36.00
N ASN B 32 26.05 25.47 35.29
CA ASN B 32 25.79 25.14 33.88
C ASN B 32 27.03 25.33 33.03
N GLY B 33 27.23 24.41 32.09
CA GLY B 33 28.34 24.48 31.17
C GLY B 33 29.68 24.07 31.73
N ALA B 34 29.70 23.40 32.88
CA ALA B 34 30.96 23.02 33.51
C ALA B 34 31.45 21.64 33.08
N GLY B 35 30.58 20.79 32.55
CA GLY B 35 31.00 19.51 32.02
C GLY B 35 30.48 18.30 32.77
N LYS B 36 29.34 18.44 33.46
CA LYS B 36 28.80 17.31 34.22
C LYS B 36 28.21 16.24 33.30
N THR B 37 27.61 16.64 32.18
CA THR B 37 27.09 15.68 31.22
C THR B 37 28.22 15.05 30.41
N THR B 38 29.30 15.80 30.18
CA THR B 38 30.44 15.29 29.44
C THR B 38 31.07 14.10 30.14
N VAL B 39 31.21 14.16 31.46
CA VAL B 39 31.83 13.07 32.20
C VAL B 39 30.98 11.80 32.11
N LEU B 40 29.66 11.94 32.26
CA LEU B 40 28.78 10.77 32.20
C LEU B 40 28.75 10.19 30.80
N ASP B 41 28.78 11.04 29.77
CA ASP B 41 28.83 10.55 28.40
C ASP B 41 30.12 9.77 28.14
N ALA B 42 31.24 10.26 28.65
CA ALA B 42 32.49 9.53 28.52
C ALA B 42 32.43 8.19 29.23
N VAL B 43 31.83 8.15 30.42
CA VAL B 43 31.74 6.88 31.16
C VAL B 43 30.90 5.86 30.39
N ARG B 44 29.75 6.29 29.84
CA ARG B 44 28.93 5.33 29.11
C ARG B 44 29.58 4.90 27.79
N LEU B 45 30.32 5.81 27.14
CA LEU B 45 31.08 5.40 25.97
C LEU B 45 32.14 4.36 26.34
N ALA B 46 32.77 4.52 27.50
CA ALA B 46 33.78 3.56 27.92
C ALA B 46 33.17 2.22 28.32
N LEU B 47 31.93 2.22 28.81
CA LEU B 47 31.27 0.98 29.22
C LEU B 47 30.56 0.25 28.09
N PHE B 48 30.31 0.91 26.96
CA PHE B 48 29.50 0.27 25.93
C PHE B 48 30.12 -0.99 25.31
N PRO B 49 31.44 -1.18 25.23
CA PRO B 49 31.95 -2.43 24.62
C PRO B 49 31.45 -3.70 25.29
N PHE B 50 31.37 -3.72 26.63
CA PHE B 50 30.85 -4.88 27.34
C PHE B 50 29.45 -5.22 26.86
N ILE B 51 28.59 -4.20 26.73
CA ILE B 51 27.24 -4.42 26.24
C ILE B 51 27.25 -4.85 24.78
N ARG B 52 28.20 -4.32 24.00
CA ARG B 52 28.35 -4.77 22.62
C ARG B 52 28.67 -6.26 22.55
N GLY B 53 29.20 -6.82 23.62
CA GLY B 53 29.37 -8.27 23.67
C GLY B 53 28.10 -9.06 23.95
N PHE B 54 26.92 -8.48 23.68
CA PHE B 54 25.64 -9.14 23.92
C PHE B 54 24.75 -8.97 22.69
N ASP B 55 23.73 -9.83 22.61
CA ASP B 55 22.79 -9.79 21.48
C ASP B 55 21.77 -8.68 21.62
N ALA B 56 21.53 -8.18 22.84
CA ALA B 56 20.57 -7.11 23.02
C ALA B 56 21.03 -5.80 22.39
N SER B 57 22.32 -5.68 22.08
CA SER B 57 22.88 -4.46 21.51
C SER B 57 22.69 -4.36 20.00
N LEU B 58 22.07 -5.35 19.36
CA LEU B 58 21.81 -5.29 17.94
C LEU B 58 20.67 -4.34 17.59
N TYR B 59 19.91 -3.87 18.58
CA TYR B 59 18.78 -2.98 18.37
C TYR B 59 19.04 -1.58 18.91
N VAL B 60 20.31 -1.21 19.09
CA VAL B 60 20.65 0.10 19.61
C VAL B 60 20.67 1.10 18.46
N LYS B 61 19.80 2.11 18.54
CA LYS B 61 19.73 3.17 17.54
C LYS B 61 20.35 4.47 18.01
N ASP B 62 20.85 4.53 19.24
CA ASP B 62 21.40 5.76 19.79
C ASP B 62 22.71 6.09 19.08
N LYS B 63 22.74 7.23 18.38
CA LYS B 63 23.91 7.65 17.65
C LYS B 63 24.97 8.29 18.54
N SER B 64 24.61 8.65 19.78
CA SER B 64 25.55 9.23 20.72
C SER B 64 26.27 8.18 21.56
N LEU B 65 26.13 6.90 21.23
CA LEU B 65 26.85 5.84 21.90
C LEU B 65 28.20 5.54 21.27
N ALA B 66 28.63 6.36 20.30
CA ALA B 66 29.96 6.30 19.72
C ALA B 66 30.53 7.71 19.65
N ILE B 67 31.86 7.81 19.68
CA ILE B 67 32.49 9.12 19.56
C ILE B 67 32.20 9.69 18.19
N ARG B 68 31.90 10.98 18.15
CA ARG B 68 31.50 11.66 16.93
C ARG B 68 32.44 12.83 16.65
N THR B 69 32.39 13.33 15.42
CA THR B 69 33.22 14.48 15.06
C THR B 69 32.86 15.71 15.86
N GLU B 70 31.61 15.80 16.35
CA GLU B 70 31.19 16.93 17.16
C GLU B 70 31.75 16.88 18.57
N ASP B 71 32.32 15.75 18.98
CA ASP B 71 32.89 15.60 20.31
C ASP B 71 34.33 16.08 20.40
N LEU B 72 34.99 16.34 19.27
CA LEU B 72 36.36 16.83 19.29
C LEU B 72 36.38 18.30 19.68
N ARG B 73 37.26 18.65 20.61
CA ARG B 73 37.29 19.99 21.15
C ARG B 73 37.64 21.02 20.08
N LEU B 74 36.97 22.17 20.13
CA LEU B 74 37.20 23.28 19.21
C LEU B 74 37.81 24.44 19.99
N ILE B 75 38.87 25.03 19.45
CA ILE B 75 39.55 26.16 20.07
C ILE B 75 39.19 27.42 19.32
N TYR B 76 38.94 28.49 20.06
CA TYR B 76 38.55 29.77 19.48
C TYR B 76 39.78 30.67 19.42
N ARG B 77 40.15 31.06 18.21
CA ARG B 77 41.24 32.02 18.00
C ARG B 77 40.62 33.41 17.90
N GLN B 78 40.73 34.18 18.98
CA GLN B 78 40.05 35.47 19.04
C GLN B 78 40.62 36.46 18.04
N GLU B 79 41.91 36.34 17.70
CA GLU B 79 42.52 37.27 16.76
C GLU B 79 41.95 37.08 15.35
N ALA B 80 41.88 35.83 14.89
CA ALA B 80 41.43 35.51 13.54
C ALA B 80 39.93 35.20 13.49
N LEU B 81 39.23 35.21 14.61
CA LEU B 81 37.81 34.87 14.66
C LEU B 81 37.56 33.54 13.95
N ASN B 82 38.23 32.50 14.42
CA ASN B 82 38.25 31.21 13.77
C ASN B 82 38.11 30.11 14.82
N MET B 83 37.65 28.95 14.36
CA MET B 83 37.58 27.73 15.17
C MET B 83 38.48 26.68 14.53
N GLU B 84 39.38 26.11 15.33
CA GLU B 84 40.25 25.04 14.88
C GLU B 84 39.99 23.80 15.73
N MET B 85 39.93 22.64 15.07
CA MET B 85 39.59 21.39 15.72
C MET B 85 40.87 20.65 16.13
N SER B 86 41.02 20.38 17.42
CA SER B 86 42.14 19.62 17.93
C SER B 86 41.83 18.13 17.87
N SER B 87 42.88 17.33 17.70
CA SER B 87 42.75 15.90 17.52
C SER B 87 43.97 15.22 18.10
N PRO B 88 43.84 13.96 18.57
CA PRO B 88 42.63 13.14 18.68
C PRO B 88 41.90 13.29 20.01
N ALA B 89 40.66 12.82 20.09
CA ALA B 89 39.95 12.69 21.35
C ALA B 89 40.20 11.30 21.92
N LYS B 90 40.44 11.23 23.23
CA LYS B 90 40.79 9.98 23.88
C LYS B 90 40.03 9.83 25.19
N ILE B 91 39.64 8.58 25.49
CA ILE B 91 39.01 8.22 26.75
C ILE B 91 39.70 6.99 27.28
N THR B 92 40.27 7.10 28.48
CA THR B 92 40.91 5.97 29.16
C THR B 92 40.17 5.69 30.46
N ALA B 93 39.92 4.41 30.74
CA ALA B 93 39.25 3.99 31.95
C ALA B 93 40.06 2.90 32.63
N THR B 94 40.07 2.92 33.96
CA THR B 94 40.72 1.90 34.77
C THR B 94 39.72 1.37 35.79
N GLY B 95 39.70 0.06 35.99
CA GLY B 95 38.74 -0.52 36.91
C GLY B 95 38.92 -2.00 37.06
N GLU B 96 37.88 -2.65 37.54
CA GLU B 96 37.88 -4.08 37.82
C GLU B 96 36.64 -4.70 37.18
N TRP B 97 36.84 -5.79 36.45
CA TRP B 97 35.75 -6.45 35.74
C TRP B 97 35.06 -7.49 36.62
N ALA B 98 35.80 -8.50 37.06
CA ALA B 98 35.34 -9.50 37.99
C ALA B 98 36.24 -9.48 39.22
N SER B 99 35.99 -10.39 40.15
CA SER B 99 36.83 -10.48 41.34
C SER B 99 38.28 -10.73 40.95
N GLY B 100 39.17 -9.85 41.37
CA GLY B 100 40.58 -10.01 41.09
C GLY B 100 40.92 -9.97 39.61
N LYS B 101 40.39 -8.98 38.89
CA LYS B 101 40.68 -8.82 37.46
C LYS B 101 40.66 -7.32 37.16
N THR B 102 41.84 -6.71 37.24
CA THR B 102 42.01 -5.27 37.01
C THR B 102 42.49 -5.04 35.59
N ALA B 103 41.97 -3.97 34.97
CA ALA B 103 42.22 -3.74 33.55
C ALA B 103 42.27 -2.24 33.28
N THR B 104 42.81 -1.90 32.11
CA THR B 104 42.85 -0.52 31.62
C THR B 104 42.57 -0.57 30.13
N TRP B 105 41.58 0.20 29.66
CA TRP B 105 41.19 0.19 28.26
C TRP B 105 40.97 1.62 27.78
N MET B 106 40.96 1.78 26.45
CA MET B 106 41.09 3.10 25.84
C MET B 106 40.25 3.16 24.57
N LEU B 107 39.71 4.36 24.31
CA LEU B 107 38.95 4.65 23.10
C LEU B 107 39.53 5.89 22.45
N ASP B 108 39.41 5.99 21.13
CA ASP B 108 40.10 7.05 20.42
C ASP B 108 39.37 7.41 19.13
N LYS B 109 39.57 8.66 18.69
CA LYS B 109 39.10 9.11 17.39
C LYS B 109 39.95 10.28 16.90
N ARG B 110 40.32 10.25 15.63
CA ARG B 110 41.13 11.28 15.00
C ARG B 110 40.37 11.88 13.83
N GLY B 111 40.33 13.22 13.78
CA GLY B 111 39.76 13.87 12.62
C GLY B 111 38.35 13.39 12.35
N GLU B 112 38.11 12.94 11.11
CA GLU B 112 36.81 12.45 10.68
C GLU B 112 36.87 10.99 10.26
N GLN B 113 37.88 10.25 10.71
CA GLN B 113 37.92 8.82 10.51
C GLN B 113 37.10 8.12 11.59
N PRO B 114 36.62 6.90 11.32
CA PRO B 114 35.80 6.22 12.30
C PRO B 114 36.57 5.99 13.60
N PRO B 115 35.87 5.92 14.73
CA PRO B 115 36.56 5.73 16.01
C PRO B 115 37.20 4.35 16.13
N HIS B 116 38.19 4.28 17.02
CA HIS B 116 39.05 3.11 17.18
C HIS B 116 39.17 2.74 18.65
N GLU B 117 39.27 1.44 18.92
CA GLU B 117 39.46 0.93 20.27
C GLU B 117 40.75 0.11 20.33
N ASP B 118 41.33 0.03 21.52
CA ASP B 118 42.62 -0.62 21.69
C ASP B 118 42.43 -2.12 21.97
N LYS B 119 43.52 -2.78 22.35
CA LYS B 119 43.51 -4.24 22.44
C LYS B 119 42.72 -4.73 23.65
N MET B 120 42.86 -4.05 24.79
CA MET B 120 42.17 -4.49 26.00
C MET B 120 40.67 -4.19 25.96
N ALA B 121 40.22 -3.34 25.03
CA ALA B 121 38.79 -3.06 24.92
C ALA B 121 38.04 -4.22 24.28
N ALA B 122 38.70 -4.98 23.41
CA ALA B 122 38.05 -6.13 22.77
C ALA B 122 37.91 -7.30 23.74
N GLN B 123 38.79 -7.39 24.73
CA GLN B 123 38.66 -8.41 25.75
C GLN B 123 37.42 -8.19 26.61
N LEU B 124 36.98 -6.94 26.73
CA LEU B 124 35.73 -6.66 27.44
C LEU B 124 34.53 -7.20 26.67
N THR B 125 34.52 -7.02 25.35
CA THR B 125 33.50 -7.64 24.52
C THR B 125 33.56 -9.16 24.62
N ARG B 126 34.77 -9.71 24.65
CA ARG B 126 34.94 -11.16 24.80
C ARG B 126 34.34 -11.66 26.11
N TRP B 127 34.59 -10.93 27.20
CA TRP B 127 34.02 -11.31 28.49
C TRP B 127 32.50 -11.26 28.45
N GLY B 128 31.94 -10.23 27.82
CA GLY B 128 30.50 -10.19 27.66
C GLY B 128 29.97 -11.39 26.91
N GLU B 129 30.65 -11.77 25.82
CA GLU B 129 30.22 -12.93 25.04
C GLU B 129 30.30 -14.21 25.86
N GLN B 130 31.35 -14.35 26.67
CA GLN B 130 31.47 -15.55 27.50
C GLN B 130 30.38 -15.62 28.56
N LEU B 131 30.03 -14.48 29.16
CA LEU B 131 28.91 -14.47 30.10
C LEU B 131 27.61 -14.86 29.42
N GLN B 132 27.37 -14.32 28.23
CA GLN B 132 26.16 -14.69 27.49
C GLN B 132 26.15 -16.19 27.20
N LYS B 133 27.30 -16.75 26.84
CA LYS B 133 27.37 -18.18 26.58
C LYS B 133 27.06 -19.00 27.83
N ARG B 134 27.61 -18.59 28.98
CA ARG B 134 27.37 -19.33 30.21
C ARG B 134 25.90 -19.27 30.62
N VAL B 135 25.24 -18.15 30.36
CA VAL B 135 23.83 -18.03 30.76
C VAL B 135 22.96 -19.03 30.01
N ARG B 136 23.30 -19.33 28.75
CA ARG B 136 22.47 -20.17 27.89
C ARG B 136 22.84 -21.65 27.95
N GLU B 137 23.36 -22.13 29.07
CA GLU B 137 23.78 -23.51 29.21
C GLU B 137 22.74 -24.30 29.99
N GLU B 138 22.28 -25.41 29.41
CA GLU B 138 21.39 -26.33 30.11
C GLU B 138 22.18 -27.21 31.05
N HIS B 139 21.60 -27.50 32.21
CA HIS B 139 22.19 -28.41 33.19
C HIS B 139 23.58 -27.95 33.59
N SER B 140 23.64 -26.78 34.23
CA SER B 140 24.88 -26.21 34.74
C SER B 140 24.85 -26.23 36.26
N LEU B 141 25.99 -26.56 36.86
CA LEU B 141 26.10 -26.61 38.31
C LEU B 141 26.43 -25.25 38.91
N GLN B 142 27.42 -24.56 38.34
CA GLN B 142 27.83 -23.27 38.86
C GLN B 142 26.83 -22.19 38.49
N GLN B 143 26.61 -21.26 39.41
CA GLN B 143 25.77 -20.10 39.15
C GLN B 143 26.56 -19.02 38.41
N VAL B 144 25.83 -18.19 37.67
CA VAL B 144 26.39 -17.02 37.00
C VAL B 144 25.78 -15.79 37.64
N GLU B 145 26.62 -14.85 38.05
CA GLU B 145 26.17 -13.55 38.55
C GLU B 145 26.42 -12.49 37.47
N LEU B 146 25.40 -11.70 37.20
CA LEU B 146 25.49 -10.67 36.18
C LEU B 146 25.54 -9.28 36.83
N PRO B 147 26.44 -8.40 36.38
CA PRO B 147 26.47 -7.05 36.93
C PRO B 147 25.45 -6.13 36.27
N LEU B 148 24.96 -5.18 37.06
CA LEU B 148 24.03 -4.17 36.55
C LEU B 148 24.76 -3.06 35.84
N MET B 149 24.13 -2.52 34.79
CA MET B 149 24.69 -1.42 34.02
C MET B 149 23.51 -0.56 33.58
N LEU B 150 23.56 0.74 33.85
CA LEU B 150 22.39 1.58 33.59
C LEU B 150 22.78 3.05 33.50
N TYR B 151 22.14 3.77 32.59
CA TYR B 151 22.33 5.21 32.40
C TYR B 151 20.98 5.89 32.44
N LEU B 152 20.78 6.77 33.42
CA LEU B 152 19.53 7.52 33.60
C LEU B 152 19.80 9.01 33.35
N GLY B 153 19.65 9.43 32.10
CA GLY B 153 19.83 10.81 31.72
C GLY B 153 18.52 11.58 31.75
N THR B 154 18.56 12.78 31.16
CA THR B 154 17.38 13.64 31.14
C THR B 154 16.30 13.14 30.19
N ALA B 155 16.60 12.18 29.32
CA ALA B 155 15.58 11.59 28.46
C ALA B 155 14.62 10.70 29.23
N ARG B 156 14.90 10.43 30.51
CA ARG B 156 14.03 9.60 31.33
C ARG B 156 12.77 10.32 31.80
N LEU B 157 12.74 11.64 31.76
CA LEU B 157 11.71 12.40 32.45
C LEU B 157 10.32 12.13 31.89
N TRP B 158 9.32 12.21 32.76
CA TRP B 158 7.92 11.95 32.46
C TRP B 158 7.17 13.28 32.54
N TYR B 159 6.98 13.91 31.39
CA TYR B 159 6.29 15.19 31.34
C TYR B 159 4.79 14.98 31.10
N GLN B 160 4.03 16.07 31.08
CA GLN B 160 2.58 15.97 30.96
C GLN B 160 2.17 15.24 29.69
N GLU B 161 1.30 14.25 29.84
CA GLU B 161 0.69 13.54 28.73
C GLU B 161 1.69 12.75 27.90
N ARG B 162 2.88 12.47 28.43
CA ARG B 162 3.83 11.66 27.69
C ARG B 162 3.25 10.27 27.42
N TYR B 163 2.64 9.65 28.43
CA TYR B 163 1.92 8.39 28.27
C TYR B 163 2.78 7.40 27.50
N GLU B 164 4.02 7.23 27.96
CA GLU B 164 5.08 6.62 27.17
C GLU B 164 4.62 5.45 26.32
N ARG B 171 0.96 -8.71 23.87
CA ARG B 171 1.58 -9.70 24.73
C ARG B 171 3.11 -9.59 24.66
N LEU B 172 3.78 -10.05 25.71
CA LEU B 172 5.22 -9.90 25.80
C LEU B 172 5.92 -10.78 24.77
N ASP B 173 6.99 -10.25 24.17
CA ASP B 173 7.80 -11.02 23.26
C ASP B 173 8.60 -12.09 24.01
N ASN B 174 8.96 -13.14 23.30
CA ASN B 174 9.69 -14.24 23.91
C ASN B 174 11.04 -13.81 24.48
N SER B 175 11.63 -12.73 23.94
CA SER B 175 12.93 -12.27 24.41
C SER B 175 12.84 -11.52 25.73
N ALA B 176 11.63 -11.16 26.18
CA ALA B 176 11.48 -10.45 27.44
C ALA B 176 11.46 -11.39 28.65
N PHE B 177 11.54 -12.69 28.45
CA PHE B 177 11.53 -13.68 29.52
C PHE B 177 12.92 -14.22 29.83
N SER B 178 13.97 -13.59 29.33
CA SER B 178 15.34 -14.05 29.51
C SER B 178 16.06 -13.20 30.56
N ARG B 179 17.16 -13.74 31.08
CA ARG B 179 17.99 -12.98 32.01
C ARG B 179 18.68 -11.82 31.30
N LEU B 180 19.07 -12.01 30.04
CA LEU B 180 19.80 -10.98 29.33
C LEU B 180 18.93 -9.83 28.86
N SER B 181 17.63 -9.84 29.20
CA SER B 181 16.79 -8.67 28.95
C SER B 181 17.03 -7.56 29.97
N GLY B 182 17.79 -7.81 31.03
CA GLY B 182 18.16 -6.77 31.97
C GLY B 182 19.15 -5.75 31.42
N TYR B 183 19.88 -6.10 30.37
CA TYR B 183 20.78 -5.18 29.69
C TYR B 183 20.07 -4.45 28.55
N ASP B 184 18.75 -4.60 28.45
CA ASP B 184 18.00 -4.11 27.28
C ASP B 184 17.86 -2.60 27.38
N ASP B 185 18.56 -1.88 26.48
CA ASP B 185 18.52 -0.42 26.46
C ASP B 185 18.99 0.15 27.79
N CYS B 186 20.18 -0.26 28.23
CA CYS B 186 20.70 0.18 29.52
C CYS B 186 21.59 1.42 29.42
N LEU B 187 22.18 1.69 28.25
CA LEU B 187 23.16 2.77 28.09
C LEU B 187 22.70 3.86 27.13
N SER B 188 21.47 3.80 26.63
CA SER B 188 20.97 4.82 25.72
C SER B 188 20.33 5.97 26.49
N ALA B 189 20.00 7.03 25.76
CA ALA B 189 19.32 8.20 26.34
C ALA B 189 17.83 8.10 25.98
N THR B 190 17.11 7.28 26.74
CA THR B 190 15.72 6.98 26.44
C THR B 190 14.98 6.66 27.73
N SER B 191 13.66 6.68 27.64
CA SER B 191 12.79 6.31 28.75
C SER B 191 12.41 4.84 28.63
N ASN B 192 12.60 4.09 29.72
CA ASN B 192 12.32 2.66 29.78
C ASN B 192 11.06 2.36 30.57
N TYR B 193 10.12 3.31 30.63
CA TYR B 193 8.97 3.16 31.52
C TYR B 193 8.04 2.04 31.07
N LYS B 194 7.69 1.98 29.78
CA LYS B 194 6.73 0.99 29.33
C LYS B 194 7.23 -0.43 29.54
N GLN B 195 8.55 -0.65 29.47
CA GLN B 195 9.10 -1.98 29.76
C GLN B 195 8.74 -2.41 31.17
N PHE B 196 9.04 -1.58 32.16
CA PHE B 196 8.71 -1.91 33.54
C PHE B 196 7.21 -2.06 33.70
N GLU B 197 6.42 -1.20 33.03
CA GLU B 197 4.97 -1.29 33.16
C GLU B 197 4.45 -2.64 32.69
N GLN B 198 4.87 -3.08 31.49
CA GLN B 198 4.38 -4.35 30.96
C GLN B 198 4.86 -5.52 31.81
N TRP B 199 6.14 -5.50 32.21
CA TRP B 199 6.67 -6.59 33.02
C TRP B 199 5.95 -6.68 34.36
N TYR B 200 5.70 -5.53 34.98
CA TYR B 200 4.98 -5.45 36.25
C TYR B 200 3.55 -5.96 36.10
N SER B 201 2.87 -5.57 35.02
CA SER B 201 1.51 -6.04 34.81
C SER B 201 1.46 -7.55 34.61
N TRP B 202 2.43 -8.10 33.87
CA TRP B 202 2.45 -9.55 33.69
C TRP B 202 2.68 -10.25 35.02
N LEU B 203 3.57 -9.72 35.85
CA LEU B 203 3.78 -10.31 37.18
C LEU B 203 2.50 -10.30 38.01
N TRP B 204 1.81 -9.15 38.02
CA TRP B 204 0.59 -9.05 38.82
C TRP B 204 -0.48 -10.01 38.30
N LEU B 205 -0.62 -10.12 36.97
CA LEU B 205 -1.64 -10.99 36.41
C LEU B 205 -1.33 -12.45 36.67
N SER B 206 -0.06 -12.85 36.58
CA SER B 206 0.29 -14.23 36.92
C SER B 206 0.00 -14.52 38.39
N TYR B 207 0.35 -13.59 39.27
CA TYR B 207 0.07 -13.79 40.69
C TYR B 207 -1.44 -13.92 40.94
N ARG B 208 -2.24 -13.08 40.29
CA ARG B 208 -3.69 -13.17 40.45
C ARG B 208 -4.23 -14.48 39.90
N GLU B 209 -3.69 -14.94 38.77
CA GLU B 209 -4.12 -16.22 38.21
C GLU B 209 -3.85 -17.36 39.19
N HIS B 210 -2.65 -17.37 39.78
CA HIS B 210 -2.35 -18.40 40.76
C HIS B 210 -3.27 -18.32 41.96
N GLN B 211 -3.56 -17.09 42.43
CA GLN B 211 -4.49 -16.93 43.55
C GLN B 211 -5.86 -17.51 43.20
N ILE B 212 -6.39 -17.17 42.03
CA ILE B 212 -7.71 -17.65 41.64
C ILE B 212 -7.73 -19.16 41.54
N THR B 213 -6.71 -19.75 40.91
CA THR B 213 -6.66 -21.20 40.77
C THR B 213 -6.56 -21.88 42.12
N GLN B 214 -5.74 -21.36 43.03
CA GLN B 214 -5.58 -21.99 44.34
C GLN B 214 -6.78 -21.77 45.24
N LEU B 215 -7.60 -20.75 44.99
CA LEU B 215 -8.82 -20.55 45.78
C LEU B 215 -9.99 -21.38 45.25
N GLU B 216 -10.19 -21.39 43.92
CA GLU B 216 -11.36 -22.04 43.33
C GLU B 216 -11.38 -23.55 43.61
N SER B 217 -10.41 -24.27 43.07
CA SER B 217 -10.38 -25.73 43.14
C SER B 217 -9.01 -26.20 43.56
N PRO B 218 -8.75 -26.32 44.86
CA PRO B 218 -7.46 -26.87 45.30
C PRO B 218 -7.24 -28.27 44.74
N SER B 219 -6.06 -28.47 44.15
CA SER B 219 -5.72 -29.76 43.56
C SER B 219 -4.24 -29.81 43.22
N GLU B 224 4.52 -26.06 41.01
CA GLU B 224 3.15 -25.61 41.11
C GLU B 224 3.04 -24.53 42.17
N GLY B 225 3.39 -24.88 43.41
CA GLY B 225 3.42 -23.92 44.50
C GLY B 225 4.71 -23.12 44.61
N VAL B 226 5.73 -23.47 43.84
CA VAL B 226 6.98 -22.75 43.87
C VAL B 226 6.96 -21.53 42.96
N ARG B 227 6.24 -21.60 41.84
CA ARG B 227 6.11 -20.46 40.94
C ARG B 227 5.40 -19.30 41.65
N VAL B 228 4.37 -19.60 42.43
CA VAL B 228 3.68 -18.56 43.19
C VAL B 228 4.64 -17.87 44.13
N GLN B 229 5.48 -18.65 44.81
CA GLN B 229 6.45 -18.08 45.75
C GLN B 229 7.44 -17.19 45.02
N ARG B 230 7.92 -17.62 43.85
CA ARG B 230 8.85 -16.81 43.07
C ARG B 230 8.22 -15.47 42.69
N MET B 231 6.99 -15.50 42.18
CA MET B 231 6.31 -14.26 41.79
C MET B 231 6.09 -13.35 42.99
N LYS B 232 5.64 -13.92 44.11
CA LYS B 232 5.41 -13.13 45.31
C LYS B 232 6.67 -12.43 45.76
N GLU B 233 7.80 -13.15 45.78
CA GLU B 233 9.05 -12.57 46.24
C GLU B 233 9.53 -11.46 45.29
N ALA B 234 9.35 -11.67 43.98
CA ALA B 234 9.75 -10.62 43.03
C ALA B 234 8.94 -9.34 43.26
N ILE B 235 7.62 -9.48 43.42
CA ILE B 235 6.79 -8.31 43.67
C ILE B 235 7.23 -7.62 44.96
N GLN B 236 7.53 -8.40 46.00
CA GLN B 236 7.94 -7.81 47.27
C GLN B 236 9.22 -7.01 47.11
N ALA B 237 10.20 -7.56 46.38
CA ALA B 237 11.46 -6.85 46.21
C ALA B 237 11.24 -5.51 45.53
N ILE B 238 10.50 -5.50 44.42
CA ILE B 238 10.28 -4.24 43.71
C ILE B 238 9.53 -3.24 44.58
N GLN B 239 8.48 -3.70 45.26
CA GLN B 239 7.67 -2.80 46.07
C GLN B 239 8.49 -2.17 47.19
N GLN B 240 9.32 -2.96 47.87
CA GLN B 240 10.14 -2.43 48.94
C GLN B 240 11.15 -1.42 48.42
N ALA B 241 11.74 -1.69 47.26
CA ALA B 241 12.66 -0.73 46.66
C ALA B 241 11.98 0.62 46.45
N ILE B 242 10.77 0.61 45.89
CA ILE B 242 10.08 1.89 45.65
C ILE B 242 9.69 2.57 46.96
N ASN B 243 9.23 1.77 47.93
CA ASN B 243 8.87 2.32 49.23
C ASN B 243 10.01 3.12 49.83
N CYS B 244 11.23 2.55 49.78
CA CYS B 244 12.40 3.18 50.38
C CYS B 244 12.51 4.66 50.02
N LEU B 245 12.08 5.03 48.83
CA LEU B 245 12.19 6.41 48.37
C LEU B 245 10.91 7.21 48.55
N THR B 246 9.74 6.62 48.35
CA THR B 246 8.54 7.46 48.34
C THR B 246 7.87 7.59 49.71
N GLN B 247 7.87 6.53 50.52
CA GLN B 247 6.91 6.46 51.62
C GLN B 247 7.17 7.51 52.68
N GLN B 248 8.41 7.63 53.13
CA GLN B 248 8.69 8.49 54.29
C GLN B 248 8.34 9.94 54.02
N VAL B 249 8.64 10.44 52.83
CA VAL B 249 8.45 11.85 52.53
C VAL B 249 7.04 12.14 52.04
N THR B 250 6.46 11.30 51.18
CA THR B 250 5.19 11.64 50.56
C THR B 250 4.00 10.89 51.17
N GLY B 251 4.20 9.67 51.64
CA GLY B 251 3.13 8.85 52.17
C GLY B 251 2.60 7.81 51.19
N TRP B 252 2.85 7.97 49.90
CA TRP B 252 2.45 6.99 48.90
C TRP B 252 3.44 5.82 48.93
N HIS B 253 2.94 4.59 49.12
CA HIS B 253 3.83 3.47 49.34
C HIS B 253 3.73 2.34 48.32
N ASP B 254 2.57 1.70 48.14
CA ASP B 254 2.54 0.37 47.50
C ASP B 254 2.02 0.47 46.07
N LEU B 255 2.91 0.22 45.10
CA LEU B 255 2.54 0.24 43.70
C LEU B 255 2.01 -1.13 43.27
N GLU B 256 0.86 -1.13 42.61
CA GLU B 256 0.17 -2.37 42.24
C GLU B 256 -0.49 -2.21 40.88
N TYR B 257 -0.89 -3.33 40.31
CA TYR B 257 -1.74 -3.36 39.12
C TYR B 257 -3.18 -3.54 39.57
N SER B 258 -4.07 -2.71 39.04
CA SER B 258 -5.47 -2.72 39.44
C SER B 258 -6.35 -2.92 38.22
N ALA B 259 -7.21 -3.94 38.26
CA ALA B 259 -8.23 -4.13 37.25
C ALA B 259 -9.47 -3.28 37.47
N SER B 260 -9.74 -2.90 38.72
CA SER B 260 -10.87 -2.02 39.00
C SER B 260 -10.68 -0.64 38.39
N HIS B 261 -9.43 -0.17 38.28
CA HIS B 261 -9.13 1.16 37.77
C HIS B 261 -8.83 1.17 36.29
N ASN B 262 -9.46 0.27 35.51
CA ASN B 262 -9.27 0.24 34.07
C ASN B 262 -7.90 -0.32 33.70
N GLN B 263 -7.40 -1.26 34.50
CA GLN B 263 -6.17 -1.98 34.21
C GLN B 263 -4.97 -1.02 34.17
N GLN B 264 -4.72 -0.39 35.32
CA GLN B 264 -3.69 0.62 35.46
C GLN B 264 -2.84 0.32 36.69
N LEU B 265 -1.69 0.98 36.75
CA LEU B 265 -0.87 0.99 37.96
C LEU B 265 -1.35 2.07 38.90
N VAL B 266 -1.47 1.75 40.19
CA VAL B 266 -1.99 2.65 41.20
C VAL B 266 -1.06 2.61 42.41
N MET B 267 -1.19 3.62 43.26
CA MET B 267 -0.50 3.67 44.56
C MET B 267 -1.53 3.98 45.64
N SER B 268 -1.10 3.90 46.89
CA SER B 268 -1.98 4.08 48.04
C SER B 268 -1.43 5.14 48.98
N HIS B 269 -2.33 5.83 49.66
CA HIS B 269 -2.01 6.86 50.65
C HIS B 269 -2.90 6.63 51.87
N PRO B 270 -2.43 6.98 53.07
CA PRO B 270 -3.28 6.79 54.25
C PRO B 270 -4.44 7.78 54.35
N GLN B 271 -4.22 9.04 53.98
CA GLN B 271 -5.28 10.04 54.04
C GLN B 271 -6.03 10.15 52.72
N TYR B 272 -5.31 10.13 51.60
CA TYR B 272 -5.91 9.97 50.30
C TYR B 272 -6.02 8.49 49.99
N GLY B 273 -6.85 8.15 49.01
CA GLY B 273 -7.13 6.74 48.79
C GLY B 273 -6.19 6.05 47.83
N LYS B 274 -6.77 5.40 46.83
CA LYS B 274 -6.03 4.67 45.80
C LYS B 274 -6.18 5.44 44.49
N ILE B 275 -5.07 5.89 43.93
CA ILE B 275 -5.11 6.75 42.74
C ILE B 275 -4.11 6.24 41.71
N PRO B 276 -4.43 6.30 40.42
CA PRO B 276 -3.46 5.87 39.40
C PRO B 276 -2.20 6.73 39.39
N LEU B 277 -1.09 6.08 39.04
CA LEU B 277 0.22 6.74 39.07
C LEU B 277 0.30 7.87 38.06
N SER B 278 -0.42 7.77 36.93
CA SER B 278 -0.37 8.83 35.93
C SER B 278 -1.11 10.09 36.36
N GLN B 279 -1.87 10.05 37.45
CA GLN B 279 -2.57 11.21 37.97
C GLN B 279 -1.89 11.82 39.19
N LEU B 280 -0.71 11.35 39.55
CA LEU B 280 0.03 11.90 40.68
C LEU B 280 0.96 13.00 40.19
N SER B 281 1.68 13.61 41.12
CA SER B 281 2.46 14.80 40.81
C SER B 281 3.76 14.44 40.07
N ASP B 282 4.46 15.49 39.63
CA ASP B 282 5.67 15.31 38.82
C ASP B 282 6.77 14.62 39.61
N GLY B 283 6.98 15.06 40.85
CA GLY B 283 7.99 14.43 41.68
C GLY B 283 7.72 12.96 41.92
N LEU B 284 6.46 12.64 42.25
CA LEU B 284 6.09 11.23 42.46
C LEU B 284 6.35 10.41 41.21
N ARG B 285 5.84 10.85 40.07
CA ARG B 285 5.98 10.07 38.85
C ARG B 285 7.44 9.84 38.52
N ASN B 286 8.26 10.88 38.62
CA ASN B 286 9.65 10.77 38.19
C ASN B 286 10.48 9.96 39.18
N ALA B 287 10.27 10.15 40.48
CA ALA B 287 10.98 9.33 41.45
C ALA B 287 10.61 7.85 41.32
N VAL B 288 9.32 7.56 41.12
CA VAL B 288 8.89 6.18 41.00
C VAL B 288 9.49 5.54 39.76
N ALA B 289 9.47 6.26 38.64
CA ALA B 289 10.06 5.70 37.42
C ALA B 289 11.55 5.45 37.60
N MET B 290 12.27 6.41 38.21
CA MET B 290 13.70 6.25 38.44
C MET B 290 14.00 4.99 39.24
N VAL B 291 13.31 4.79 40.36
CA VAL B 291 13.63 3.65 41.22
C VAL B 291 13.19 2.35 40.57
N ALA B 292 12.01 2.34 39.94
CA ALA B 292 11.51 1.11 39.32
C ALA B 292 12.45 0.64 38.21
N ASP B 293 13.06 1.59 37.49
CA ASP B 293 13.95 1.22 36.40
C ASP B 293 15.14 0.40 36.90
N ILE B 294 15.72 0.78 38.04
CA ILE B 294 16.80 -0.01 38.61
C ILE B 294 16.27 -1.32 39.18
N ALA B 295 15.12 -1.28 39.86
CA ALA B 295 14.67 -2.44 40.62
C ALA B 295 14.31 -3.61 39.70
N PHE B 296 13.58 -3.34 38.61
CA PHE B 296 13.11 -4.49 37.84
C PHE B 296 14.25 -5.14 37.07
N ARG B 297 15.26 -4.35 36.70
CA ARG B 297 16.46 -4.91 36.11
C ARG B 297 17.24 -5.75 37.13
N CYS B 298 17.35 -5.26 38.37
CA CYS B 298 17.96 -6.08 39.41
C CYS B 298 17.25 -7.42 39.54
N VAL B 299 15.92 -7.40 39.48
CA VAL B 299 15.16 -8.64 39.63
C VAL B 299 15.35 -9.56 38.43
N LYS B 300 15.34 -9.00 37.22
CA LYS B 300 15.43 -9.83 36.02
C LYS B 300 16.84 -10.41 35.82
N LEU B 301 17.89 -9.68 36.18
CA LEU B 301 19.24 -10.14 35.85
C LEU B 301 19.66 -11.34 36.69
N ASN B 302 19.22 -11.42 37.94
CA ASN B 302 19.68 -12.44 38.89
C ASN B 302 18.48 -13.10 39.57
N PRO B 303 17.81 -14.03 38.89
CA PRO B 303 16.64 -14.69 39.49
C PRO B 303 16.92 -15.46 40.77
N HIS B 304 18.13 -16.01 40.93
CA HIS B 304 18.37 -16.96 42.02
C HIS B 304 18.44 -16.30 43.39
N LEU B 305 18.55 -14.96 43.46
CA LEU B 305 18.55 -14.30 44.76
C LEU B 305 17.15 -14.26 45.35
N GLN B 306 16.16 -13.95 44.52
CA GLN B 306 14.74 -14.17 44.77
C GLN B 306 14.10 -13.25 45.80
N ASN B 307 14.88 -12.66 46.69
CA ASN B 307 14.30 -11.73 47.64
C ASN B 307 15.28 -10.60 47.95
N ASP B 308 16.55 -10.82 47.64
CA ASP B 308 17.61 -9.84 47.81
C ASP B 308 18.20 -9.44 46.47
N ALA B 309 17.39 -9.53 45.41
CA ALA B 309 17.87 -9.14 44.08
C ALA B 309 18.33 -7.70 44.08
N ALA B 310 17.55 -6.80 44.66
CA ALA B 310 17.93 -5.40 44.74
C ALA B 310 18.99 -5.15 45.81
N LEU B 311 18.95 -5.91 46.92
CA LEU B 311 19.85 -5.69 48.04
C LEU B 311 21.24 -6.26 47.83
N LYS B 312 21.44 -7.14 46.85
CA LYS B 312 22.70 -7.85 46.70
C LYS B 312 23.30 -7.78 45.31
N THR B 313 22.62 -7.14 44.34
CA THR B 313 23.17 -7.00 43.00
C THR B 313 24.27 -5.95 42.97
N GLN B 314 25.19 -6.10 42.02
CA GLN B 314 26.32 -5.19 41.85
C GLN B 314 26.31 -4.61 40.45
N GLY B 315 26.95 -3.45 40.29
CA GLY B 315 26.99 -2.77 39.02
C GLY B 315 27.13 -1.28 39.20
N ILE B 316 26.91 -0.56 38.09
CA ILE B 316 27.13 0.88 38.00
C ILE B 316 25.85 1.53 37.48
N VAL B 317 25.39 2.58 38.17
CA VAL B 317 24.25 3.38 37.74
C VAL B 317 24.68 4.83 37.64
N LEU B 318 24.37 5.47 36.51
CA LEU B 318 24.69 6.87 36.27
C LEU B 318 23.40 7.67 36.19
N ILE B 319 23.31 8.74 36.99
CA ILE B 319 22.12 9.58 37.03
C ILE B 319 22.54 11.03 36.79
N ASP B 320 21.89 11.67 35.83
CA ASP B 320 22.13 13.07 35.51
C ASP B 320 21.01 13.92 36.10
N GLU B 321 21.37 14.85 36.98
CA GLU B 321 20.41 15.75 37.63
C GLU B 321 19.41 14.95 38.47
N VAL B 322 19.95 14.33 39.51
CA VAL B 322 19.19 13.40 40.34
C VAL B 322 18.04 14.07 41.08
N ASP B 323 18.03 15.40 41.19
CA ASP B 323 17.09 16.11 42.03
C ASP B 323 16.01 16.86 41.25
N MET B 324 15.76 16.49 40.00
CA MET B 324 14.74 17.18 39.22
C MET B 324 13.35 16.84 39.75
N PHE B 325 12.50 17.87 39.87
CA PHE B 325 11.10 17.79 40.26
C PHE B 325 10.89 17.49 41.74
N LEU B 326 11.95 17.50 42.55
CA LEU B 326 11.85 17.21 43.98
C LEU B 326 12.06 18.50 44.77
N HIS B 327 11.21 18.73 45.75
CA HIS B 327 11.28 19.95 46.55
C HIS B 327 12.37 19.84 47.62
N PRO B 328 12.79 20.97 48.19
CA PRO B 328 14.00 20.97 49.03
C PRO B 328 13.99 20.00 50.19
N ALA B 329 12.82 19.67 50.77
CA ALA B 329 12.80 18.70 51.86
C ALA B 329 12.98 17.28 51.35
N TRP B 330 12.57 17.01 50.11
CA TRP B 330 12.82 15.71 49.49
C TRP B 330 14.27 15.56 49.06
N GLN B 331 14.94 16.66 48.69
CA GLN B 331 16.30 16.59 48.21
C GLN B 331 17.27 16.19 49.31
N GLN B 332 16.92 16.44 50.56
CA GLN B 332 17.78 16.09 51.69
C GLN B 332 17.75 14.61 52.02
N GLN B 333 17.00 13.80 51.28
CA GLN B 333 16.85 12.39 51.57
C GLN B 333 17.24 11.45 50.42
N ILE B 334 17.42 11.97 49.21
CA ILE B 334 17.49 11.11 48.03
C ILE B 334 18.73 10.22 48.06
N ILE B 335 19.89 10.78 48.43
CA ILE B 335 21.14 10.02 48.38
C ILE B 335 21.08 8.85 49.36
N GLN B 336 20.64 9.12 50.59
CA GLN B 336 20.58 8.06 51.58
C GLN B 336 19.53 7.01 51.21
N SER B 337 18.41 7.43 50.62
CA SER B 337 17.40 6.48 50.17
C SER B 337 17.96 5.55 49.10
N LEU B 338 18.71 6.10 48.15
CA LEU B 338 19.30 5.26 47.10
C LEU B 338 20.35 4.33 47.67
N ARG B 339 21.13 4.79 48.65
CA ARG B 339 22.10 3.91 49.29
C ARG B 339 21.41 2.80 50.08
N SER B 340 20.26 3.08 50.66
CA SER B 340 19.54 2.07 51.45
C SER B 340 18.87 1.03 50.55
N ALA B 341 18.29 1.47 49.43
CA ALA B 341 17.59 0.53 48.56
C ALA B 341 18.55 -0.43 47.87
N PHE B 342 19.72 0.06 47.46
CA PHE B 342 20.69 -0.71 46.67
C PHE B 342 22.06 -0.61 47.32
N PRO B 343 22.32 -1.40 48.37
CA PRO B 343 23.56 -1.23 49.15
C PRO B 343 24.84 -1.64 48.44
N GLN B 344 24.78 -2.33 47.29
CA GLN B 344 25.97 -2.90 46.67
C GLN B 344 26.30 -2.29 45.31
N ILE B 345 25.63 -1.22 44.91
CA ILE B 345 25.81 -0.60 43.60
C ILE B 345 26.70 0.63 43.74
N GLN B 346 27.46 0.91 42.69
CA GLN B 346 28.26 2.12 42.58
C GLN B 346 27.46 3.19 41.86
N PHE B 347 27.19 4.30 42.55
CA PHE B 347 26.41 5.41 42.01
C PHE B 347 27.35 6.55 41.63
N ILE B 348 27.13 7.12 40.45
CA ILE B 348 27.80 8.34 40.02
C ILE B 348 26.72 9.30 39.55
N VAL B 349 26.51 10.38 40.30
CA VAL B 349 25.40 11.30 40.07
C VAL B 349 25.93 12.72 39.95
N THR B 350 25.14 13.58 39.32
CA THR B 350 25.48 14.98 39.12
C THR B 350 24.36 15.87 39.65
N THR B 351 24.72 17.06 40.11
CA THR B 351 23.75 18.01 40.64
C THR B 351 24.34 19.40 40.63
N HIS B 352 23.47 20.40 40.79
CA HIS B 352 23.90 21.76 41.10
C HIS B 352 23.13 22.33 42.29
N SER B 353 22.37 21.51 43.01
CA SER B 353 21.55 21.97 44.13
C SER B 353 22.29 21.74 45.44
N PRO B 354 22.53 22.78 46.25
CA PRO B 354 23.27 22.56 47.51
C PRO B 354 22.53 21.74 48.54
N GLN B 355 21.22 21.55 48.40
CA GLN B 355 20.46 20.79 49.38
C GLN B 355 20.69 19.29 49.27
N VAL B 356 21.17 18.81 48.12
CA VAL B 356 21.42 17.38 47.95
C VAL B 356 22.65 16.93 48.73
N LEU B 357 23.51 17.87 49.14
CA LEU B 357 24.77 17.56 49.81
C LEU B 357 24.73 17.85 51.30
N SER B 358 23.53 17.94 51.89
CA SER B 358 23.40 18.47 53.24
C SER B 358 24.14 17.60 54.26
N THR B 359 24.06 16.28 54.13
CA THR B 359 24.66 15.36 55.09
C THR B 359 25.44 14.26 54.37
N VAL B 360 26.26 14.66 53.40
CA VAL B 360 27.10 13.74 52.64
C VAL B 360 28.55 13.98 53.01
N LYS B 361 29.33 12.91 53.04
CA LYS B 361 30.75 13.01 53.38
C LYS B 361 31.48 13.81 52.30
N ARG B 362 32.53 14.52 52.73
CA ARG B 362 33.31 15.32 51.78
C ARG B 362 34.12 14.45 50.83
N GLU B 363 34.34 13.18 51.16
CA GLU B 363 35.08 12.28 50.29
C GLU B 363 34.24 11.75 49.14
N SER B 364 32.99 12.19 49.01
CA SER B 364 32.12 11.78 47.92
C SER B 364 31.84 12.89 46.93
N ILE B 365 32.38 14.08 47.14
CA ILE B 365 32.09 15.26 46.32
C ILE B 365 33.29 15.56 45.43
N ARG B 366 33.02 15.86 44.17
CA ARG B 366 34.03 16.34 43.22
C ARG B 366 33.54 17.65 42.63
N LEU B 367 34.31 18.72 42.84
CA LEU B 367 33.99 20.03 42.28
C LEU B 367 34.73 20.21 40.95
N LEU B 368 34.00 20.58 39.92
CA LEU B 368 34.54 20.64 38.55
C LEU B 368 34.94 22.07 38.21
N GLU B 369 36.18 22.24 37.76
CA GLU B 369 36.70 23.53 37.36
C GLU B 369 37.49 23.39 36.07
N GLN B 370 37.87 24.54 35.50
CA GLN B 370 38.68 24.58 34.29
C GLN B 370 39.64 25.75 34.38
N ASP B 371 40.52 25.85 33.38
CA ASP B 371 41.45 26.94 33.19
C ASP B 371 41.01 27.78 32.00
N GLU B 372 41.82 28.79 31.68
CA GLU B 372 41.57 29.57 30.48
C GLU B 372 41.90 28.79 29.21
N ASN B 373 42.76 27.78 29.31
CA ASN B 373 43.14 26.95 28.17
C ASN B 373 42.38 25.62 28.14
N GLY B 374 41.48 25.38 29.09
CA GLY B 374 40.68 24.18 29.07
C GLY B 374 41.22 23.01 29.87
N ASN B 375 42.13 23.26 30.80
CA ASN B 375 42.67 22.21 31.65
C ASN B 375 41.80 22.08 32.89
N GLY B 376 41.20 20.90 33.09
CA GLY B 376 40.21 20.71 34.11
C GLY B 376 40.73 20.07 35.39
N LYS B 377 39.98 20.27 36.46
CA LYS B 377 40.24 19.64 37.75
C LYS B 377 38.92 19.17 38.35
N ALA B 378 38.99 18.12 39.16
CA ALA B 378 37.83 17.58 39.87
C ALA B 378 38.30 17.16 41.25
N LEU B 379 38.17 18.06 42.22
CA LEU B 379 38.80 17.91 43.52
C LEU B 379 37.77 17.89 44.64
N MET B 380 38.17 17.30 45.76
CA MET B 380 37.31 17.27 46.93
C MET B 380 37.20 18.67 47.54
N PRO B 381 36.06 18.99 48.16
CA PRO B 381 35.95 20.28 48.86
C PRO B 381 36.89 20.35 50.05
N LEU B 382 37.35 21.55 50.34
CA LEU B 382 38.24 21.78 51.48
C LEU B 382 37.43 21.99 52.76
N MET C 1 -34.93 -28.65 12.56
CA MET C 1 -34.61 -28.91 11.13
C MET C 1 -34.02 -30.30 10.97
N ARG C 2 -34.66 -31.13 10.14
CA ARG C 2 -34.21 -32.49 9.90
C ARG C 2 -34.57 -32.88 8.47
N ILE C 3 -33.63 -33.52 7.78
CA ILE C 3 -33.83 -34.02 6.42
C ILE C 3 -33.90 -35.53 6.47
N ASP C 4 -34.97 -36.10 5.92
CA ASP C 4 -35.21 -37.53 5.96
C ASP C 4 -34.84 -38.24 4.66
N LYS C 5 -35.11 -37.63 3.52
CA LYS C 5 -34.88 -38.26 2.23
C LYS C 5 -34.45 -37.21 1.21
N LEU C 6 -33.63 -37.64 0.25
CA LEU C 6 -33.17 -36.79 -0.84
C LEU C 6 -33.29 -37.56 -2.14
N SER C 7 -33.61 -36.85 -3.22
CA SER C 7 -33.71 -37.44 -4.55
C SER C 7 -32.99 -36.54 -5.54
N LEU C 8 -32.20 -37.14 -6.43
CA LEU C 8 -31.48 -36.43 -7.47
C LEU C 8 -31.92 -36.94 -8.84
N LEU C 9 -31.84 -36.07 -9.83
CA LEU C 9 -32.18 -36.43 -11.21
C LEU C 9 -31.27 -35.66 -12.14
N ASN C 10 -30.47 -36.39 -12.94
CA ASN C 10 -29.56 -35.78 -13.91
C ASN C 10 -28.60 -34.81 -13.25
N PHE C 11 -28.19 -35.08 -12.02
CA PHE C 11 -27.20 -34.26 -11.35
C PHE C 11 -25.83 -34.66 -11.86
N ARG C 12 -24.76 -34.21 -11.20
CA ARG C 12 -23.41 -34.33 -11.75
C ARG C 12 -23.13 -35.71 -12.36
N CYS C 13 -23.11 -36.75 -11.53
CA CYS C 13 -22.74 -38.08 -11.99
C CYS C 13 -23.86 -39.10 -11.84
N PHE C 14 -25.03 -38.69 -11.38
CA PHE C 14 -26.14 -39.58 -11.10
C PHE C 14 -27.26 -39.33 -12.11
N LYS C 15 -27.64 -40.38 -12.83
CA LYS C 15 -28.87 -40.30 -13.62
C LYS C 15 -30.08 -40.18 -12.70
N GLN C 16 -30.06 -40.90 -11.58
CA GLN C 16 -31.10 -40.80 -10.57
C GLN C 16 -30.58 -41.45 -9.30
N LEU C 17 -30.98 -40.90 -8.15
CA LEU C 17 -30.58 -41.45 -6.86
C LEU C 17 -31.62 -41.06 -5.82
N ASP C 18 -31.88 -41.96 -4.89
CA ASP C 18 -32.71 -41.68 -3.72
C ASP C 18 -32.04 -42.26 -2.50
N ILE C 19 -31.72 -41.39 -1.53
CA ILE C 19 -30.96 -41.77 -0.35
C ILE C 19 -31.73 -41.36 0.89
N THR C 20 -31.83 -42.26 1.86
CA THR C 20 -32.48 -41.99 3.14
C THR C 20 -31.42 -41.74 4.20
N PHE C 21 -31.72 -40.81 5.11
CA PHE C 21 -30.76 -40.36 6.10
C PHE C 21 -31.20 -40.76 7.50
N ASP C 22 -30.24 -41.27 8.28
CA ASP C 22 -30.48 -41.64 9.66
C ASP C 22 -30.70 -40.40 10.52
N GLU C 23 -31.39 -40.60 11.64
CA GLU C 23 -31.82 -39.48 12.48
C GLU C 23 -30.63 -38.78 13.12
N HIS C 24 -29.60 -39.52 13.53
CA HIS C 24 -28.51 -38.96 14.32
C HIS C 24 -27.18 -38.91 13.58
N ILE C 25 -26.83 -39.95 12.82
CA ILE C 25 -25.54 -40.01 12.15
C ILE C 25 -25.67 -40.87 10.90
N THR C 26 -25.17 -40.36 9.78
CA THR C 26 -25.11 -41.11 8.53
C THR C 26 -23.71 -40.95 7.95
N ILE C 27 -23.12 -42.05 7.51
CA ILE C 27 -21.79 -42.06 6.93
C ILE C 27 -21.88 -42.59 5.51
N LEU C 28 -21.44 -41.79 4.55
CA LEU C 28 -21.36 -42.21 3.16
C LEU C 28 -19.97 -42.79 2.90
N VAL C 29 -19.94 -43.99 2.32
CA VAL C 29 -18.69 -44.71 2.08
C VAL C 29 -18.64 -45.11 0.61
N ALA C 30 -17.51 -44.85 -0.03
CA ALA C 30 -17.29 -45.28 -1.41
C ALA C 30 -15.87 -44.93 -1.84
N PRO C 31 -15.35 -45.54 -2.90
CA PRO C 31 -14.04 -45.11 -3.42
C PRO C 31 -14.11 -43.73 -4.04
N ASN C 32 -13.01 -43.25 -4.59
CA ASN C 32 -13.00 -41.94 -5.22
C ASN C 32 -13.86 -41.95 -6.47
N GLY C 33 -14.46 -40.80 -6.76
CA GLY C 33 -15.30 -40.66 -7.94
C GLY C 33 -16.66 -41.31 -7.81
N ALA C 34 -17.09 -41.65 -6.61
CA ALA C 34 -18.36 -42.34 -6.42
C ALA C 34 -19.54 -41.39 -6.26
N GLY C 35 -19.33 -40.21 -5.70
CA GLY C 35 -20.39 -39.21 -5.59
C GLY C 35 -20.73 -38.80 -4.18
N LYS C 36 -19.77 -38.88 -3.26
CA LYS C 36 -20.01 -38.44 -1.88
C LYS C 36 -20.15 -36.92 -1.83
N THR C 37 -19.21 -36.20 -2.44
CA THR C 37 -19.31 -34.75 -2.50
C THR C 37 -20.54 -34.31 -3.28
N THR C 38 -20.96 -35.09 -4.27
CA THR C 38 -22.18 -34.75 -4.99
C THR C 38 -23.39 -34.76 -4.06
N VAL C 39 -23.49 -35.77 -3.20
CA VAL C 39 -24.60 -35.84 -2.26
C VAL C 39 -24.52 -34.71 -1.24
N LEU C 40 -23.32 -34.43 -0.71
CA LEU C 40 -23.20 -33.32 0.22
C LEU C 40 -23.58 -31.99 -0.43
N ASP C 41 -23.17 -31.78 -1.68
CA ASP C 41 -23.50 -30.54 -2.38
C ASP C 41 -25.00 -30.44 -2.64
N ALA C 42 -25.65 -31.54 -3.00
CA ALA C 42 -27.09 -31.51 -3.18
C ALA C 42 -27.80 -31.14 -1.88
N VAL C 43 -27.37 -31.75 -0.77
CA VAL C 43 -28.00 -31.45 0.51
C VAL C 43 -27.77 -29.99 0.88
N ARG C 44 -26.57 -29.48 0.61
CA ARG C 44 -26.26 -28.08 0.92
C ARG C 44 -27.08 -27.12 0.07
N LEU C 45 -27.35 -27.49 -1.19
CA LEU C 45 -28.20 -26.66 -2.04
C LEU C 45 -29.64 -26.70 -1.58
N ALA C 46 -30.09 -27.84 -1.06
CA ALA C 46 -31.48 -27.95 -0.60
C ALA C 46 -31.74 -27.09 0.64
N LEU C 47 -30.71 -26.73 1.40
CA LEU C 47 -30.88 -25.97 2.63
C LEU C 47 -30.71 -24.47 2.44
N PHE C 48 -30.29 -24.01 1.27
CA PHE C 48 -29.99 -22.60 1.07
C PHE C 48 -31.23 -21.73 1.12
N PRO C 49 -32.40 -22.19 0.68
CA PRO C 49 -33.59 -21.35 0.77
C PRO C 49 -33.90 -20.88 2.18
N PHE C 50 -33.57 -21.67 3.19
CA PHE C 50 -33.80 -21.24 4.58
C PHE C 50 -32.81 -20.16 4.99
N ILE C 51 -31.53 -20.35 4.65
CA ILE C 51 -30.52 -19.35 5.02
C ILE C 51 -30.75 -18.05 4.27
N ARG C 52 -31.35 -18.12 3.08
CA ARG C 52 -31.62 -16.92 2.30
C ARG C 52 -32.68 -16.03 2.95
N GLY C 53 -33.37 -16.52 3.97
CA GLY C 53 -34.37 -15.73 4.67
C GLY C 53 -33.84 -14.77 5.71
N PHE C 54 -32.53 -14.78 5.95
CA PHE C 54 -31.89 -13.88 6.91
C PHE C 54 -31.07 -12.84 6.16
N ASP C 55 -31.00 -11.63 6.74
CA ASP C 55 -30.20 -10.57 6.15
C ASP C 55 -28.71 -10.89 6.18
N ALA C 56 -28.27 -11.79 7.06
CA ALA C 56 -26.88 -12.20 7.07
C ALA C 56 -26.50 -12.97 5.82
N SER C 57 -27.49 -13.47 5.06
CA SER C 57 -27.23 -14.16 3.81
C SER C 57 -28.16 -13.71 2.68
N LEU C 58 -29.08 -12.78 2.95
CA LEU C 58 -29.93 -12.26 1.89
C LEU C 58 -29.12 -11.53 0.83
N TYR C 59 -27.89 -11.14 1.15
CA TYR C 59 -26.99 -10.52 0.18
C TYR C 59 -26.08 -11.52 -0.50
N VAL C 60 -26.12 -12.79 -0.10
CA VAL C 60 -25.17 -13.79 -0.59
C VAL C 60 -25.53 -14.17 -2.02
N LYS C 61 -24.80 -13.59 -2.98
CA LYS C 61 -25.00 -13.88 -4.39
C LYS C 61 -23.99 -14.88 -4.93
N ASP C 62 -23.41 -15.71 -4.05
CA ASP C 62 -22.44 -16.70 -4.49
C ASP C 62 -23.09 -17.65 -5.51
N LYS C 63 -22.35 -17.92 -6.58
CA LYS C 63 -22.85 -18.80 -7.63
C LYS C 63 -22.70 -20.28 -7.29
N SER C 64 -21.91 -20.61 -6.25
CA SER C 64 -21.79 -21.99 -5.81
C SER C 64 -23.00 -22.47 -5.02
N LEU C 65 -23.90 -21.56 -4.65
CA LEU C 65 -25.09 -21.90 -3.89
C LEU C 65 -26.34 -21.98 -4.78
N ALA C 66 -26.17 -22.39 -6.03
CA ALA C 66 -27.28 -22.63 -6.93
C ALA C 66 -26.83 -23.61 -8.01
N ILE C 67 -27.81 -24.23 -8.66
CA ILE C 67 -27.49 -25.19 -9.71
C ILE C 67 -26.83 -24.47 -10.87
N ARG C 68 -25.66 -24.93 -11.26
CA ARG C 68 -24.91 -24.37 -12.38
C ARG C 68 -25.05 -25.27 -13.60
N THR C 69 -24.65 -24.74 -14.76
CA THR C 69 -24.70 -25.53 -15.98
C THR C 69 -23.77 -26.73 -15.91
N GLU C 70 -22.69 -26.63 -15.13
CA GLU C 70 -21.75 -27.73 -14.97
C GLU C 70 -22.30 -28.87 -14.13
N ASP C 71 -23.43 -28.67 -13.45
CA ASP C 71 -24.02 -29.71 -12.62
C ASP C 71 -24.91 -30.66 -13.41
N LEU C 72 -25.22 -30.34 -14.67
CA LEU C 72 -26.03 -31.23 -15.48
C LEU C 72 -25.19 -32.40 -15.99
N ARG C 73 -25.81 -33.57 -16.07
CA ARG C 73 -25.09 -34.79 -16.42
C ARG C 73 -24.72 -34.82 -17.89
N LEU C 74 -23.59 -35.44 -18.19
CA LEU C 74 -23.08 -35.60 -19.54
C LEU C 74 -22.97 -37.09 -19.86
N ILE C 75 -23.42 -37.48 -21.04
CA ILE C 75 -23.38 -38.87 -21.49
C ILE C 75 -22.35 -39.00 -22.59
N TYR C 76 -21.56 -40.07 -22.53
CA TYR C 76 -20.53 -40.33 -23.53
C TYR C 76 -21.12 -41.22 -24.62
N ARG C 77 -21.18 -40.70 -25.85
CA ARG C 77 -21.65 -41.45 -27.00
C ARG C 77 -20.43 -41.97 -27.75
N GLN C 78 -20.12 -43.26 -27.56
CA GLN C 78 -18.88 -43.80 -28.08
C GLN C 78 -18.88 -43.86 -29.60
N GLU C 79 -20.01 -44.26 -30.20
CA GLU C 79 -20.08 -44.32 -31.66
C GLU C 79 -19.89 -42.94 -32.27
N ALA C 80 -20.49 -41.91 -31.66
CA ALA C 80 -20.33 -40.54 -32.14
C ALA C 80 -19.15 -39.82 -31.48
N LEU C 81 -18.54 -40.42 -30.46
CA LEU C 81 -17.41 -39.82 -29.74
C LEU C 81 -17.71 -38.36 -29.40
N ASN C 82 -18.80 -38.16 -28.65
CA ASN C 82 -19.25 -36.84 -28.28
C ASN C 82 -19.90 -36.90 -26.91
N MET C 83 -19.99 -35.73 -26.27
CA MET C 83 -20.63 -35.58 -24.96
C MET C 83 -21.98 -34.89 -25.14
N GLU C 84 -23.03 -35.53 -24.63
CA GLU C 84 -24.39 -35.03 -24.74
C GLU C 84 -24.88 -34.60 -23.37
N MET C 85 -25.45 -33.40 -23.29
CA MET C 85 -25.98 -32.88 -22.04
C MET C 85 -27.43 -33.30 -21.86
N SER C 86 -27.77 -33.70 -20.64
CA SER C 86 -29.12 -34.15 -20.30
C SER C 86 -29.75 -33.15 -19.35
N SER C 87 -31.00 -32.80 -19.62
CA SER C 87 -31.75 -31.81 -18.87
C SER C 87 -33.13 -32.35 -18.54
N PRO C 88 -33.76 -31.87 -17.45
CA PRO C 88 -33.25 -30.92 -16.46
C PRO C 88 -32.63 -31.59 -15.24
N ALA C 89 -31.99 -30.82 -14.37
CA ALA C 89 -31.48 -31.31 -13.10
C ALA C 89 -32.47 -30.96 -12.00
N LYS C 90 -32.78 -31.91 -11.12
CA LYS C 90 -33.73 -31.71 -10.03
C LYS C 90 -33.12 -32.15 -8.71
N ILE C 91 -33.47 -31.44 -7.64
CA ILE C 91 -33.15 -31.84 -6.28
C ILE C 91 -34.44 -31.77 -5.47
N THR C 92 -34.83 -32.89 -4.86
CA THR C 92 -36.03 -32.97 -4.04
C THR C 92 -35.65 -33.44 -2.66
N ALA C 93 -36.17 -32.77 -1.63
CA ALA C 93 -35.84 -33.06 -0.25
C ALA C 93 -37.11 -33.18 0.58
N THR C 94 -37.08 -34.11 1.53
CA THR C 94 -38.17 -34.33 2.47
C THR C 94 -37.62 -34.27 3.89
N GLY C 95 -38.36 -33.64 4.78
CA GLY C 95 -37.90 -33.49 6.14
C GLY C 95 -38.87 -32.65 6.95
N GLU C 96 -38.43 -32.31 8.16
CA GLU C 96 -39.22 -31.53 9.11
C GLU C 96 -38.52 -30.21 9.40
N TRP C 97 -39.28 -29.11 9.30
CA TRP C 97 -38.73 -27.80 9.62
C TRP C 97 -38.86 -27.51 11.12
N ALA C 98 -40.08 -27.56 11.63
CA ALA C 98 -40.37 -27.43 13.05
C ALA C 98 -41.12 -28.65 13.54
N SER C 99 -41.30 -28.74 14.84
CA SER C 99 -42.03 -29.87 15.42
C SER C 99 -43.43 -29.95 14.81
N GLY C 100 -43.71 -31.04 14.11
CA GLY C 100 -45.00 -31.22 13.50
C GLY C 100 -45.20 -30.46 12.20
N LYS C 101 -44.13 -30.21 11.45
CA LYS C 101 -44.20 -29.49 10.18
C LYS C 101 -43.38 -30.28 9.15
N THR C 102 -44.03 -31.23 8.49
CA THR C 102 -43.41 -31.99 7.41
C THR C 102 -43.60 -31.28 6.08
N ALA C 103 -42.62 -31.40 5.20
CA ALA C 103 -42.65 -30.67 3.95
C ALA C 103 -41.85 -31.41 2.89
N THR C 104 -42.05 -31.01 1.64
CA THR C 104 -41.28 -31.52 0.50
C THR C 104 -41.11 -30.37 -0.49
N TRP C 105 -39.86 -29.98 -0.74
CA TRP C 105 -39.56 -28.87 -1.62
C TRP C 105 -38.58 -29.33 -2.69
N MET C 106 -38.60 -28.63 -3.82
CA MET C 106 -37.88 -29.07 -5.02
C MET C 106 -37.16 -27.88 -5.66
N LEU C 107 -36.06 -28.19 -6.34
CA LEU C 107 -35.27 -27.22 -7.08
C LEU C 107 -34.89 -27.84 -8.42
N ASP C 108 -34.91 -27.03 -9.47
CA ASP C 108 -34.60 -27.56 -10.79
C ASP C 108 -34.02 -26.48 -11.69
N LYS C 109 -33.15 -26.90 -12.60
CA LYS C 109 -32.56 -26.05 -13.62
C LYS C 109 -32.69 -26.74 -14.97
N ARG C 110 -33.01 -25.97 -16.00
CA ARG C 110 -33.29 -26.50 -17.33
C ARG C 110 -32.33 -25.86 -18.33
N GLY C 111 -31.42 -26.66 -18.87
CA GLY C 111 -30.51 -26.16 -19.89
C GLY C 111 -29.68 -24.99 -19.36
N GLU C 112 -29.62 -23.92 -20.14
CA GLU C 112 -28.89 -22.72 -19.77
C GLU C 112 -29.78 -21.68 -19.08
N GLN C 113 -31.05 -22.00 -18.84
CA GLN C 113 -31.93 -21.05 -18.18
C GLN C 113 -31.59 -20.96 -16.69
N PRO C 114 -32.00 -19.87 -16.03
CA PRO C 114 -31.69 -19.74 -14.61
C PRO C 114 -32.39 -20.80 -13.79
N PRO C 115 -31.83 -21.21 -12.64
CA PRO C 115 -32.50 -22.21 -11.81
C PRO C 115 -33.82 -21.69 -11.27
N HIS C 116 -34.75 -22.62 -11.06
CA HIS C 116 -36.12 -22.29 -10.68
C HIS C 116 -36.57 -23.18 -9.53
N GLU C 117 -37.25 -22.58 -8.55
CA GLU C 117 -37.76 -23.29 -7.39
C GLU C 117 -39.28 -23.42 -7.48
N ASP C 118 -39.83 -24.36 -6.71
CA ASP C 118 -41.25 -24.62 -6.73
C ASP C 118 -41.95 -23.82 -5.64
N LYS C 119 -43.27 -24.05 -5.50
CA LYS C 119 -44.08 -23.26 -4.58
C LYS C 119 -43.65 -23.48 -3.13
N MET C 120 -43.37 -24.72 -2.75
CA MET C 120 -43.06 -25.04 -1.37
C MET C 120 -41.66 -24.61 -0.96
N ALA C 121 -40.78 -24.33 -1.91
CA ALA C 121 -39.44 -23.86 -1.57
C ALA C 121 -39.44 -22.41 -1.10
N ALA C 122 -40.42 -21.60 -1.52
CA ALA C 122 -40.52 -20.23 -1.04
C ALA C 122 -41.05 -20.16 0.38
N GLN C 123 -41.84 -21.17 0.79
CA GLN C 123 -42.32 -21.18 2.16
C GLN C 123 -41.18 -21.38 3.15
N LEU C 124 -40.12 -22.07 2.76
CA LEU C 124 -38.94 -22.18 3.62
C LEU C 124 -38.30 -20.81 3.85
N THR C 125 -38.18 -20.01 2.79
CA THR C 125 -37.68 -18.65 2.96
C THR C 125 -38.62 -17.83 3.84
N ARG C 126 -39.93 -18.01 3.65
CA ARG C 126 -40.89 -17.29 4.49
C ARG C 126 -40.73 -17.67 5.96
N TRP C 127 -40.50 -18.96 6.23
CA TRP C 127 -40.29 -19.40 7.61
C TRP C 127 -39.02 -18.80 8.19
N GLY C 128 -37.94 -18.76 7.40
CA GLY C 128 -36.74 -18.10 7.87
C GLY C 128 -36.96 -16.64 8.20
N GLU C 129 -37.71 -15.95 7.34
CA GLU C 129 -38.01 -14.54 7.59
C GLU C 129 -38.85 -14.37 8.84
N GLN C 130 -39.81 -15.26 9.06
CA GLN C 130 -40.61 -15.19 10.29
C GLN C 130 -39.76 -15.40 11.53
N LEU C 131 -38.82 -16.35 11.45
CA LEU C 131 -37.90 -16.56 12.57
C LEU C 131 -37.07 -15.30 12.84
N GLN C 132 -36.57 -14.67 11.77
CA GLN C 132 -35.80 -13.44 11.94
C GLN C 132 -36.66 -12.35 12.57
N LYS C 133 -37.92 -12.23 12.14
CA LYS C 133 -38.81 -11.24 12.72
C LYS C 133 -39.02 -11.50 14.21
N ARG C 134 -39.26 -12.76 14.57
CA ARG C 134 -39.48 -13.08 15.98
C ARG C 134 -38.24 -12.84 16.82
N VAL C 135 -37.06 -13.00 16.25
CA VAL C 135 -35.84 -12.77 17.01
C VAL C 135 -35.74 -11.31 17.44
N ARG C 136 -36.22 -10.39 16.61
CA ARG C 136 -36.14 -8.96 16.92
C ARG C 136 -37.35 -8.49 17.72
N GLU C 137 -37.61 -9.17 18.84
CA GLU C 137 -38.67 -8.81 19.77
C GLU C 137 -38.04 -8.44 21.10
N GLU C 138 -38.58 -7.38 21.72
CA GLU C 138 -37.98 -6.80 22.91
C GLU C 138 -38.58 -7.36 24.20
N HIS C 139 -39.89 -7.19 24.38
CA HIS C 139 -40.57 -7.57 25.61
C HIS C 139 -41.04 -9.02 25.60
N SER C 140 -40.80 -9.77 24.53
CA SER C 140 -41.27 -11.15 24.45
C SER C 140 -40.71 -11.97 25.60
N LEU C 141 -41.59 -12.72 26.26
CA LEU C 141 -41.20 -13.64 27.32
C LEU C 141 -41.27 -15.10 26.88
N GLN C 142 -41.49 -15.34 25.58
CA GLN C 142 -41.50 -16.68 25.02
C GLN C 142 -40.23 -16.87 24.20
N GLN C 143 -39.47 -17.91 24.51
CA GLN C 143 -38.16 -18.09 23.91
C GLN C 143 -38.28 -18.52 22.45
N VAL C 144 -37.24 -18.19 21.68
CA VAL C 144 -37.14 -18.54 20.27
C VAL C 144 -35.90 -19.41 20.09
N GLU C 145 -36.07 -20.56 19.44
CA GLU C 145 -34.98 -21.49 19.22
C GLU C 145 -34.55 -21.41 17.76
N LEU C 146 -33.25 -21.24 17.55
CA LEU C 146 -32.68 -21.17 16.21
C LEU C 146 -31.91 -22.46 15.91
N PRO C 147 -32.15 -23.10 14.77
CA PRO C 147 -31.38 -24.30 14.43
C PRO C 147 -30.01 -23.94 13.88
N LEU C 148 -29.12 -24.93 13.94
CA LEU C 148 -27.75 -24.79 13.47
C LEU C 148 -27.61 -25.38 12.08
N MET C 149 -27.17 -24.57 11.13
CA MET C 149 -26.84 -25.00 9.78
C MET C 149 -25.34 -24.81 9.58
N LEU C 150 -24.66 -25.83 9.09
CA LEU C 150 -23.21 -25.76 8.97
C LEU C 150 -22.71 -26.73 7.91
N TYR C 151 -21.73 -26.30 7.13
CA TYR C 151 -21.07 -27.13 6.13
C TYR C 151 -19.57 -26.96 6.27
N LEU C 152 -18.85 -28.06 6.44
CA LEU C 152 -17.39 -28.05 6.56
C LEU C 152 -16.81 -28.95 5.48
N GLY C 153 -16.29 -28.35 4.41
CA GLY C 153 -15.76 -29.09 3.29
C GLY C 153 -14.27 -29.37 3.45
N THR C 154 -13.69 -29.88 2.37
CA THR C 154 -12.26 -30.19 2.37
C THR C 154 -11.38 -28.94 2.38
N ALA C 155 -11.96 -27.76 2.13
CA ALA C 155 -11.22 -26.51 2.16
C ALA C 155 -11.34 -25.80 3.50
N ARG C 156 -11.74 -26.51 4.55
CA ARG C 156 -11.96 -25.90 5.85
C ARG C 156 -10.69 -25.52 6.57
N LEU C 157 -9.51 -25.66 5.94
CA LEU C 157 -8.25 -25.25 6.53
C LEU C 157 -7.49 -24.23 5.71
N TRP C 158 -7.98 -23.85 4.52
CA TRP C 158 -7.20 -23.02 3.62
C TRP C 158 -6.86 -21.68 4.25
N TYR C 159 -7.84 -21.02 4.87
CA TYR C 159 -7.63 -19.68 5.38
C TYR C 159 -6.65 -19.68 6.54
N GLN C 170 -15.76 -10.21 19.25
CA GLN C 170 -17.18 -10.52 19.13
C GLN C 170 -18.00 -9.81 20.20
N ARG C 171 -19.32 -9.86 20.07
CA ARG C 171 -20.22 -9.19 21.00
C ARG C 171 -20.68 -10.15 22.11
N LEU C 172 -21.21 -11.30 21.73
CA LEU C 172 -21.75 -12.27 22.69
C LEU C 172 -22.84 -11.63 23.54
N ASP C 173 -23.65 -10.78 22.92
CA ASP C 173 -24.78 -10.14 23.60
C ASP C 173 -25.96 -11.10 23.59
N ASN C 174 -27.13 -10.59 23.95
CA ASN C 174 -28.40 -11.30 23.82
C ASN C 174 -29.32 -10.56 22.87
N SER C 175 -28.74 -9.92 21.86
CA SER C 175 -29.46 -9.09 20.91
C SER C 175 -29.62 -9.80 19.59
N ALA C 176 -30.44 -9.21 18.71
CA ALA C 176 -30.69 -9.81 17.40
C ALA C 176 -29.42 -9.92 16.57
N PHE C 177 -28.59 -8.88 16.58
CA PHE C 177 -27.38 -8.89 15.77
C PHE C 177 -26.44 -10.00 16.20
N SER C 178 -26.15 -10.09 17.50
CA SER C 178 -25.27 -11.14 17.98
C SER C 178 -25.87 -12.52 17.74
N ARG C 179 -27.18 -12.67 17.99
CA ARG C 179 -27.83 -13.96 17.79
C ARG C 179 -27.70 -14.42 16.35
N LEU C 180 -28.03 -13.55 15.41
CA LEU C 180 -28.00 -13.90 13.99
C LEU C 180 -26.59 -13.90 13.42
N SER C 181 -25.59 -13.42 14.16
CA SER C 181 -24.22 -13.56 13.72
C SER C 181 -23.75 -15.01 13.73
N GLY C 182 -24.51 -15.92 14.33
CA GLY C 182 -24.15 -17.33 14.29
C GLY C 182 -24.32 -17.98 12.93
N TYR C 183 -25.02 -17.31 12.00
CA TYR C 183 -25.18 -17.77 10.63
C TYR C 183 -24.17 -17.13 9.68
N ASP C 184 -23.00 -16.75 10.19
CA ASP C 184 -22.00 -16.05 9.40
C ASP C 184 -21.16 -17.05 8.63
N ASP C 185 -21.30 -17.06 7.31
CA ASP C 185 -20.56 -17.97 6.43
C ASP C 185 -20.75 -19.41 6.89
N CYS C 186 -21.98 -19.76 7.24
CA CYS C 186 -22.25 -21.08 7.79
C CYS C 186 -22.24 -22.17 6.74
N LEU C 187 -22.64 -21.86 5.50
CA LEU C 187 -22.63 -22.84 4.42
C LEU C 187 -21.28 -22.92 3.72
N SER C 188 -20.32 -22.06 4.08
CA SER C 188 -18.96 -22.13 3.57
C SER C 188 -17.98 -21.91 4.71
N ALA C 189 -18.22 -22.57 5.84
CA ALA C 189 -17.48 -22.28 7.07
C ALA C 189 -16.04 -22.76 6.98
N THR C 190 -15.18 -22.11 7.77
CA THR C 190 -13.78 -22.45 7.88
C THR C 190 -13.42 -22.65 9.35
N SER C 191 -12.44 -23.51 9.60
CA SER C 191 -12.02 -23.80 10.98
C SER C 191 -10.56 -24.25 10.97
N ASN C 192 -9.67 -23.32 11.33
CA ASN C 192 -8.27 -23.64 11.58
C ASN C 192 -7.87 -23.07 12.93
N TYR C 193 -6.83 -23.66 13.53
CA TYR C 193 -6.55 -23.41 14.93
C TYR C 193 -6.07 -22.00 15.22
N LYS C 194 -5.58 -21.27 14.22
CA LYS C 194 -5.08 -19.91 14.48
C LYS C 194 -6.22 -18.98 14.94
N GLN C 195 -7.30 -18.93 14.16
CA GLN C 195 -8.42 -18.07 14.51
C GLN C 195 -9.08 -18.54 15.80
N PHE C 196 -9.19 -19.86 15.97
CA PHE C 196 -9.75 -20.41 17.21
C PHE C 196 -8.96 -19.92 18.41
N GLU C 197 -7.63 -20.03 18.34
CA GLU C 197 -6.80 -19.56 19.44
C GLU C 197 -7.00 -18.08 19.68
N GLN C 198 -7.09 -17.30 18.59
CA GLN C 198 -7.29 -15.86 18.75
C GLN C 198 -8.56 -15.54 19.55
N TRP C 199 -9.70 -16.07 19.11
CA TRP C 199 -10.94 -15.65 19.77
C TRP C 199 -11.12 -16.31 21.13
N TYR C 200 -10.63 -17.55 21.32
CA TYR C 200 -10.68 -18.15 22.64
C TYR C 200 -9.83 -17.37 23.63
N SER C 201 -8.64 -16.92 23.20
CA SER C 201 -7.79 -16.11 24.07
C SER C 201 -8.47 -14.80 24.43
N TRP C 202 -9.12 -14.15 23.46
CA TRP C 202 -9.85 -12.93 23.77
C TRP C 202 -10.92 -13.17 24.84
N LEU C 203 -11.71 -14.23 24.65
CA LEU C 203 -12.77 -14.55 25.61
C LEU C 203 -12.19 -14.77 27.00
N TRP C 204 -11.12 -15.56 27.09
CA TRP C 204 -10.53 -15.86 28.40
C TRP C 204 -9.94 -14.62 29.05
N LEU C 205 -9.34 -13.73 28.25
CA LEU C 205 -8.79 -12.50 28.82
C LEU C 205 -9.89 -11.64 29.43
N SER C 206 -11.01 -11.50 28.71
CA SER C 206 -12.12 -10.72 29.27
C SER C 206 -12.64 -11.34 30.56
N TYR C 207 -12.80 -12.68 30.57
CA TYR C 207 -13.28 -13.33 31.78
C TYR C 207 -12.32 -13.14 32.94
N ARG C 208 -11.01 -13.25 32.68
CA ARG C 208 -10.02 -13.07 33.73
C ARG C 208 -10.06 -11.66 34.29
N GLU C 209 -10.22 -10.66 33.42
CA GLU C 209 -10.33 -9.29 33.90
C GLU C 209 -11.52 -9.15 34.85
N HIS C 210 -12.69 -9.61 34.43
CA HIS C 210 -13.87 -9.46 35.27
C HIS C 210 -13.75 -10.29 36.56
N GLN C 211 -13.00 -11.39 36.51
CA GLN C 211 -12.82 -12.23 37.70
C GLN C 211 -11.87 -11.60 38.70
N ILE C 212 -10.80 -10.96 38.21
CA ILE C 212 -9.86 -10.29 39.10
C ILE C 212 -10.50 -9.06 39.73
N THR C 213 -11.33 -8.33 38.97
CA THR C 213 -11.98 -7.16 39.52
C THR C 213 -12.81 -7.51 40.75
N GLN C 214 -13.30 -8.75 40.84
CA GLN C 214 -14.05 -9.17 42.02
C GLN C 214 -13.13 -9.41 43.21
N LEU C 215 -11.96 -10.01 42.97
CA LEU C 215 -11.02 -10.21 44.07
C LEU C 215 -10.55 -8.89 44.64
N GLU C 216 -10.28 -7.91 43.78
CA GLU C 216 -9.74 -6.64 44.26
C GLU C 216 -10.72 -5.94 45.20
N SER C 217 -11.99 -5.88 44.81
CA SER C 217 -13.01 -5.14 45.57
C SER C 217 -14.22 -6.04 45.77
N PRO C 218 -14.15 -7.00 46.72
CA PRO C 218 -15.27 -7.90 47.02
C PRO C 218 -16.57 -7.15 47.28
N GLU C 224 -21.53 -5.56 36.25
CA GLU C 224 -21.52 -7.01 36.07
C GLU C 224 -22.86 -7.49 35.53
N GLY C 225 -23.08 -8.79 35.59
CA GLY C 225 -24.36 -9.36 35.21
C GLY C 225 -24.36 -10.10 33.90
N VAL C 226 -25.01 -9.51 32.89
CA VAL C 226 -25.26 -10.25 31.64
C VAL C 226 -23.96 -10.66 30.97
N ARG C 227 -23.03 -9.71 30.80
CA ARG C 227 -21.81 -9.99 30.07
C ARG C 227 -20.97 -11.06 30.76
N VAL C 228 -20.79 -10.93 32.07
CA VAL C 228 -19.96 -11.88 32.81
C VAL C 228 -20.55 -13.29 32.75
N GLN C 229 -21.86 -13.39 32.96
CA GLN C 229 -22.50 -14.70 32.96
C GLN C 229 -22.49 -15.33 31.58
N ARG C 230 -22.68 -14.52 30.54
CA ARG C 230 -22.58 -15.06 29.18
C ARG C 230 -21.19 -15.58 28.90
N MET C 231 -20.15 -14.84 29.30
CA MET C 231 -18.78 -15.33 29.11
C MET C 231 -18.55 -16.64 29.86
N LYS C 232 -18.98 -16.71 31.12
CA LYS C 232 -18.79 -17.93 31.89
C LYS C 232 -19.50 -19.11 31.26
N GLU C 233 -20.76 -18.90 30.82
CA GLU C 233 -21.51 -19.99 30.21
C GLU C 233 -20.85 -20.47 28.93
N ALA C 234 -20.38 -19.54 28.10
CA ALA C 234 -19.71 -19.94 26.86
C ALA C 234 -18.47 -20.77 27.16
N ILE C 235 -17.67 -20.33 28.14
CA ILE C 235 -16.44 -21.06 28.46
C ILE C 235 -16.79 -22.46 28.97
N GLN C 236 -17.79 -22.57 29.85
CA GLN C 236 -18.16 -23.88 30.38
C GLN C 236 -18.62 -24.81 29.28
N ALA C 237 -19.48 -24.31 28.37
CA ALA C 237 -19.98 -25.16 27.30
C ALA C 237 -18.86 -25.64 26.39
N ILE C 238 -17.95 -24.74 26.00
CA ILE C 238 -16.87 -25.14 25.10
C ILE C 238 -15.96 -26.15 25.77
N GLN C 239 -15.64 -25.93 27.06
CA GLN C 239 -14.80 -26.88 27.77
C GLN C 239 -15.43 -28.25 27.84
N GLN C 240 -16.73 -28.30 28.13
CA GLN C 240 -17.42 -29.60 28.19
C GLN C 240 -17.38 -30.30 26.84
N ALA C 241 -17.61 -29.54 25.76
CA ALA C 241 -17.59 -30.16 24.44
C ALA C 241 -16.23 -30.73 24.10
N ILE C 242 -15.16 -29.99 24.39
CA ILE C 242 -13.82 -30.52 24.09
C ILE C 242 -13.47 -31.70 25.00
N ASN C 243 -13.94 -31.67 26.25
CA ASN C 243 -13.73 -32.80 27.14
C ASN C 243 -14.36 -34.05 26.58
N CYS C 244 -15.56 -33.94 26.01
CA CYS C 244 -16.18 -35.10 25.37
C CYS C 244 -15.29 -35.70 24.28
N LEU C 245 -14.28 -34.97 23.81
CA LEU C 245 -13.38 -35.47 22.79
C LEU C 245 -12.08 -36.03 23.36
N THR C 246 -11.43 -35.30 24.28
CA THR C 246 -10.06 -35.64 24.65
C THR C 246 -9.93 -36.41 25.96
N GLN C 247 -10.95 -36.45 26.81
CA GLN C 247 -10.76 -36.91 28.18
C GLN C 247 -10.74 -38.43 28.33
N GLN C 248 -11.16 -39.19 27.32
CA GLN C 248 -11.18 -40.65 27.44
C GLN C 248 -9.95 -41.30 26.84
N VAL C 249 -9.55 -40.91 25.63
CA VAL C 249 -8.34 -41.47 25.04
C VAL C 249 -7.13 -41.14 25.92
N THR C 250 -7.06 -39.90 26.40
CA THR C 250 -6.01 -39.49 27.32
C THR C 250 -6.65 -38.91 28.57
N GLY C 251 -5.84 -38.30 29.45
CA GLY C 251 -6.34 -37.66 30.64
C GLY C 251 -6.52 -36.16 30.51
N TRP C 252 -6.32 -35.60 29.33
CA TRP C 252 -6.38 -34.15 29.16
C TRP C 252 -7.80 -33.64 29.34
N HIS C 253 -7.93 -32.48 29.97
CA HIS C 253 -9.25 -31.88 30.15
C HIS C 253 -9.09 -30.40 30.50
N ASP C 254 -10.18 -29.65 30.33
CA ASP C 254 -10.29 -28.27 30.76
C ASP C 254 -9.22 -27.38 30.10
N LEU C 255 -9.36 -27.26 28.78
CA LEU C 255 -8.53 -26.32 28.03
C LEU C 255 -8.76 -24.90 28.53
N GLU C 256 -7.67 -24.16 28.77
CA GLU C 256 -7.74 -22.82 29.33
C GLU C 256 -6.71 -21.92 28.63
N TYR C 257 -6.72 -20.66 29.02
CA TYR C 257 -5.66 -19.73 28.67
C TYR C 257 -4.90 -19.36 29.94
N SER C 258 -3.58 -19.47 29.88
CA SER C 258 -2.73 -19.23 31.04
C SER C 258 -1.70 -18.16 30.68
N ALA C 259 -1.74 -17.04 31.40
CA ALA C 259 -0.72 -16.02 31.25
C ALA C 259 0.57 -16.42 31.95
N SER C 260 0.46 -17.16 33.04
CA SER C 260 1.65 -17.60 33.78
C SER C 260 2.52 -18.51 32.91
N HIS C 261 1.91 -19.39 32.14
CA HIS C 261 2.63 -20.32 31.26
C HIS C 261 2.99 -19.67 29.93
N ASN C 262 3.60 -18.49 30.00
CA ASN C 262 4.03 -17.75 28.81
C ASN C 262 2.87 -17.50 27.85
N GLN C 263 1.70 -17.15 28.40
CA GLN C 263 0.57 -16.67 27.61
C GLN C 263 0.20 -17.67 26.51
N GLN C 264 -0.23 -18.85 26.96
CA GLN C 264 -0.55 -19.95 26.06
C GLN C 264 -1.80 -20.66 26.53
N LEU C 265 -2.40 -21.41 25.62
CA LEU C 265 -3.49 -22.32 25.95
C LEU C 265 -2.90 -23.64 26.45
N VAL C 266 -3.44 -24.16 27.54
CA VAL C 266 -2.93 -25.36 28.19
C VAL C 266 -4.07 -26.29 28.54
N MET C 267 -3.72 -27.55 28.78
CA MET C 267 -4.65 -28.57 29.24
C MET C 267 -4.09 -29.22 30.51
N SER C 268 -4.99 -29.80 31.30
CA SER C 268 -4.65 -30.37 32.59
C SER C 268 -4.69 -31.90 32.53
N HIS C 269 -3.69 -32.52 33.14
CA HIS C 269 -3.62 -33.98 33.28
C HIS C 269 -3.44 -34.31 34.75
N PRO C 270 -4.23 -35.23 35.31
CA PRO C 270 -4.11 -35.51 36.75
C PRO C 270 -2.73 -35.95 37.18
N GLN C 271 -1.97 -36.63 36.32
CA GLN C 271 -0.64 -37.13 36.68
C GLN C 271 0.50 -36.28 36.16
N TYR C 272 0.28 -35.48 35.12
CA TYR C 272 1.36 -34.73 34.48
C TYR C 272 1.28 -33.23 34.65
N GLY C 273 0.14 -32.70 35.11
CA GLY C 273 0.00 -31.27 35.27
C GLY C 273 -0.49 -30.58 34.00
N LYS C 274 0.08 -29.42 33.69
CA LYS C 274 -0.32 -28.63 32.54
C LYS C 274 0.62 -28.92 31.36
N ILE C 275 0.05 -28.91 30.16
CA ILE C 275 0.84 -29.07 28.94
C ILE C 275 0.35 -28.07 27.90
N PRO C 276 1.22 -27.47 27.09
CA PRO C 276 0.74 -26.53 26.08
C PRO C 276 0.04 -27.23 24.94
N LEU C 277 -0.97 -26.55 24.37
CA LEU C 277 -1.69 -27.08 23.23
C LEU C 277 -0.89 -27.02 21.94
N SER C 278 0.15 -26.19 21.89
CA SER C 278 0.91 -26.00 20.66
C SER C 278 1.98 -27.06 20.44
N GLN C 279 2.14 -28.01 21.36
CA GLN C 279 3.10 -29.09 21.21
C GLN C 279 2.48 -30.34 20.60
N LEU C 280 1.22 -30.28 20.19
CA LEU C 280 0.53 -31.43 19.62
C LEU C 280 0.59 -31.38 18.09
N SER C 281 0.09 -32.45 17.46
CA SER C 281 0.11 -32.55 16.02
C SER C 281 -1.03 -31.75 15.41
N ASP C 282 -0.85 -31.37 14.13
CA ASP C 282 -1.82 -30.51 13.47
C ASP C 282 -3.20 -31.13 13.43
N GLY C 283 -3.28 -32.44 13.24
CA GLY C 283 -4.59 -33.08 13.12
C GLY C 283 -5.43 -32.93 14.37
N LEU C 284 -4.82 -33.19 15.54
CA LEU C 284 -5.57 -33.09 16.79
C LEU C 284 -5.94 -31.64 17.11
N ARG C 285 -5.03 -30.71 16.82
CA ARG C 285 -5.34 -29.30 17.01
C ARG C 285 -6.51 -28.87 16.14
N ASN C 286 -6.54 -29.33 14.89
CA ASN C 286 -7.63 -28.97 14.00
C ASN C 286 -8.94 -29.62 14.45
N ALA C 287 -8.88 -30.85 14.96
CA ALA C 287 -10.09 -31.48 15.49
C ALA C 287 -10.64 -30.69 16.68
N VAL C 288 -9.76 -30.27 17.58
CA VAL C 288 -10.18 -29.44 18.71
C VAL C 288 -10.79 -28.14 18.21
N ALA C 289 -10.17 -27.52 17.20
CA ALA C 289 -10.71 -26.28 16.66
C ALA C 289 -12.10 -26.48 16.07
N MET C 290 -12.31 -27.60 15.36
CA MET C 290 -13.62 -27.88 14.78
C MET C 290 -14.68 -28.04 15.85
N VAL C 291 -14.40 -28.85 16.87
CA VAL C 291 -15.37 -29.06 17.94
C VAL C 291 -15.67 -27.75 18.65
N ALA C 292 -14.63 -26.95 18.92
CA ALA C 292 -14.82 -25.69 19.61
C ALA C 292 -15.64 -24.71 18.77
N ASP C 293 -15.42 -24.69 17.45
CA ASP C 293 -16.19 -23.79 16.60
C ASP C 293 -17.66 -24.17 16.58
N ILE C 294 -17.96 -25.48 16.50
CA ILE C 294 -19.36 -25.90 16.56
C ILE C 294 -19.98 -25.48 17.89
N ALA C 295 -19.24 -25.69 18.99
CA ALA C 295 -19.77 -25.32 20.31
C ALA C 295 -20.02 -23.83 20.42
N PHE C 296 -19.10 -23.01 19.91
CA PHE C 296 -19.26 -21.56 20.01
C PHE C 296 -20.43 -21.08 19.18
N ARG C 297 -20.61 -21.64 17.98
CA ARG C 297 -21.79 -21.28 17.19
C ARG C 297 -23.07 -21.65 17.91
N CYS C 298 -23.11 -22.83 18.53
CA CYS C 298 -24.28 -23.22 19.30
C CYS C 298 -24.54 -22.24 20.43
N VAL C 299 -23.49 -21.82 21.13
CA VAL C 299 -23.65 -20.86 22.22
C VAL C 299 -24.20 -19.54 21.71
N LYS C 300 -23.67 -19.04 20.59
CA LYS C 300 -24.15 -17.77 20.06
C LYS C 300 -25.61 -17.86 19.64
N LEU C 301 -26.00 -18.97 19.02
CA LEU C 301 -27.34 -19.04 18.42
C LEU C 301 -28.44 -18.99 19.47
N ASN C 302 -28.25 -19.65 20.61
CA ASN C 302 -29.29 -19.81 21.63
C ASN C 302 -28.76 -19.34 22.97
N PRO C 303 -28.75 -18.03 23.23
CA PRO C 303 -28.28 -17.54 24.53
C PRO C 303 -29.10 -18.03 25.71
N HIS C 304 -30.40 -18.28 25.53
CA HIS C 304 -31.29 -18.59 26.65
C HIS C 304 -31.05 -19.98 27.22
N LEU C 305 -30.23 -20.82 26.59
CA LEU C 305 -29.94 -22.14 27.11
C LEU C 305 -28.76 -22.17 28.07
N GLN C 306 -28.03 -21.06 28.18
CA GLN C 306 -26.93 -20.91 29.15
C GLN C 306 -25.86 -21.94 28.83
N ASN C 307 -25.51 -22.84 29.75
CA ASN C 307 -24.39 -23.77 29.54
C ASN C 307 -24.82 -25.10 28.95
N ASP C 308 -26.08 -25.24 28.56
CA ASP C 308 -26.58 -26.43 27.86
C ASP C 308 -26.90 -26.14 26.40
N ALA C 309 -26.35 -25.06 25.85
CA ALA C 309 -26.64 -24.71 24.45
C ALA C 309 -26.12 -25.79 23.51
N ALA C 310 -24.93 -26.33 23.77
CA ALA C 310 -24.39 -27.38 22.91
C ALA C 310 -25.15 -28.68 23.08
N LEU C 311 -25.74 -28.92 24.25
CA LEU C 311 -26.43 -30.17 24.53
C LEU C 311 -27.91 -30.13 24.16
N LYS C 312 -28.46 -28.96 23.85
CA LYS C 312 -29.88 -28.86 23.55
C LYS C 312 -30.19 -28.16 22.23
N THR C 313 -29.18 -27.82 21.43
CA THR C 313 -29.42 -27.21 20.13
C THR C 313 -29.64 -28.30 19.08
N GLN C 314 -30.52 -27.99 18.13
CA GLN C 314 -30.85 -28.89 17.03
C GLN C 314 -30.45 -28.25 15.71
N GLY C 315 -30.15 -29.10 14.73
CA GLY C 315 -29.74 -28.62 13.43
C GLY C 315 -29.09 -29.72 12.63
N ILE C 316 -28.38 -29.29 11.58
CA ILE C 316 -27.70 -30.19 10.66
C ILE C 316 -26.26 -29.71 10.48
N VAL C 317 -25.32 -30.63 10.56
CA VAL C 317 -23.91 -30.35 10.32
C VAL C 317 -23.40 -31.33 9.27
N LEU C 318 -22.75 -30.80 8.24
CA LEU C 318 -22.20 -31.58 7.13
C LEU C 318 -20.69 -31.52 7.19
N ILE C 319 -20.03 -32.67 7.17
CA ILE C 319 -18.57 -32.74 7.21
C ILE C 319 -18.10 -33.63 6.07
N ASP C 320 -17.11 -33.15 5.33
CA ASP C 320 -16.50 -33.90 4.24
C ASP C 320 -15.10 -34.35 4.67
N GLU C 321 -14.82 -35.63 4.50
CA GLU C 321 -13.55 -36.21 4.92
C GLU C 321 -13.33 -36.01 6.42
N VAL C 322 -14.20 -36.64 7.21
CA VAL C 322 -14.20 -36.44 8.65
C VAL C 322 -12.89 -36.86 9.30
N ASP C 323 -12.08 -37.68 8.62
CA ASP C 323 -10.87 -38.25 9.19
C ASP C 323 -9.62 -37.68 8.52
N MET C 324 -9.63 -36.39 8.20
CA MET C 324 -8.46 -35.78 7.60
C MET C 324 -7.34 -35.60 8.62
N PHE C 325 -6.14 -36.01 8.25
CA PHE C 325 -4.93 -35.80 9.05
C PHE C 325 -5.07 -36.38 10.46
N LEU C 326 -5.86 -37.45 10.60
CA LEU C 326 -6.07 -38.10 11.89
C LEU C 326 -5.32 -39.42 11.94
N HIS C 327 -4.60 -39.63 13.04
CA HIS C 327 -3.91 -40.89 13.25
C HIS C 327 -4.93 -42.01 13.43
N PRO C 328 -4.59 -43.25 13.06
CA PRO C 328 -5.56 -44.35 13.20
C PRO C 328 -6.06 -44.53 14.63
N ALA C 329 -5.34 -44.02 15.62
CA ALA C 329 -5.81 -44.09 17.00
C ALA C 329 -6.98 -43.15 17.24
N TRP C 330 -6.98 -41.97 16.60
CA TRP C 330 -8.03 -40.98 16.76
C TRP C 330 -9.20 -41.20 15.80
N GLN C 331 -8.99 -41.93 14.71
CA GLN C 331 -10.09 -42.24 13.81
C GLN C 331 -11.13 -43.16 14.45
N GLN C 332 -10.76 -43.86 15.52
CA GLN C 332 -11.66 -44.79 16.18
C GLN C 332 -12.49 -44.12 17.28
N GLN C 333 -12.23 -42.86 17.60
CA GLN C 333 -12.89 -42.17 18.70
C GLN C 333 -13.35 -40.78 18.29
N ILE C 334 -13.88 -40.65 17.09
CA ILE C 334 -14.29 -39.36 16.55
C ILE C 334 -15.80 -39.26 16.37
N ILE C 335 -16.44 -40.34 15.92
CA ILE C 335 -17.89 -40.32 15.75
C ILE C 335 -18.59 -40.30 17.11
N GLN C 336 -18.12 -41.13 18.04
CA GLN C 336 -18.72 -41.15 19.37
C GLN C 336 -18.52 -39.83 20.10
N SER C 337 -17.39 -39.16 19.87
CA SER C 337 -17.16 -37.86 20.48
C SER C 337 -18.20 -36.85 20.00
N LEU C 338 -18.46 -36.83 18.69
CA LEU C 338 -19.46 -35.92 18.14
C LEU C 338 -20.85 -36.26 18.65
N ARG C 339 -21.17 -37.55 18.74
CA ARG C 339 -22.49 -37.95 19.22
C ARG C 339 -22.68 -37.58 20.69
N SER C 340 -21.61 -37.68 21.49
CA SER C 340 -21.71 -37.36 22.91
C SER C 340 -21.74 -35.86 23.16
N ALA C 341 -21.00 -35.08 22.36
CA ALA C 341 -20.93 -33.64 22.61
C ALA C 341 -22.19 -32.91 22.15
N PHE C 342 -22.80 -33.35 21.05
CA PHE C 342 -23.96 -32.70 20.46
C PHE C 342 -25.04 -33.76 20.24
N PRO C 343 -25.74 -34.19 21.30
CA PRO C 343 -26.65 -35.33 21.17
C PRO C 343 -27.95 -35.03 20.45
N GLN C 344 -28.21 -33.79 20.03
CA GLN C 344 -29.46 -33.43 19.38
C GLN C 344 -29.27 -32.95 17.94
N ILE C 345 -28.07 -33.12 17.38
CA ILE C 345 -27.77 -32.64 16.03
C ILE C 345 -27.69 -33.84 15.10
N GLN C 346 -28.04 -33.62 13.83
CA GLN C 346 -28.00 -34.63 12.80
C GLN C 346 -26.72 -34.46 11.99
N PHE C 347 -25.83 -35.45 12.08
CA PHE C 347 -24.56 -35.43 11.37
C PHE C 347 -24.66 -36.28 10.11
N ILE C 348 -24.14 -35.74 9.01
CA ILE C 348 -24.01 -36.48 7.75
C ILE C 348 -22.57 -36.28 7.28
N VAL C 349 -21.77 -37.35 7.35
CA VAL C 349 -20.34 -37.27 7.10
C VAL C 349 -19.97 -38.28 6.01
N THR C 350 -18.75 -38.14 5.51
CA THR C 350 -18.19 -39.04 4.50
C THR C 350 -16.79 -39.46 4.91
N THR C 351 -16.40 -40.65 4.48
CA THR C 351 -15.06 -41.16 4.77
C THR C 351 -14.80 -42.40 3.92
N HIS C 352 -13.53 -42.79 3.86
CA HIS C 352 -13.12 -44.06 3.26
C HIS C 352 -12.21 -44.87 4.18
N SER C 353 -12.05 -44.46 5.43
CA SER C 353 -11.21 -45.17 6.39
C SER C 353 -11.99 -46.26 7.10
N PRO C 354 -11.48 -47.50 7.17
CA PRO C 354 -12.22 -48.55 7.87
C PRO C 354 -12.16 -48.45 9.39
N GLN C 355 -11.18 -47.75 9.94
CA GLN C 355 -11.13 -47.57 11.39
C GLN C 355 -12.36 -46.80 11.88
N VAL C 356 -12.78 -45.79 11.12
CA VAL C 356 -14.00 -45.05 11.48
C VAL C 356 -15.21 -45.98 11.42
N LEU C 357 -15.29 -46.81 10.37
CA LEU C 357 -16.44 -47.68 10.19
C LEU C 357 -16.51 -48.79 11.22
N SER C 358 -15.39 -49.18 11.80
CA SER C 358 -15.39 -50.28 12.78
C SER C 358 -16.03 -49.90 14.10
N THR C 359 -16.65 -48.72 14.25
CA THR C 359 -17.21 -48.30 15.53
C THR C 359 -18.65 -47.81 15.39
N VAL C 360 -19.35 -48.17 14.32
CA VAL C 360 -20.72 -47.75 14.09
C VAL C 360 -21.55 -48.97 13.70
N LYS C 361 -22.86 -48.85 13.88
CA LYS C 361 -23.78 -49.88 13.45
C LYS C 361 -23.97 -49.80 11.93
N ARG C 362 -24.48 -50.91 11.36
CA ARG C 362 -24.66 -50.96 9.92
C ARG C 362 -25.87 -50.19 9.45
N GLU C 363 -26.73 -49.75 10.38
CA GLU C 363 -27.89 -48.94 9.99
C GLU C 363 -27.48 -47.51 9.64
N SER C 364 -26.28 -47.08 10.05
CA SER C 364 -25.83 -45.71 9.85
C SER C 364 -24.85 -45.57 8.69
N ILE C 365 -24.73 -46.59 7.84
CA ILE C 365 -23.77 -46.60 6.75
C ILE C 365 -24.52 -46.71 5.43
N ARG C 366 -24.05 -45.96 4.44
CA ARG C 366 -24.59 -46.03 3.08
C ARG C 366 -23.43 -46.23 2.12
N LEU C 367 -23.53 -47.26 1.28
CA LEU C 367 -22.54 -47.53 0.25
C LEU C 367 -23.07 -47.07 -1.10
N LEU C 368 -22.31 -46.22 -1.77
CA LEU C 368 -22.71 -45.65 -3.05
C LEU C 368 -22.10 -46.45 -4.20
N GLU C 369 -22.95 -46.86 -5.14
CA GLU C 369 -22.50 -47.54 -6.34
C GLU C 369 -23.33 -47.05 -7.52
N GLN C 370 -22.96 -47.52 -8.71
CA GLN C 370 -23.64 -47.17 -9.95
C GLN C 370 -23.67 -48.39 -10.87
N ASP C 371 -24.31 -48.22 -12.02
CA ASP C 371 -24.29 -49.19 -13.10
C ASP C 371 -23.70 -48.52 -14.34
N GLU C 372 -23.67 -49.27 -15.45
CA GLU C 372 -23.10 -48.75 -16.68
C GLU C 372 -23.89 -47.54 -17.18
N ASN C 373 -25.18 -47.47 -16.90
CA ASN C 373 -26.04 -46.43 -17.43
C ASN C 373 -26.16 -45.22 -16.50
N GLY C 374 -25.61 -45.28 -15.29
CA GLY C 374 -25.58 -44.15 -14.39
C GLY C 374 -26.66 -44.14 -13.32
N ASN C 375 -27.40 -45.23 -13.15
CA ASN C 375 -28.39 -45.30 -12.09
C ASN C 375 -27.70 -45.60 -10.76
N GLY C 376 -27.82 -44.67 -9.81
CA GLY C 376 -27.14 -44.78 -8.55
C GLY C 376 -27.94 -45.53 -7.51
N LYS C 377 -27.22 -46.09 -6.53
CA LYS C 377 -27.84 -46.78 -5.41
C LYS C 377 -27.10 -46.39 -4.14
N ALA C 378 -27.81 -46.47 -3.01
CA ALA C 378 -27.25 -46.18 -1.69
C ALA C 378 -27.88 -47.16 -0.71
N LEU C 379 -27.12 -48.17 -0.30
CA LEU C 379 -27.64 -49.30 0.45
C LEU C 379 -26.85 -49.52 1.73
N MET C 380 -27.48 -50.20 2.67
CA MET C 380 -26.80 -50.58 3.91
C MET C 380 -25.84 -51.73 3.64
N PRO C 381 -24.74 -51.83 4.39
CA PRO C 381 -23.87 -52.99 4.26
C PRO C 381 -24.59 -54.27 4.64
N LEU C 382 -24.23 -55.37 3.96
CA LEU C 382 -24.88 -56.65 4.23
C LEU C 382 -24.39 -57.25 5.54
N GLY C 383 -23.09 -57.13 5.84
CA GLY C 383 -22.51 -57.70 7.04
C GLY C 383 -22.49 -56.73 8.19
N ALA C 384 -21.94 -57.20 9.31
CA ALA C 384 -21.83 -56.39 10.52
C ALA C 384 -20.52 -55.64 10.54
N THR C 385 -20.52 -54.49 11.23
CA THR C 385 -19.34 -53.63 11.31
C THR C 385 -19.06 -53.12 12.72
N TYR C 386 -19.96 -53.29 13.68
CA TYR C 386 -19.76 -52.78 15.03
C TYR C 386 -18.79 -53.68 15.78
N GLY C 387 -17.77 -53.07 16.39
CA GLY C 387 -16.80 -53.83 17.15
C GLY C 387 -16.09 -54.88 16.32
N GLU C 388 -15.78 -54.57 15.07
CA GLU C 388 -15.20 -55.51 14.13
C GLU C 388 -13.76 -55.12 13.83
N PRO C 389 -12.86 -56.09 13.63
CA PRO C 389 -11.47 -55.74 13.29
C PRO C 389 -11.40 -54.98 11.97
N SER C 390 -10.39 -54.12 11.86
CA SER C 390 -10.27 -53.25 10.69
C SER C 390 -10.08 -54.06 9.41
N ASN C 391 -9.31 -55.15 9.47
CA ASN C 391 -9.09 -55.93 8.27
C ASN C 391 -10.37 -56.59 7.78
N ASP C 392 -11.23 -57.04 8.70
CA ASP C 392 -12.50 -57.62 8.29
C ASP C 392 -13.40 -56.59 7.61
N VAL C 393 -13.46 -55.37 8.15
CA VAL C 393 -14.25 -54.32 7.53
C VAL C 393 -13.67 -53.96 6.17
N LEU C 394 -12.34 -53.91 6.07
CA LEU C 394 -11.70 -53.62 4.79
C LEU C 394 -12.05 -54.67 3.74
N GLN C 395 -12.05 -55.95 4.14
CA GLN C 395 -12.33 -57.01 3.18
C GLN C 395 -13.81 -57.05 2.80
N SER C 396 -14.70 -56.81 3.76
CA SER C 396 -16.13 -56.99 3.53
C SER C 396 -16.79 -55.72 2.98
N VAL C 397 -16.69 -54.61 3.71
CA VAL C 397 -17.38 -53.39 3.31
C VAL C 397 -16.76 -52.83 2.04
N MET C 398 -15.43 -52.74 2.00
CA MET C 398 -14.74 -52.07 0.90
C MET C 398 -14.27 -53.01 -0.20
N GLY C 399 -14.16 -54.31 0.09
CA GLY C 399 -13.72 -55.24 -0.93
C GLY C 399 -12.25 -55.20 -1.25
N VAL C 400 -11.43 -54.71 -0.33
CA VAL C 400 -9.99 -54.60 -0.53
C VAL C 400 -9.30 -55.66 0.33
N ASP C 401 -8.42 -56.43 -0.30
CA ASP C 401 -7.68 -57.46 0.42
C ASP C 401 -6.67 -56.81 1.36
N PRO C 402 -6.66 -57.15 2.65
CA PRO C 402 -5.68 -56.53 3.55
C PRO C 402 -4.23 -56.85 3.21
N GLN C 403 -3.99 -57.82 2.33
CA GLN C 403 -2.63 -58.20 1.96
C GLN C 403 -2.27 -57.57 0.63
N PRO C 404 -1.25 -56.72 0.54
CA PRO C 404 -0.95 -56.06 -0.73
C PRO C 404 -0.46 -57.04 -1.78
N ALA C 405 -0.67 -56.66 -3.05
CA ALA C 405 -0.28 -57.50 -4.18
C ALA C 405 1.11 -57.09 -4.65
N VAL C 406 2.11 -57.53 -3.89
CA VAL C 406 3.52 -57.31 -4.23
C VAL C 406 3.89 -58.24 -5.38
N LYS C 407 5.09 -58.02 -5.95
CA LYS C 407 5.45 -58.71 -7.17
C LYS C 407 5.44 -60.23 -7.00
N GLU C 408 5.97 -60.73 -5.89
CA GLU C 408 6.13 -62.16 -5.68
C GLU C 408 4.94 -62.81 -4.96
N LYS C 409 3.81 -62.11 -4.87
CA LYS C 409 2.66 -62.68 -4.18
C LYS C 409 2.16 -63.95 -4.89
N ALA C 410 2.05 -63.91 -6.21
CA ALA C 410 1.58 -65.07 -6.95
C ALA C 410 2.53 -66.25 -6.82
N ASP C 411 3.84 -65.98 -6.88
CA ASP C 411 4.81 -67.05 -6.72
C ASP C 411 4.72 -67.67 -5.33
N LEU C 412 4.56 -66.84 -4.29
CA LEU C 412 4.44 -67.37 -2.94
C LEU C 412 3.18 -68.22 -2.80
N GLN C 413 2.07 -67.76 -3.36
CA GLN C 413 0.84 -68.55 -3.30
C GLN C 413 1.00 -69.88 -4.02
N LYS C 414 1.64 -69.87 -5.20
CA LYS C 414 1.84 -71.10 -5.95
C LYS C 414 2.73 -72.07 -5.17
N LEU C 415 3.81 -71.56 -4.57
CA LEU C 415 4.69 -72.42 -3.79
C LEU C 415 3.97 -72.99 -2.58
N THR C 416 3.16 -72.17 -1.90
CA THR C 416 2.39 -72.67 -0.76
C THR C 416 1.44 -73.77 -1.20
N GLY C 417 0.74 -73.57 -2.32
CA GLY C 417 -0.14 -74.61 -2.81
C GLY C 417 0.61 -75.90 -3.13
N TRP C 418 1.74 -75.79 -3.84
CA TRP C 418 2.51 -76.97 -4.20
C TRP C 418 2.99 -77.71 -2.95
N VAL C 419 3.49 -76.98 -1.96
CA VAL C 419 3.99 -77.63 -0.75
C VAL C 419 2.84 -78.26 0.04
N ASP C 420 1.65 -77.66 -0.04
CA ASP C 420 0.52 -78.19 0.73
C ASP C 420 0.15 -79.59 0.30
N GLN C 421 0.13 -79.85 -1.01
CA GLN C 421 -0.28 -81.16 -1.52
C GLN C 421 0.85 -82.18 -1.48
N GLY C 422 2.04 -81.81 -1.03
CA GLY C 422 3.13 -82.76 -0.89
C GLY C 422 3.86 -83.04 -2.19
N LYS C 423 4.46 -81.99 -2.78
CA LYS C 423 5.28 -82.11 -3.97
C LYS C 423 6.60 -81.40 -3.79
N TYR C 424 7.08 -81.32 -2.55
CA TYR C 424 8.29 -80.56 -2.26
C TYR C 424 9.55 -81.16 -2.88
N ASP C 425 9.52 -82.44 -3.23
CA ASP C 425 10.70 -83.13 -3.72
C ASP C 425 10.92 -82.99 -5.22
N GLU C 426 9.98 -82.38 -5.94
CA GLU C 426 10.16 -82.19 -7.37
C GLU C 426 11.19 -81.09 -7.65
N PRO C 427 11.95 -81.20 -8.75
CA PRO C 427 12.97 -80.18 -9.02
C PRO C 427 12.39 -78.78 -9.19
N LYS C 428 11.22 -78.65 -9.82
CA LYS C 428 10.66 -77.33 -10.06
C LYS C 428 10.32 -76.63 -8.75
N THR C 429 9.82 -77.37 -7.76
CA THR C 429 9.52 -76.77 -6.47
C THR C 429 10.79 -76.23 -5.83
N GLN C 430 11.89 -77.00 -5.88
CA GLN C 430 13.14 -76.54 -5.30
C GLN C 430 13.68 -75.33 -6.04
N GLN C 431 13.56 -75.31 -7.37
CA GLN C 431 14.02 -74.15 -8.13
C GLN C 431 13.22 -72.90 -7.76
N LEU C 432 11.91 -73.02 -7.64
CA LEU C 432 11.09 -71.89 -7.22
C LEU C 432 11.45 -71.45 -5.81
N MET C 433 11.72 -72.41 -4.92
CA MET C 433 12.11 -72.06 -3.56
C MET C 433 13.41 -71.28 -3.56
N VAL C 434 14.40 -71.70 -4.36
CA VAL C 434 15.66 -70.99 -4.42
C VAL C 434 15.47 -69.59 -4.99
N ALA C 435 14.66 -69.46 -6.04
CA ALA C 435 14.40 -68.14 -6.61
C ALA C 435 13.76 -67.21 -5.58
N LEU C 436 12.77 -67.71 -4.84
CA LEU C 436 12.13 -66.88 -3.83
C LEU C 436 13.08 -66.57 -2.68
N GLU C 437 13.97 -67.51 -2.33
CA GLU C 437 14.95 -67.22 -1.29
C GLU C 437 15.87 -66.08 -1.71
N VAL C 438 16.36 -66.12 -2.95
CA VAL C 438 17.26 -65.06 -3.40
C VAL C 438 16.51 -63.73 -3.51
N ALA C 439 15.24 -63.76 -3.92
CA ALA C 439 14.50 -62.52 -4.07
C ALA C 439 14.10 -61.92 -2.72
N LEU C 440 13.28 -62.65 -1.96
CA LEU C 440 12.75 -62.13 -0.71
C LEU C 440 13.77 -62.18 0.42
N GLY C 441 14.60 -63.21 0.46
CA GLY C 441 15.56 -63.40 1.53
C GLY C 441 15.30 -64.69 2.30
N GLU C 442 16.30 -65.07 3.10
CA GLU C 442 16.24 -66.30 3.86
C GLU C 442 15.46 -66.18 5.16
N LYS C 443 15.20 -64.97 5.64
CA LYS C 443 14.46 -64.77 6.88
C LYS C 443 13.02 -64.34 6.64
N HIS C 444 12.50 -64.56 5.45
CA HIS C 444 11.11 -64.24 5.18
C HIS C 444 10.21 -65.18 5.99
N PRO C 445 9.26 -64.66 6.76
CA PRO C 445 8.45 -65.56 7.60
C PRO C 445 7.73 -66.65 6.83
N GLN C 446 7.19 -66.34 5.65
CA GLN C 446 6.46 -67.35 4.88
C GLN C 446 7.38 -68.45 4.40
N LEU C 447 8.59 -68.09 3.93
CA LEU C 447 9.53 -69.12 3.49
C LEU C 447 9.95 -70.00 4.66
N GLN C 448 10.17 -69.41 5.83
CA GLN C 448 10.52 -70.21 7.00
C GLN C 448 9.39 -71.14 7.39
N ARG C 449 8.14 -70.66 7.32
CA ARG C 449 7.00 -71.53 7.58
C ARG C 449 6.96 -72.69 6.61
N LEU C 450 7.21 -72.41 5.32
CA LEU C 450 7.21 -73.46 4.32
C LEU C 450 8.30 -74.49 4.59
N GLN C 451 9.49 -74.01 4.98
CA GLN C 451 10.58 -74.93 5.30
C GLN C 451 10.24 -75.80 6.51
N ARG C 452 9.64 -75.19 7.53
CA ARG C 452 9.23 -75.98 8.70
C ARG C 452 8.18 -77.01 8.31
N SER C 453 7.24 -76.64 7.43
CA SER C 453 6.25 -77.60 6.97
C SER C 453 6.91 -78.74 6.21
N ILE C 454 7.88 -78.43 5.35
CA ILE C 454 8.55 -79.47 4.57
C ILE C 454 9.27 -80.43 5.52
N ALA C 455 9.97 -79.88 6.51
CA ALA C 455 10.66 -80.74 7.47
C ALA C 455 9.66 -81.58 8.26
N ARG C 456 8.51 -80.99 8.61
CA ARG C 456 7.52 -81.71 9.39
C ARG C 456 6.98 -82.92 8.64
N GLN C 457 6.68 -82.76 7.34
CA GLN C 457 6.21 -83.90 6.56
C GLN C 457 7.41 -84.70 6.07
N ARG C 458 8.31 -85.01 6.99
CA ARG C 458 9.36 -85.99 6.83
C ARG C 458 9.49 -86.71 8.16
N LEU C 459 10.41 -87.66 8.26
CA LEU C 459 10.60 -88.47 9.46
C LEU C 459 9.43 -89.43 9.69
N LEU C 460 8.42 -89.42 8.82
CA LEU C 460 7.25 -90.28 8.99
C LEU C 460 7.43 -91.58 8.22
N MET D 1 22.35 -35.52 -7.57
CA MET D 1 22.60 -35.13 -6.16
C MET D 1 21.87 -36.09 -5.21
N ARG D 2 22.48 -36.35 -4.06
CA ARG D 2 21.92 -37.28 -3.09
C ARG D 2 22.33 -36.85 -1.69
N ILE D 3 21.54 -37.26 -0.71
CA ILE D 3 21.81 -37.00 0.70
C ILE D 3 21.74 -38.31 1.46
N ASP D 4 22.81 -38.62 2.20
CA ASP D 4 22.91 -39.88 2.91
C ASP D 4 22.54 -39.79 4.38
N LYS D 5 22.84 -38.66 5.04
CA LYS D 5 22.62 -38.54 6.47
C LYS D 5 22.34 -37.09 6.81
N LEU D 6 21.66 -36.91 7.95
CA LEU D 6 21.31 -35.59 8.46
C LEU D 6 21.35 -35.63 9.98
N SER D 7 21.97 -34.64 10.59
CA SER D 7 22.04 -34.53 12.04
C SER D 7 21.64 -33.12 12.46
N LEU D 8 20.70 -33.04 13.40
CA LEU D 8 20.19 -31.77 13.90
C LEU D 8 20.75 -31.50 15.29
N LEU D 9 20.65 -30.24 15.72
CA LEU D 9 21.20 -29.83 17.01
C LEU D 9 20.51 -28.54 17.42
N ASN D 10 19.72 -28.61 18.49
CA ASN D 10 19.00 -27.44 19.01
C ASN D 10 18.06 -26.84 17.97
N PHE D 11 17.46 -27.68 17.14
CA PHE D 11 16.50 -27.23 16.15
C PHE D 11 15.12 -27.16 16.82
N ARG D 12 14.06 -27.02 16.02
CA ARG D 12 12.74 -26.70 16.57
C ARG D 12 12.35 -27.66 17.69
N CYS D 13 12.20 -28.94 17.37
CA CYS D 13 11.68 -29.92 18.32
C CYS D 13 12.75 -30.79 18.96
N PHE D 14 13.90 -30.96 18.30
CA PHE D 14 14.89 -31.94 18.71
C PHE D 14 16.09 -31.25 19.34
N LYS D 15 16.46 -31.69 20.54
CA LYS D 15 17.75 -31.30 21.10
C LYS D 15 18.90 -31.83 20.26
N GLN D 16 18.77 -33.06 19.77
CA GLN D 16 19.72 -33.63 18.84
C GLN D 16 19.05 -34.79 18.13
N LEU D 17 19.61 -35.19 16.99
CA LEU D 17 19.03 -36.26 16.18
C LEU D 17 20.03 -36.67 15.10
N ASP D 18 20.05 -37.96 14.79
CA ASP D 18 20.80 -38.50 13.66
C ASP D 18 19.89 -39.42 12.87
N ILE D 19 19.81 -39.20 11.57
CA ILE D 19 18.91 -39.97 10.71
C ILE D 19 19.59 -40.21 9.36
N THR D 20 19.64 -41.46 8.93
CA THR D 20 20.13 -41.84 7.62
C THR D 20 18.95 -42.07 6.68
N PHE D 21 19.23 -41.97 5.39
CA PHE D 21 18.20 -42.04 4.36
C PHE D 21 18.51 -43.18 3.39
N ASP D 22 17.47 -43.87 2.95
CA ASP D 22 17.62 -44.90 1.94
C ASP D 22 17.93 -44.25 0.59
N GLU D 23 18.47 -45.06 -0.33
CA GLU D 23 18.95 -44.53 -1.59
C GLU D 23 17.80 -44.12 -2.51
N HIS D 24 16.67 -44.81 -2.44
CA HIS D 24 15.55 -44.58 -3.35
C HIS D 24 14.32 -44.01 -2.66
N ILE D 25 13.82 -44.67 -1.62
CA ILE D 25 12.60 -44.26 -0.94
C ILE D 25 12.81 -44.36 0.56
N THR D 26 12.36 -43.33 1.29
CA THR D 26 12.40 -43.31 2.74
C THR D 26 11.07 -42.76 3.25
N ILE D 27 10.48 -43.43 4.23
CA ILE D 27 9.19 -43.05 4.79
C ILE D 27 9.37 -42.75 6.26
N LEU D 28 8.91 -41.57 6.67
CA LEU D 28 9.00 -41.12 8.06
C LEU D 28 7.65 -41.28 8.75
N VAL D 29 7.67 -41.90 9.92
CA VAL D 29 6.46 -42.17 10.69
C VAL D 29 6.65 -41.63 12.10
N ALA D 30 5.67 -40.89 12.59
CA ALA D 30 5.72 -40.30 13.92
C ALA D 30 4.32 -40.23 14.52
N PRO D 31 4.07 -40.86 15.67
CA PRO D 31 2.72 -40.76 16.25
C PRO D 31 2.41 -39.41 16.86
N ASN D 32 3.36 -38.79 17.56
CA ASN D 32 3.12 -37.56 18.29
C ASN D 32 4.00 -36.43 17.76
N GLY D 33 3.52 -35.21 17.92
CA GLY D 33 4.31 -34.03 17.60
C GLY D 33 4.42 -33.77 16.11
N ALA D 34 5.34 -32.88 15.78
CA ALA D 34 5.61 -32.46 14.41
C ALA D 34 7.05 -32.73 14.03
N GLY D 35 7.56 -33.91 14.39
CA GLY D 35 8.93 -34.25 14.05
C GLY D 35 9.15 -34.40 12.56
N LYS D 36 8.18 -34.99 11.86
CA LYS D 36 8.34 -35.23 10.42
C LYS D 36 8.46 -33.92 9.67
N THR D 37 7.61 -32.95 9.99
CA THR D 37 7.70 -31.64 9.36
C THR D 37 9.03 -30.97 9.68
N THR D 38 9.53 -31.16 10.90
CA THR D 38 10.82 -30.59 11.26
C THR D 38 11.94 -31.19 10.42
N VAL D 39 11.93 -32.50 10.23
CA VAL D 39 12.97 -33.14 9.42
C VAL D 39 12.88 -32.66 7.97
N LEU D 40 11.66 -32.57 7.43
CA LEU D 40 11.50 -32.10 6.06
C LEU D 40 11.99 -30.66 5.91
N ASP D 41 11.68 -29.81 6.88
CA ASP D 41 12.13 -28.42 6.82
C ASP D 41 13.65 -28.33 6.91
N ALA D 42 14.26 -29.14 7.77
CA ALA D 42 15.71 -29.14 7.87
C ALA D 42 16.36 -29.56 6.57
N VAL D 43 15.84 -30.63 5.94
CA VAL D 43 16.38 -31.06 4.65
C VAL D 43 16.22 -29.94 3.62
N ARG D 44 15.05 -29.31 3.60
CA ARG D 44 14.80 -28.25 2.62
C ARG D 44 15.74 -27.08 2.83
N LEU D 45 16.08 -26.78 4.09
CA LEU D 45 17.04 -25.71 4.37
C LEU D 45 18.44 -26.10 3.94
N ALA D 46 18.79 -27.38 4.07
CA ALA D 46 20.14 -27.81 3.72
C ALA D 46 20.39 -27.84 2.22
N LEU D 47 19.34 -27.78 1.40
CA LEU D 47 19.48 -27.84 -0.05
C LEU D 47 19.54 -26.46 -0.71
N PHE D 48 19.28 -25.39 0.04
CA PHE D 48 19.13 -24.06 -0.54
C PHE D 48 20.44 -23.46 -1.03
N PRO D 49 21.59 -23.76 -0.42
CA PRO D 49 22.85 -23.21 -0.95
C PRO D 49 23.12 -23.57 -2.40
N PHE D 50 22.62 -24.72 -2.86
CA PHE D 50 22.80 -25.08 -4.26
C PHE D 50 21.93 -24.22 -5.17
N ILE D 51 20.66 -24.03 -4.81
CA ILE D 51 19.77 -23.19 -5.59
C ILE D 51 20.22 -21.75 -5.57
N ARG D 52 20.90 -21.33 -4.51
CA ARG D 52 21.37 -19.96 -4.41
C ARG D 52 22.36 -19.61 -5.51
N GLY D 53 23.07 -20.60 -6.05
CA GLY D 53 24.07 -20.36 -7.07
C GLY D 53 23.54 -20.15 -8.46
N PHE D 54 22.23 -20.30 -8.66
CA PHE D 54 21.61 -20.15 -9.97
C PHE D 54 20.87 -18.82 -10.10
N ASP D 55 21.13 -17.87 -9.20
CA ASP D 55 20.40 -16.62 -9.06
C ASP D 55 19.04 -16.84 -8.40
N ALA D 56 18.64 -18.07 -8.14
CA ALA D 56 17.38 -18.37 -7.46
C ALA D 56 17.65 -18.26 -5.96
N SER D 57 17.17 -17.18 -5.35
CA SER D 57 17.45 -16.89 -3.96
C SER D 57 16.25 -16.15 -3.39
N LEU D 58 16.43 -15.46 -2.27
CA LEU D 58 15.34 -14.71 -1.67
C LEU D 58 15.09 -13.40 -2.41
N TYR D 59 15.01 -13.47 -3.74
CA TYR D 59 14.67 -12.30 -4.53
C TYR D 59 13.20 -11.98 -4.47
N VAL D 60 12.37 -12.98 -4.13
CA VAL D 60 10.96 -12.75 -3.83
C VAL D 60 10.82 -12.60 -2.32
N LYS D 61 11.96 -12.50 -1.63
CA LYS D 61 12.00 -12.36 -0.17
C LYS D 61 11.33 -13.55 0.51
N ASP D 62 11.91 -14.73 0.28
CA ASP D 62 11.48 -15.95 0.96
C ASP D 62 12.30 -16.09 2.23
N LYS D 63 11.72 -15.68 3.36
CA LYS D 63 12.42 -15.74 4.64
C LYS D 63 12.43 -17.13 5.25
N SER D 64 11.62 -18.05 4.74
CA SER D 64 11.58 -19.41 5.29
C SER D 64 12.73 -20.27 4.80
N LEU D 65 13.52 -19.81 3.84
CA LEU D 65 14.62 -20.59 3.29
C LEU D 65 15.95 -20.32 3.99
N ALA D 66 15.89 -19.90 5.26
CA ALA D 66 17.09 -19.75 6.08
C ALA D 66 16.71 -20.00 7.52
N ILE D 67 17.70 -20.28 8.36
CA ILE D 67 17.45 -20.48 9.77
C ILE D 67 17.03 -19.16 10.38
N ARG D 68 15.89 -19.16 11.08
CA ARG D 68 15.36 -17.97 11.71
C ARG D 68 15.47 -18.09 13.22
N THR D 69 15.26 -16.96 13.90
CA THR D 69 15.28 -16.97 15.36
C THR D 69 14.11 -17.75 15.93
N GLU D 70 13.07 -17.99 15.13
CA GLU D 70 11.95 -18.82 15.54
C GLU D 70 12.23 -20.31 15.38
N ASP D 71 13.36 -20.67 14.78
CA ASP D 71 13.73 -22.07 14.62
C ASP D 71 14.61 -22.59 15.74
N LEU D 72 15.00 -21.74 16.69
CA LEU D 72 15.82 -22.20 17.80
C LEU D 72 14.93 -22.76 18.92
N ARG D 73 15.57 -23.48 19.84
CA ARG D 73 14.88 -24.26 20.85
C ARG D 73 14.74 -23.45 22.13
N LEU D 74 13.51 -23.34 22.63
CA LEU D 74 13.20 -22.60 23.86
C LEU D 74 12.72 -23.59 24.91
N ILE D 75 13.29 -23.50 26.11
CA ILE D 75 12.98 -24.44 27.19
C ILE D 75 12.23 -23.68 28.28
N TYR D 76 10.98 -24.06 28.50
CA TYR D 76 10.17 -23.49 29.57
C TYR D 76 10.30 -24.37 30.82
N ARG D 77 10.72 -23.76 31.92
CA ARG D 77 10.86 -24.45 33.20
C ARG D 77 9.84 -23.88 34.17
N GLN D 78 9.04 -24.78 34.76
CA GLN D 78 7.87 -24.34 35.54
C GLN D 78 8.28 -23.72 36.87
N GLU D 79 9.51 -23.95 37.32
CA GLU D 79 9.96 -23.46 38.62
C GLU D 79 10.77 -22.17 38.52
N ALA D 80 11.11 -21.71 37.32
CA ALA D 80 11.90 -20.51 37.13
C ALA D 80 11.11 -19.49 36.32
N LEU D 81 11.31 -18.21 36.64
CA LEU D 81 10.67 -17.12 35.91
C LEU D 81 11.29 -16.86 34.55
N ASN D 82 12.60 -17.07 34.39
CA ASN D 82 13.30 -16.76 33.16
C ASN D 82 13.25 -17.93 32.19
N MET D 83 13.40 -17.62 30.90
CA MET D 83 13.34 -18.61 29.83
C MET D 83 14.39 -18.26 28.79
N GLU D 84 15.28 -19.21 28.49
CA GLU D 84 16.44 -18.96 27.65
C GLU D 84 16.35 -19.75 26.35
N MET D 85 17.26 -19.43 25.43
CA MET D 85 17.38 -20.12 24.15
C MET D 85 18.58 -21.08 24.18
N SER D 86 18.44 -22.17 23.45
CA SER D 86 19.53 -23.11 23.23
C SER D 86 20.27 -22.71 21.95
N SER D 87 21.55 -22.40 22.09
CA SER D 87 22.37 -21.97 20.97
C SER D 87 23.69 -22.72 20.97
N PRO D 88 24.28 -22.96 19.80
CA PRO D 88 23.79 -22.65 18.44
C PRO D 88 22.85 -23.72 17.90
N ALA D 89 22.06 -23.37 16.88
CA ALA D 89 21.27 -24.34 16.14
C ALA D 89 22.02 -24.73 14.87
N LYS D 90 22.14 -26.03 14.62
CA LYS D 90 22.99 -26.53 13.56
C LYS D 90 22.25 -27.53 12.69
N ILE D 91 22.62 -27.57 11.42
CA ILE D 91 22.17 -28.59 10.47
C ILE D 91 23.39 -29.09 9.73
N THR D 92 23.64 -30.39 9.78
CA THR D 92 24.77 -31.02 9.11
C THR D 92 24.25 -32.09 8.15
N ALA D 93 24.73 -32.04 6.92
CA ALA D 93 24.28 -32.95 5.87
C ALA D 93 25.47 -33.62 5.21
N THR D 94 25.32 -34.90 4.88
CA THR D 94 26.29 -35.67 4.14
C THR D 94 25.62 -36.30 2.94
N GLY D 95 26.31 -36.29 1.80
CA GLY D 95 25.73 -36.86 0.60
C GLY D 95 26.70 -36.81 -0.56
N GLU D 96 26.15 -36.69 -1.76
CA GLU D 96 26.91 -36.70 -2.99
C GLU D 96 26.37 -35.64 -3.93
N TRP D 97 27.27 -34.92 -4.60
CA TRP D 97 26.88 -33.90 -5.57
C TRP D 97 26.97 -34.43 -7.00
N ALA D 98 28.14 -34.90 -7.40
CA ALA D 98 28.35 -35.55 -8.69
C ALA D 98 28.85 -36.96 -8.44
N SER D 99 29.01 -37.73 -9.52
CA SER D 99 29.46 -39.10 -9.40
C SER D 99 30.82 -39.15 -8.71
N GLY D 100 30.86 -39.74 -7.52
CA GLY D 100 32.11 -39.90 -6.79
C GLY D 100 32.53 -38.70 -5.98
N LYS D 101 31.68 -37.68 -5.87
CA LYS D 101 32.00 -36.45 -5.15
C LYS D 101 31.19 -36.43 -3.85
N THR D 102 31.80 -36.93 -2.78
CA THR D 102 31.20 -36.93 -1.46
C THR D 102 31.60 -35.67 -0.69
N ALA D 103 30.66 -35.12 0.07
CA ALA D 103 30.88 -33.88 0.78
C ALA D 103 30.06 -33.84 2.06
N THR D 104 30.47 -32.97 2.97
CA THR D 104 29.75 -32.71 4.20
C THR D 104 29.74 -31.21 4.43
N TRP D 105 28.55 -30.63 4.59
CA TRP D 105 28.41 -29.19 4.76
C TRP D 105 27.46 -28.90 5.91
N MET D 106 27.62 -27.73 6.52
CA MET D 106 26.94 -27.36 7.75
C MET D 106 26.42 -25.93 7.67
N LEU D 107 25.29 -25.70 8.33
CA LEU D 107 24.70 -24.38 8.51
C LEU D 107 24.37 -24.19 9.98
N ASP D 108 24.69 -23.01 10.54
CA ASP D 108 24.45 -22.76 11.95
C ASP D 108 24.00 -21.33 12.17
N LYS D 109 23.38 -21.09 13.33
CA LYS D 109 22.92 -19.78 13.74
C LYS D 109 23.07 -19.64 15.24
N ARG D 110 23.60 -18.50 15.68
CA ARG D 110 23.88 -18.24 17.09
C ARG D 110 23.02 -17.06 17.54
N GLY D 111 22.03 -17.33 18.39
CA GLY D 111 21.21 -16.26 18.93
C GLY D 111 20.51 -15.49 17.84
N GLU D 112 20.54 -14.15 17.95
CA GLU D 112 19.96 -13.26 16.96
C GLU D 112 20.94 -12.89 15.86
N GLN D 113 22.15 -13.45 15.87
CA GLN D 113 23.12 -13.13 14.85
C GLN D 113 22.68 -13.71 13.50
N PRO D 114 23.12 -13.13 12.39
CA PRO D 114 22.75 -13.67 11.08
C PRO D 114 23.29 -15.08 10.93
N PRO D 115 22.57 -15.94 10.19
CA PRO D 115 23.05 -17.31 10.01
C PRO D 115 24.36 -17.35 9.23
N HIS D 116 25.17 -18.38 9.52
CA HIS D 116 26.50 -18.52 8.96
C HIS D 116 26.68 -19.94 8.45
N GLU D 117 27.52 -20.08 7.43
CA GLU D 117 27.77 -21.38 6.81
C GLU D 117 29.27 -21.55 6.60
N ASP D 118 29.72 -22.81 6.63
CA ASP D 118 31.14 -23.13 6.55
C ASP D 118 31.59 -23.09 5.09
N LYS D 119 32.81 -23.59 4.82
CA LYS D 119 33.38 -23.47 3.49
C LYS D 119 32.80 -24.48 2.50
N MET D 120 32.41 -25.67 2.96
CA MET D 120 31.78 -26.61 2.06
C MET D 120 30.41 -26.12 1.60
N ALA D 121 29.69 -25.40 2.47
CA ALA D 121 28.44 -24.78 2.03
C ALA D 121 28.68 -23.75 0.94
N ALA D 122 29.84 -23.11 0.94
CA ALA D 122 30.20 -22.18 -0.12
C ALA D 122 30.61 -22.93 -1.39
N GLN D 123 31.29 -24.06 -1.25
CA GLN D 123 31.61 -24.86 -2.42
C GLN D 123 30.34 -25.41 -3.07
N LEU D 124 29.30 -25.65 -2.29
CA LEU D 124 28.02 -26.07 -2.86
C LEU D 124 27.41 -24.97 -3.73
N THR D 125 27.63 -23.70 -3.38
CA THR D 125 27.19 -22.60 -4.23
C THR D 125 28.09 -22.45 -5.45
N ARG D 126 29.39 -22.69 -5.28
CA ARG D 126 30.31 -22.62 -6.40
C ARG D 126 29.96 -23.67 -7.45
N TRP D 127 29.55 -24.87 -7.01
CA TRP D 127 29.17 -25.90 -7.96
C TRP D 127 27.96 -25.48 -8.78
N GLY D 128 26.96 -24.87 -8.15
CA GLY D 128 25.83 -24.36 -8.89
C GLY D 128 26.22 -23.27 -9.86
N GLU D 129 27.13 -22.39 -9.45
CA GLU D 129 27.57 -21.32 -10.33
C GLU D 129 28.30 -21.86 -11.55
N GLN D 130 29.15 -22.88 -11.37
CA GLN D 130 29.86 -23.42 -12.52
C GLN D 130 28.93 -24.26 -13.42
N LEU D 131 27.92 -24.90 -12.84
CA LEU D 131 26.89 -25.53 -13.66
C LEU D 131 26.16 -24.50 -14.50
N GLN D 132 25.82 -23.35 -13.90
CA GLN D 132 25.19 -22.27 -14.65
C GLN D 132 26.10 -21.78 -15.77
N LYS D 133 27.39 -21.63 -15.49
CA LYS D 133 28.34 -21.21 -16.51
C LYS D 133 28.36 -22.19 -17.66
N ARG D 134 28.39 -23.49 -17.36
CA ARG D 134 28.39 -24.49 -18.43
C ARG D 134 27.10 -24.46 -19.22
N VAL D 135 25.97 -24.22 -18.55
CA VAL D 135 24.69 -24.14 -19.26
C VAL D 135 24.67 -22.94 -20.20
N ARG D 136 25.26 -21.83 -19.81
CA ARG D 136 25.22 -20.62 -20.63
C ARG D 136 26.15 -20.67 -21.83
N GLU D 137 27.12 -21.57 -21.87
CA GLU D 137 27.98 -21.73 -23.03
C GLU D 137 27.42 -22.84 -23.93
N GLU D 138 26.31 -22.50 -24.58
CA GLU D 138 25.58 -23.45 -25.41
C GLU D 138 26.28 -23.76 -26.72
N HIS D 139 27.34 -23.00 -27.05
CA HIS D 139 28.12 -23.23 -28.27
C HIS D 139 29.14 -24.35 -28.04
N SER D 140 28.62 -25.52 -27.69
CA SER D 140 29.46 -26.66 -27.34
C SER D 140 28.81 -27.93 -27.86
N LEU D 141 29.63 -28.96 -28.01
CA LEU D 141 29.15 -30.28 -28.41
C LEU D 141 28.83 -31.17 -27.22
N GLN D 142 29.51 -30.97 -26.09
CA GLN D 142 29.22 -31.72 -24.88
C GLN D 142 27.90 -31.26 -24.27
N GLN D 143 27.24 -32.18 -23.58
CA GLN D 143 25.97 -31.92 -22.92
C GLN D 143 26.15 -31.97 -21.41
N VAL D 144 25.54 -31.02 -20.72
CA VAL D 144 25.52 -30.97 -19.26
C VAL D 144 24.09 -31.25 -18.80
N GLU D 145 23.97 -32.06 -17.75
CA GLU D 145 22.67 -32.48 -17.24
C GLU D 145 22.49 -31.95 -15.82
N LEU D 146 21.35 -31.29 -15.57
CA LEU D 146 21.10 -30.63 -14.31
C LEU D 146 20.25 -31.51 -13.39
N PRO D 147 20.46 -31.47 -12.08
CA PRO D 147 19.63 -32.25 -11.15
C PRO D 147 18.31 -31.54 -10.87
N LEU D 148 17.48 -32.19 -10.05
CA LEU D 148 16.15 -31.70 -9.70
C LEU D 148 16.05 -31.54 -8.19
N MET D 149 15.53 -30.40 -7.74
CA MET D 149 15.17 -30.17 -6.36
C MET D 149 13.71 -29.74 -6.31
N LEU D 150 12.92 -30.38 -5.44
CA LEU D 150 11.49 -30.09 -5.38
C LEU D 150 11.00 -30.31 -3.95
N TYR D 151 10.01 -29.52 -3.56
CA TYR D 151 9.38 -29.62 -2.26
C TYR D 151 7.87 -29.52 -2.45
N LEU D 152 7.12 -30.47 -1.88
CA LEU D 152 5.67 -30.51 -1.99
C LEU D 152 5.10 -30.59 -0.57
N GLY D 153 4.49 -29.49 -0.12
CA GLY D 153 3.93 -29.41 1.21
C GLY D 153 2.44 -29.72 1.22
N THR D 154 1.86 -29.63 2.42
CA THR D 154 0.43 -29.90 2.58
C THR D 154 -0.42 -28.79 1.97
N ALA D 155 0.14 -27.61 1.75
CA ALA D 155 -0.59 -26.49 1.18
C ALA D 155 -0.47 -26.42 -0.34
N ARG D 156 -0.26 -27.56 -1.00
CA ARG D 156 -0.09 -27.57 -2.44
C ARG D 156 -1.42 -27.60 -3.21
N LEU D 157 -2.55 -27.53 -2.50
CA LEU D 157 -3.86 -27.53 -3.14
C LEU D 157 -4.75 -26.40 -2.62
N TRP D 158 -4.19 -25.45 -1.87
CA TRP D 158 -5.02 -24.53 -1.11
C TRP D 158 -5.70 -23.50 -2.01
N TYR D 159 -4.92 -22.75 -2.78
CA TYR D 159 -5.43 -21.66 -3.60
C TYR D 159 -4.99 -21.83 -5.04
N GLN D 160 -5.23 -23.02 -5.58
CA GLN D 160 -4.76 -23.35 -6.93
C GLN D 160 -5.02 -22.21 -7.93
N GLU D 161 -6.02 -21.37 -7.68
CA GLU D 161 -6.39 -20.30 -8.61
C GLU D 161 -5.84 -18.96 -8.14
N ARG D 162 -4.55 -18.75 -8.44
CA ARG D 162 -3.97 -17.41 -8.38
C ARG D 162 -2.60 -17.41 -9.06
N TYR D 163 -2.38 -16.48 -9.98
CA TYR D 163 -1.11 -16.41 -10.70
C TYR D 163 -1.07 -15.17 -11.58
N GLN D 170 6.57 -17.86 -22.33
CA GLN D 170 6.74 -19.31 -22.27
C GLN D 170 7.61 -19.79 -23.41
N ARG D 171 8.42 -20.82 -23.16
CA ARG D 171 9.26 -21.38 -24.20
C ARG D 171 9.83 -22.71 -23.76
N LEU D 172 10.33 -23.47 -24.72
CA LEU D 172 10.97 -24.77 -24.48
C LEU D 172 12.06 -24.94 -25.53
N ASP D 173 13.31 -24.81 -25.11
CA ASP D 173 14.45 -24.95 -26.03
C ASP D 173 15.72 -25.11 -25.20
N ASN D 174 16.85 -25.20 -25.90
CA ASN D 174 18.15 -25.42 -25.27
C ASN D 174 18.84 -24.07 -25.03
N SER D 175 18.25 -23.29 -24.14
CA SER D 175 18.78 -21.99 -23.76
C SER D 175 18.86 -21.88 -22.24
N ALA D 176 19.77 -21.04 -21.77
CA ALA D 176 19.94 -20.88 -20.33
C ALA D 176 18.67 -20.34 -19.68
N PHE D 177 18.02 -19.36 -20.31
CA PHE D 177 16.81 -18.79 -19.74
C PHE D 177 15.71 -19.84 -19.67
N SER D 178 15.55 -20.64 -20.72
CA SER D 178 14.51 -21.66 -20.73
C SER D 178 14.85 -22.81 -19.79
N ARG D 179 16.13 -23.15 -19.68
CA ARG D 179 16.54 -24.31 -18.87
C ARG D 179 16.49 -24.00 -17.38
N LEU D 180 16.83 -22.77 -16.99
CA LEU D 180 16.89 -22.43 -15.58
C LEU D 180 15.55 -22.01 -15.01
N SER D 181 14.48 -22.03 -15.82
CA SER D 181 13.15 -21.82 -15.29
C SER D 181 12.63 -23.01 -14.51
N GLY D 182 13.30 -24.15 -14.58
CA GLY D 182 12.92 -25.31 -13.82
C GLY D 182 13.23 -25.25 -12.34
N TYR D 183 13.98 -24.23 -11.92
CA TYR D 183 14.28 -24.00 -10.51
C TYR D 183 13.40 -22.90 -9.91
N ASP D 184 12.50 -22.32 -10.68
CA ASP D 184 11.68 -21.22 -10.20
C ASP D 184 10.66 -21.73 -9.19
N ASP D 185 10.79 -21.29 -7.93
CA ASP D 185 9.87 -21.68 -6.87
C ASP D 185 9.86 -23.20 -6.68
N CYS D 186 11.05 -23.81 -6.73
CA CYS D 186 11.15 -25.25 -6.58
C CYS D 186 11.11 -25.70 -5.13
N LEU D 187 11.47 -24.82 -4.18
CA LEU D 187 11.43 -25.13 -2.76
C LEU D 187 10.37 -24.29 -2.06
N SER D 188 9.40 -23.76 -2.82
CA SER D 188 8.35 -22.94 -2.26
C SER D 188 7.31 -23.80 -1.55
N ALA D 189 6.64 -23.20 -0.56
CA ALA D 189 5.65 -23.88 0.25
C ALA D 189 4.22 -23.69 -0.27
N THR D 190 4.04 -23.01 -1.40
CA THR D 190 2.72 -22.71 -1.94
C THR D 190 2.46 -23.55 -3.19
N SER D 191 1.24 -23.44 -3.70
CA SER D 191 0.83 -24.20 -4.87
C SER D 191 1.52 -23.68 -6.13
N ASN D 192 1.86 -24.62 -7.02
CA ASN D 192 2.52 -24.31 -8.29
C ASN D 192 1.69 -24.78 -9.48
N TYR D 193 0.37 -24.82 -9.35
CA TYR D 193 -0.48 -25.41 -10.37
C TYR D 193 -0.68 -24.50 -11.58
N LYS D 194 -0.79 -23.18 -11.37
CA LYS D 194 -1.06 -22.29 -12.50
C LYS D 194 0.13 -22.12 -13.42
N GLN D 195 1.35 -22.15 -12.87
CA GLN D 195 2.54 -22.19 -13.72
C GLN D 195 2.44 -23.35 -14.71
N PHE D 196 2.14 -24.54 -14.20
CA PHE D 196 2.02 -25.71 -15.06
C PHE D 196 0.88 -25.55 -16.06
N GLU D 197 -0.26 -25.03 -15.61
CA GLU D 197 -1.42 -24.92 -16.50
C GLU D 197 -1.10 -23.99 -17.66
N GLN D 198 -0.50 -22.84 -17.38
CA GLN D 198 -0.17 -21.91 -18.44
C GLN D 198 0.88 -22.48 -19.39
N TRP D 199 1.92 -23.11 -18.84
CA TRP D 199 2.95 -23.67 -19.72
C TRP D 199 2.39 -24.78 -20.59
N TYR D 200 1.53 -25.63 -20.02
CA TYR D 200 0.96 -26.73 -20.79
C TYR D 200 0.00 -26.23 -21.86
N SER D 201 -0.77 -25.18 -21.55
CA SER D 201 -1.63 -24.58 -22.57
C SER D 201 -0.79 -24.02 -23.71
N TRP D 202 0.29 -23.31 -23.39
CA TRP D 202 1.16 -22.81 -24.45
C TRP D 202 1.74 -23.96 -25.27
N LEU D 203 2.15 -25.03 -24.59
CA LEU D 203 2.75 -26.16 -25.30
C LEU D 203 1.77 -26.77 -26.28
N TRP D 204 0.55 -27.04 -25.83
CA TRP D 204 -0.44 -27.66 -26.72
C TRP D 204 -0.81 -26.73 -27.87
N LEU D 205 -1.02 -25.44 -27.59
CA LEU D 205 -1.40 -24.52 -28.66
C LEU D 205 -0.29 -24.38 -29.69
N SER D 206 0.97 -24.26 -29.22
CA SER D 206 2.09 -24.19 -30.16
C SER D 206 2.20 -25.46 -30.98
N TYR D 207 2.02 -26.62 -30.34
CA TYR D 207 2.07 -27.87 -31.08
C TYR D 207 1.05 -27.87 -32.21
N ARG D 208 -0.20 -27.53 -31.90
CA ARG D 208 -1.26 -27.58 -32.92
C ARG D 208 -1.01 -26.55 -34.02
N GLU D 209 -0.65 -25.31 -33.65
CA GLU D 209 -0.46 -24.27 -34.64
C GLU D 209 0.72 -24.60 -35.57
N HIS D 210 1.82 -25.10 -35.01
CA HIS D 210 2.94 -25.49 -35.84
C HIS D 210 2.59 -26.70 -36.71
N GLN D 211 1.77 -27.61 -36.20
CA GLN D 211 1.34 -28.75 -37.02
C GLN D 211 0.58 -28.27 -38.24
N ILE D 212 -0.37 -27.35 -38.05
CA ILE D 212 -1.14 -26.86 -39.21
C ILE D 212 -0.25 -26.04 -40.14
N THR D 213 0.67 -25.26 -39.57
CA THR D 213 1.58 -24.47 -40.40
C THR D 213 2.46 -25.38 -41.27
N GLN D 214 2.94 -26.48 -40.69
CA GLN D 214 3.71 -27.45 -41.46
C GLN D 214 2.83 -28.11 -42.52
N LEU D 215 1.58 -28.43 -42.17
CA LEU D 215 0.69 -29.08 -43.12
C LEU D 215 0.43 -28.19 -44.34
N GLU D 216 0.19 -26.89 -44.11
CA GLU D 216 -0.13 -26.00 -45.22
C GLU D 216 1.09 -25.61 -46.04
N SER D 217 2.30 -25.88 -45.56
CA SER D 217 3.51 -25.54 -46.29
C SER D 217 4.68 -26.36 -45.77
N PRO D 218 4.81 -27.63 -46.18
CA PRO D 218 5.90 -28.48 -45.67
C PRO D 218 7.26 -28.19 -46.29
N SER D 219 7.42 -27.11 -47.04
CA SER D 219 8.73 -26.78 -47.60
C SER D 219 9.77 -26.50 -46.53
N ALA D 220 9.32 -26.20 -45.30
CA ALA D 220 10.21 -26.00 -44.17
C ALA D 220 10.37 -27.25 -43.32
N LYS D 221 10.36 -28.42 -43.96
CA LYS D 221 10.42 -29.67 -43.21
C LYS D 221 11.65 -29.71 -42.30
N LEU D 222 12.84 -29.73 -42.89
CA LEU D 222 14.06 -30.03 -42.14
C LEU D 222 14.28 -29.10 -40.95
N LYS D 223 13.58 -27.97 -40.89
CA LYS D 223 13.76 -27.01 -39.81
C LYS D 223 12.59 -26.97 -38.83
N GLU D 224 11.35 -27.00 -39.33
CA GLU D 224 10.19 -26.85 -38.46
C GLU D 224 9.57 -28.19 -38.05
N GLY D 225 9.80 -29.27 -38.79
CA GLY D 225 9.26 -30.55 -38.39
C GLY D 225 9.96 -31.16 -37.19
N VAL D 226 11.11 -30.62 -36.80
CA VAL D 226 11.76 -31.01 -35.55
C VAL D 226 11.24 -30.21 -34.37
N ARG D 227 10.78 -28.97 -34.59
CA ARG D 227 10.09 -28.24 -33.54
C ARG D 227 8.84 -28.97 -33.09
N VAL D 228 8.04 -29.44 -34.06
CA VAL D 228 6.83 -30.18 -33.74
C VAL D 228 7.18 -31.50 -33.08
N GLN D 229 8.27 -32.15 -33.50
CA GLN D 229 8.70 -33.39 -32.88
C GLN D 229 9.09 -33.17 -31.42
N ARG D 230 9.79 -32.08 -31.13
CA ARG D 230 10.14 -31.76 -29.76
C ARG D 230 8.89 -31.50 -28.91
N MET D 231 7.93 -30.76 -29.46
CA MET D 231 6.68 -30.52 -28.74
C MET D 231 5.98 -31.83 -28.43
N LYS D 232 5.90 -32.71 -29.44
CA LYS D 232 5.23 -33.99 -29.26
C LYS D 232 5.93 -34.85 -28.22
N GLU D 233 7.27 -34.85 -28.23
CA GLU D 233 8.01 -35.65 -27.27
C GLU D 233 7.82 -35.15 -25.84
N ALA D 234 7.81 -33.83 -25.65
CA ALA D 234 7.53 -33.30 -24.31
C ALA D 234 6.14 -33.70 -23.84
N ILE D 235 5.14 -33.54 -24.71
CA ILE D 235 3.77 -33.92 -24.35
C ILE D 235 3.71 -35.39 -23.99
N GLN D 236 4.37 -36.24 -24.78
CA GLN D 236 4.34 -37.68 -24.53
C GLN D 236 4.97 -38.02 -23.20
N ALA D 237 6.11 -37.42 -22.88
CA ALA D 237 6.77 -37.72 -21.61
C ALA D 237 5.87 -37.35 -20.44
N ILE D 238 5.26 -36.17 -20.48
CA ILE D 238 4.41 -35.74 -19.37
C ILE D 238 3.21 -36.66 -19.24
N GLN D 239 2.56 -36.98 -20.37
CA GLN D 239 1.36 -37.82 -20.32
C GLN D 239 1.69 -39.22 -19.82
N GLN D 240 2.81 -39.79 -20.24
CA GLN D 240 3.20 -41.11 -19.75
C GLN D 240 3.44 -41.09 -18.25
N ALA D 241 4.11 -40.05 -17.75
CA ALA D 241 4.35 -39.96 -16.31
C ALA D 241 3.04 -39.91 -15.54
N ILE D 242 2.05 -39.14 -16.04
CA ILE D 242 0.78 -39.03 -15.33
C ILE D 242 0.00 -40.34 -15.42
N ASN D 243 0.03 -40.99 -16.58
CA ASN D 243 -0.69 -42.25 -16.75
C ASN D 243 -0.19 -43.30 -15.77
N CYS D 244 1.14 -43.38 -15.61
CA CYS D 244 1.72 -44.37 -14.69
C CYS D 244 1.05 -44.36 -13.33
N LEU D 245 0.53 -43.20 -12.90
CA LEU D 245 -0.10 -43.09 -11.60
C LEU D 245 -1.61 -43.23 -11.64
N THR D 246 -2.28 -42.64 -12.65
CA THR D 246 -3.74 -42.62 -12.60
C THR D 246 -4.41 -43.81 -13.29
N GLN D 247 -3.83 -44.33 -14.37
CA GLN D 247 -4.63 -45.12 -15.30
C GLN D 247 -5.12 -46.42 -14.68
N GLN D 248 -4.22 -47.20 -14.07
CA GLN D 248 -4.60 -48.54 -13.63
C GLN D 248 -5.64 -48.49 -12.52
N VAL D 249 -5.50 -47.57 -11.57
CA VAL D 249 -6.43 -47.53 -10.45
C VAL D 249 -7.75 -46.88 -10.85
N THR D 250 -7.71 -45.67 -11.41
CA THR D 250 -8.94 -44.92 -11.64
C THR D 250 -9.51 -45.10 -13.05
N GLY D 251 -8.67 -45.31 -14.04
CA GLY D 251 -9.10 -45.45 -15.41
C GLY D 251 -8.93 -44.20 -16.26
N TRP D 252 -8.79 -43.04 -15.64
CA TRP D 252 -8.56 -41.80 -16.37
C TRP D 252 -7.13 -41.75 -16.90
N HIS D 253 -6.96 -41.10 -18.05
CA HIS D 253 -5.67 -41.09 -18.71
C HIS D 253 -5.63 -39.93 -19.70
N ASP D 254 -4.42 -39.64 -20.18
CA ASP D 254 -4.19 -38.72 -21.30
C ASP D 254 -4.75 -37.32 -21.00
N LEU D 255 -4.12 -36.69 -20.02
CA LEU D 255 -4.40 -35.29 -19.74
C LEU D 255 -4.06 -34.45 -20.96
N GLU D 256 -4.95 -33.54 -21.33
CA GLU D 256 -4.80 -32.71 -22.52
C GLU D 256 -5.27 -31.30 -22.22
N TYR D 257 -5.16 -30.45 -23.22
CA TYR D 257 -5.73 -29.11 -23.20
C TYR D 257 -6.76 -29.02 -24.32
N SER D 258 -7.97 -28.58 -23.98
CA SER D 258 -9.07 -28.52 -24.94
C SER D 258 -9.63 -27.10 -24.98
N ALA D 259 -9.74 -26.56 -26.19
CA ALA D 259 -10.35 -25.25 -26.38
C ALA D 259 -11.87 -25.32 -26.50
N SER D 260 -12.40 -26.46 -26.95
CA SER D 260 -13.84 -26.62 -27.07
C SER D 260 -14.53 -26.87 -25.74
N HIS D 261 -13.76 -27.13 -24.68
CA HIS D 261 -14.31 -27.33 -23.34
C HIS D 261 -14.10 -26.09 -22.48
N ASN D 262 -14.22 -24.90 -23.08
CA ASN D 262 -14.03 -23.63 -22.38
C ASN D 262 -12.57 -23.40 -22.01
N GLN D 263 -11.64 -23.87 -22.83
CA GLN D 263 -10.21 -23.67 -22.60
C GLN D 263 -9.79 -24.24 -21.25
N GLN D 264 -9.91 -25.56 -21.14
CA GLN D 264 -9.69 -26.26 -19.88
C GLN D 264 -8.87 -27.52 -20.13
N LEU D 265 -8.23 -28.00 -19.07
CA LEU D 265 -7.55 -29.28 -19.10
C LEU D 265 -8.55 -30.40 -18.85
N VAL D 266 -8.55 -31.41 -19.71
CA VAL D 266 -9.52 -32.50 -19.65
C VAL D 266 -8.78 -33.84 -19.62
N MET D 267 -9.47 -34.84 -19.10
CA MET D 267 -8.99 -36.21 -19.08
C MET D 267 -10.06 -37.12 -19.69
N SER D 268 -9.66 -38.33 -20.05
CA SER D 268 -10.52 -39.27 -20.75
C SER D 268 -10.71 -40.54 -19.94
N HIS D 269 -11.91 -41.12 -20.02
CA HIS D 269 -12.24 -42.38 -19.38
C HIS D 269 -12.93 -43.27 -20.41
N PRO D 270 -12.72 -44.59 -20.35
CA PRO D 270 -13.37 -45.46 -21.35
C PRO D 270 -14.89 -45.38 -21.35
N GLN D 271 -15.51 -45.15 -20.18
CA GLN D 271 -16.96 -45.18 -20.06
C GLN D 271 -17.57 -43.83 -19.73
N TYR D 272 -16.78 -42.85 -19.31
CA TYR D 272 -17.30 -41.55 -18.90
C TYR D 272 -16.95 -40.42 -19.86
N GLY D 273 -16.11 -40.68 -20.86
CA GLY D 273 -15.79 -39.64 -21.83
C GLY D 273 -14.83 -38.61 -21.27
N LYS D 274 -14.84 -37.44 -21.90
CA LYS D 274 -13.94 -36.35 -21.53
C LYS D 274 -14.64 -35.42 -20.54
N ILE D 275 -13.97 -35.16 -19.41
CA ILE D 275 -14.52 -34.30 -18.38
C ILE D 275 -13.43 -33.37 -17.87
N PRO D 276 -13.71 -32.08 -17.64
CA PRO D 276 -12.67 -31.19 -17.13
C PRO D 276 -12.09 -31.64 -15.81
N LEU D 277 -10.79 -31.40 -15.63
CA LEU D 277 -10.10 -31.87 -14.43
C LEU D 277 -10.67 -31.23 -13.16
N SER D 278 -11.10 -29.98 -13.25
CA SER D 278 -11.63 -29.30 -12.07
C SER D 278 -12.92 -29.93 -11.56
N GLN D 279 -13.57 -30.78 -12.36
CA GLN D 279 -14.79 -31.45 -11.97
C GLN D 279 -14.55 -32.88 -11.49
N LEU D 280 -13.29 -33.32 -11.40
CA LEU D 280 -12.99 -34.66 -10.94
C LEU D 280 -12.79 -34.67 -9.42
N SER D 281 -12.52 -35.84 -8.87
CA SER D 281 -12.48 -36.00 -7.42
C SER D 281 -11.21 -35.40 -6.83
N ASP D 282 -11.22 -35.25 -5.49
CA ASP D 282 -10.11 -34.61 -4.81
C ASP D 282 -8.82 -35.39 -4.97
N GLY D 283 -8.88 -36.71 -4.78
CA GLY D 283 -7.67 -37.52 -4.88
C GLY D 283 -7.06 -37.47 -6.26
N LEU D 284 -7.89 -37.50 -7.30
CA LEU D 284 -7.37 -37.45 -8.66
C LEU D 284 -6.66 -36.13 -8.93
N ARG D 285 -7.27 -35.01 -8.52
CA ARG D 285 -6.64 -33.71 -8.73
C ARG D 285 -5.35 -33.59 -7.95
N ASN D 286 -5.34 -34.06 -6.70
CA ASN D 286 -4.11 -34.05 -5.90
C ASN D 286 -3.01 -34.83 -6.59
N ALA D 287 -3.30 -36.06 -7.02
CA ALA D 287 -2.29 -36.90 -7.64
C ALA D 287 -1.78 -36.28 -8.94
N VAL D 288 -2.69 -35.74 -9.74
CA VAL D 288 -2.30 -35.15 -11.02
C VAL D 288 -1.36 -33.97 -10.79
N ALA D 289 -1.71 -33.09 -9.85
CA ALA D 289 -0.82 -31.97 -9.55
C ALA D 289 0.54 -32.46 -9.09
N MET D 290 0.55 -33.44 -8.17
CA MET D 290 1.80 -33.94 -7.64
C MET D 290 2.71 -34.47 -8.74
N VAL D 291 2.16 -35.30 -9.63
CA VAL D 291 3.00 -35.90 -10.67
C VAL D 291 3.41 -34.85 -11.69
N ALA D 292 2.49 -33.96 -12.07
CA ALA D 292 2.77 -32.99 -13.12
C ALA D 292 3.89 -32.07 -12.71
N ASP D 293 3.92 -31.66 -11.44
CA ASP D 293 5.02 -30.81 -10.97
C ASP D 293 6.37 -31.40 -11.38
N ILE D 294 6.64 -32.62 -10.91
CA ILE D 294 7.92 -33.28 -11.19
C ILE D 294 8.10 -33.44 -12.69
N ALA D 295 7.04 -33.83 -13.39
CA ALA D 295 7.17 -34.15 -14.81
C ALA D 295 7.64 -32.94 -15.61
N PHE D 296 6.95 -31.80 -15.48
CA PHE D 296 7.36 -30.70 -16.36
C PHE D 296 8.64 -30.06 -15.86
N ARG D 297 8.94 -30.12 -14.56
CA ARG D 297 10.24 -29.62 -14.13
C ARG D 297 11.37 -30.44 -14.74
N CYS D 298 11.20 -31.77 -14.78
CA CYS D 298 12.19 -32.62 -15.46
C CYS D 298 12.28 -32.28 -16.93
N VAL D 299 11.14 -32.04 -17.59
CA VAL D 299 11.17 -31.75 -19.02
C VAL D 299 11.86 -30.43 -19.30
N LYS D 300 11.64 -29.43 -18.44
CA LYS D 300 12.22 -28.11 -18.70
C LYS D 300 13.70 -28.07 -18.36
N LEU D 301 14.13 -28.81 -17.32
CA LEU D 301 15.54 -28.80 -16.95
C LEU D 301 16.42 -29.44 -18.02
N ASN D 302 15.98 -30.55 -18.60
CA ASN D 302 16.80 -31.37 -19.48
C ASN D 302 16.09 -31.61 -20.81
N PRO D 303 16.03 -30.60 -21.67
CA PRO D 303 15.32 -30.77 -22.95
C PRO D 303 15.99 -31.73 -23.91
N HIS D 304 17.28 -32.02 -23.75
CA HIS D 304 17.97 -32.88 -24.71
C HIS D 304 17.61 -34.35 -24.54
N LEU D 305 17.09 -34.75 -23.38
CA LEU D 305 16.49 -36.07 -23.20
C LEU D 305 15.04 -35.96 -23.62
N GLN D 306 14.74 -36.33 -24.87
CA GLN D 306 13.44 -36.02 -25.44
C GLN D 306 12.32 -36.76 -24.73
N ASN D 307 12.31 -38.09 -24.83
CA ASN D 307 11.27 -38.90 -24.22
C ASN D 307 11.63 -39.35 -22.82
N ASP D 308 12.91 -39.61 -22.57
CA ASP D 308 13.37 -40.13 -21.28
C ASP D 308 13.77 -39.03 -20.32
N ALA D 309 13.19 -37.83 -20.44
CA ALA D 309 13.49 -36.77 -19.51
C ALA D 309 13.13 -37.15 -18.09
N ALA D 310 11.95 -37.76 -17.90
CA ALA D 310 11.52 -38.17 -16.58
C ALA D 310 12.22 -39.45 -16.11
N LEU D 311 12.52 -40.36 -17.04
CA LEU D 311 13.09 -41.66 -16.69
C LEU D 311 14.59 -41.61 -16.45
N LYS D 312 15.27 -40.50 -16.78
CA LYS D 312 16.73 -40.43 -16.67
C LYS D 312 17.18 -39.19 -15.91
N THR D 313 16.31 -38.58 -15.12
CA THR D 313 16.64 -37.39 -14.34
C THR D 313 16.91 -37.78 -12.90
N GLN D 314 17.87 -37.08 -12.28
CA GLN D 314 18.30 -37.36 -10.92
C GLN D 314 18.07 -36.14 -10.04
N GLY D 315 17.76 -36.38 -8.78
CA GLY D 315 17.50 -35.30 -7.85
C GLY D 315 16.86 -35.82 -6.58
N ILE D 316 16.27 -34.88 -5.84
CA ILE D 316 15.61 -35.18 -4.56
C ILE D 316 14.24 -34.52 -4.57
N VAL D 317 13.23 -35.27 -4.14
CA VAL D 317 11.87 -34.76 -4.01
C VAL D 317 11.38 -35.05 -2.59
N LEU D 318 10.75 -34.05 -1.98
CA LEU D 318 10.20 -34.18 -0.63
C LEU D 318 8.70 -33.99 -0.68
N ILE D 319 7.96 -34.95 -0.12
CA ILE D 319 6.50 -34.94 -0.15
C ILE D 319 6.00 -35.17 1.27
N ASP D 320 5.10 -34.30 1.72
CA ASP D 320 4.52 -34.41 3.06
C ASP D 320 3.08 -34.90 2.91
N GLU D 321 2.74 -35.99 3.60
CA GLU D 321 1.43 -36.63 3.50
C GLU D 321 1.16 -37.06 2.05
N VAL D 322 1.96 -38.04 1.61
CA VAL D 322 1.95 -38.46 0.21
C VAL D 322 0.58 -39.01 -0.20
N ASP D 323 -0.19 -39.53 0.75
CA ASP D 323 -1.41 -40.27 0.44
C ASP D 323 -2.68 -39.53 0.84
N MET D 324 -2.70 -38.21 0.74
CA MET D 324 -3.90 -37.45 1.07
C MET D 324 -5.00 -37.73 0.05
N PHE D 325 -6.22 -37.91 0.55
CA PHE D 325 -7.44 -38.04 -0.26
C PHE D 325 -7.51 -39.35 -1.01
N LEU D 326 -6.50 -40.21 -0.91
CA LEU D 326 -6.47 -41.49 -1.61
C LEU D 326 -7.14 -42.57 -0.76
N HIS D 327 -7.92 -43.42 -1.41
CA HIS D 327 -8.61 -44.51 -0.71
C HIS D 327 -7.71 -45.73 -0.61
N PRO D 328 -8.03 -46.67 0.29
CA PRO D 328 -7.07 -47.74 0.62
C PRO D 328 -6.57 -48.53 -0.58
N ALA D 329 -7.39 -48.76 -1.61
CA ALA D 329 -6.91 -49.47 -2.77
C ALA D 329 -5.86 -48.66 -3.52
N TRP D 330 -6.02 -47.34 -3.55
CA TRP D 330 -5.02 -46.48 -4.17
C TRP D 330 -3.77 -46.36 -3.30
N GLN D 331 -3.91 -46.46 -1.98
CA GLN D 331 -2.78 -46.35 -1.09
C GLN D 331 -1.81 -47.51 -1.23
N GLN D 332 -2.25 -48.64 -1.77
CA GLN D 332 -1.41 -49.82 -1.92
C GLN D 332 -0.60 -49.81 -3.21
N GLN D 333 -0.67 -48.73 -3.99
CA GLN D 333 0.01 -48.67 -5.27
C GLN D 333 0.72 -47.34 -5.53
N ILE D 334 0.68 -46.39 -4.61
CA ILE D 334 1.23 -45.07 -4.88
C ILE D 334 2.75 -45.10 -4.95
N ILE D 335 3.39 -45.82 -4.02
CA ILE D 335 4.84 -45.79 -3.93
C ILE D 335 5.47 -46.44 -5.15
N GLN D 336 4.95 -47.60 -5.55
CA GLN D 336 5.50 -48.28 -6.72
C GLN D 336 5.27 -47.46 -7.98
N SER D 337 4.13 -46.79 -8.07
CA SER D 337 3.87 -45.91 -9.22
C SER D 337 4.90 -44.79 -9.27
N LEU D 338 5.19 -44.16 -8.12
CA LEU D 338 6.20 -43.10 -8.09
C LEU D 338 7.56 -43.64 -8.49
N ARG D 339 7.92 -44.83 -8.00
CA ARG D 339 9.21 -45.41 -8.36
C ARG D 339 9.30 -45.76 -9.84
N SER D 340 8.19 -46.17 -10.45
CA SER D 340 8.20 -46.50 -11.87
C SER D 340 8.22 -45.26 -12.76
N ALA D 341 7.54 -44.18 -12.36
CA ALA D 341 7.50 -42.98 -13.18
C ALA D 341 8.87 -42.28 -13.19
N PHE D 342 9.53 -42.21 -12.04
CA PHE D 342 10.80 -41.49 -11.89
C PHE D 342 11.78 -42.43 -11.18
N PRO D 343 12.41 -43.35 -11.92
CA PRO D 343 13.22 -44.39 -11.28
C PRO D 343 14.64 -43.98 -10.91
N GLN D 344 15.04 -42.73 -11.13
CA GLN D 344 16.38 -42.27 -10.80
C GLN D 344 16.38 -41.18 -9.73
N ILE D 345 15.26 -40.95 -9.06
CA ILE D 345 15.11 -39.86 -8.11
C ILE D 345 14.98 -40.46 -6.71
N GLN D 346 15.51 -39.72 -5.72
CA GLN D 346 15.42 -40.10 -4.33
C GLN D 346 14.20 -39.46 -3.70
N PHE D 347 13.31 -40.27 -3.16
CA PHE D 347 12.05 -39.81 -2.58
C PHE D 347 12.12 -39.89 -1.06
N ILE D 348 11.72 -38.82 -0.39
CA ILE D 348 11.58 -38.79 1.06
C ILE D 348 10.17 -38.31 1.36
N VAL D 349 9.35 -39.19 1.95
CA VAL D 349 7.93 -38.94 2.13
C VAL D 349 7.54 -39.20 3.58
N THR D 350 6.34 -38.76 3.93
CA THR D 350 5.77 -38.99 5.25
C THR D 350 4.34 -39.52 5.09
N THR D 351 3.93 -40.37 6.03
CA THR D 351 2.62 -40.99 5.96
C THR D 351 2.26 -41.56 7.33
N HIS D 352 0.97 -41.86 7.51
CA HIS D 352 0.51 -42.61 8.68
C HIS D 352 -0.54 -43.64 8.29
N SER D 353 -0.33 -44.33 7.17
CA SER D 353 -1.29 -45.31 6.65
C SER D 353 -0.65 -46.68 6.62
N PRO D 354 -1.21 -47.70 7.28
CA PRO D 354 -0.62 -49.04 7.20
C PRO D 354 -0.58 -49.60 5.79
N GLN D 355 -1.53 -49.20 4.94
CA GLN D 355 -1.55 -49.71 3.56
C GLN D 355 -0.30 -49.31 2.81
N VAL D 356 0.19 -48.08 3.01
CA VAL D 356 1.43 -47.65 2.38
C VAL D 356 2.62 -48.38 2.99
N LEU D 357 2.61 -48.56 4.31
CA LEU D 357 3.75 -49.15 4.99
C LEU D 357 3.89 -50.64 4.68
N SER D 358 2.81 -51.28 4.23
CA SER D 358 2.89 -52.71 3.92
C SER D 358 3.50 -52.99 2.55
N THR D 359 3.90 -51.96 1.80
CA THR D 359 4.39 -52.11 0.45
C THR D 359 5.87 -51.77 0.31
N VAL D 360 6.57 -51.53 1.42
CA VAL D 360 8.00 -51.25 1.40
C VAL D 360 8.69 -52.16 2.41
N LYS D 361 9.99 -52.31 2.23
CA LYS D 361 10.80 -53.11 3.14
C LYS D 361 11.12 -52.30 4.40
N ARG D 362 11.42 -53.02 5.48
CA ARG D 362 11.63 -52.39 6.78
C ARG D 362 12.86 -51.49 6.79
N GLU D 363 13.75 -51.60 5.82
CA GLU D 363 14.93 -50.75 5.77
C GLU D 363 14.63 -49.35 5.21
N SER D 364 13.43 -49.14 4.67
CA SER D 364 13.03 -47.85 4.12
C SER D 364 12.10 -47.08 5.05
N ILE D 365 11.92 -47.54 6.27
CA ILE D 365 11.01 -46.93 7.24
C ILE D 365 11.83 -46.38 8.40
N ARG D 366 11.48 -45.18 8.84
CA ARG D 366 12.11 -44.54 10.00
C ARG D 366 11.01 -44.13 10.97
N LEU D 367 11.11 -44.59 12.21
CA LEU D 367 10.16 -44.22 13.25
C LEU D 367 10.80 -43.19 14.17
N LEU D 368 10.15 -42.04 14.33
CA LEU D 368 10.69 -40.93 15.11
C LEU D 368 10.05 -40.89 16.49
N GLU D 369 10.87 -40.64 17.51
CA GLU D 369 10.39 -40.50 18.87
C GLU D 369 11.32 -39.55 19.63
N GLN D 370 10.79 -39.01 20.71
CA GLN D 370 11.55 -38.14 21.61
C GLN D 370 11.37 -38.61 23.04
N ASP D 371 12.31 -38.22 23.88
CA ASP D 371 12.21 -38.40 25.32
C ASP D 371 11.85 -37.07 25.97
N GLU D 372 11.81 -37.06 27.31
CA GLU D 372 11.38 -35.86 28.02
C GLU D 372 12.31 -34.68 27.76
N ASN D 373 13.58 -34.93 27.47
CA ASN D 373 14.58 -33.89 27.34
C ASN D 373 14.83 -33.46 25.90
N GLY D 374 14.08 -33.99 24.94
CA GLY D 374 14.17 -33.57 23.56
C GLY D 374 15.06 -34.42 22.67
N ASN D 375 15.81 -35.36 23.25
CA ASN D 375 16.64 -36.23 22.44
C ASN D 375 15.78 -37.10 21.53
N GLY D 376 16.18 -37.20 20.27
CA GLY D 376 15.41 -37.87 19.24
C GLY D 376 16.08 -39.14 18.75
N LYS D 377 15.26 -40.05 18.24
CA LYS D 377 15.73 -41.31 17.68
C LYS D 377 14.95 -41.62 16.41
N ALA D 378 15.64 -42.18 15.41
CA ALA D 378 15.02 -42.58 14.15
C ALA D 378 15.39 -44.05 13.90
N LEU D 379 14.51 -44.95 14.30
CA LEU D 379 14.78 -46.38 14.30
C LEU D 379 14.01 -47.08 13.19
N MET D 380 14.35 -48.35 12.97
CA MET D 380 13.68 -49.23 12.04
C MET D 380 12.67 -50.10 12.77
N PRO D 381 11.64 -50.60 12.06
CA PRO D 381 10.75 -51.58 12.67
C PRO D 381 11.50 -52.86 13.05
N LEU D 382 11.08 -53.47 14.16
CA LEU D 382 11.70 -54.71 14.61
C LEU D 382 11.27 -55.91 13.79
N GLY D 383 10.06 -55.88 13.21
CA GLY D 383 9.54 -56.97 12.43
C GLY D 383 9.36 -56.62 10.96
N ALA D 384 9.16 -57.65 10.16
CA ALA D 384 9.00 -57.46 8.72
C ALA D 384 7.70 -56.75 8.40
N THR D 385 7.75 -55.92 7.36
CA THR D 385 6.58 -55.19 6.89
C THR D 385 6.28 -55.39 5.41
N TYR D 386 7.15 -56.04 4.66
CA TYR D 386 6.98 -56.14 3.20
C TYR D 386 6.00 -57.26 2.89
N GLY D 387 4.84 -56.91 2.36
CA GLY D 387 3.85 -57.88 1.98
C GLY D 387 2.97 -58.38 3.10
N GLU D 388 3.13 -57.86 4.31
CA GLU D 388 2.36 -58.33 5.45
C GLU D 388 0.96 -57.71 5.46
N PRO D 389 0.01 -58.35 6.13
CA PRO D 389 -1.34 -57.77 6.21
C PRO D 389 -1.33 -56.43 6.93
N SER D 390 -2.37 -55.64 6.67
CA SER D 390 -2.42 -54.28 7.19
C SER D 390 -2.52 -54.24 8.71
N ASN D 391 -3.28 -55.17 9.31
CA ASN D 391 -3.42 -55.17 10.76
C ASN D 391 -2.10 -55.52 11.43
N ASP D 392 -1.32 -56.43 10.82
CA ASP D 392 -0.01 -56.76 11.36
C ASP D 392 0.88 -55.54 11.41
N VAL D 393 0.90 -54.75 10.34
CA VAL D 393 1.71 -53.54 10.32
C VAL D 393 1.17 -52.52 11.32
N LEU D 394 -0.16 -52.42 11.42
CA LEU D 394 -0.76 -51.44 12.33
C LEU D 394 -0.37 -51.72 13.77
N GLN D 395 -0.42 -52.99 14.20
CA GLN D 395 -0.13 -53.30 15.59
C GLN D 395 1.38 -53.39 15.85
N SER D 396 2.12 -54.01 14.94
CA SER D 396 3.54 -54.25 15.18
C SER D 396 4.35 -52.97 15.07
N VAL D 397 4.03 -52.10 14.11
CA VAL D 397 4.80 -50.90 13.83
C VAL D 397 4.22 -49.69 14.55
N MET D 398 2.94 -49.41 14.34
CA MET D 398 2.31 -48.22 14.88
C MET D 398 1.75 -48.42 16.28
N GLY D 399 1.74 -49.65 16.79
CA GLY D 399 1.29 -49.89 18.15
C GLY D 399 -0.17 -49.58 18.39
N VAL D 400 -1.05 -49.99 17.47
CA VAL D 400 -2.49 -49.78 17.60
C VAL D 400 -3.17 -51.13 17.46
N ASP D 401 -4.02 -51.46 18.43
CA ASP D 401 -4.74 -52.72 18.39
C ASP D 401 -5.85 -52.65 17.33
N PRO D 402 -5.91 -53.60 16.38
CA PRO D 402 -6.98 -53.54 15.38
C PRO D 402 -8.38 -53.65 15.97
N GLN D 403 -8.53 -54.21 17.16
CA GLN D 403 -9.84 -54.31 17.80
C GLN D 403 -10.21 -52.97 18.41
N PRO D 404 -11.29 -52.32 17.96
CA PRO D 404 -11.63 -51.01 18.51
C PRO D 404 -12.15 -51.10 19.94
N ALA D 405 -12.00 -49.98 20.65
CA ALA D 405 -12.37 -49.91 22.07
C ALA D 405 -13.86 -49.56 22.20
N VAL D 406 -14.68 -50.51 21.79
CA VAL D 406 -16.13 -50.41 21.97
C VAL D 406 -16.46 -50.83 23.40
N LYS D 407 -17.71 -50.62 23.81
CA LYS D 407 -18.10 -50.93 25.18
C LYS D 407 -17.80 -52.38 25.56
N GLU D 408 -17.93 -53.30 24.63
CA GLU D 408 -17.84 -54.72 24.91
C GLU D 408 -16.42 -55.26 24.85
N LYS D 409 -15.41 -54.41 24.65
CA LYS D 409 -14.05 -54.91 24.50
C LYS D 409 -13.54 -55.56 25.78
N ALA D 410 -13.77 -54.92 26.93
CA ALA D 410 -13.26 -55.47 28.18
C ALA D 410 -13.88 -56.82 28.49
N ASP D 411 -15.19 -56.96 28.24
CA ASP D 411 -15.84 -58.25 28.43
C ASP D 411 -15.25 -59.30 27.50
N LEU D 412 -14.95 -58.90 26.25
CA LEU D 412 -14.33 -59.84 25.32
C LEU D 412 -12.97 -60.31 25.82
N GLN D 413 -12.16 -59.38 26.33
CA GLN D 413 -10.85 -59.76 26.85
C GLN D 413 -10.98 -60.69 28.04
N LYS D 414 -11.92 -60.40 28.95
CA LYS D 414 -12.12 -61.27 30.10
C LYS D 414 -12.57 -62.66 29.65
N LEU D 415 -13.48 -62.73 28.68
CA LEU D 415 -13.94 -64.02 28.19
C LEU D 415 -12.81 -64.80 27.54
N THR D 416 -11.94 -64.12 26.78
CA THR D 416 -10.79 -64.79 26.19
C THR D 416 -9.88 -65.35 27.28
N GLY D 417 -9.57 -64.53 28.28
CA GLY D 417 -8.70 -64.99 29.35
C GLY D 417 -9.28 -66.18 30.11
N TRP D 418 -10.60 -66.19 30.30
CA TRP D 418 -11.22 -67.30 31.01
C TRP D 418 -11.26 -68.56 30.15
N VAL D 419 -11.61 -68.42 28.87
CA VAL D 419 -11.80 -69.59 28.02
C VAL D 419 -10.46 -70.25 27.72
N ASP D 420 -9.43 -69.46 27.43
CA ASP D 420 -8.15 -70.05 27.05
C ASP D 420 -7.46 -70.75 28.21
N GLN D 421 -7.90 -70.51 29.46
CA GLN D 421 -7.28 -71.11 30.63
C GLN D 421 -8.09 -72.29 31.18
N GLY D 422 -8.99 -72.86 30.38
CA GLY D 422 -9.61 -74.13 30.69
C GLY D 422 -10.95 -74.04 31.39
N LYS D 423 -11.31 -72.89 31.95
CA LYS D 423 -12.55 -72.75 32.71
C LYS D 423 -13.63 -72.17 31.81
N TYR D 424 -14.18 -73.04 30.97
CA TYR D 424 -15.22 -72.66 30.01
C TYR D 424 -16.57 -73.31 30.28
N ASP D 425 -16.64 -74.33 31.13
CA ASP D 425 -17.91 -74.97 31.47
C ASP D 425 -18.60 -74.30 32.66
N GLU D 426 -17.96 -73.33 33.30
CA GLU D 426 -18.58 -72.67 34.43
C GLU D 426 -19.78 -71.84 33.95
N PRO D 427 -20.86 -71.79 34.73
CA PRO D 427 -22.04 -71.03 34.28
C PRO D 427 -21.74 -69.56 33.99
N LYS D 428 -20.86 -68.95 34.77
CA LYS D 428 -20.53 -67.54 34.54
C LYS D 428 -19.91 -67.34 33.17
N THR D 429 -18.99 -68.23 32.78
CA THR D 429 -18.36 -68.12 31.47
C THR D 429 -19.39 -68.26 30.35
N GLN D 430 -20.31 -69.22 30.49
CA GLN D 430 -21.32 -69.42 29.45
C GLN D 430 -22.27 -68.22 29.36
N GLN D 431 -22.64 -67.65 30.50
CA GLN D 431 -23.49 -66.46 30.48
C GLN D 431 -22.79 -65.30 29.80
N LEU D 432 -21.51 -65.09 30.10
CA LEU D 432 -20.76 -64.04 29.42
C LEU D 432 -20.66 -64.33 27.93
N MET D 433 -20.47 -65.59 27.56
CA MET D 433 -20.38 -65.97 26.16
C MET D 433 -21.66 -65.61 25.41
N VAL D 434 -22.82 -65.97 25.98
CA VAL D 434 -24.08 -65.70 25.30
C VAL D 434 -24.33 -64.19 25.24
N ALA D 435 -24.00 -63.47 26.31
CA ALA D 435 -24.17 -62.02 26.30
C ALA D 435 -23.34 -61.38 25.20
N LEU D 436 -22.08 -61.81 25.06
CA LEU D 436 -21.23 -61.24 24.03
C LEU D 436 -21.67 -61.67 22.63
N GLU D 437 -22.20 -62.89 22.49
CA GLU D 437 -22.74 -63.29 21.19
C GLU D 437 -23.90 -62.39 20.78
N VAL D 438 -24.80 -62.08 21.70
CA VAL D 438 -25.90 -61.20 21.35
C VAL D 438 -25.42 -59.77 21.13
N ALA D 439 -24.39 -59.32 21.86
CA ALA D 439 -23.93 -57.94 21.71
C ALA D 439 -23.12 -57.71 20.44
N LEU D 440 -22.33 -58.70 20.01
CA LEU D 440 -21.46 -58.56 18.85
C LEU D 440 -21.79 -59.50 17.70
N GLY D 441 -22.68 -60.46 17.90
CA GLY D 441 -22.96 -61.43 16.86
C GLY D 441 -22.10 -62.68 17.00
N GLU D 442 -22.63 -63.79 16.49
CA GLU D 442 -21.94 -65.07 16.61
C GLU D 442 -20.86 -65.27 15.56
N LYS D 443 -20.71 -64.36 14.61
CA LYS D 443 -19.73 -64.47 13.55
C LYS D 443 -18.47 -63.65 13.81
N HIS D 444 -18.32 -63.11 15.01
CA HIS D 444 -17.12 -62.35 15.33
C HIS D 444 -15.90 -63.26 15.25
N PRO D 445 -14.81 -62.84 14.61
CA PRO D 445 -13.65 -63.74 14.50
C PRO D 445 -13.09 -64.20 15.84
N GLN D 446 -13.05 -63.33 16.83
CA GLN D 446 -12.52 -63.73 18.13
C GLN D 446 -13.42 -64.77 18.79
N LEU D 447 -14.73 -64.57 18.71
CA LEU D 447 -15.65 -65.57 19.26
C LEU D 447 -15.53 -66.89 18.52
N GLN D 448 -15.33 -66.84 17.19
CA GLN D 448 -15.16 -68.05 16.42
C GLN D 448 -13.90 -68.81 16.85
N ARG D 449 -12.79 -68.10 17.02
CA ARG D 449 -11.57 -68.80 17.44
C ARG D 449 -11.67 -69.28 18.88
N LEU D 450 -12.46 -68.59 19.72
CA LEU D 450 -12.70 -69.09 21.07
C LEU D 450 -13.50 -70.38 21.04
N GLN D 451 -14.49 -70.47 20.14
CA GLN D 451 -15.20 -71.73 19.96
C GLN D 451 -14.26 -72.83 19.48
N ARG D 452 -13.35 -72.49 18.56
CA ARG D 452 -12.36 -73.46 18.12
C ARG D 452 -11.48 -73.92 19.28
N SER D 453 -11.08 -72.98 20.14
CA SER D 453 -10.25 -73.33 21.29
C SER D 453 -11.00 -74.26 22.26
N ILE D 454 -12.27 -73.96 22.50
CA ILE D 454 -13.07 -74.83 23.37
C ILE D 454 -13.17 -76.23 22.78
N ALA D 455 -13.41 -76.31 21.47
CA ALA D 455 -13.47 -77.62 20.83
C ALA D 455 -12.15 -78.38 20.96
N ARG D 456 -11.04 -77.68 20.75
CA ARG D 456 -9.74 -78.32 20.87
C ARG D 456 -9.49 -78.83 22.28
N GLN D 457 -9.81 -78.01 23.29
CA GLN D 457 -9.61 -78.42 24.67
C GLN D 457 -10.50 -79.61 25.03
N ARG D 458 -11.73 -79.63 24.52
CA ARG D 458 -12.60 -80.78 24.73
C ARG D 458 -12.01 -82.03 24.08
N LEU D 459 -11.48 -81.89 22.86
CA LEU D 459 -10.91 -83.03 22.16
C LEU D 459 -9.70 -83.59 22.88
N LEU D 460 -8.84 -82.71 23.41
CA LEU D 460 -7.61 -83.18 24.05
C LEU D 460 -7.90 -84.10 25.23
N LYS D 461 -8.90 -83.76 26.04
CA LYS D 461 -9.19 -84.52 27.24
C LYS D 461 -9.87 -85.84 26.87
N GLY D 462 -9.12 -86.74 26.23
CA GLY D 462 -9.65 -88.04 25.84
C GLY D 462 -8.55 -88.99 25.43
N MET E 1 -32.20 21.48 -17.80
CA MET E 1 -31.53 22.40 -16.84
C MET E 1 -30.71 23.44 -17.58
N ARG E 2 -30.66 24.66 -17.03
CA ARG E 2 -29.96 25.76 -17.67
C ARG E 2 -29.42 26.69 -16.60
N ILE E 3 -28.38 27.43 -16.95
CA ILE E 3 -27.77 28.42 -16.07
C ILE E 3 -27.71 29.75 -16.80
N ASP E 4 -28.24 30.80 -16.17
CA ASP E 4 -28.33 32.10 -16.80
C ASP E 4 -27.22 33.06 -16.38
N LYS E 5 -26.80 33.01 -15.12
CA LYS E 5 -25.83 33.96 -14.60
C LYS E 5 -24.98 33.29 -13.53
N LEU E 6 -23.78 33.83 -13.33
CA LEU E 6 -22.85 33.36 -12.33
C LEU E 6 -22.09 34.54 -11.76
N SER E 7 -21.95 34.59 -10.44
CA SER E 7 -21.21 35.65 -9.78
C SER E 7 -20.25 35.04 -8.77
N LEU E 8 -18.98 35.43 -8.85
CA LEU E 8 -17.93 34.92 -7.98
C LEU E 8 -17.55 35.98 -6.95
N LEU E 9 -16.89 35.52 -5.88
CA LEU E 9 -16.52 36.42 -4.80
C LEU E 9 -15.36 35.77 -4.04
N ASN E 10 -14.19 36.40 -4.09
CA ASN E 10 -13.00 35.91 -3.40
C ASN E 10 -12.63 34.49 -3.82
N PHE E 11 -12.85 34.17 -5.10
CA PHE E 11 -12.47 32.87 -5.64
C PHE E 11 -11.01 32.94 -6.08
N ARG E 12 -10.55 31.93 -6.83
CA ARG E 12 -9.13 31.78 -7.09
C ARG E 12 -8.49 33.07 -7.59
N CYS E 13 -8.91 33.53 -8.76
CA CYS E 13 -8.26 34.67 -9.42
C CYS E 13 -9.03 35.97 -9.27
N PHE E 14 -10.33 35.90 -9.04
CA PHE E 14 -11.19 37.08 -9.09
C PHE E 14 -11.61 37.50 -7.69
N LYS E 15 -11.41 38.78 -7.37
CA LYS E 15 -12.02 39.34 -6.17
C LYS E 15 -13.53 39.35 -6.28
N GLN E 16 -14.05 39.66 -7.47
CA GLN E 16 -15.47 39.56 -7.75
C GLN E 16 -15.65 39.52 -9.26
N LEU E 17 -16.80 39.02 -9.70
CA LEU E 17 -17.07 38.88 -11.12
C LEU E 17 -18.56 38.58 -11.32
N ASP E 18 -19.12 39.14 -12.39
CA ASP E 18 -20.47 38.83 -12.83
C ASP E 18 -20.44 38.50 -14.31
N ILE E 19 -21.02 37.36 -14.69
CA ILE E 19 -21.00 36.90 -16.08
C ILE E 19 -22.33 36.24 -16.40
N THR E 20 -22.94 36.66 -17.50
CA THR E 20 -24.15 36.03 -18.02
C THR E 20 -23.80 35.12 -19.19
N PHE E 21 -24.68 34.14 -19.44
CA PHE E 21 -24.44 33.11 -20.42
C PHE E 21 -25.54 33.13 -21.48
N ASP E 22 -25.15 32.90 -22.73
CA ASP E 22 -26.11 32.76 -23.80
C ASP E 22 -26.90 31.46 -23.65
N GLU E 23 -28.05 31.41 -24.32
CA GLU E 23 -28.96 30.27 -24.15
C GLU E 23 -28.41 29.00 -24.80
N HIS E 24 -27.66 29.14 -25.89
CA HIS E 24 -27.20 27.99 -26.66
C HIS E 24 -25.69 27.79 -26.63
N ILE E 25 -24.92 28.82 -26.98
CA ILE E 25 -23.47 28.71 -27.09
C ILE E 25 -22.83 29.96 -26.51
N THR E 26 -21.79 29.78 -25.71
CA THR E 26 -21.03 30.89 -25.14
C THR E 26 -19.55 30.57 -25.25
N ILE E 27 -18.75 31.55 -25.64
CA ILE E 27 -17.31 31.39 -25.83
C ILE E 27 -16.59 32.37 -24.93
N LEU E 28 -15.66 31.87 -24.12
CA LEU E 28 -14.88 32.68 -23.21
C LEU E 28 -13.49 32.90 -23.78
N VAL E 29 -13.04 34.16 -23.80
CA VAL E 29 -11.75 34.55 -24.36
C VAL E 29 -10.99 35.34 -23.30
N ALA E 30 -9.73 34.96 -23.08
CA ALA E 30 -8.89 35.63 -22.10
C ALA E 30 -7.44 35.63 -22.57
N PRO E 31 -6.82 36.80 -22.77
CA PRO E 31 -5.41 36.80 -23.19
C PRO E 31 -4.45 36.37 -22.09
N ASN E 32 -4.65 36.84 -20.86
CA ASN E 32 -3.72 36.61 -19.77
C ASN E 32 -4.38 35.82 -18.66
N GLY E 33 -3.57 35.06 -17.92
CA GLY E 33 -4.02 34.37 -16.74
C GLY E 33 -4.84 33.12 -17.04
N ALA E 34 -5.48 32.62 -16.00
CA ALA E 34 -6.30 31.42 -16.05
C ALA E 34 -7.74 31.72 -15.64
N GLY E 35 -8.28 32.83 -16.12
CA GLY E 35 -9.65 33.18 -15.78
C GLY E 35 -10.66 32.21 -16.36
N LYS E 36 -10.44 31.74 -17.59
CA LYS E 36 -11.39 30.84 -18.21
C LYS E 36 -11.51 29.52 -17.45
N THR E 37 -10.37 28.96 -17.04
CA THR E 37 -10.39 27.74 -16.24
C THR E 37 -11.09 27.98 -14.91
N THR E 38 -10.89 29.16 -14.32
CA THR E 38 -11.57 29.47 -13.06
C THR E 38 -13.07 29.50 -13.23
N VAL E 39 -13.56 30.13 -14.30
CA VAL E 39 -14.99 30.20 -14.54
C VAL E 39 -15.55 28.81 -14.78
N LEU E 40 -14.85 27.99 -15.57
CA LEU E 40 -15.32 26.63 -15.81
C LEU E 40 -15.37 25.82 -14.51
N ASP E 41 -14.35 25.97 -13.66
CA ASP E 41 -14.33 25.25 -12.40
C ASP E 41 -15.47 25.71 -11.49
N ALA E 42 -15.74 27.01 -11.45
CA ALA E 42 -16.85 27.50 -10.63
C ALA E 42 -18.18 26.94 -11.12
N VAL E 43 -18.40 26.94 -12.44
CA VAL E 43 -19.64 26.38 -12.97
C VAL E 43 -19.73 24.90 -12.62
N ARG E 44 -18.63 24.17 -12.75
CA ARG E 44 -18.65 22.74 -12.45
C ARG E 44 -18.95 22.50 -10.98
N LEU E 45 -18.45 23.36 -10.09
CA LEU E 45 -18.75 23.23 -8.67
C LEU E 45 -20.21 23.54 -8.38
N ALA E 46 -20.80 24.48 -9.13
CA ALA E 46 -22.19 24.86 -8.88
C ALA E 46 -23.18 23.80 -9.33
N LEU E 47 -22.77 22.85 -10.17
CA LEU E 47 -23.67 21.82 -10.67
C LEU E 47 -23.65 20.54 -9.85
N PHE E 48 -22.75 20.42 -8.89
CA PHE E 48 -22.54 19.17 -8.17
C PHE E 48 -23.68 18.82 -7.22
N PRO E 49 -24.35 19.79 -6.60
CA PRO E 49 -25.47 19.43 -5.71
C PRO E 49 -26.54 18.62 -6.40
N PHE E 50 -26.74 18.78 -7.71
CA PHE E 50 -27.72 17.99 -8.42
C PHE E 50 -27.27 16.54 -8.57
N ILE E 51 -26.00 16.35 -8.96
CA ILE E 51 -25.47 15.00 -9.10
C ILE E 51 -25.41 14.30 -7.75
N ARG E 52 -25.25 15.07 -6.67
CA ARG E 52 -25.17 14.48 -5.34
C ARG E 52 -26.46 13.74 -4.97
N GLY E 53 -27.59 14.13 -5.56
CA GLY E 53 -28.86 13.52 -5.23
C GLY E 53 -29.12 12.17 -5.87
N PHE E 54 -28.23 11.71 -6.75
CA PHE E 54 -28.39 10.44 -7.45
C PHE E 54 -27.47 9.36 -6.89
N ASP E 55 -26.93 9.56 -5.68
CA ASP E 55 -25.90 8.73 -5.07
C ASP E 55 -24.54 8.96 -5.71
N ALA E 56 -24.45 9.76 -6.76
CA ALA E 56 -23.18 10.09 -7.40
C ALA E 56 -22.55 11.23 -6.60
N SER E 57 -21.53 10.92 -5.81
CA SER E 57 -20.93 11.88 -4.90
C SER E 57 -19.45 11.52 -4.78
N LEU E 58 -18.80 12.02 -3.74
CA LEU E 58 -17.39 11.72 -3.54
C LEU E 58 -17.20 10.33 -2.95
N TYR E 59 -17.86 9.34 -3.55
CA TYR E 59 -17.67 7.96 -3.15
C TYR E 59 -16.37 7.39 -3.68
N VAL E 60 -15.82 7.97 -4.74
CA VAL E 60 -14.48 7.66 -5.21
C VAL E 60 -13.53 8.68 -4.60
N LYS E 61 -14.03 9.47 -3.66
CA LYS E 61 -13.24 10.50 -2.97
C LYS E 61 -12.70 11.53 -3.97
N ASP E 62 -13.62 12.21 -4.64
CA ASP E 62 -13.28 13.31 -5.53
C ASP E 62 -13.30 14.60 -4.72
N LYS E 63 -12.12 15.04 -4.29
CA LYS E 63 -12.00 16.24 -3.47
C LYS E 63 -12.12 17.52 -4.29
N SER E 64 -11.98 17.44 -5.61
CA SER E 64 -12.07 18.63 -6.46
C SER E 64 -13.50 19.11 -6.68
N LEU E 65 -14.50 18.33 -6.26
CA LEU E 65 -15.90 18.68 -6.47
C LEU E 65 -16.49 19.44 -5.30
N ALA E 66 -15.65 20.16 -4.55
CA ALA E 66 -16.12 21.05 -3.49
C ALA E 66 -15.12 22.17 -3.34
N ILE E 67 -15.55 23.26 -2.69
CA ILE E 67 -14.65 24.37 -2.45
C ILE E 67 -13.60 23.95 -1.43
N ARG E 68 -12.33 24.13 -1.77
CA ARG E 68 -11.21 23.75 -0.92
C ARG E 68 -10.53 25.01 -0.38
N THR E 69 -9.68 24.81 0.63
CA THR E 69 -8.92 25.92 1.18
C THR E 69 -7.93 26.47 0.17
N GLU E 70 -7.58 25.68 -0.85
CA GLU E 70 -6.71 26.15 -1.92
C GLU E 70 -7.46 26.99 -2.96
N ASP E 71 -8.79 27.08 -2.86
CA ASP E 71 -9.59 27.88 -3.78
C ASP E 71 -9.84 29.30 -3.28
N LEU E 72 -9.37 29.64 -2.08
CA LEU E 72 -9.55 30.98 -1.57
C LEU E 72 -8.42 31.89 -2.04
N ARG E 73 -8.66 33.19 -1.92
CA ARG E 73 -7.79 34.22 -2.49
C ARG E 73 -6.77 34.68 -1.46
N LEU E 74 -5.49 34.63 -1.82
CA LEU E 74 -4.39 35.05 -0.96
C LEU E 74 -3.74 36.28 -1.56
N ILE E 75 -3.57 37.33 -0.75
CA ILE E 75 -2.99 38.59 -1.20
C ILE E 75 -1.59 38.70 -0.62
N TYR E 76 -0.59 38.75 -1.51
CA TYR E 76 0.79 38.98 -1.10
C TYR E 76 1.11 40.47 -1.21
N ARG E 77 1.47 41.07 -0.09
CA ARG E 77 1.88 42.48 -0.05
C ARG E 77 3.36 42.53 0.26
N GLN E 78 4.12 43.18 -0.62
CA GLN E 78 5.57 43.17 -0.50
C GLN E 78 6.06 43.84 0.78
N GLU E 79 5.43 44.95 1.19
CA GLU E 79 5.93 45.75 2.29
C GLU E 79 5.57 45.20 3.66
N ALA E 80 4.82 44.10 3.73
CA ALA E 80 4.43 43.46 4.99
C ALA E 80 4.86 42.00 4.98
N LEU E 81 5.19 41.49 6.17
CA LEU E 81 5.65 40.10 6.29
C LEU E 81 4.51 39.08 6.26
N ASN E 82 3.40 39.32 6.94
CA ASN E 82 2.35 38.32 7.05
C ASN E 82 1.48 38.31 5.78
N MET E 83 0.71 37.25 5.62
CA MET E 83 -0.13 37.04 4.44
C MET E 83 -1.43 36.39 4.90
N GLU E 84 -2.56 37.02 4.59
CA GLU E 84 -3.86 36.58 5.06
C GLU E 84 -4.73 36.13 3.90
N MET E 85 -5.87 35.53 4.24
CA MET E 85 -6.84 35.03 3.28
C MET E 85 -8.03 35.97 3.17
N SER E 86 -8.65 35.98 2.00
CA SER E 86 -9.92 36.68 1.78
C SER E 86 -11.05 35.70 2.01
N SER E 87 -11.93 36.02 2.95
CA SER E 87 -13.04 35.16 3.30
C SER E 87 -14.31 35.99 3.43
N PRO E 88 -15.47 35.40 3.12
CA PRO E 88 -15.70 34.05 2.57
C PRO E 88 -15.57 33.99 1.06
N ALA E 89 -15.35 32.79 0.51
CA ALA E 89 -15.42 32.56 -0.93
C ALA E 89 -16.81 32.05 -1.29
N LYS E 90 -17.42 32.66 -2.31
CA LYS E 90 -18.81 32.38 -2.63
C LYS E 90 -18.97 32.09 -4.11
N ILE E 91 -19.97 31.27 -4.43
CA ILE E 91 -20.41 31.03 -5.80
C ILE E 91 -21.93 31.11 -5.80
N THR E 92 -22.48 32.01 -6.61
CA THR E 92 -23.91 32.19 -6.76
C THR E 92 -24.32 31.94 -8.19
N ALA E 93 -25.35 31.11 -8.38
CA ALA E 93 -25.81 30.72 -9.70
C ALA E 93 -27.31 30.95 -9.83
N THR E 94 -27.73 31.40 -11.00
CA THR E 94 -29.13 31.57 -11.34
C THR E 94 -29.41 30.82 -12.64
N GLY E 95 -30.54 30.13 -12.69
CA GLY E 95 -30.89 29.40 -13.89
C GLY E 95 -32.26 28.79 -13.78
N GLU E 96 -32.45 27.67 -14.47
CA GLU E 96 -33.71 26.96 -14.53
C GLU E 96 -33.47 25.47 -14.38
N TRP E 97 -34.34 24.81 -13.61
CA TRP E 97 -34.26 23.38 -13.39
C TRP E 97 -35.23 22.62 -14.30
N ALA E 98 -36.52 22.93 -14.20
CA ALA E 98 -37.54 22.40 -15.08
C ALA E 98 -38.25 23.57 -15.76
N SER E 99 -39.15 23.25 -16.67
CA SER E 99 -39.85 24.29 -17.42
C SER E 99 -40.58 25.22 -16.45
N GLY E 100 -40.17 26.49 -16.45
CA GLY E 100 -40.82 27.49 -15.62
C GLY E 100 -40.36 27.52 -14.18
N LYS E 101 -39.33 26.76 -13.81
CA LYS E 101 -38.84 26.68 -12.44
C LYS E 101 -37.51 27.41 -12.37
N THR E 102 -37.56 28.69 -12.00
CA THR E 102 -36.37 29.51 -11.82
C THR E 102 -35.92 29.49 -10.37
N ALA E 103 -34.61 29.44 -10.17
CA ALA E 103 -34.05 29.32 -8.83
C ALA E 103 -32.71 30.03 -8.76
N THR E 104 -32.28 30.30 -7.53
CA THR E 104 -30.97 30.88 -7.24
C THR E 104 -30.39 30.18 -6.02
N TRP E 105 -29.21 29.60 -6.17
CA TRP E 105 -28.58 28.85 -5.09
C TRP E 105 -27.13 29.30 -4.95
N MET E 106 -26.60 29.11 -3.74
CA MET E 106 -25.29 29.65 -3.36
C MET E 106 -24.49 28.61 -2.57
N LEU E 107 -23.17 28.63 -2.77
CA LEU E 107 -22.22 27.84 -2.00
C LEU E 107 -21.13 28.75 -1.47
N ASP E 108 -20.74 28.56 -0.22
CA ASP E 108 -19.72 29.41 0.38
C ASP E 108 -18.83 28.61 1.33
N LYS E 109 -17.65 29.18 1.60
CA LYS E 109 -16.69 28.58 2.52
C LYS E 109 -15.97 29.69 3.28
N ARG E 110 -15.79 29.50 4.58
CA ARG E 110 -15.19 30.49 5.47
C ARG E 110 -13.92 29.90 6.07
N GLY E 111 -12.77 30.41 5.67
CA GLY E 111 -11.52 29.95 6.24
C GLY E 111 -11.32 28.47 6.04
N GLU E 112 -10.90 27.78 7.09
CA GLU E 112 -10.70 26.34 7.08
C GLU E 112 -11.96 25.57 7.46
N GLN E 113 -13.07 26.27 7.68
CA GLN E 113 -14.29 25.59 8.05
C GLN E 113 -14.84 24.79 6.86
N PRO E 114 -15.61 23.73 7.13
CA PRO E 114 -16.17 22.95 6.02
C PRO E 114 -17.09 23.80 5.18
N PRO E 115 -17.17 23.53 3.88
CA PRO E 115 -18.04 24.34 3.02
C PRO E 115 -19.51 24.17 3.39
N HIS E 116 -20.29 25.23 3.15
CA HIS E 116 -21.69 25.29 3.54
C HIS E 116 -22.52 25.77 2.35
N GLU E 117 -23.78 25.34 2.32
CA GLU E 117 -24.68 25.70 1.24
C GLU E 117 -26.05 26.07 1.82
N ASP E 118 -26.76 26.95 1.11
CA ASP E 118 -28.02 27.49 1.59
C ASP E 118 -29.16 26.49 1.33
N LYS E 119 -30.40 26.95 1.51
CA LYS E 119 -31.54 26.04 1.40
C LYS E 119 -31.89 25.71 -0.04
N MET E 120 -31.69 26.64 -0.97
CA MET E 120 -31.94 26.31 -2.37
C MET E 120 -30.95 25.28 -2.89
N ALA E 121 -29.71 25.31 -2.39
CA ALA E 121 -28.76 24.25 -2.75
C ALA E 121 -29.24 22.89 -2.26
N ALA E 122 -29.99 22.87 -1.15
CA ALA E 122 -30.57 21.62 -0.67
C ALA E 122 -31.78 21.21 -1.51
N GLN E 123 -32.57 22.19 -1.95
CA GLN E 123 -33.68 21.86 -2.85
C GLN E 123 -33.18 21.31 -4.18
N LEU E 124 -31.99 21.75 -4.61
CA LEU E 124 -31.41 21.18 -5.82
C LEU E 124 -31.06 19.71 -5.65
N THR E 125 -30.69 19.30 -4.43
CA THR E 125 -30.48 17.87 -4.16
C THR E 125 -31.81 17.13 -4.03
N ARG E 126 -32.82 17.79 -3.44
CA ARG E 126 -34.13 17.16 -3.34
C ARG E 126 -34.72 16.88 -4.72
N TRP E 127 -34.50 17.78 -5.67
CA TRP E 127 -35.00 17.56 -7.02
C TRP E 127 -34.36 16.33 -7.65
N GLY E 128 -33.04 16.17 -7.48
CA GLY E 128 -32.38 14.98 -7.97
C GLY E 128 -32.90 13.71 -7.31
N GLU E 129 -33.15 13.79 -6.00
CA GLU E 129 -33.66 12.62 -5.29
C GLU E 129 -35.05 12.23 -5.77
N GLN E 130 -35.92 13.21 -6.03
CA GLN E 130 -37.25 12.86 -6.52
C GLN E 130 -37.23 12.40 -7.96
N LEU E 131 -36.30 12.91 -8.78
CA LEU E 131 -36.12 12.35 -10.11
C LEU E 131 -35.67 10.90 -10.03
N GLN E 132 -34.76 10.60 -9.11
CA GLN E 132 -34.34 9.21 -8.91
C GLN E 132 -35.51 8.33 -8.48
N LYS E 133 -36.34 8.84 -7.57
CA LYS E 133 -37.51 8.09 -7.14
C LYS E 133 -38.44 7.80 -8.31
N ARG E 134 -38.68 8.81 -9.16
CA ARG E 134 -39.54 8.58 -10.32
C ARG E 134 -38.91 7.59 -11.29
N VAL E 135 -37.59 7.60 -11.43
CA VAL E 135 -36.93 6.65 -12.31
C VAL E 135 -37.07 5.23 -11.78
N ARG E 136 -37.02 5.05 -10.46
CA ARG E 136 -37.07 3.71 -9.89
C ARG E 136 -38.47 3.11 -9.87
N GLU E 137 -39.51 3.91 -10.07
CA GLU E 137 -40.88 3.37 -10.17
C GLU E 137 -41.23 3.18 -11.64
N GLU E 138 -40.60 2.16 -12.23
CA GLU E 138 -40.74 1.89 -13.65
C GLU E 138 -42.09 1.27 -14.01
N HIS E 139 -42.88 0.90 -13.01
CA HIS E 139 -44.21 0.33 -13.24
C HIS E 139 -45.23 1.46 -13.45
N SER E 140 -44.97 2.26 -14.48
CA SER E 140 -45.77 3.43 -14.78
C SER E 140 -45.91 3.59 -16.28
N LEU E 141 -46.95 4.32 -16.69
CA LEU E 141 -47.16 4.63 -18.09
C LEU E 141 -46.53 5.96 -18.49
N GLN E 142 -46.42 6.89 -17.55
CA GLN E 142 -45.77 8.17 -17.83
C GLN E 142 -44.26 7.98 -17.95
N GLN E 143 -43.63 8.84 -18.74
CA GLN E 143 -42.19 8.81 -18.96
C GLN E 143 -41.55 10.04 -18.34
N VAL E 144 -40.41 9.84 -17.67
CA VAL E 144 -39.62 10.91 -17.09
C VAL E 144 -38.32 11.00 -17.88
N GLU E 145 -37.89 12.23 -18.16
CA GLU E 145 -36.71 12.49 -18.97
C GLU E 145 -35.66 13.19 -18.13
N LEU E 146 -34.45 12.64 -18.13
CA LEU E 146 -33.37 13.14 -17.29
C LEU E 146 -32.46 14.09 -18.07
N PRO E 147 -31.91 15.13 -17.43
CA PRO E 147 -30.99 16.03 -18.12
C PRO E 147 -29.57 15.46 -18.18
N LEU E 148 -28.68 16.23 -18.79
CA LEU E 148 -27.29 15.82 -19.00
C LEU E 148 -26.36 16.85 -18.37
N MET E 149 -25.38 16.36 -17.62
CA MET E 149 -24.27 17.18 -17.12
C MET E 149 -22.97 16.52 -17.55
N LEU E 150 -22.06 17.32 -18.10
CA LEU E 150 -20.81 16.78 -18.60
C LEU E 150 -19.72 17.84 -18.52
N TYR E 151 -18.50 17.40 -18.25
CA TYR E 151 -17.32 18.25 -18.20
C TYR E 151 -16.21 17.61 -19.01
N LEU E 152 -15.61 18.38 -19.91
CA LEU E 152 -14.53 17.91 -20.76
C LEU E 152 -13.34 18.85 -20.57
N GLY E 153 -12.29 18.37 -19.93
CA GLY E 153 -11.10 19.16 -19.67
C GLY E 153 -9.99 18.90 -20.67
N THR E 154 -8.89 19.61 -20.48
CA THR E 154 -7.73 19.45 -21.36
C THR E 154 -7.07 18.09 -21.22
N ALA E 155 -7.26 17.42 -20.08
CA ALA E 155 -6.66 16.10 -19.84
C ALA E 155 -7.54 14.95 -20.30
N ARG E 156 -8.40 15.19 -21.30
CA ARG E 156 -9.32 14.16 -21.78
C ARG E 156 -8.67 13.21 -22.77
N LEU E 157 -7.40 13.38 -23.10
CA LEU E 157 -6.69 12.50 -24.02
C LEU E 157 -5.38 11.98 -23.45
N TRP E 158 -5.14 12.14 -22.15
CA TRP E 158 -3.80 11.95 -21.61
C TRP E 158 -3.44 10.46 -21.54
N TYR E 159 -4.25 9.68 -20.84
CA TYR E 159 -3.95 8.26 -20.59
C TYR E 159 -5.13 7.40 -21.04
N GLN E 160 -5.58 7.60 -22.28
CA GLN E 160 -6.76 6.91 -22.77
C GLN E 160 -6.75 5.42 -22.43
N GLU E 161 -5.57 4.82 -22.24
CA GLU E 161 -5.46 3.39 -21.99
C GLU E 161 -5.25 3.13 -20.49
N ARG E 162 -6.37 3.14 -19.75
CA ARG E 162 -6.41 2.57 -18.41
C ARG E 162 -7.86 2.47 -17.94
N TYR E 163 -8.26 1.30 -17.47
CA TYR E 163 -9.63 1.08 -17.01
C TYR E 163 -9.79 -0.30 -16.38
N GLN E 170 -22.33 -4.64 -18.49
CA GLN E 170 -22.86 -3.67 -19.43
C GLN E 170 -24.32 -3.99 -19.75
N ARG E 171 -25.12 -2.96 -20.00
CA ARG E 171 -26.51 -3.19 -20.37
C ARG E 171 -27.11 -1.90 -20.91
N LEU E 172 -28.25 -2.03 -21.57
CA LEU E 172 -29.01 -0.90 -22.12
C LEU E 172 -30.49 -1.28 -22.07
N ASP E 173 -31.23 -0.70 -21.13
CA ASP E 173 -32.65 -0.97 -20.98
C ASP E 173 -33.27 0.13 -20.13
N ASN E 174 -34.57 -0.01 -19.87
CA ASN E 174 -35.32 0.98 -19.11
C ASN E 174 -35.36 0.57 -17.64
N SER E 175 -34.20 0.61 -17.01
CA SER E 175 -34.05 0.29 -15.60
C SER E 175 -33.27 1.40 -14.91
N ALA E 176 -33.48 1.53 -13.60
CA ALA E 176 -32.80 2.57 -12.84
C ALA E 176 -31.29 2.37 -12.87
N PHE E 177 -30.83 1.13 -12.71
CA PHE E 177 -29.40 0.87 -12.70
C PHE E 177 -28.78 1.22 -14.06
N SER E 178 -29.44 0.85 -15.15
CA SER E 178 -28.92 1.14 -16.47
C SER E 178 -29.03 2.62 -16.80
N ARG E 179 -30.09 3.28 -16.33
CA ARG E 179 -30.32 4.68 -16.67
C ARG E 179 -29.39 5.61 -15.90
N LEU E 180 -29.08 5.28 -14.66
CA LEU E 180 -28.27 6.16 -13.82
C LEU E 180 -26.77 5.96 -14.02
N SER E 181 -26.36 5.07 -14.94
CA SER E 181 -24.96 4.95 -15.27
C SER E 181 -24.47 6.08 -16.18
N GLY E 182 -25.39 6.88 -16.72
CA GLY E 182 -25.01 8.04 -17.50
C GLY E 182 -24.46 9.19 -16.71
N TYR E 183 -24.57 9.13 -15.38
CA TYR E 183 -23.99 10.14 -14.49
C TYR E 183 -22.65 9.71 -13.91
N ASP E 184 -22.17 8.52 -14.24
CA ASP E 184 -20.93 8.01 -13.65
C ASP E 184 -19.75 8.78 -14.20
N ASP E 185 -19.05 9.51 -13.33
CA ASP E 185 -17.87 10.28 -13.70
C ASP E 185 -18.20 11.32 -14.78
N CYS E 186 -19.36 11.97 -14.63
CA CYS E 186 -19.78 12.96 -15.61
C CYS E 186 -19.09 14.31 -15.42
N LEU E 187 -18.64 14.63 -14.21
CA LEU E 187 -17.94 15.88 -13.94
C LEU E 187 -16.47 15.61 -13.61
N SER E 188 -15.97 14.43 -13.98
CA SER E 188 -14.60 14.06 -13.71
C SER E 188 -13.64 14.79 -14.65
N ALA E 189 -12.41 14.97 -14.17
CA ALA E 189 -11.38 15.68 -14.91
C ALA E 189 -10.46 14.76 -15.70
N THR E 190 -10.74 13.46 -15.73
CA THR E 190 -9.89 12.49 -16.40
C THR E 190 -10.58 11.95 -17.65
N SER E 191 -9.83 11.15 -18.42
CA SER E 191 -10.35 10.58 -19.65
C SER E 191 -11.43 9.54 -19.36
N ASN E 192 -12.43 9.50 -20.23
CA ASN E 192 -13.55 8.56 -20.12
C ASN E 192 -13.66 7.68 -21.36
N TYR E 193 -12.55 7.43 -22.06
CA TYR E 193 -12.60 6.77 -23.36
C TYR E 193 -12.82 5.26 -23.25
N LYS E 194 -12.24 4.62 -22.22
CA LYS E 194 -12.36 3.16 -22.11
C LYS E 194 -13.76 2.73 -21.70
N GLN E 195 -14.44 3.52 -20.88
CA GLN E 195 -15.84 3.25 -20.58
C GLN E 195 -16.63 3.15 -21.89
N PHE E 196 -16.46 4.14 -22.77
CA PHE E 196 -17.15 4.12 -24.04
C PHE E 196 -16.74 2.94 -24.89
N GLU E 197 -15.44 2.64 -24.93
CA GLU E 197 -14.97 1.56 -25.80
C GLU E 197 -15.57 0.23 -25.38
N GLN E 198 -15.58 -0.04 -24.07
CA GLN E 198 -16.13 -1.30 -23.58
C GLN E 198 -17.63 -1.37 -23.81
N TRP E 199 -18.37 -0.28 -23.53
CA TRP E 199 -19.81 -0.32 -23.73
C TRP E 199 -20.16 -0.49 -25.21
N TYR E 200 -19.43 0.20 -26.09
CA TYR E 200 -19.70 0.10 -27.52
C TYR E 200 -19.36 -1.28 -28.06
N SER E 201 -18.28 -1.89 -27.55
CA SER E 201 -17.96 -3.25 -27.95
C SER E 201 -19.07 -4.21 -27.53
N TRP E 202 -19.54 -4.09 -26.28
CA TRP E 202 -20.64 -4.92 -25.84
C TRP E 202 -21.88 -4.70 -26.71
N LEU E 203 -22.16 -3.44 -27.05
CA LEU E 203 -23.34 -3.13 -27.85
C LEU E 203 -23.27 -3.80 -29.21
N TRP E 204 -22.14 -3.66 -29.90
CA TRP E 204 -22.01 -4.26 -31.23
C TRP E 204 -22.05 -5.79 -31.16
N LEU E 205 -21.36 -6.39 -30.19
CA LEU E 205 -21.36 -7.85 -30.09
C LEU E 205 -22.75 -8.38 -29.78
N SER E 206 -23.46 -7.72 -28.86
CA SER E 206 -24.82 -8.15 -28.56
C SER E 206 -25.73 -8.00 -29.77
N TYR E 207 -25.58 -6.90 -30.51
CA TYR E 207 -26.38 -6.71 -31.71
C TYR E 207 -26.17 -7.85 -32.68
N ARG E 208 -24.91 -8.18 -32.98
CA ARG E 208 -24.64 -9.23 -33.95
C ARG E 208 -25.12 -10.60 -33.46
N GLU E 209 -24.83 -10.93 -32.20
CA GLU E 209 -25.21 -12.25 -31.69
C GLU E 209 -26.72 -12.40 -31.66
N HIS E 210 -27.46 -11.37 -31.23
CA HIS E 210 -28.91 -11.45 -31.24
C HIS E 210 -29.44 -11.49 -32.66
N GLN E 211 -28.79 -10.82 -33.60
CA GLN E 211 -29.22 -10.89 -35.00
C GLN E 211 -29.13 -12.32 -35.51
N ILE E 212 -28.00 -12.99 -35.25
CA ILE E 212 -27.87 -14.37 -35.74
C ILE E 212 -28.82 -15.31 -34.99
N THR E 213 -29.02 -15.06 -33.69
CA THR E 213 -29.96 -15.90 -32.93
C THR E 213 -31.37 -15.76 -33.47
N GLN E 214 -31.77 -14.53 -33.82
CA GLN E 214 -33.07 -14.33 -34.44
C GLN E 214 -33.14 -15.00 -35.81
N LEU E 215 -32.05 -14.91 -36.59
CA LEU E 215 -32.05 -15.52 -37.92
C LEU E 215 -32.23 -17.04 -37.84
N GLU E 216 -31.55 -17.69 -36.90
CA GLU E 216 -31.61 -19.15 -36.81
C GLU E 216 -32.90 -19.65 -36.17
N SER E 217 -33.68 -18.77 -35.54
CA SER E 217 -34.95 -19.17 -34.93
C SER E 217 -35.84 -17.94 -34.74
N PRO E 218 -36.51 -17.47 -35.79
CA PRO E 218 -37.35 -16.27 -35.67
C PRO E 218 -38.69 -16.50 -34.96
N SER E 219 -38.89 -17.66 -34.33
CA SER E 219 -40.14 -17.90 -33.61
C SER E 219 -40.31 -16.96 -32.42
N ALA E 220 -39.22 -16.32 -31.98
CA ALA E 220 -39.26 -15.33 -30.91
C ALA E 220 -39.31 -13.91 -31.45
N LYS E 221 -40.00 -13.70 -32.57
CA LYS E 221 -40.01 -12.38 -33.19
C LYS E 221 -40.51 -11.32 -32.23
N LEU E 222 -41.78 -11.40 -31.84
CA LEU E 222 -42.44 -10.30 -31.13
C LEU E 222 -41.72 -9.90 -29.84
N LYS E 223 -40.76 -10.69 -29.37
CA LYS E 223 -40.04 -10.39 -28.15
C LYS E 223 -38.58 -10.01 -28.38
N GLU E 224 -37.86 -10.75 -29.23
CA GLU E 224 -36.44 -10.52 -29.42
C GLU E 224 -36.13 -9.61 -30.60
N GLY E 225 -37.03 -9.48 -31.58
CA GLY E 225 -36.78 -8.58 -32.68
C GLY E 225 -36.87 -7.11 -32.33
N VAL E 226 -37.41 -6.78 -31.14
CA VAL E 226 -37.36 -5.42 -30.63
C VAL E 226 -36.09 -5.14 -29.85
N ARG E 227 -35.49 -6.16 -29.21
CA ARG E 227 -34.17 -5.99 -28.62
C ARG E 227 -33.15 -5.59 -29.69
N VAL E 228 -33.17 -6.29 -30.83
CA VAL E 228 -32.25 -5.96 -31.91
C VAL E 228 -32.56 -4.59 -32.48
N GLN E 229 -33.84 -4.22 -32.55
CA GLN E 229 -34.20 -2.89 -33.03
C GLN E 229 -33.67 -1.80 -32.11
N ARG E 230 -33.75 -2.02 -30.79
CA ARG E 230 -33.20 -1.06 -29.85
C ARG E 230 -31.69 -0.94 -30.00
N MET E 231 -31.00 -2.07 -30.16
CA MET E 231 -29.55 -2.03 -30.38
C MET E 231 -29.22 -1.23 -31.63
N LYS E 232 -29.95 -1.50 -32.72
CA LYS E 232 -29.70 -0.81 -33.98
C LYS E 232 -29.96 0.68 -33.85
N GLU E 233 -31.02 1.06 -33.14
CA GLU E 233 -31.34 2.48 -32.99
C GLU E 233 -30.28 3.20 -32.17
N ALA E 234 -29.78 2.58 -31.11
CA ALA E 234 -28.69 3.19 -30.34
C ALA E 234 -27.45 3.38 -31.22
N ILE E 235 -27.07 2.33 -31.96
CA ILE E 235 -25.90 2.43 -32.83
C ILE E 235 -26.10 3.55 -33.85
N GLN E 236 -27.29 3.63 -34.43
CA GLN E 236 -27.56 4.64 -35.45
C GLN E 236 -27.45 6.05 -34.87
N ALA E 237 -28.01 6.27 -33.67
CA ALA E 237 -27.93 7.60 -33.07
C ALA E 237 -26.48 8.01 -32.83
N ILE E 238 -25.67 7.09 -32.27
CA ILE E 238 -24.29 7.43 -31.98
C ILE E 238 -23.52 7.73 -33.28
N GLN E 239 -23.70 6.87 -34.29
CA GLN E 239 -22.96 7.04 -35.53
C GLN E 239 -23.36 8.34 -36.23
N GLN E 240 -24.66 8.67 -36.23
CA GLN E 240 -25.10 9.91 -36.85
C GLN E 240 -24.49 11.12 -36.14
N ALA E 241 -24.47 11.10 -34.80
CA ALA E 241 -23.86 12.20 -34.06
C ALA E 241 -22.39 12.37 -34.44
N ILE E 242 -21.65 11.27 -34.56
CA ILE E 242 -20.23 11.37 -34.87
C ILE E 242 -20.03 11.83 -36.32
N ASN E 243 -20.86 11.35 -37.24
CA ASN E 243 -20.74 11.75 -38.63
C ASN E 243 -20.94 13.24 -38.79
N CYS E 244 -21.93 13.81 -38.09
CA CYS E 244 -22.19 15.24 -38.18
C CYS E 244 -20.93 16.07 -37.99
N LEU E 245 -19.95 15.56 -37.26
CA LEU E 245 -18.72 16.29 -37.01
C LEU E 245 -17.58 15.89 -37.93
N THR E 246 -17.43 14.60 -38.24
CA THR E 246 -16.23 14.18 -38.97
C THR E 246 -16.41 14.15 -40.50
N GLN E 247 -17.60 13.81 -40.99
CA GLN E 247 -17.70 13.33 -42.37
C GLN E 247 -17.36 14.42 -43.37
N GLN E 248 -17.97 15.61 -43.24
CA GLN E 248 -17.83 16.61 -44.28
C GLN E 248 -16.40 17.13 -44.39
N VAL E 249 -15.74 17.32 -43.24
CA VAL E 249 -14.40 17.90 -43.27
C VAL E 249 -13.35 16.84 -43.64
N THR E 250 -13.33 15.71 -42.93
CA THR E 250 -12.25 14.75 -43.12
C THR E 250 -12.60 13.63 -44.09
N GLY E 251 -13.87 13.26 -44.21
CA GLY E 251 -14.30 12.17 -45.05
C GLY E 251 -14.54 10.87 -44.32
N TRP E 252 -13.99 10.73 -43.11
CA TRP E 252 -14.19 9.52 -42.33
C TRP E 252 -15.60 9.49 -41.74
N HIS E 253 -16.14 8.29 -41.59
CA HIS E 253 -17.51 8.13 -41.14
C HIS E 253 -17.72 6.71 -40.63
N ASP E 254 -18.84 6.51 -39.94
CA ASP E 254 -19.33 5.19 -39.56
C ASP E 254 -18.32 4.44 -38.69
N LEU E 255 -18.11 5.00 -37.50
CA LEU E 255 -17.34 4.31 -36.48
C LEU E 255 -18.03 2.99 -36.12
N GLU E 256 -17.24 1.92 -36.06
CA GLU E 256 -17.76 0.59 -35.79
C GLU E 256 -16.81 -0.15 -34.87
N TYR E 257 -17.17 -1.38 -34.55
CA TYR E 257 -16.32 -2.32 -33.83
C TYR E 257 -16.10 -3.54 -34.72
N SER E 258 -14.83 -3.88 -34.94
CA SER E 258 -14.47 -4.97 -35.85
C SER E 258 -13.62 -5.99 -35.10
N ALA E 259 -14.03 -7.25 -35.14
CA ALA E 259 -13.26 -8.33 -34.54
C ALA E 259 -12.12 -8.80 -35.44
N SER E 260 -12.28 -8.68 -36.76
CA SER E 260 -11.24 -9.09 -37.69
C SER E 260 -10.06 -8.14 -37.73
N HIS E 261 -10.20 -6.94 -37.17
CA HIS E 261 -9.11 -5.96 -37.10
C HIS E 261 -8.44 -5.98 -35.73
N ASN E 262 -8.34 -7.16 -35.12
CA ASN E 262 -7.74 -7.31 -33.80
C ASN E 262 -8.62 -6.73 -32.69
N GLN E 263 -9.94 -6.80 -32.86
CA GLN E 263 -10.89 -6.34 -31.86
C GLN E 263 -10.67 -4.86 -31.56
N GLN E 264 -10.91 -4.03 -32.58
CA GLN E 264 -10.62 -2.61 -32.50
C GLN E 264 -11.77 -1.82 -33.12
N LEU E 265 -11.88 -0.56 -32.71
CA LEU E 265 -12.80 0.37 -33.35
C LEU E 265 -12.19 0.90 -34.63
N VAL E 266 -12.95 0.87 -35.72
CA VAL E 266 -12.46 1.28 -37.03
C VAL E 266 -13.42 2.28 -37.65
N MET E 267 -12.90 3.07 -38.58
CA MET E 267 -13.68 4.03 -39.35
C MET E 267 -13.42 3.78 -40.84
N SER E 268 -14.29 4.34 -41.68
CA SER E 268 -14.24 4.10 -43.11
C SER E 268 -14.02 5.41 -43.86
N HIS E 269 -13.29 5.33 -44.97
CA HIS E 269 -13.04 6.45 -45.86
C HIS E 269 -13.31 6.01 -47.29
N PRO E 270 -13.82 6.89 -48.16
CA PRO E 270 -14.10 6.46 -49.54
C PRO E 270 -12.87 5.95 -50.28
N GLN E 271 -11.69 6.51 -50.02
CA GLN E 271 -10.49 6.19 -50.77
C GLN E 271 -9.43 5.45 -49.95
N TYR E 272 -9.53 5.45 -48.62
CA TYR E 272 -8.52 4.83 -47.78
C TYR E 272 -8.99 3.57 -47.08
N GLY E 273 -10.27 3.22 -47.20
CA GLY E 273 -10.75 1.98 -46.61
C GLY E 273 -10.89 2.06 -45.10
N LYS E 274 -10.90 0.89 -44.46
CA LYS E 274 -11.08 0.77 -43.02
C LYS E 274 -9.72 0.78 -42.33
N ILE E 275 -9.55 1.70 -41.38
CA ILE E 275 -8.31 1.79 -40.61
C ILE E 275 -8.66 1.96 -39.14
N PRO E 276 -7.93 1.31 -38.22
CA PRO E 276 -8.23 1.49 -36.79
C PRO E 276 -8.10 2.93 -36.35
N LEU E 277 -8.96 3.32 -35.39
CA LEU E 277 -8.99 4.70 -34.92
C LEU E 277 -7.67 5.09 -34.26
N SER E 278 -7.01 4.16 -33.58
CA SER E 278 -5.76 4.47 -32.89
C SER E 278 -4.66 4.86 -33.87
N GLN E 279 -4.83 4.59 -35.16
CA GLN E 279 -3.84 4.92 -36.17
C GLN E 279 -4.20 6.19 -36.96
N LEU E 280 -5.25 6.90 -36.56
CA LEU E 280 -5.65 8.11 -37.24
C LEU E 280 -5.02 9.34 -36.56
N SER E 281 -5.29 10.52 -37.10
CA SER E 281 -4.61 11.72 -36.65
C SER E 281 -5.12 12.18 -35.29
N ASP E 282 -4.36 13.09 -34.68
CA ASP E 282 -4.68 13.55 -33.34
C ASP E 282 -6.03 14.26 -33.30
N GLY E 283 -6.28 15.16 -34.26
CA GLY E 283 -7.53 15.89 -34.26
C GLY E 283 -8.74 14.99 -34.42
N LEU E 284 -8.63 13.98 -35.28
CA LEU E 284 -9.75 13.06 -35.48
C LEU E 284 -10.06 12.29 -34.21
N ARG E 285 -9.03 11.77 -33.54
CA ARG E 285 -9.27 11.03 -32.30
C ARG E 285 -9.85 11.94 -31.22
N ASN E 286 -9.32 13.16 -31.10
CA ASN E 286 -9.87 14.11 -30.14
C ASN E 286 -11.35 14.36 -30.40
N ALA E 287 -11.70 14.68 -31.64
CA ALA E 287 -13.09 15.00 -31.97
C ALA E 287 -13.99 13.81 -31.73
N VAL E 288 -13.54 12.61 -32.11
CA VAL E 288 -14.36 11.42 -31.93
C VAL E 288 -14.64 11.17 -30.46
N ALA E 289 -13.61 11.28 -29.62
CA ALA E 289 -13.81 11.12 -28.19
C ALA E 289 -14.79 12.15 -27.66
N MET E 290 -14.61 13.41 -28.05
CA MET E 290 -15.45 14.49 -27.56
C MET E 290 -16.91 14.24 -27.89
N VAL E 291 -17.20 13.88 -29.14
CA VAL E 291 -18.59 13.70 -29.54
C VAL E 291 -19.16 12.42 -28.93
N ALA E 292 -18.34 11.37 -28.88
CA ALA E 292 -18.85 10.09 -28.38
C ALA E 292 -19.28 10.21 -26.93
N ASP E 293 -18.50 10.95 -26.13
CA ASP E 293 -18.85 11.13 -24.72
C ASP E 293 -20.31 11.55 -24.59
N ILE E 294 -20.66 12.67 -25.21
CA ILE E 294 -22.01 13.21 -25.13
C ILE E 294 -23.01 12.23 -25.72
N ALA E 295 -22.64 11.58 -26.83
CA ALA E 295 -23.62 10.76 -27.54
C ALA E 295 -24.07 9.56 -26.70
N PHE E 296 -23.12 8.79 -26.16
CA PHE E 296 -23.57 7.62 -25.41
C PHE E 296 -24.11 8.00 -24.05
N ARG E 297 -23.67 9.12 -23.45
CA ARG E 297 -24.33 9.53 -22.22
C ARG E 297 -25.79 9.88 -22.49
N CYS E 298 -26.06 10.56 -23.60
CA CYS E 298 -27.45 10.83 -23.98
C CYS E 298 -28.22 9.54 -24.22
N VAL E 299 -27.60 8.56 -24.88
CA VAL E 299 -28.30 7.31 -25.19
C VAL E 299 -28.60 6.54 -23.92
N LYS E 300 -27.68 6.53 -22.96
CA LYS E 300 -27.88 5.76 -21.74
C LYS E 300 -28.87 6.45 -20.80
N LEU E 301 -28.91 7.78 -20.80
CA LEU E 301 -29.83 8.48 -19.92
C LEU E 301 -31.28 8.30 -20.34
N ASN E 302 -31.56 8.37 -21.64
CA ASN E 302 -32.93 8.42 -22.15
C ASN E 302 -33.14 7.34 -23.20
N PRO E 303 -33.22 6.08 -22.79
CA PRO E 303 -33.39 5.00 -23.77
C PRO E 303 -34.73 5.02 -24.51
N HIS E 304 -35.75 5.70 -23.96
CA HIS E 304 -37.06 5.68 -24.59
C HIS E 304 -37.12 6.57 -25.84
N LEU E 305 -36.20 7.51 -25.98
CA LEU E 305 -36.03 8.26 -27.23
C LEU E 305 -35.06 7.45 -28.09
N GLN E 306 -35.60 6.64 -29.01
CA GLN E 306 -34.80 5.64 -29.68
C GLN E 306 -33.75 6.30 -30.58
N ASN E 307 -34.19 6.99 -31.62
CA ASN E 307 -33.28 7.62 -32.57
C ASN E 307 -32.95 9.05 -32.20
N ASP E 308 -33.90 9.77 -31.61
CA ASP E 308 -33.73 11.19 -31.27
C ASP E 308 -33.21 11.38 -29.86
N ALA E 309 -32.44 10.43 -29.33
CA ALA E 309 -31.90 10.59 -27.98
C ALA E 309 -30.97 11.80 -27.92
N ALA E 310 -30.09 11.95 -28.91
CA ALA E 310 -29.18 13.08 -28.93
C ALA E 310 -29.87 14.37 -29.38
N LEU E 311 -30.85 14.27 -30.28
CA LEU E 311 -31.52 15.44 -30.83
C LEU E 311 -32.57 16.04 -29.91
N LYS E 312 -32.93 15.34 -28.82
CA LYS E 312 -34.00 15.80 -27.94
C LYS E 312 -33.58 15.79 -26.48
N THR E 313 -32.29 15.78 -26.19
CA THR E 313 -31.78 15.76 -24.82
C THR E 313 -31.34 17.17 -24.42
N GLN E 314 -31.60 17.50 -23.15
CA GLN E 314 -31.30 18.82 -22.61
C GLN E 314 -30.28 18.70 -21.49
N GLY E 315 -29.47 19.73 -21.32
CA GLY E 315 -28.44 19.72 -20.29
C GLY E 315 -27.41 20.80 -20.56
N ILE E 316 -26.27 20.64 -19.88
CA ILE E 316 -25.16 21.58 -19.96
C ILE E 316 -23.88 20.80 -20.19
N VAL E 317 -23.06 21.27 -21.14
CA VAL E 317 -21.76 20.67 -21.45
C VAL E 317 -20.70 21.76 -21.40
N LEU E 318 -19.58 21.47 -20.74
CA LEU E 318 -18.47 22.40 -20.63
C LEU E 318 -17.25 21.80 -21.31
N ILE E 319 -16.63 22.57 -22.21
CA ILE E 319 -15.47 22.13 -22.98
C ILE E 319 -14.39 23.19 -22.85
N ASP E 320 -13.17 22.76 -22.58
CA ASP E 320 -12.02 23.66 -22.48
C ASP E 320 -11.11 23.38 -23.66
N GLU E 321 -10.77 24.44 -24.41
CA GLU E 321 -9.97 24.33 -25.63
C GLU E 321 -10.67 23.42 -26.65
N VAL E 322 -11.82 23.91 -27.12
CA VAL E 322 -12.68 23.10 -27.99
C VAL E 322 -12.00 22.77 -29.31
N ASP E 323 -11.11 23.65 -29.80
CA ASP E 323 -10.51 23.50 -31.11
C ASP E 323 -9.10 22.91 -31.04
N MET E 324 -8.86 22.02 -30.08
CA MET E 324 -7.55 21.43 -29.91
C MET E 324 -7.21 20.52 -31.08
N PHE E 325 -6.00 20.67 -31.63
CA PHE E 325 -5.44 19.83 -32.69
C PHE E 325 -6.14 20.00 -34.03
N LEU E 326 -7.14 20.87 -34.13
CA LEU E 326 -7.88 21.06 -35.37
C LEU E 326 -7.20 22.12 -36.23
N HIS E 327 -7.22 21.91 -37.55
CA HIS E 327 -6.61 22.84 -38.48
C HIS E 327 -7.61 23.91 -38.89
N PRO E 328 -7.13 25.04 -39.44
CA PRO E 328 -8.02 26.21 -39.60
C PRO E 328 -9.29 25.93 -40.39
N ALA E 329 -9.25 25.05 -41.39
CA ALA E 329 -10.47 24.73 -42.11
C ALA E 329 -11.47 24.00 -41.22
N TRP E 330 -10.98 23.13 -40.33
CA TRP E 330 -11.85 22.45 -39.38
C TRP E 330 -12.35 23.40 -38.30
N GLN E 331 -11.54 24.40 -37.94
CA GLN E 331 -11.94 25.35 -36.90
C GLN E 331 -13.11 26.21 -37.32
N GLN E 332 -13.39 26.33 -38.61
CA GLN E 332 -14.48 27.14 -39.12
C GLN E 332 -15.81 26.42 -39.16
N GLN E 333 -15.87 25.17 -38.68
CA GLN E 333 -17.09 24.39 -38.75
C GLN E 333 -17.40 23.61 -37.47
N ILE E 334 -16.59 23.73 -36.43
CA ILE E 334 -16.79 22.91 -35.24
C ILE E 334 -18.05 23.34 -34.48
N ILE E 335 -18.26 24.65 -34.33
CA ILE E 335 -19.36 25.13 -33.51
C ILE E 335 -20.70 24.77 -34.13
N GLN E 336 -20.84 24.98 -35.44
CA GLN E 336 -22.09 24.65 -36.11
C GLN E 336 -22.35 23.14 -36.10
N SER E 337 -21.28 22.35 -36.24
CA SER E 337 -21.43 20.91 -36.12
C SER E 337 -21.95 20.50 -34.75
N LEU E 338 -21.40 21.10 -33.69
CA LEU E 338 -21.88 20.79 -32.35
C LEU E 338 -23.33 21.21 -32.17
N ARG E 339 -23.70 22.39 -32.69
CA ARG E 339 -25.08 22.84 -32.58
C ARG E 339 -26.05 21.96 -33.36
N SER E 340 -25.62 21.41 -34.49
CA SER E 340 -26.48 20.53 -35.27
C SER E 340 -26.60 19.13 -34.67
N ALA E 341 -25.53 18.63 -34.06
CA ALA E 341 -25.57 17.29 -33.48
C ALA E 341 -26.44 17.26 -32.22
N PHE E 342 -26.35 18.29 -31.39
CA PHE E 342 -27.08 18.36 -30.12
C PHE E 342 -27.76 19.71 -30.03
N PRO E 343 -28.92 19.89 -30.69
CA PRO E 343 -29.54 21.21 -30.79
C PRO E 343 -30.36 21.64 -29.58
N GLN E 344 -30.35 20.89 -28.48
CA GLN E 344 -31.10 21.26 -27.28
C GLN E 344 -30.22 21.44 -26.06
N ILE E 345 -28.90 21.45 -26.23
CA ILE E 345 -27.97 21.53 -25.11
C ILE E 345 -27.29 22.90 -25.11
N GLN E 346 -27.01 23.39 -23.92
CA GLN E 346 -26.30 24.65 -23.71
C GLN E 346 -24.81 24.37 -23.62
N PHE E 347 -24.04 24.98 -24.53
CA PHE E 347 -22.61 24.77 -24.61
C PHE E 347 -21.88 25.99 -24.07
N ILE E 348 -20.90 25.76 -23.20
CA ILE E 348 -20.00 26.80 -22.71
C ILE E 348 -18.58 26.32 -22.98
N VAL E 349 -17.87 27.02 -23.87
CA VAL E 349 -16.57 26.58 -24.35
C VAL E 349 -15.57 27.73 -24.21
N THR E 350 -14.29 27.39 -24.40
CA THR E 350 -13.21 28.34 -24.39
C THR E 350 -12.33 28.12 -25.61
N THR E 351 -11.73 29.21 -26.11
CA THR E 351 -10.90 29.14 -27.31
C THR E 351 -10.05 30.40 -27.40
N HIS E 352 -9.02 30.33 -28.25
CA HIS E 352 -8.24 31.51 -28.61
C HIS E 352 -7.93 31.52 -30.11
N SER E 353 -8.90 31.15 -30.94
CA SER E 353 -8.71 31.05 -32.38
C SER E 353 -9.63 32.03 -33.09
N PRO E 354 -9.12 32.95 -33.91
CA PRO E 354 -10.04 33.84 -34.63
C PRO E 354 -10.98 33.11 -35.58
N GLN E 355 -10.57 31.95 -36.10
CA GLN E 355 -11.42 31.22 -37.02
C GLN E 355 -12.71 30.77 -36.35
N VAL E 356 -12.61 30.35 -35.08
CA VAL E 356 -13.81 29.98 -34.34
C VAL E 356 -14.65 31.21 -34.03
N LEU E 357 -14.00 32.32 -33.66
CA LEU E 357 -14.74 33.51 -33.25
C LEU E 357 -15.44 34.17 -34.43
N SER E 358 -14.99 33.92 -35.66
CA SER E 358 -15.62 34.52 -36.81
C SER E 358 -16.93 33.85 -37.21
N THR E 359 -17.34 32.79 -36.50
CA THR E 359 -18.51 32.00 -36.87
C THR E 359 -19.65 32.14 -35.87
N VAL E 360 -19.54 33.03 -34.89
CA VAL E 360 -20.60 33.27 -33.92
C VAL E 360 -20.87 34.77 -33.87
N LYS E 361 -22.05 35.11 -33.34
CA LYS E 361 -22.42 36.51 -33.18
C LYS E 361 -21.78 37.08 -31.92
N ARG E 362 -21.66 38.41 -31.89
CA ARG E 362 -20.94 39.07 -30.81
C ARG E 362 -21.63 38.93 -29.47
N GLU E 363 -22.90 38.53 -29.44
CA GLU E 363 -23.61 38.34 -28.18
C GLU E 363 -23.26 37.02 -27.50
N SER E 364 -22.56 36.12 -28.19
CA SER E 364 -22.16 34.83 -27.65
C SER E 364 -20.70 34.80 -27.21
N ILE E 365 -20.02 35.95 -27.20
CA ILE E 365 -18.62 36.04 -26.85
C ILE E 365 -18.49 36.83 -25.56
N ARG E 366 -17.61 36.38 -24.67
CA ARG E 366 -17.31 37.07 -23.43
C ARG E 366 -15.80 37.23 -23.33
N LEU E 367 -15.34 38.47 -23.15
CA LEU E 367 -13.93 38.76 -22.98
C LEU E 367 -13.65 39.05 -21.51
N LEU E 368 -12.73 38.29 -20.93
CA LEU E 368 -12.43 38.39 -19.50
C LEU E 368 -11.16 39.20 -19.29
N GLU E 369 -11.20 40.08 -18.28
CA GLU E 369 -10.04 40.89 -17.92
C GLU E 369 -10.09 41.18 -16.43
N GLN E 370 -8.93 41.53 -15.88
CA GLN E 370 -8.81 41.92 -14.48
C GLN E 370 -8.05 43.22 -14.40
N ASP E 371 -8.23 43.91 -13.27
CA ASP E 371 -7.42 45.08 -12.92
C ASP E 371 -6.41 44.69 -11.85
N GLU E 372 -5.68 45.69 -11.36
CA GLU E 372 -4.61 45.41 -10.41
C GLU E 372 -5.13 44.78 -9.12
N ASN E 373 -6.37 45.09 -8.75
CA ASN E 373 -6.93 44.66 -7.46
C ASN E 373 -7.77 43.39 -7.56
N GLY E 374 -7.84 42.76 -8.73
CA GLY E 374 -8.53 41.49 -8.88
C GLY E 374 -9.94 41.59 -9.38
N ASN E 375 -10.51 42.79 -9.49
CA ASN E 375 -11.86 42.93 -10.00
C ASN E 375 -11.92 42.49 -11.46
N GLY E 376 -12.95 41.71 -11.79
CA GLY E 376 -13.08 41.10 -13.10
C GLY E 376 -14.24 41.68 -13.90
N LYS E 377 -14.13 41.60 -15.22
CA LYS E 377 -15.18 42.04 -16.13
C LYS E 377 -15.31 41.03 -17.26
N ALA E 378 -16.54 40.80 -17.70
CA ALA E 378 -16.84 39.90 -18.82
C ALA E 378 -17.69 40.68 -19.83
N LEU E 379 -17.04 41.25 -20.83
CA LEU E 379 -17.68 42.16 -21.76
C LEU E 379 -17.85 41.51 -23.14
N MET E 380 -18.66 42.15 -23.97
CA MET E 380 -18.88 41.77 -25.35
C MET E 380 -17.93 42.53 -26.27
N PRO E 381 -17.63 42.00 -27.45
CA PRO E 381 -16.87 42.78 -28.43
C PRO E 381 -17.62 44.03 -28.86
N LEU E 382 -16.86 45.10 -29.13
CA LEU E 382 -17.47 46.35 -29.57
C LEU E 382 -17.91 46.31 -31.02
N GLY E 383 -17.27 45.48 -31.85
CA GLY E 383 -17.57 45.39 -33.26
C GLY E 383 -18.13 44.02 -33.64
N ALA E 384 -18.74 43.98 -34.82
CA ALA E 384 -19.34 42.75 -35.32
C ALA E 384 -18.27 41.71 -35.61
N THR E 385 -18.60 40.45 -35.34
CA THR E 385 -17.70 39.34 -35.61
C THR E 385 -18.30 38.24 -36.48
N TYR E 386 -19.60 38.29 -36.77
CA TYR E 386 -20.26 37.20 -37.48
C TYR E 386 -19.97 37.30 -38.96
N GLY E 387 -19.21 36.34 -39.50
CA GLY E 387 -18.90 36.30 -40.90
C GLY E 387 -17.77 37.21 -41.33
N GLU E 388 -17.11 37.88 -40.39
CA GLU E 388 -16.04 38.80 -40.74
C GLU E 388 -14.74 38.04 -41.01
N PRO E 389 -13.82 38.63 -41.76
CA PRO E 389 -12.54 37.98 -42.02
C PRO E 389 -11.77 37.75 -40.73
N SER E 390 -10.84 36.79 -40.79
CA SER E 390 -10.12 36.37 -39.59
C SER E 390 -9.24 37.48 -39.05
N ASN E 391 -8.58 38.25 -39.92
CA ASN E 391 -7.71 39.32 -39.46
C ASN E 391 -8.51 40.41 -38.76
N ASP E 392 -9.71 40.71 -39.25
CA ASP E 392 -10.57 41.68 -38.60
C ASP E 392 -10.89 41.26 -37.18
N VAL E 393 -11.24 40.00 -36.97
CA VAL E 393 -11.53 39.51 -35.63
C VAL E 393 -10.27 39.50 -34.77
N LEU E 394 -9.13 39.15 -35.38
CA LEU E 394 -7.88 39.09 -34.63
C LEU E 394 -7.49 40.45 -34.08
N GLN E 395 -7.62 41.50 -34.90
CA GLN E 395 -7.20 42.83 -34.44
C GLN E 395 -8.28 43.51 -33.62
N SER E 396 -9.54 43.41 -34.03
CA SER E 396 -10.61 44.15 -33.37
C SER E 396 -10.93 43.55 -32.01
N VAL E 397 -10.93 42.23 -31.88
CA VAL E 397 -11.34 41.56 -30.66
C VAL E 397 -10.14 41.23 -29.77
N MET E 398 -9.16 40.52 -30.33
CA MET E 398 -8.02 40.05 -29.55
C MET E 398 -6.88 41.07 -29.47
N GLY E 399 -6.96 42.16 -30.23
CA GLY E 399 -5.95 43.20 -30.14
C GLY E 399 -4.57 42.77 -30.60
N VAL E 400 -4.49 42.05 -31.71
CA VAL E 400 -3.22 41.61 -32.28
C VAL E 400 -3.13 42.09 -33.72
N ASP E 401 -2.05 42.78 -34.05
CA ASP E 401 -1.86 43.27 -35.40
C ASP E 401 -1.53 42.10 -36.33
N PRO E 402 -2.28 41.93 -37.44
CA PRO E 402 -1.95 40.82 -38.35
C PRO E 402 -0.56 40.91 -38.96
N GLN E 403 0.03 42.10 -39.01
CA GLN E 403 1.38 42.26 -39.55
C GLN E 403 2.39 41.82 -38.49
N PRO E 404 3.21 40.80 -38.75
CA PRO E 404 4.15 40.33 -37.73
C PRO E 404 5.29 41.32 -37.53
N ALA E 405 5.89 41.24 -36.34
CA ALA E 405 6.96 42.15 -35.95
C ALA E 405 8.31 41.61 -36.43
N VAL E 406 8.47 41.61 -37.74
CA VAL E 406 9.75 41.27 -38.37
C VAL E 406 10.65 42.50 -38.31
N LYS E 407 11.93 42.33 -38.67
CA LYS E 407 12.87 43.44 -38.58
C LYS E 407 12.40 44.66 -39.38
N GLU E 408 11.76 44.44 -40.53
CA GLU E 408 11.43 45.52 -41.45
C GLU E 408 10.11 46.20 -41.12
N LYS E 409 9.46 45.87 -40.00
CA LYS E 409 8.15 46.43 -39.71
C LYS E 409 8.23 47.93 -39.45
N ALA E 410 9.21 48.36 -38.64
CA ALA E 410 9.31 49.78 -38.32
C ALA E 410 9.59 50.62 -39.56
N ASP E 411 10.45 50.14 -40.45
CA ASP E 411 10.69 50.84 -41.69
C ASP E 411 9.41 50.92 -42.53
N LEU E 412 8.63 49.84 -42.54
CA LEU E 412 7.37 49.85 -43.27
C LEU E 412 6.41 50.91 -42.71
N GLN E 413 6.32 50.99 -41.38
CA GLN E 413 5.44 51.98 -40.77
C GLN E 413 5.91 53.40 -41.10
N LYS E 414 7.22 53.63 -41.04
CA LYS E 414 7.74 54.96 -41.36
C LYS E 414 7.45 55.31 -42.83
N LEU E 415 7.65 54.35 -43.73
CA LEU E 415 7.38 54.60 -45.14
C LEU E 415 5.91 54.90 -45.38
N THR E 416 5.02 54.18 -44.69
CA THR E 416 3.59 54.46 -44.81
C THR E 416 3.27 55.86 -44.34
N GLY E 417 3.79 56.23 -43.16
CA GLY E 417 3.53 57.56 -42.64
C GLY E 417 4.04 58.67 -43.55
N TRP E 418 5.19 58.43 -44.19
CA TRP E 418 5.73 59.44 -45.10
C TRP E 418 4.92 59.51 -46.39
N VAL E 419 4.58 58.36 -46.97
CA VAL E 419 3.93 58.36 -48.28
C VAL E 419 2.52 58.91 -48.18
N ASP E 420 1.77 58.51 -47.15
CA ASP E 420 0.38 58.95 -47.06
C ASP E 420 0.25 60.44 -46.77
N GLN E 421 1.33 61.10 -46.38
CA GLN E 421 1.29 62.53 -46.07
C GLN E 421 1.89 63.40 -47.17
N GLY E 422 2.02 62.87 -48.38
CA GLY E 422 2.30 63.65 -49.56
C GLY E 422 3.77 63.75 -49.93
N LYS E 423 4.69 63.38 -49.03
CA LYS E 423 6.12 63.53 -49.30
C LYS E 423 6.67 62.19 -49.78
N TYR E 424 6.39 61.89 -51.04
CA TYR E 424 6.82 60.64 -51.66
C TYR E 424 7.83 60.82 -52.79
N ASP E 425 8.04 62.04 -53.28
CA ASP E 425 9.04 62.30 -54.31
C ASP E 425 10.41 62.61 -53.73
N GLU E 426 10.54 62.71 -52.42
CA GLU E 426 11.83 63.01 -51.83
C GLU E 426 12.78 61.82 -52.01
N PRO E 427 14.07 62.06 -52.24
CA PRO E 427 14.99 60.92 -52.47
C PRO E 427 15.03 59.94 -51.31
N LYS E 428 14.91 60.43 -50.08
CA LYS E 428 14.94 59.54 -48.93
C LYS E 428 13.78 58.55 -48.96
N THR E 429 12.58 59.04 -49.28
CA THR E 429 11.42 58.15 -49.36
C THR E 429 11.60 57.10 -50.44
N GLN E 430 12.13 57.50 -51.60
CA GLN E 430 12.32 56.54 -52.69
C GLN E 430 13.37 55.49 -52.32
N GLN E 431 14.45 55.91 -51.65
CA GLN E 431 15.46 54.96 -51.22
C GLN E 431 14.88 53.97 -50.22
N LEU E 432 14.09 54.45 -49.27
CA LEU E 432 13.43 53.54 -48.33
C LEU E 432 12.48 52.61 -49.05
N MET E 433 11.76 53.13 -50.05
CA MET E 433 10.83 52.31 -50.82
C MET E 433 11.56 51.16 -51.51
N VAL E 434 12.68 51.46 -52.18
CA VAL E 434 13.39 50.41 -52.90
C VAL E 434 14.01 49.41 -51.92
N ALA E 435 14.52 49.90 -50.79
CA ALA E 435 15.07 49.00 -49.79
C ALA E 435 14.01 48.03 -49.28
N LEU E 436 12.81 48.54 -49.00
CA LEU E 436 11.75 47.67 -48.50
C LEU E 436 11.22 46.75 -49.59
N GLU E 437 11.22 47.19 -50.85
CA GLU E 437 10.84 46.30 -51.93
C GLU E 437 11.80 45.11 -52.03
N VAL E 438 13.11 45.37 -51.92
CA VAL E 438 14.05 44.26 -51.98
C VAL E 438 13.96 43.39 -50.72
N ALA E 439 13.67 43.99 -49.56
CA ALA E 439 13.62 43.22 -48.32
C ALA E 439 12.37 42.36 -48.20
N LEU E 440 11.22 42.83 -48.69
CA LEU E 440 9.96 42.13 -48.56
C LEU E 440 9.33 41.71 -49.89
N GLY E 441 9.86 42.17 -51.01
CA GLY E 441 9.25 41.87 -52.29
C GLY E 441 8.27 42.95 -52.72
N GLU E 442 8.10 43.06 -54.04
CA GLU E 442 7.25 44.11 -54.59
C GLU E 442 5.76 43.75 -54.56
N LYS E 443 5.41 42.53 -54.16
CA LYS E 443 4.02 42.09 -54.13
C LYS E 443 3.41 42.17 -52.73
N HIS E 444 4.08 42.81 -51.78
CA HIS E 444 3.53 42.96 -50.44
C HIS E 444 2.25 43.79 -50.52
N PRO E 445 1.16 43.38 -49.86
CA PRO E 445 -0.09 44.15 -49.97
C PRO E 445 0.05 45.60 -49.51
N GLN E 446 0.80 45.86 -48.44
CA GLN E 446 0.96 47.22 -47.97
C GLN E 446 1.72 48.07 -48.99
N LEU E 447 2.77 47.52 -49.57
CA LEU E 447 3.51 48.25 -50.62
C LEU E 447 2.62 48.49 -51.83
N GLN E 448 1.78 47.52 -52.17
CA GLN E 448 0.87 47.70 -53.30
C GLN E 448 -0.12 48.81 -53.05
N ARG E 449 -0.70 48.87 -51.84
CA ARG E 449 -1.65 49.94 -51.57
C ARG E 449 -0.94 51.29 -51.44
N LEU E 450 0.32 51.29 -51.02
CA LEU E 450 1.09 52.54 -51.01
C LEU E 450 1.33 53.04 -52.43
N GLN E 451 1.61 52.12 -53.37
CA GLN E 451 1.72 52.50 -54.76
C GLN E 451 0.40 53.06 -55.28
N ARG E 452 -0.71 52.43 -54.90
CA ARG E 452 -2.03 52.95 -55.26
C ARG E 452 -2.22 54.36 -54.72
N SER E 453 -1.81 54.58 -53.47
CA SER E 453 -1.96 55.91 -52.86
C SER E 453 -1.13 56.95 -53.59
N ILE E 454 0.10 56.59 -53.96
CA ILE E 454 0.95 57.52 -54.71
C ILE E 454 0.30 57.86 -56.05
N ALA E 455 -0.25 56.86 -56.73
CA ALA E 455 -0.91 57.12 -58.00
C ALA E 455 -2.11 58.03 -57.81
N ARG E 456 -2.91 57.79 -56.77
CA ARG E 456 -4.06 58.64 -56.51
C ARG E 456 -3.65 60.08 -56.23
N GLN E 457 -2.62 60.27 -55.40
CA GLN E 457 -2.17 61.62 -55.08
C GLN E 457 -1.63 62.33 -56.32
N ARG E 458 -0.91 61.59 -57.18
CA ARG E 458 -0.46 62.18 -58.43
C ARG E 458 -1.63 62.58 -59.31
N LEU E 459 -2.67 61.74 -59.37
CA LEU E 459 -3.82 62.04 -60.21
C LEU E 459 -4.57 63.27 -59.70
N LEU E 460 -4.70 63.41 -58.38
CA LEU E 460 -5.47 64.53 -57.84
C LEU E 460 -4.88 65.86 -58.23
N LYS E 461 -3.56 65.98 -58.21
CA LYS E 461 -2.90 67.25 -58.51
C LYS E 461 -2.96 67.54 -60.00
N GLY E 462 -4.15 67.79 -60.52
CA GLY E 462 -4.33 68.09 -61.93
C GLY E 462 -5.71 68.63 -62.24
N MET F 1 26.03 15.93 -35.50
CA MET F 1 24.93 15.09 -36.05
C MET F 1 23.95 15.94 -36.85
N ARG F 2 23.80 15.62 -38.13
CA ARG F 2 22.91 16.36 -39.00
C ARG F 2 22.33 15.40 -40.03
N ILE F 3 21.03 15.55 -40.29
CA ILE F 3 20.31 14.74 -41.28
C ILE F 3 19.94 15.66 -42.43
N ASP F 4 20.31 15.27 -43.65
CA ASP F 4 20.08 16.07 -44.84
C ASP F 4 18.90 15.59 -45.67
N LYS F 5 18.72 14.28 -45.81
CA LYS F 5 17.67 13.74 -46.64
C LYS F 5 17.09 12.49 -46.00
N LEU F 6 15.80 12.26 -46.25
CA LEU F 6 15.09 11.09 -45.77
C LEU F 6 14.26 10.51 -46.90
N SER F 7 14.18 9.19 -46.96
CA SER F 7 13.37 8.50 -47.97
C SER F 7 12.54 7.42 -47.29
N LEU F 8 11.26 7.35 -47.66
CA LEU F 8 10.33 6.35 -47.12
C LEU F 8 9.80 5.49 -48.27
N LEU F 9 9.50 4.24 -47.96
CA LEU F 9 8.93 3.31 -48.93
C LEU F 9 7.93 2.43 -48.22
N ASN F 10 6.66 2.50 -48.64
CA ASN F 10 5.59 1.69 -48.08
C ASN F 10 5.46 1.88 -46.56
N PHE F 11 5.70 3.08 -46.08
CA PHE F 11 5.60 3.33 -44.64
C PHE F 11 4.11 3.62 -44.39
N ARG F 12 3.74 4.14 -43.22
CA ARG F 12 2.33 4.20 -42.83
C ARG F 12 1.39 4.62 -43.95
N CYS F 13 1.49 5.86 -44.42
CA CYS F 13 0.53 6.38 -45.39
C CYS F 13 1.19 6.78 -46.71
N PHE F 14 2.50 6.57 -46.86
CA PHE F 14 3.23 7.01 -48.04
C PHE F 14 3.67 5.78 -48.83
N LYS F 15 3.29 5.73 -50.10
CA LYS F 15 3.86 4.74 -50.99
C LYS F 15 5.35 5.00 -51.19
N GLN F 16 5.73 6.27 -51.30
CA GLN F 16 7.13 6.66 -51.41
C GLN F 16 7.21 8.15 -51.13
N LEU F 17 8.29 8.58 -50.48
CA LEU F 17 8.51 9.99 -50.19
C LEU F 17 10.01 10.24 -50.07
N ASP F 18 10.44 11.41 -50.54
CA ASP F 18 11.80 11.89 -50.34
C ASP F 18 11.74 13.35 -49.94
N ILE F 19 12.26 13.66 -48.75
CA ILE F 19 12.17 15.00 -48.17
C ILE F 19 13.57 15.46 -47.81
N THR F 20 13.90 16.69 -48.17
CA THR F 20 15.17 17.31 -47.82
C THR F 20 14.98 18.28 -46.68
N PHE F 21 15.96 18.34 -45.78
CA PHE F 21 15.86 19.11 -44.55
C PHE F 21 16.83 20.28 -44.55
N ASP F 22 16.34 21.44 -44.11
CA ASP F 22 17.16 22.63 -44.01
C ASP F 22 18.17 22.50 -42.87
N GLU F 23 19.25 23.27 -42.99
CA GLU F 23 20.37 23.13 -42.06
C GLU F 23 19.99 23.56 -40.64
N HIS F 24 19.16 24.58 -40.49
CA HIS F 24 18.87 25.16 -39.19
C HIS F 24 17.44 24.96 -38.72
N ILE F 25 16.45 25.09 -39.61
CA ILE F 25 15.05 25.00 -39.23
C ILE F 25 14.24 24.53 -40.42
N THR F 26 13.39 23.52 -40.21
CA THR F 26 12.47 23.04 -41.22
C THR F 26 11.10 22.88 -40.58
N ILE F 27 10.08 23.39 -41.26
CA ILE F 27 8.70 23.36 -40.75
C ILE F 27 7.86 22.57 -41.74
N LEU F 28 7.23 21.51 -41.26
CA LEU F 28 6.29 20.73 -42.06
C LEU F 28 4.88 21.28 -41.87
N VAL F 29 4.19 21.54 -42.97
CA VAL F 29 2.87 22.15 -42.95
C VAL F 29 1.93 21.30 -43.78
N ALA F 30 0.77 20.98 -43.22
CA ALA F 30 -0.26 20.25 -43.93
C ALA F 30 -1.52 20.13 -43.08
N PRO F 31 -2.67 19.83 -43.68
CA PRO F 31 -3.87 19.56 -42.87
C PRO F 31 -3.74 18.27 -42.09
N ASN F 32 -4.78 17.89 -41.35
CA ASN F 32 -4.75 16.65 -40.60
C ASN F 32 -4.72 15.45 -41.54
N GLY F 33 -4.07 14.38 -41.10
CA GLY F 33 -3.97 13.18 -41.90
C GLY F 33 -3.00 13.23 -43.04
N ALA F 34 -2.15 14.27 -43.09
CA ALA F 34 -1.23 14.44 -44.21
C ALA F 34 0.06 13.66 -44.05
N GLY F 35 0.54 13.47 -42.82
CA GLY F 35 1.75 12.69 -42.59
C GLY F 35 2.88 13.45 -41.93
N LYS F 36 2.55 14.42 -41.08
CA LYS F 36 3.60 15.14 -40.35
C LYS F 36 4.20 14.25 -39.26
N THR F 37 3.34 13.68 -38.41
CA THR F 37 3.81 12.70 -37.43
C THR F 37 4.45 11.51 -38.13
N THR F 38 4.01 11.17 -39.34
CA THR F 38 4.64 10.09 -40.10
C THR F 38 6.12 10.38 -40.35
N VAL F 39 6.43 11.59 -40.83
CA VAL F 39 7.82 11.95 -41.10
C VAL F 39 8.61 12.07 -39.81
N LEU F 40 8.01 12.66 -38.77
CA LEU F 40 8.74 12.78 -37.50
C LEU F 40 9.08 11.42 -36.92
N ASP F 41 8.14 10.46 -36.99
CA ASP F 41 8.41 9.12 -36.49
C ASP F 41 9.48 8.42 -37.32
N ALA F 42 9.46 8.60 -38.64
CA ALA F 42 10.52 8.01 -39.45
C ALA F 42 11.88 8.56 -39.05
N VAL F 43 11.98 9.88 -38.87
CA VAL F 43 13.26 10.47 -38.49
C VAL F 43 13.70 9.96 -37.12
N ARG F 44 12.77 9.85 -36.18
CA ARG F 44 13.09 9.36 -34.86
C ARG F 44 13.57 7.91 -34.90
N LEU F 45 13.01 7.09 -35.79
CA LEU F 45 13.48 5.72 -35.94
C LEU F 45 14.86 5.68 -36.56
N ALA F 46 15.17 6.62 -37.46
CA ALA F 46 16.47 6.63 -38.09
C ALA F 46 17.60 6.98 -37.13
N LEU F 47 17.30 7.63 -36.01
CA LEU F 47 18.31 8.04 -35.05
C LEU F 47 18.51 7.07 -33.90
N PHE F 48 17.68 6.05 -33.77
CA PHE F 48 17.74 5.16 -32.62
C PHE F 48 19.01 4.32 -32.60
N PRO F 49 19.56 3.93 -33.75
CA PRO F 49 20.81 3.16 -33.71
C PRO F 49 21.93 3.86 -32.97
N PHE F 50 22.00 5.19 -33.00
CA PHE F 50 23.03 5.90 -32.28
C PHE F 50 22.78 5.88 -30.77
N ILE F 51 21.53 6.10 -30.36
CA ILE F 51 21.21 6.09 -28.94
C ILE F 51 21.37 4.69 -28.36
N ARG F 52 21.18 3.66 -29.18
CA ARG F 52 21.36 2.29 -28.71
C ARG F 52 22.79 1.96 -28.36
N GLY F 53 23.75 2.80 -28.73
CA GLY F 53 25.15 2.60 -28.41
C GLY F 53 25.55 2.95 -27.00
N PHE F 54 24.65 3.56 -26.23
CA PHE F 54 24.93 3.94 -24.84
C PHE F 54 24.18 3.01 -23.90
N ASP F 55 24.78 2.75 -22.73
CA ASP F 55 24.14 1.91 -21.74
C ASP F 55 22.88 2.56 -21.16
N ALA F 56 22.75 3.88 -21.26
CA ALA F 56 21.53 4.54 -20.82
C ALA F 56 20.34 4.15 -21.67
N SER F 57 20.57 3.58 -22.86
CA SER F 57 19.50 3.11 -23.71
C SER F 57 19.76 1.72 -24.30
N LEU F 58 20.91 1.11 -23.99
CA LEU F 58 21.17 -0.24 -24.45
C LEU F 58 20.18 -1.24 -23.87
N TYR F 59 19.49 -0.87 -22.80
CA TYR F 59 18.44 -1.70 -22.22
C TYR F 59 17.05 -1.35 -22.74
N VAL F 60 16.93 -0.31 -23.58
CA VAL F 60 15.63 0.16 -24.01
C VAL F 60 15.04 -0.80 -25.04
N LYS F 61 14.11 -1.66 -24.58
CA LYS F 61 13.43 -2.61 -25.44
C LYS F 61 12.05 -2.13 -25.85
N ASP F 62 11.82 -0.82 -25.84
CA ASP F 62 10.53 -0.29 -26.25
C ASP F 62 10.22 -0.69 -27.68
N LYS F 63 8.99 -1.13 -27.92
CA LYS F 63 8.56 -1.55 -29.24
C LYS F 63 8.19 -0.39 -30.15
N SER F 64 8.03 0.81 -29.59
CA SER F 64 7.77 1.99 -30.40
C SER F 64 9.01 2.52 -31.11
N LEU F 65 10.19 2.01 -30.75
CA LEU F 65 11.45 2.44 -31.35
C LEU F 65 11.94 1.45 -32.41
N ALA F 66 11.01 0.76 -33.09
CA ALA F 66 11.34 -0.12 -34.19
C ALA F 66 10.12 -0.23 -35.09
N ILE F 67 10.36 -0.66 -36.33
CA ILE F 67 9.26 -0.79 -37.28
C ILE F 67 8.32 -1.90 -36.83
N ARG F 68 7.04 -1.58 -36.72
CA ARG F 68 6.01 -2.52 -36.33
C ARG F 68 5.21 -2.95 -37.53
N THR F 69 4.43 -4.03 -37.36
CA THR F 69 3.60 -4.51 -38.45
C THR F 69 2.54 -3.48 -38.85
N GLU F 70 2.13 -2.63 -37.90
CA GLU F 70 1.15 -1.59 -38.19
C GLU F 70 1.72 -0.45 -39.01
N ASP F 71 3.03 -0.38 -39.18
CA ASP F 71 3.64 0.69 -39.97
C ASP F 71 3.62 0.40 -41.46
N LEU F 72 3.33 -0.84 -41.87
CA LEU F 72 3.25 -1.16 -43.28
C LEU F 72 1.97 -0.61 -43.89
N ARG F 73 2.05 -0.23 -45.16
CA ARG F 73 0.94 0.44 -45.82
C ARG F 73 -0.16 -0.56 -46.21
N LEU F 74 -1.40 -0.08 -46.18
CA LEU F 74 -2.56 -0.86 -46.56
C LEU F 74 -3.25 -0.19 -47.74
N ILE F 75 -3.63 -0.98 -48.74
CA ILE F 75 -4.28 -0.49 -49.94
C ILE F 75 -5.75 -0.94 -49.92
N TYR F 76 -6.64 -0.03 -50.28
CA TYR F 76 -8.07 -0.32 -50.31
C TYR F 76 -8.45 -0.79 -51.70
N ARG F 77 -8.88 -2.06 -51.81
CA ARG F 77 -9.34 -2.62 -53.07
C ARG F 77 -10.86 -2.53 -53.11
N GLN F 78 -11.37 -1.53 -53.83
CA GLN F 78 -12.80 -1.25 -53.78
C GLN F 78 -13.62 -2.36 -54.41
N GLU F 79 -13.15 -2.91 -55.54
CA GLU F 79 -13.89 -3.99 -56.19
C GLU F 79 -13.96 -5.22 -55.29
N ALA F 80 -12.87 -5.54 -54.58
CA ALA F 80 -12.86 -6.64 -53.64
C ALA F 80 -13.25 -6.23 -52.23
N LEU F 81 -13.35 -4.93 -51.96
CA LEU F 81 -13.69 -4.41 -50.63
C LEU F 81 -12.85 -5.09 -49.56
N ASN F 82 -11.53 -4.96 -49.70
CA ASN F 82 -10.58 -5.59 -48.79
C ASN F 82 -9.35 -4.70 -48.66
N MET F 83 -8.59 -4.93 -47.59
CA MET F 83 -7.36 -4.22 -47.33
C MET F 83 -6.18 -5.14 -47.59
N GLU F 84 -5.24 -4.68 -48.42
CA GLU F 84 -4.07 -5.46 -48.81
C GLU F 84 -2.82 -4.82 -48.23
N MET F 85 -1.99 -5.63 -47.58
CA MET F 85 -0.74 -5.16 -47.00
C MET F 85 0.37 -5.20 -48.04
N SER F 86 1.18 -4.14 -48.06
CA SER F 86 2.29 -4.02 -48.99
C SER F 86 3.60 -4.06 -48.21
N SER F 87 4.55 -4.85 -48.69
CA SER F 87 5.82 -5.09 -48.04
C SER F 87 6.95 -4.94 -49.06
N PRO F 88 8.16 -4.58 -48.61
CA PRO F 88 8.57 -4.21 -47.25
C PRO F 88 8.51 -2.71 -46.99
N ALA F 89 8.71 -2.29 -45.75
CA ALA F 89 8.84 -0.89 -45.39
C ALA F 89 10.33 -0.57 -45.24
N LYS F 90 10.74 0.58 -45.77
CA LYS F 90 12.13 1.01 -45.71
C LYS F 90 12.23 2.45 -45.23
N ILE F 91 13.28 2.74 -44.47
CA ILE F 91 13.64 4.09 -44.07
C ILE F 91 15.12 4.28 -44.40
N THR F 92 15.43 5.25 -45.25
CA THR F 92 16.80 5.56 -45.63
C THR F 92 17.10 7.00 -45.24
N ALA F 93 18.26 7.21 -44.62
CA ALA F 93 18.65 8.52 -44.12
C ALA F 93 20.06 8.85 -44.59
N THR F 94 20.27 10.12 -44.91
CA THR F 94 21.57 10.64 -45.30
C THR F 94 21.91 11.83 -44.42
N GLY F 95 23.16 11.94 -44.02
CA GLY F 95 23.57 13.03 -43.14
C GLY F 95 25.01 12.88 -42.73
N GLU F 96 25.40 13.72 -41.78
CA GLU F 96 26.76 13.77 -41.26
C GLU F 96 26.76 13.41 -39.78
N TRP F 97 27.62 12.48 -39.39
CA TRP F 97 27.74 12.10 -37.98
C TRP F 97 28.72 13.03 -37.27
N ALA F 98 29.95 13.10 -37.76
CA ALA F 98 30.96 14.01 -37.26
C ALA F 98 31.47 14.87 -38.41
N SER F 99 32.29 15.86 -38.08
CA SER F 99 32.84 16.74 -39.10
C SER F 99 33.61 15.92 -40.13
N GLY F 100 33.12 15.96 -41.38
CA GLY F 100 33.77 15.21 -42.44
C GLY F 100 33.46 13.73 -42.47
N LYS F 101 32.29 13.33 -41.98
CA LYS F 101 31.88 11.91 -41.96
C LYS F 101 30.46 11.83 -42.51
N THR F 102 30.34 11.69 -43.82
CA THR F 102 29.06 11.51 -44.48
C THR F 102 28.72 10.03 -44.55
N ALA F 103 27.43 9.72 -44.44
CA ALA F 103 26.99 8.33 -44.39
C ALA F 103 25.57 8.21 -44.92
N THR F 104 25.18 6.97 -45.19
CA THR F 104 23.82 6.62 -45.60
C THR F 104 23.48 5.25 -45.03
N TRP F 105 22.47 5.20 -44.17
CA TRP F 105 22.07 3.97 -43.50
C TRP F 105 20.59 3.73 -43.74
N MET F 106 20.20 2.45 -43.62
CA MET F 106 18.86 2.02 -44.02
C MET F 106 18.31 1.06 -42.99
N LEU F 107 16.97 1.01 -42.93
CA LEU F 107 16.24 0.13 -42.03
C LEU F 107 15.03 -0.40 -42.77
N ASP F 108 14.72 -1.69 -42.59
CA ASP F 108 13.60 -2.28 -43.30
C ASP F 108 13.00 -3.43 -42.49
N LYS F 109 11.70 -3.65 -42.70
CA LYS F 109 10.96 -4.76 -42.12
C LYS F 109 10.12 -5.40 -43.21
N ARG F 110 10.10 -6.73 -43.24
CA ARG F 110 9.44 -7.50 -44.28
C ARG F 110 8.33 -8.34 -43.67
N GLY F 111 7.08 -8.00 -44.00
CA GLY F 111 5.96 -8.78 -43.51
C GLY F 111 5.92 -8.82 -41.99
N GLU F 112 5.77 -10.03 -41.45
CA GLU F 112 5.74 -10.24 -40.01
C GLU F 112 7.11 -10.58 -39.44
N GLN F 113 8.15 -10.59 -40.26
CA GLN F 113 9.49 -10.88 -39.78
C GLN F 113 10.03 -9.71 -38.96
N PRO F 114 11.02 -9.97 -38.10
CA PRO F 114 11.57 -8.88 -37.30
C PRO F 114 12.26 -7.85 -38.17
N PRO F 115 12.31 -6.58 -37.74
CA PRO F 115 12.98 -5.56 -38.54
C PRO F 115 14.48 -5.84 -38.65
N HIS F 116 15.06 -5.42 -39.77
CA HIS F 116 16.45 -5.72 -40.11
C HIS F 116 17.15 -4.44 -40.56
N GLU F 117 18.39 -4.26 -40.12
CA GLU F 117 19.21 -3.12 -40.49
C GLU F 117 20.32 -3.55 -41.44
N ASP F 118 20.88 -2.56 -42.15
CA ASP F 118 21.93 -2.84 -43.12
C ASP F 118 23.31 -2.69 -42.48
N LYS F 119 24.35 -2.84 -43.29
CA LYS F 119 25.71 -2.85 -42.77
C LYS F 119 26.08 -1.50 -42.16
N MET F 120 25.69 -0.40 -42.80
CA MET F 120 26.11 0.93 -42.34
C MET F 120 25.34 1.40 -41.12
N ALA F 121 24.21 0.78 -40.80
CA ALA F 121 23.47 1.15 -39.60
C ALA F 121 24.14 0.66 -38.32
N ALA F 122 24.91 -0.42 -38.40
CA ALA F 122 25.66 -0.90 -37.24
C ALA F 122 26.86 -0.01 -36.94
N GLN F 123 27.42 0.65 -37.95
CA GLN F 123 28.52 1.56 -37.71
C GLN F 123 28.10 2.76 -36.88
N LEU F 124 26.83 3.16 -36.98
CA LEU F 124 26.33 4.23 -36.11
C LEU F 124 26.35 3.79 -34.65
N THR F 125 25.92 2.55 -34.37
CA THR F 125 26.02 2.03 -33.01
C THR F 125 27.47 1.93 -32.57
N ARG F 126 28.35 1.51 -33.47
CA ARG F 126 29.77 1.45 -33.13
C ARG F 126 30.31 2.83 -32.77
N TRP F 127 29.91 3.86 -33.52
CA TRP F 127 30.35 5.22 -33.22
C TRP F 127 29.82 5.67 -31.86
N GLY F 128 28.56 5.37 -31.56
CA GLY F 128 28.04 5.70 -30.24
C GLY F 128 28.81 5.03 -29.12
N GLU F 129 29.16 3.75 -29.33
CA GLU F 129 29.94 3.03 -28.33
C GLU F 129 31.33 3.63 -28.17
N GLN F 130 31.95 4.04 -29.27
CA GLN F 130 33.26 4.69 -29.18
C GLN F 130 33.17 6.00 -28.42
N LEU F 131 32.11 6.78 -28.65
CA LEU F 131 31.92 8.00 -27.89
C LEU F 131 31.78 7.71 -26.41
N GLN F 132 30.99 6.68 -26.07
CA GLN F 132 30.83 6.31 -24.67
C GLN F 132 32.17 5.89 -24.06
N LYS F 133 32.97 5.13 -24.80
CA LYS F 133 34.28 4.74 -24.32
C LYS F 133 35.16 5.95 -24.06
N ARG F 134 35.18 6.90 -25.00
CA ARG F 134 36.02 8.08 -24.83
C ARG F 134 35.56 8.95 -23.66
N VAL F 135 34.26 8.96 -23.37
CA VAL F 135 33.76 9.76 -22.26
C VAL F 135 34.34 9.26 -20.94
N ARG F 136 34.57 7.95 -20.82
CA ARG F 136 35.09 7.36 -19.59
C ARG F 136 36.62 7.34 -19.58
N GLU F 137 37.22 8.50 -19.80
CA GLU F 137 38.66 8.69 -19.74
C GLU F 137 38.98 9.67 -18.62
N GLU F 138 40.04 9.37 -17.86
CA GLU F 138 40.36 10.12 -16.65
C GLU F 138 41.36 11.23 -16.91
N HIS F 139 42.54 10.88 -17.42
CA HIS F 139 43.63 11.84 -17.60
C HIS F 139 43.58 12.54 -18.95
N SER F 140 42.59 12.25 -19.79
CA SER F 140 42.52 12.86 -21.11
C SER F 140 42.46 14.37 -21.00
N LEU F 141 43.29 15.06 -21.79
CA LEU F 141 43.26 16.52 -21.88
C LEU F 141 42.67 17.01 -23.19
N GLN F 142 42.08 16.11 -23.98
CA GLN F 142 41.39 16.46 -25.21
C GLN F 142 39.89 16.30 -24.99
N GLN F 143 39.15 17.37 -25.26
CA GLN F 143 37.73 17.41 -24.93
C GLN F 143 36.92 16.51 -25.85
N VAL F 144 35.79 16.03 -25.34
CA VAL F 144 34.85 15.20 -26.08
C VAL F 144 33.53 15.95 -26.15
N GLU F 145 32.98 16.07 -27.35
CA GLU F 145 31.72 16.75 -27.57
C GLU F 145 30.62 15.73 -27.83
N LEU F 146 29.52 15.86 -27.10
CA LEU F 146 28.37 14.97 -27.25
C LEU F 146 27.23 15.71 -27.91
N PRO F 147 26.62 15.16 -28.96
CA PRO F 147 25.47 15.83 -29.58
C PRO F 147 24.19 15.63 -28.78
N LEU F 148 23.23 16.50 -29.06
CA LEU F 148 21.94 16.49 -28.39
C LEU F 148 20.91 15.82 -29.30
N MET F 149 20.31 14.74 -28.81
CA MET F 149 19.19 14.08 -29.47
C MET F 149 17.95 14.24 -28.59
N LEU F 150 16.85 14.69 -29.19
CA LEU F 150 15.66 14.96 -28.41
C LEU F 150 14.41 14.89 -29.29
N TYR F 151 13.35 14.33 -28.73
CA TYR F 151 12.05 14.25 -29.38
C TYR F 151 10.98 14.70 -28.39
N LEU F 152 10.17 15.67 -28.78
CA LEU F 152 9.09 16.19 -27.94
C LEU F 152 7.78 16.07 -28.72
N GLY F 153 7.00 15.05 -28.42
CA GLY F 153 5.75 14.79 -29.11
C GLY F 153 4.58 15.51 -28.48
N THR F 154 3.39 15.16 -28.97
CA THR F 154 2.16 15.75 -28.45
C THR F 154 1.85 15.32 -27.02
N ALA F 155 2.51 14.26 -26.53
CA ALA F 155 2.30 13.77 -25.18
C ALA F 155 3.32 14.33 -24.19
N ARG F 156 3.99 15.42 -24.55
CA ARG F 156 5.05 15.99 -23.71
C ARG F 156 4.52 16.69 -22.47
N LEU F 157 3.21 16.63 -22.20
CA LEU F 157 2.64 17.21 -20.99
C LEU F 157 1.89 16.20 -20.12
N TRP F 158 1.78 14.94 -20.55
CA TRP F 158 0.90 14.00 -19.84
C TRP F 158 1.36 13.80 -18.40
N TYR F 159 2.66 13.59 -18.20
CA TYR F 159 3.14 13.24 -16.87
C TYR F 159 2.98 14.41 -15.91
N GLN F 170 19.77 15.79 -8.77
CA GLN F 170 20.74 15.49 -9.81
C GLN F 170 22.17 15.64 -9.29
N ARG F 171 23.13 15.20 -10.10
CA ARG F 171 24.54 15.25 -9.72
C ARG F 171 25.22 16.50 -10.26
N LEU F 172 25.10 16.75 -11.56
CA LEU F 172 25.75 17.87 -12.21
C LEU F 172 27.26 17.83 -11.99
N ASP F 173 27.82 16.63 -12.03
CA ASP F 173 29.26 16.44 -11.89
C ASP F 173 29.92 16.65 -13.25
N ASN F 174 31.19 16.27 -13.36
CA ASN F 174 31.91 16.23 -14.63
C ASN F 174 32.35 14.80 -14.92
N SER F 175 31.55 13.83 -14.49
CA SER F 175 31.85 12.42 -14.60
C SER F 175 31.06 11.79 -15.73
N ALA F 176 31.41 10.54 -16.05
CA ALA F 176 30.75 9.83 -17.14
C ALA F 176 29.26 9.63 -16.85
N PHE F 177 28.92 9.27 -15.62
CA PHE F 177 27.52 9.01 -15.29
C PHE F 177 26.68 10.26 -15.47
N SER F 178 27.11 11.38 -14.88
CA SER F 178 26.36 12.62 -15.03
C SER F 178 26.31 13.07 -16.48
N ARG F 179 27.44 12.95 -17.19
CA ARG F 179 27.48 13.37 -18.60
C ARG F 179 26.47 12.59 -19.43
N LEU F 180 26.48 11.27 -19.29
CA LEU F 180 25.58 10.42 -20.09
C LEU F 180 24.16 10.41 -19.55
N SER F 181 23.92 10.99 -18.38
CA SER F 181 22.54 11.16 -17.90
C SER F 181 21.75 12.14 -18.75
N GLY F 182 22.42 12.90 -19.63
CA GLY F 182 21.71 13.79 -20.53
C GLY F 182 20.93 13.09 -21.61
N TYR F 183 21.18 11.80 -21.83
CA TYR F 183 20.44 10.99 -22.78
C TYR F 183 19.31 10.20 -22.12
N ASP F 184 18.78 10.69 -21.01
CA ASP F 184 17.77 9.98 -20.24
C ASP F 184 16.40 10.22 -20.85
N ASP F 185 15.81 9.18 -21.44
CA ASP F 185 14.49 9.26 -22.05
C ASP F 185 14.45 10.39 -23.08
N CYS F 186 15.52 10.49 -23.87
CA CYS F 186 15.64 11.60 -24.80
C CYS F 186 14.74 11.44 -26.01
N LEU F 187 14.51 10.21 -26.48
CA LEU F 187 13.64 9.97 -27.62
C LEU F 187 12.16 9.89 -27.24
N SER F 188 11.85 9.94 -25.94
CA SER F 188 10.48 10.02 -25.45
C SER F 188 10.38 11.05 -24.34
N ALA F 189 11.00 12.20 -24.54
CA ALA F 189 11.16 13.17 -23.47
C ALA F 189 9.83 13.81 -23.08
N THR F 190 9.75 14.27 -21.83
CA THR F 190 8.58 14.95 -21.30
C THR F 190 9.02 16.28 -20.70
N SER F 191 8.10 17.25 -20.71
CA SER F 191 8.42 18.58 -20.20
C SER F 191 7.13 19.25 -19.77
N ASN F 192 6.87 19.27 -18.45
CA ASN F 192 5.80 20.04 -17.86
C ASN F 192 6.38 20.85 -16.71
N TYR F 193 5.70 21.95 -16.37
CA TYR F 193 6.30 22.96 -15.51
C TYR F 193 6.48 22.49 -14.07
N LYS F 194 5.77 21.46 -13.62
CA LYS F 194 5.92 21.01 -12.24
C LYS F 194 7.33 20.49 -11.98
N GLN F 195 7.80 19.55 -12.80
CA GLN F 195 9.13 19.00 -12.61
C GLN F 195 10.20 20.05 -12.85
N PHE F 196 9.99 20.92 -13.82
CA PHE F 196 10.94 22.01 -14.06
C PHE F 196 11.09 22.87 -12.82
N GLU F 197 9.97 23.26 -12.23
CA GLU F 197 10.02 24.06 -11.01
C GLU F 197 10.75 23.32 -9.91
N GLN F 198 10.48 22.02 -9.77
CA GLN F 198 11.13 21.23 -8.73
C GLN F 198 12.65 21.29 -8.86
N TRP F 199 13.18 20.93 -10.04
CA TRP F 199 14.63 20.82 -10.12
C TRP F 199 15.31 22.19 -10.20
N TYR F 200 14.66 23.18 -10.80
CA TYR F 200 15.22 24.53 -10.78
C TYR F 200 15.30 25.07 -9.36
N SER F 201 14.26 24.82 -8.55
CA SER F 201 14.29 25.25 -7.16
C SER F 201 15.42 24.56 -6.40
N TRP F 202 15.60 23.26 -6.63
CA TRP F 202 16.70 22.57 -5.97
C TRP F 202 18.05 23.20 -6.32
N LEU F 203 18.26 23.46 -7.60
CA LEU F 203 19.52 24.06 -8.05
C LEU F 203 19.74 25.41 -7.38
N TRP F 204 18.70 26.26 -7.37
CA TRP F 204 18.84 27.59 -6.79
C TRP F 204 19.07 27.53 -5.29
N LEU F 205 18.44 26.58 -4.60
CA LEU F 205 18.67 26.45 -3.16
C LEU F 205 20.11 26.09 -2.87
N SER F 206 20.68 25.15 -3.64
CA SER F 206 22.08 24.81 -3.43
C SER F 206 22.98 26.01 -3.69
N TYR F 207 22.73 26.75 -4.76
CA TYR F 207 23.55 27.91 -5.06
C TYR F 207 23.45 28.96 -3.95
N ARG F 208 22.23 29.18 -3.43
CA ARG F 208 22.05 30.15 -2.35
C ARG F 208 22.82 29.74 -1.11
N GLU F 209 22.78 28.44 -0.77
CA GLU F 209 23.54 27.97 0.37
C GLU F 209 25.03 28.29 0.20
N HIS F 210 25.59 27.92 -0.95
CA HIS F 210 27.02 28.15 -1.15
C HIS F 210 27.36 29.63 -1.21
N GLN F 211 26.41 30.47 -1.64
CA GLN F 211 26.65 31.91 -1.71
C GLN F 211 26.59 32.56 -0.33
N ILE F 212 25.68 32.10 0.53
CA ILE F 212 25.60 32.64 1.89
C ILE F 212 26.82 32.21 2.70
N THR F 213 27.28 30.97 2.50
CA THR F 213 28.45 30.51 3.24
C THR F 213 29.66 31.41 2.99
N GLN F 214 29.72 32.05 1.82
CA GLN F 214 30.81 32.98 1.54
C GLN F 214 30.64 34.30 2.29
N LEU F 215 29.41 34.80 2.38
CA LEU F 215 29.18 36.02 3.14
C LEU F 215 29.54 35.82 4.61
N GLU F 216 29.16 34.67 5.18
CA GLU F 216 29.38 34.47 6.61
C GLU F 216 30.85 34.48 6.96
N SER F 217 31.67 33.79 6.17
CA SER F 217 33.11 33.63 6.46
C SER F 217 33.91 33.96 5.21
N PRO F 218 34.07 35.26 4.89
CA PRO F 218 34.85 35.68 3.73
C PRO F 218 36.25 35.06 3.68
N GLU F 224 34.77 24.29 -1.89
CA GLU F 224 34.24 25.00 -3.04
C GLU F 224 34.88 24.47 -4.32
N GLY F 225 34.71 25.22 -5.41
CA GLY F 225 35.36 24.88 -6.67
C GLY F 225 34.44 24.32 -7.72
N VAL F 226 34.59 23.03 -8.01
CA VAL F 226 33.91 22.44 -9.17
C VAL F 226 32.40 22.56 -9.04
N ARG F 227 31.85 22.14 -7.90
CA ARG F 227 30.40 22.11 -7.74
C ARG F 227 29.79 23.51 -7.83
N VAL F 228 30.38 24.49 -7.14
CA VAL F 228 29.84 25.84 -7.14
C VAL F 228 29.87 26.43 -8.54
N GLN F 229 30.99 26.28 -9.24
CA GLN F 229 31.11 26.86 -10.57
C GLN F 229 30.18 26.17 -11.56
N ARG F 230 30.02 24.86 -11.46
CA ARG F 230 29.06 24.18 -12.31
C ARG F 230 27.65 24.69 -12.07
N MET F 231 27.26 24.87 -10.81
CA MET F 231 25.92 25.40 -10.52
C MET F 231 25.75 26.80 -11.10
N LYS F 232 26.75 27.66 -10.92
CA LYS F 232 26.65 29.02 -11.44
C LYS F 232 26.54 29.02 -12.96
N GLU F 233 27.36 28.20 -13.63
CA GLU F 233 27.32 28.15 -15.09
C GLU F 233 25.97 27.66 -15.59
N ALA F 234 25.42 26.62 -14.94
CA ALA F 234 24.12 26.12 -15.35
C ALA F 234 23.05 27.20 -15.21
N ILE F 235 23.06 27.91 -14.08
CA ILE F 235 22.06 28.95 -13.86
C ILE F 235 22.19 30.04 -14.92
N GLN F 236 23.41 30.48 -15.19
CA GLN F 236 23.62 31.54 -16.19
C GLN F 236 23.11 31.10 -17.56
N ALA F 237 23.46 29.88 -17.98
CA ALA F 237 23.05 29.42 -19.30
C ALA F 237 21.53 29.34 -19.40
N ILE F 238 20.86 28.79 -18.38
CA ILE F 238 19.41 28.65 -18.46
C ILE F 238 18.75 30.02 -18.48
N GLN F 239 19.24 30.95 -17.66
CA GLN F 239 18.67 32.29 -17.65
C GLN F 239 18.82 32.96 -19.01
N GLN F 240 20.00 32.84 -19.63
CA GLN F 240 20.19 33.43 -20.95
C GLN F 240 19.23 32.82 -21.97
N ALA F 241 19.06 31.50 -21.93
CA ALA F 241 18.16 30.85 -22.88
C ALA F 241 16.72 31.34 -22.73
N ILE F 242 16.25 31.46 -21.48
CA ILE F 242 14.87 31.93 -21.27
C ILE F 242 14.74 33.40 -21.64
N ASN F 243 15.78 34.20 -21.39
CA ASN F 243 15.76 35.60 -21.80
C ASN F 243 15.59 35.72 -23.31
N CYS F 244 16.27 34.85 -24.07
CA CYS F 244 16.08 34.85 -25.51
C CYS F 244 14.62 34.68 -25.90
N LEU F 245 13.78 34.19 -24.99
CA LEU F 245 12.37 33.97 -25.27
C LEU F 245 11.48 35.11 -24.78
N THR F 246 11.67 35.56 -23.54
CA THR F 246 10.69 36.45 -22.92
C THR F 246 11.05 37.94 -22.94
N GLN F 247 12.31 38.30 -23.20
CA GLN F 247 12.75 39.66 -22.93
C GLN F 247 12.38 40.67 -24.01
N GLN F 248 11.95 40.23 -25.19
CA GLN F 248 11.60 41.16 -26.26
C GLN F 248 10.10 41.44 -26.33
N VAL F 249 9.26 40.40 -26.28
CA VAL F 249 7.82 40.62 -26.28
C VAL F 249 7.43 41.45 -25.06
N THR F 250 8.00 41.13 -23.90
CA THR F 250 7.77 41.89 -22.68
C THR F 250 9.12 42.31 -22.11
N GLY F 251 9.12 42.87 -20.90
CA GLY F 251 10.34 43.24 -20.21
C GLY F 251 10.85 42.22 -19.23
N TRP F 252 10.21 41.06 -19.13
CA TRP F 252 10.60 40.07 -18.14
C TRP F 252 11.97 39.48 -18.44
N HIS F 253 12.75 39.25 -17.39
CA HIS F 253 14.06 38.64 -17.57
C HIS F 253 14.55 38.09 -16.23
N ASP F 254 15.55 37.21 -16.31
CA ASP F 254 16.27 36.69 -15.15
C ASP F 254 15.33 35.99 -14.17
N LEU F 255 14.78 34.87 -14.65
CA LEU F 255 13.98 34.00 -13.78
C LEU F 255 14.85 33.48 -12.64
N GLU F 256 14.33 33.54 -11.41
CA GLU F 256 15.07 33.17 -10.21
C GLU F 256 14.16 32.41 -9.27
N TYR F 257 14.73 31.99 -8.15
CA TYR F 257 13.98 31.47 -7.01
C TYR F 257 14.17 32.44 -5.84
N SER F 258 13.06 32.83 -5.23
CA SER F 258 13.07 33.80 -4.14
C SER F 258 12.38 33.20 -2.93
N ALA F 259 13.14 32.98 -1.85
CA ALA F 259 12.55 32.56 -0.59
C ALA F 259 11.80 33.71 0.08
N SER F 260 12.31 34.93 -0.07
CA SER F 260 11.66 36.11 0.50
C SER F 260 10.26 36.29 -0.05
N HIS F 261 10.06 36.00 -1.33
CA HIS F 261 8.76 36.15 -1.98
C HIS F 261 7.90 34.90 -1.83
N ASN F 262 7.76 34.43 -0.59
CA ASN F 262 6.98 33.23 -0.27
C ASN F 262 7.44 32.03 -1.08
N GLN F 263 8.77 31.86 -1.19
CA GLN F 263 9.36 30.63 -1.72
C GLN F 263 8.78 30.29 -3.11
N GLN F 264 9.06 31.19 -4.05
CA GLN F 264 8.50 31.08 -5.39
C GLN F 264 9.52 31.50 -6.43
N LEU F 265 9.29 31.09 -7.67
CA LEU F 265 10.06 31.56 -8.81
C LEU F 265 9.46 32.86 -9.32
N VAL F 266 10.33 33.84 -9.60
CA VAL F 266 9.90 35.17 -10.00
C VAL F 266 10.73 35.64 -11.19
N MET F 267 10.21 36.67 -11.86
CA MET F 267 10.90 37.35 -12.96
C MET F 267 10.95 38.84 -12.66
N SER F 268 11.90 39.52 -13.30
CA SER F 268 12.14 40.93 -13.06
C SER F 268 11.71 41.77 -14.26
N HIS F 269 11.05 42.90 -13.97
CA HIS F 269 10.65 43.86 -14.98
C HIS F 269 11.20 45.22 -14.57
N PRO F 270 11.85 45.96 -15.48
CA PRO F 270 12.45 47.24 -15.08
C PRO F 270 11.44 48.23 -14.51
N GLN F 271 10.19 48.21 -14.96
CA GLN F 271 9.19 49.17 -14.50
C GLN F 271 8.24 48.61 -13.45
N TYR F 272 8.09 47.28 -13.34
CA TYR F 272 7.11 46.69 -12.44
C TYR F 272 7.73 45.92 -11.28
N GLY F 273 9.02 45.62 -11.32
CA GLY F 273 9.63 44.86 -10.25
C GLY F 273 9.53 43.36 -10.46
N LYS F 274 9.27 42.61 -9.38
CA LYS F 274 9.20 41.16 -9.45
C LYS F 274 7.75 40.72 -9.61
N ILE F 275 7.55 39.64 -10.36
CA ILE F 275 6.24 39.03 -10.53
C ILE F 275 6.37 37.52 -10.42
N PRO F 276 5.42 36.82 -9.82
CA PRO F 276 5.54 35.35 -9.74
C PRO F 276 5.28 34.69 -11.08
N LEU F 277 5.98 33.58 -11.31
CA LEU F 277 5.81 32.82 -12.54
C LEU F 277 4.49 32.04 -12.57
N SER F 278 3.87 31.83 -11.40
CA SER F 278 2.67 31.01 -11.32
C SER F 278 1.39 31.78 -11.64
N GLN F 279 1.48 33.08 -11.92
CA GLN F 279 0.33 33.88 -12.28
C GLN F 279 0.12 33.97 -13.79
N LEU F 280 0.93 33.25 -14.58
CA LEU F 280 0.84 33.29 -16.02
C LEU F 280 -0.01 32.13 -16.54
N SER F 281 -0.26 32.12 -17.85
CA SER F 281 -1.08 31.08 -18.46
C SER F 281 -0.26 29.81 -18.69
N ASP F 282 -0.98 28.69 -18.78
CA ASP F 282 -0.31 27.40 -18.89
C ASP F 282 0.58 27.32 -20.12
N GLY F 283 0.17 27.92 -21.24
CA GLY F 283 0.95 27.82 -22.45
C GLY F 283 2.33 28.43 -22.31
N LEU F 284 2.40 29.64 -21.75
CA LEU F 284 3.68 30.32 -21.59
C LEU F 284 4.56 29.59 -20.58
N ARG F 285 3.96 29.09 -19.50
CA ARG F 285 4.73 28.33 -18.52
C ARG F 285 5.32 27.07 -19.15
N ASN F 286 4.54 26.38 -19.97
CA ASN F 286 5.03 25.18 -20.64
C ASN F 286 6.13 25.52 -21.65
N ALA F 287 5.99 26.64 -22.35
CA ALA F 287 7.05 27.06 -23.27
C ALA F 287 8.35 27.33 -22.52
N VAL F 288 8.25 28.02 -21.37
CA VAL F 288 9.43 28.27 -20.55
C VAL F 288 10.03 26.95 -20.09
N ALA F 289 9.19 26.01 -19.67
CA ALA F 289 9.69 24.71 -19.23
C ALA F 289 10.42 23.99 -20.35
N MET F 290 9.89 24.05 -21.58
CA MET F 290 10.53 23.40 -22.71
C MET F 290 11.90 23.99 -22.99
N VAL F 291 11.97 25.32 -23.06
CA VAL F 291 13.25 25.97 -23.33
C VAL F 291 14.26 25.65 -22.23
N ALA F 292 13.81 25.69 -20.97
CA ALA F 292 14.70 25.40 -19.86
C ALA F 292 15.19 23.96 -19.88
N ASP F 293 14.31 23.01 -20.24
CA ASP F 293 14.73 21.63 -20.31
C ASP F 293 15.79 21.41 -21.39
N ILE F 294 15.60 22.02 -22.56
CA ILE F 294 16.62 21.91 -23.60
C ILE F 294 17.94 22.48 -23.09
N ALA F 295 17.90 23.65 -22.45
CA ALA F 295 19.12 24.28 -21.97
C ALA F 295 19.81 23.42 -20.92
N PHE F 296 19.04 22.82 -20.01
CA PHE F 296 19.64 22.00 -18.96
C PHE F 296 20.27 20.74 -19.52
N ARG F 297 19.61 20.11 -20.50
CA ARG F 297 20.22 18.95 -21.15
C ARG F 297 21.52 19.34 -21.83
N CYS F 298 21.54 20.49 -22.52
CA CYS F 298 22.76 20.96 -23.14
C CYS F 298 23.87 21.16 -22.10
N VAL F 299 23.53 21.75 -20.95
CA VAL F 299 24.52 21.98 -19.91
C VAL F 299 25.06 20.66 -19.39
N LYS F 300 24.19 19.69 -19.15
CA LYS F 300 24.65 18.39 -18.66
C LYS F 300 25.57 17.70 -19.66
N LEU F 301 25.22 17.75 -20.95
CA LEU F 301 25.95 16.97 -21.93
C LEU F 301 27.40 17.41 -22.09
N ASN F 302 27.65 18.71 -22.06
CA ASN F 302 28.98 19.27 -22.36
C ASN F 302 29.42 20.18 -21.22
N PRO F 303 29.94 19.60 -20.13
CA PRO F 303 30.40 20.44 -19.01
C PRO F 303 31.53 21.39 -19.37
N HIS F 304 32.39 21.01 -20.30
CA HIS F 304 33.59 21.81 -20.59
C HIS F 304 33.30 23.12 -21.29
N LEU F 305 32.07 23.36 -21.74
CA LEU F 305 31.72 24.61 -22.40
C LEU F 305 31.29 25.69 -21.41
N GLN F 306 31.09 25.34 -20.15
CA GLN F 306 30.78 26.31 -19.08
C GLN F 306 29.45 26.98 -19.42
N ASN F 307 29.38 28.30 -19.54
CA ASN F 307 28.12 29.01 -19.74
C ASN F 307 27.76 29.21 -21.20
N ASP F 308 28.53 28.64 -22.13
CA ASP F 308 28.22 28.66 -23.55
C ASP F 308 27.76 27.29 -24.04
N ALA F 309 27.35 26.40 -23.14
CA ALA F 309 26.94 25.06 -23.55
C ALA F 309 25.72 25.11 -24.45
N ALA F 310 24.76 25.98 -24.15
CA ALA F 310 23.57 26.08 -24.98
C ALA F 310 23.85 26.75 -26.30
N LEU F 311 24.86 27.62 -26.35
CA LEU F 311 25.21 28.36 -27.56
C LEU F 311 26.18 27.62 -28.47
N LYS F 312 26.83 26.56 -27.98
CA LYS F 312 27.82 25.85 -28.77
C LYS F 312 27.56 24.36 -28.92
N THR F 313 26.43 23.85 -28.42
CA THR F 313 26.10 22.44 -28.58
C THR F 313 25.41 22.21 -29.92
N GLN F 314 25.69 21.06 -30.52
CA GLN F 314 25.10 20.65 -31.79
C GLN F 314 24.26 19.39 -31.59
N GLY F 315 23.25 19.24 -32.43
CA GLY F 315 22.39 18.08 -32.34
C GLY F 315 21.12 18.30 -33.15
N ILE F 316 20.11 17.50 -32.83
CA ILE F 316 18.82 17.52 -33.50
C ILE F 316 17.73 17.51 -32.45
N VAL F 317 16.74 18.39 -32.61
CA VAL F 317 15.58 18.45 -31.74
C VAL F 317 14.33 18.37 -32.61
N LEU F 318 13.42 17.47 -32.26
CA LEU F 318 12.16 17.25 -32.98
C LEU F 318 11.00 17.69 -32.11
N ILE F 319 10.14 18.55 -32.63
CA ILE F 319 8.99 19.04 -31.89
C ILE F 319 7.75 18.85 -32.74
N ASP F 320 6.70 18.27 -32.15
CA ASP F 320 5.41 18.09 -32.79
C ASP F 320 4.42 19.09 -32.23
N GLU F 321 3.73 19.81 -33.11
CA GLU F 321 2.78 20.85 -32.72
C GLU F 321 3.48 21.93 -31.89
N VAL F 322 4.42 22.63 -32.53
CA VAL F 322 5.24 23.60 -31.83
C VAL F 322 4.43 24.73 -31.21
N ASP F 323 3.19 24.91 -31.64
CA ASP F 323 2.36 26.03 -31.21
C ASP F 323 1.16 25.57 -30.38
N MET F 324 1.37 24.57 -29.52
CA MET F 324 0.31 24.11 -28.65
C MET F 324 0.04 25.12 -27.53
N PHE F 325 -1.24 25.41 -27.32
CA PHE F 325 -1.69 26.26 -26.21
C PHE F 325 -1.05 27.64 -26.21
N LEU F 326 -0.64 28.13 -27.39
CA LEU F 326 0.03 29.41 -27.50
C LEU F 326 -0.93 30.45 -28.08
N HIS F 327 -1.00 31.60 -27.43
CA HIS F 327 -1.80 32.70 -27.95
C HIS F 327 -1.23 33.18 -29.28
N PRO F 328 -2.06 33.71 -30.17
CA PRO F 328 -1.54 34.18 -31.46
C PRO F 328 -0.44 35.22 -31.34
N ALA F 329 -0.31 35.88 -30.20
CA ALA F 329 0.78 36.83 -30.00
C ALA F 329 2.11 36.10 -29.81
N TRP F 330 2.11 34.96 -29.13
CA TRP F 330 3.32 34.20 -28.88
C TRP F 330 3.66 33.24 -30.00
N GLN F 331 2.71 32.93 -30.89
CA GLN F 331 3.01 32.11 -32.04
C GLN F 331 3.91 32.82 -33.05
N GLN F 332 3.97 34.14 -33.00
CA GLN F 332 4.77 34.92 -33.93
C GLN F 332 6.21 35.12 -33.46
N GLN F 333 6.54 34.69 -32.24
CA GLN F 333 7.86 34.94 -31.66
C GLN F 333 8.41 33.68 -31.01
N ILE F 334 8.20 32.53 -31.64
CA ILE F 334 8.61 31.25 -31.08
C ILE F 334 9.76 30.63 -31.88
N ILE F 335 9.71 30.72 -33.21
CA ILE F 335 10.78 30.15 -34.02
C ILE F 335 12.05 30.97 -33.87
N GLN F 336 11.94 32.29 -33.90
CA GLN F 336 13.13 33.14 -33.74
C GLN F 336 13.74 32.99 -32.36
N SER F 337 12.91 32.76 -31.33
CA SER F 337 13.45 32.53 -30.00
C SER F 337 14.30 31.27 -29.96
N LEU F 338 13.81 30.19 -30.58
CA LEU F 338 14.59 28.95 -30.62
C LEU F 338 15.86 29.13 -31.43
N ARG F 339 15.79 29.87 -32.54
CA ARG F 339 16.98 30.07 -33.35
C ARG F 339 18.01 30.91 -32.63
N SER F 340 17.57 31.88 -31.83
CA SER F 340 18.49 32.74 -31.10
C SER F 340 19.09 32.04 -29.88
N ALA F 341 18.32 31.19 -29.20
CA ALA F 341 18.80 30.57 -27.99
C ALA F 341 19.77 29.43 -28.28
N PHE F 342 19.52 28.67 -29.35
CA PHE F 342 20.32 27.49 -29.70
C PHE F 342 20.75 27.62 -31.15
N PRO F 343 21.75 28.47 -31.45
CA PRO F 343 22.08 28.78 -32.84
C PRO F 343 22.79 27.67 -33.59
N GLN F 344 23.20 26.58 -32.94
CA GLN F 344 23.95 25.50 -33.59
C GLN F 344 23.18 24.19 -33.66
N ILE F 345 21.88 24.21 -33.40
CA ILE F 345 21.06 23.00 -33.39
C ILE F 345 20.14 23.02 -34.60
N GLN F 346 19.79 21.83 -35.09
CA GLN F 346 18.92 21.66 -36.23
C GLN F 346 17.52 21.33 -35.73
N PHE F 347 16.57 22.23 -35.97
CA PHE F 347 15.19 22.05 -35.54
C PHE F 347 14.34 21.55 -36.71
N ILE F 348 13.49 20.56 -36.43
CA ILE F 348 12.50 20.07 -37.39
C ILE F 348 11.17 20.02 -36.68
N VAL F 349 10.27 20.95 -37.00
CA VAL F 349 9.01 21.11 -36.28
C VAL F 349 7.85 20.98 -37.27
N THR F 350 6.65 20.86 -36.70
CA THR F 350 5.42 20.79 -37.46
C THR F 350 4.40 21.78 -36.88
N THR F 351 3.52 22.27 -37.74
CA THR F 351 2.47 23.19 -37.30
C THR F 351 1.45 23.34 -38.43
N HIS F 352 0.28 23.88 -38.06
CA HIS F 352 -0.73 24.26 -39.04
C HIS F 352 -1.21 25.70 -38.83
N SER F 353 -0.56 26.46 -37.95
CA SER F 353 -0.94 27.84 -37.68
C SER F 353 -0.24 28.79 -38.66
N PRO F 354 -0.97 29.72 -39.29
CA PRO F 354 -0.31 30.66 -40.21
C PRO F 354 0.48 31.77 -39.53
N GLN F 355 0.20 32.07 -38.26
CA GLN F 355 0.99 33.07 -37.56
C GLN F 355 2.44 32.64 -37.44
N VAL F 356 2.68 31.35 -37.19
CA VAL F 356 4.05 30.84 -37.16
C VAL F 356 4.70 30.98 -38.53
N LEU F 357 3.97 30.65 -39.59
CA LEU F 357 4.53 30.68 -40.93
C LEU F 357 4.80 32.09 -41.42
N SER F 358 4.11 33.09 -40.88
CA SER F 358 4.30 34.46 -41.34
C SER F 358 5.63 35.07 -40.90
N THR F 359 6.56 34.31 -40.30
CA THR F 359 7.82 34.87 -39.81
C THR F 359 9.03 34.06 -40.24
N VAL F 360 8.89 33.23 -41.27
CA VAL F 360 9.99 32.42 -41.78
C VAL F 360 10.08 32.58 -43.28
N LYS F 361 11.25 32.25 -43.82
CA LYS F 361 11.45 32.26 -45.26
C LYS F 361 10.82 31.02 -45.88
N ARG F 362 10.58 31.09 -47.20
CA ARG F 362 9.93 29.99 -47.88
C ARG F 362 10.88 28.82 -48.13
N GLU F 363 12.19 29.01 -47.91
CA GLU F 363 13.14 27.91 -48.05
C GLU F 363 13.05 26.93 -46.89
N SER F 364 12.44 27.33 -45.78
CA SER F 364 12.38 26.53 -44.56
C SER F 364 11.03 25.85 -44.38
N ILE F 365 10.17 25.84 -45.40
CA ILE F 365 8.83 25.28 -45.30
C ILE F 365 8.69 24.13 -46.29
N ARG F 366 8.01 23.08 -45.87
CA ARG F 366 7.67 21.94 -46.72
C ARG F 366 6.19 21.68 -46.62
N LEU F 367 5.52 21.61 -47.76
CA LEU F 367 4.11 21.27 -47.82
C LEU F 367 3.94 19.83 -48.27
N LEU F 368 3.23 19.03 -47.48
CA LEU F 368 3.05 17.62 -47.74
C LEU F 368 1.73 17.40 -48.47
N GLU F 369 1.78 16.67 -49.58
CA GLU F 369 0.59 16.30 -50.33
C GLU F 369 0.75 14.88 -50.85
N GLN F 370 -0.32 14.36 -51.43
CA GLN F 370 -0.35 13.02 -51.98
C GLN F 370 -1.15 13.03 -53.28
N ASP F 371 -1.21 11.88 -53.92
CA ASP F 371 -2.09 11.64 -55.06
C ASP F 371 -3.02 10.47 -54.73
N GLU F 372 -3.85 10.10 -55.71
CA GLU F 372 -4.80 9.02 -55.47
C GLU F 372 -4.10 7.70 -55.18
N ASN F 373 -2.88 7.50 -55.71
CA ASN F 373 -2.18 6.24 -55.59
C ASN F 373 -1.24 6.19 -54.38
N GLY F 374 -1.08 7.28 -53.65
CA GLY F 374 -0.29 7.29 -52.45
C GLY F 374 1.13 7.80 -52.59
N ASN F 375 1.50 8.37 -53.73
CA ASN F 375 2.82 8.95 -53.90
C ASN F 375 2.85 10.32 -53.24
N GLY F 376 3.77 10.50 -52.29
CA GLY F 376 3.87 11.72 -51.54
C GLY F 376 4.85 12.72 -52.13
N LYS F 377 4.63 13.99 -51.81
CA LYS F 377 5.53 15.06 -52.22
C LYS F 377 5.73 16.01 -51.05
N ALA F 378 6.88 16.69 -51.06
CA ALA F 378 7.22 17.69 -50.04
C ALA F 378 7.96 18.81 -50.75
N LEU F 379 7.27 19.92 -50.98
CA LEU F 379 7.76 21.00 -51.82
C LEU F 379 7.76 22.32 -51.07
N MET F 380 8.56 23.26 -51.57
CA MET F 380 8.57 24.61 -51.03
C MET F 380 7.32 25.36 -51.49
N PRO F 381 6.80 26.27 -50.67
CA PRO F 381 5.70 27.12 -51.14
C PRO F 381 6.10 27.96 -52.34
N LEU F 382 5.14 28.18 -53.24
CA LEU F 382 5.43 28.95 -54.45
C LEU F 382 5.55 30.44 -54.14
N GLY F 383 4.70 30.96 -53.25
CA GLY F 383 4.71 32.37 -52.92
C GLY F 383 5.61 32.69 -51.75
N ALA F 384 5.63 33.97 -51.39
CA ALA F 384 6.44 34.46 -50.28
C ALA F 384 5.63 34.42 -48.98
N THR F 385 6.34 34.25 -47.88
CA THR F 385 5.70 34.16 -46.57
C THR F 385 6.38 34.99 -45.48
N TYR F 386 7.53 35.59 -45.74
CA TYR F 386 8.24 36.36 -44.72
C TYR F 386 7.64 37.76 -44.60
N GLY F 387 7.32 38.16 -43.38
CA GLY F 387 6.71 39.47 -43.17
C GLY F 387 5.41 39.64 -43.89
N GLU F 388 4.59 38.60 -43.97
CA GLU F 388 3.35 38.60 -44.71
C GLU F 388 2.16 38.58 -43.76
N PRO F 389 1.06 39.26 -44.08
CA PRO F 389 -0.12 39.20 -43.20
C PRO F 389 -0.65 37.78 -43.09
N SER F 390 -1.26 37.50 -41.94
CA SER F 390 -1.73 36.14 -41.66
C SER F 390 -2.80 35.70 -42.66
N ASN F 391 -3.70 36.61 -43.04
CA ASN F 391 -4.76 36.24 -43.98
C ASN F 391 -4.18 35.86 -45.34
N ASP F 392 -3.15 36.56 -45.79
CA ASP F 392 -2.53 36.22 -47.07
C ASP F 392 -1.89 34.84 -47.02
N VAL F 393 -1.19 34.52 -45.94
CA VAL F 393 -0.59 33.20 -45.79
C VAL F 393 -1.68 32.13 -45.73
N LEU F 394 -2.77 32.42 -45.01
CA LEU F 394 -3.88 31.48 -44.93
C LEU F 394 -4.46 31.20 -46.30
N GLN F 395 -4.63 32.24 -47.12
CA GLN F 395 -5.23 32.05 -48.44
C GLN F 395 -4.27 31.34 -49.39
N SER F 396 -2.98 31.66 -49.31
CA SER F 396 -2.02 31.17 -50.30
C SER F 396 -1.42 29.83 -49.90
N VAL F 397 -0.77 29.76 -48.74
CA VAL F 397 -0.08 28.53 -48.34
C VAL F 397 -1.07 27.42 -48.04
N MET F 398 -2.14 27.73 -47.30
CA MET F 398 -3.07 26.72 -46.83
C MET F 398 -4.31 26.58 -47.71
N GLY F 399 -4.61 27.56 -48.55
CA GLY F 399 -5.77 27.45 -49.42
C GLY F 399 -7.10 27.63 -48.72
N VAL F 400 -7.12 28.30 -47.58
CA VAL F 400 -8.33 28.50 -46.78
C VAL F 400 -8.74 29.97 -46.91
N ASP F 401 -10.00 30.19 -47.24
CA ASP F 401 -10.51 31.56 -47.36
C ASP F 401 -10.63 32.18 -45.98
N PRO F 402 -10.05 33.36 -45.74
CA PRO F 402 -10.17 33.97 -44.41
C PRO F 402 -11.59 34.30 -44.00
N GLN F 403 -12.53 34.33 -44.94
CA GLN F 403 -13.91 34.66 -44.65
C GLN F 403 -14.73 33.38 -44.48
N PRO F 404 -15.32 33.11 -43.33
CA PRO F 404 -16.04 31.84 -43.15
C PRO F 404 -17.28 31.77 -44.03
N ALA F 405 -17.68 30.53 -44.34
CA ALA F 405 -18.85 30.28 -45.18
C ALA F 405 -20.07 30.10 -44.30
N VAL F 406 -20.60 31.23 -43.82
CA VAL F 406 -21.82 31.25 -43.03
C VAL F 406 -23.01 31.04 -43.97
N LYS F 407 -24.20 30.83 -43.39
CA LYS F 407 -25.35 30.41 -44.18
C LYS F 407 -25.69 31.42 -45.28
N GLU F 408 -25.65 32.70 -44.96
CA GLU F 408 -26.09 33.75 -45.89
C GLU F 408 -24.96 34.30 -46.74
N LYS F 409 -23.81 33.65 -46.77
CA LYS F 409 -22.69 34.16 -47.56
C LYS F 409 -23.05 34.22 -49.04
N ALA F 410 -23.66 33.16 -49.57
CA ALA F 410 -24.01 33.14 -50.98
C ALA F 410 -25.04 34.22 -51.32
N ASP F 411 -26.03 34.40 -50.44
CA ASP F 411 -27.03 35.44 -50.67
C ASP F 411 -26.39 36.82 -50.66
N LEU F 412 -25.47 37.07 -49.73
CA LEU F 412 -24.81 38.36 -49.69
C LEU F 412 -23.98 38.60 -50.94
N GLN F 413 -23.26 37.58 -51.40
CA GLN F 413 -22.48 37.73 -52.63
C GLN F 413 -23.39 38.01 -53.82
N LYS F 414 -24.51 37.29 -53.92
CA LYS F 414 -25.43 37.51 -55.03
C LYS F 414 -26.01 38.92 -55.00
N LEU F 415 -26.39 39.39 -53.81
CA LEU F 415 -26.93 40.75 -53.69
C LEU F 415 -25.89 41.78 -54.05
N THR F 416 -24.64 41.59 -53.60
CA THR F 416 -23.58 42.52 -53.96
C THR F 416 -23.37 42.55 -55.47
N GLY F 417 -23.36 41.38 -56.11
CA GLY F 417 -23.23 41.36 -57.55
C GLY F 417 -24.35 42.09 -58.25
N TRP F 418 -25.60 41.82 -57.83
CA TRP F 418 -26.74 42.46 -58.46
C TRP F 418 -26.67 43.97 -58.30
N VAL F 419 -26.35 44.45 -57.10
CA VAL F 419 -26.29 45.89 -56.87
C VAL F 419 -25.14 46.52 -57.65
N ASP F 420 -24.05 45.78 -57.85
CA ASP F 420 -22.90 46.34 -58.56
C ASP F 420 -23.25 46.72 -59.99
N GLN F 421 -23.99 45.86 -60.69
CA GLN F 421 -24.31 46.12 -62.09
C GLN F 421 -25.49 47.08 -62.26
N GLY F 422 -26.11 47.54 -61.17
CA GLY F 422 -27.17 48.52 -61.26
C GLY F 422 -28.52 47.93 -61.57
N LYS F 423 -29.00 47.03 -60.70
CA LYS F 423 -30.33 46.45 -60.82
C LYS F 423 -31.08 46.56 -59.49
N TYR F 424 -30.76 47.60 -58.70
CA TYR F 424 -31.34 47.73 -57.37
C TYR F 424 -32.84 47.98 -57.41
N ASP F 425 -33.38 48.45 -58.52
CA ASP F 425 -34.78 48.83 -58.60
C ASP F 425 -35.71 47.68 -58.93
N GLU F 426 -35.18 46.49 -59.23
CA GLU F 426 -36.03 45.35 -59.54
C GLU F 426 -36.67 44.80 -58.26
N PRO F 427 -37.89 44.26 -58.35
CA PRO F 427 -38.55 43.75 -57.13
C PRO F 427 -37.78 42.64 -56.44
N LYS F 428 -37.14 41.75 -57.21
CA LYS F 428 -36.44 40.63 -56.60
C LYS F 428 -35.27 41.12 -55.74
N THR F 429 -34.56 42.14 -56.20
CA THR F 429 -33.47 42.70 -55.42
C THR F 429 -33.98 43.24 -54.08
N GLN F 430 -35.10 43.96 -54.10
CA GLN F 430 -35.66 44.49 -52.87
C GLN F 430 -36.12 43.38 -51.94
N GLN F 431 -36.72 42.32 -52.50
CA GLN F 431 -37.16 41.20 -51.67
C GLN F 431 -35.97 40.52 -51.00
N LEU F 432 -34.89 40.30 -51.75
CA LEU F 432 -33.69 39.72 -51.17
C LEU F 432 -33.10 40.64 -50.10
N MET F 433 -33.12 41.95 -50.36
CA MET F 433 -32.61 42.89 -49.38
C MET F 433 -33.41 42.82 -48.07
N VAL F 434 -34.74 42.73 -48.19
CA VAL F 434 -35.58 42.66 -46.99
C VAL F 434 -35.32 41.35 -46.24
N ALA F 435 -35.20 40.24 -46.98
CA ALA F 435 -34.91 38.96 -46.33
C ALA F 435 -33.59 39.01 -45.58
N LEU F 436 -32.55 39.57 -46.22
CA LEU F 436 -31.26 39.66 -45.55
C LEU F 436 -31.29 40.63 -44.38
N GLU F 437 -32.10 41.69 -44.47
CA GLU F 437 -32.23 42.61 -43.34
C GLU F 437 -32.86 41.90 -42.15
N VAL F 438 -33.91 41.13 -42.38
CA VAL F 438 -34.55 40.43 -41.25
C VAL F 438 -33.64 39.36 -40.70
N ALA F 439 -32.85 38.69 -41.55
CA ALA F 439 -31.97 37.62 -41.07
C ALA F 439 -30.76 38.18 -40.33
N LEU F 440 -29.91 38.95 -41.02
CA LEU F 440 -28.68 39.44 -40.43
C LEU F 440 -28.90 40.62 -39.50
N GLY F 441 -29.87 41.48 -39.80
CA GLY F 441 -30.12 42.67 -39.03
C GLY F 441 -29.87 43.93 -39.85
N GLU F 442 -30.32 45.05 -39.28
CA GLU F 442 -30.24 46.34 -39.97
C GLU F 442 -28.89 47.02 -39.81
N LYS F 443 -28.06 46.60 -38.85
CA LYS F 443 -26.75 47.20 -38.63
C LYS F 443 -25.61 46.36 -39.17
N HIS F 444 -25.91 45.42 -40.06
CA HIS F 444 -24.86 44.63 -40.68
C HIS F 444 -23.99 45.52 -41.56
N PRO F 445 -22.67 45.53 -41.39
CA PRO F 445 -21.85 46.46 -42.19
C PRO F 445 -22.02 46.30 -43.69
N GLN F 446 -22.14 45.07 -44.19
CA GLN F 446 -22.24 44.87 -45.63
C GLN F 446 -23.55 45.41 -46.17
N LEU F 447 -24.66 45.20 -45.45
CA LEU F 447 -25.94 45.76 -45.88
C LEU F 447 -25.90 47.28 -45.89
N GLN F 448 -25.25 47.88 -44.88
CA GLN F 448 -25.13 49.33 -44.84
C GLN F 448 -24.30 49.85 -46.01
N ARG F 449 -23.21 49.15 -46.34
CA ARG F 449 -22.43 49.53 -47.51
C ARG F 449 -23.27 49.44 -48.78
N LEU F 450 -24.07 48.38 -48.91
CA LEU F 450 -24.92 48.24 -50.08
C LEU F 450 -25.94 49.37 -50.17
N GLN F 451 -26.53 49.74 -49.04
CA GLN F 451 -27.50 50.83 -49.03
C GLN F 451 -26.83 52.15 -49.40
N ARG F 452 -25.64 52.40 -48.88
CA ARG F 452 -24.91 53.62 -49.25
C ARG F 452 -24.59 53.63 -50.73
N SER F 453 -24.22 52.47 -51.29
CA SER F 453 -23.96 52.39 -52.72
C SER F 453 -25.21 52.68 -53.52
N ILE F 454 -26.35 52.11 -53.10
CA ILE F 454 -27.61 52.35 -53.81
C ILE F 454 -27.96 53.83 -53.79
N ALA F 455 -27.84 54.47 -52.63
CA ALA F 455 -28.11 55.90 -52.55
C ALA F 455 -27.14 56.69 -53.42
N ARG F 456 -25.87 56.27 -53.46
CA ARG F 456 -24.87 56.99 -54.24
C ARG F 456 -25.21 56.97 -55.73
N GLN F 457 -25.61 55.80 -56.25
CA GLN F 457 -26.01 55.74 -57.66
C GLN F 457 -27.45 56.18 -57.80
N ARG F 458 -27.76 57.33 -57.20
CA ARG F 458 -28.96 58.10 -57.46
C ARG F 458 -28.56 59.56 -57.42
N LEU F 459 -29.51 60.46 -57.60
CA LEU F 459 -29.26 61.90 -57.65
C LEU F 459 -28.48 62.28 -58.91
N LEU F 460 -28.14 61.34 -59.78
CA LEU F 460 -27.36 61.62 -60.98
C LEU F 460 -28.28 61.86 -62.17
N MET G 1 7.45 -67.87 30.97
CA MET G 1 8.92 -67.99 30.80
C MET G 1 9.36 -69.45 30.89
N ARG G 2 10.64 -69.69 30.64
CA ARG G 2 11.23 -71.01 30.73
C ARG G 2 12.35 -70.99 31.77
N HIS G 3 12.41 -72.02 32.60
CA HIS G 3 13.46 -72.11 33.60
C HIS G 3 14.78 -72.49 32.94
N VAL G 4 15.83 -71.71 33.20
CA VAL G 4 17.15 -71.96 32.65
C VAL G 4 18.00 -72.64 33.72
N ILE G 5 18.62 -73.75 33.37
CA ILE G 5 19.46 -74.52 34.28
C ILE G 5 20.92 -74.28 33.87
N LYS G 6 21.73 -73.81 34.82
CA LYS G 6 23.13 -73.51 34.56
C LYS G 6 23.99 -74.71 34.95
N THR G 7 24.82 -75.16 34.02
CA THR G 7 25.70 -76.30 34.27
C THR G 7 27.12 -76.03 33.78
N GLN G 8 27.54 -74.77 33.81
CA GLN G 8 28.89 -74.38 33.40
C GLN G 8 29.40 -73.32 34.36
N LEU G 9 30.62 -73.52 34.86
CA LEU G 9 31.19 -72.58 35.81
C LEU G 9 31.40 -71.21 35.18
N GLY G 10 31.89 -71.18 33.94
CA GLY G 10 32.15 -69.93 33.27
C GLY G 10 33.46 -69.94 32.51
N THR G 11 34.12 -68.79 32.41
CA THR G 11 35.39 -68.66 31.71
C THR G 11 36.46 -68.18 32.68
N VAL G 12 37.72 -68.43 32.31
CA VAL G 12 38.84 -68.06 33.16
C VAL G 12 38.90 -66.56 33.34
N ALA G 13 38.72 -65.79 32.26
CA ALA G 13 38.75 -64.35 32.36
C ALA G 13 37.62 -63.83 33.24
N LEU G 14 36.42 -64.39 33.09
CA LEU G 14 35.31 -63.97 33.93
C LEU G 14 35.58 -64.29 35.40
N LEU G 15 36.12 -65.47 35.67
CA LEU G 15 36.42 -65.85 37.06
C LEU G 15 37.46 -64.91 37.66
N THR G 16 38.52 -64.60 36.89
CA THR G 16 39.54 -63.71 37.39
C THR G 16 38.98 -62.31 37.65
N ALA G 17 38.13 -61.82 36.75
CA ALA G 17 37.57 -60.48 36.92
C ALA G 17 36.73 -60.40 38.18
N HIS G 18 36.17 -61.52 38.64
CA HIS G 18 35.32 -61.55 39.82
C HIS G 18 36.11 -61.68 41.12
N GLU G 19 37.44 -61.78 41.05
CA GLU G 19 38.23 -61.92 42.26
C GLU G 19 38.09 -60.70 43.15
N ASN G 20 38.06 -59.50 42.57
CA ASN G 20 37.87 -58.25 43.29
C ASN G 20 36.59 -57.60 42.79
N PRO G 21 35.45 -57.88 43.41
CA PRO G 21 34.19 -57.35 42.90
C PRO G 21 34.17 -55.84 42.97
N PRO G 22 33.51 -55.18 42.01
CA PRO G 22 33.27 -53.74 42.15
C PRO G 22 32.36 -53.44 43.32
N GLN G 23 32.52 -52.25 43.89
CA GLN G 23 31.77 -51.86 45.08
C GLN G 23 31.03 -50.54 44.91
N ASP G 24 30.90 -50.03 43.69
CA ASP G 24 30.08 -48.85 43.45
C ASP G 24 29.77 -48.79 41.96
N ALA G 25 28.82 -47.92 41.60
CA ALA G 25 28.36 -47.86 40.23
C ALA G 25 29.48 -47.47 39.26
N ASP G 26 30.33 -46.51 39.67
CA ASP G 26 31.37 -46.04 38.77
C ASP G 26 32.36 -47.15 38.43
N GLN G 27 32.84 -47.87 39.44
CA GLN G 27 33.78 -48.96 39.19
C GLN G 27 33.15 -50.03 38.33
N SER G 28 31.89 -50.39 38.62
CA SER G 28 31.22 -51.41 37.84
C SER G 28 31.11 -51.00 36.37
N THR G 29 30.69 -49.76 36.12
CA THR G 29 30.56 -49.29 34.76
C THR G 29 31.90 -49.30 34.05
N ARG G 30 32.95 -48.78 34.70
CA ARG G 30 34.25 -48.69 34.05
C ARG G 30 34.79 -50.08 33.73
N ARG G 31 34.69 -51.01 34.68
CA ARG G 31 35.25 -52.34 34.46
C ARG G 31 34.43 -53.12 33.43
N TRP G 32 33.10 -52.94 33.43
CA TRP G 32 32.29 -53.56 32.39
C TRP G 32 32.66 -53.02 31.02
N ARG G 33 32.92 -51.72 30.92
CA ARG G 33 33.37 -51.15 29.66
C ARG G 33 34.71 -51.75 29.23
N ASN G 34 35.63 -51.89 30.18
CA ASN G 34 36.95 -52.42 29.85
C ASN G 34 36.92 -53.92 29.54
N PHE G 35 35.91 -54.63 30.00
CA PHE G 35 35.79 -56.07 29.81
C PHE G 35 35.32 -56.46 28.41
N ARG G 36 35.25 -55.51 27.47
CA ARG G 36 34.64 -55.78 26.18
C ARG G 36 35.36 -56.86 25.39
N ARG G 37 36.62 -57.15 25.71
CA ARG G 37 37.38 -58.09 24.88
C ARG G 37 36.89 -59.53 25.04
N ASP G 38 36.60 -59.95 26.28
CA ASP G 38 36.24 -61.33 26.56
C ASP G 38 34.74 -61.55 26.68
N LYS G 39 33.92 -60.63 26.16
CA LYS G 39 32.47 -60.79 26.24
C LYS G 39 31.97 -61.86 25.29
N ALA G 40 32.69 -62.13 24.20
CA ALA G 40 32.20 -63.04 23.17
C ALA G 40 32.05 -64.45 23.72
N ALA G 41 33.05 -64.95 24.45
CA ALA G 41 32.97 -66.32 24.96
C ALA G 41 31.85 -66.46 25.98
N VAL G 42 31.70 -65.47 26.87
CA VAL G 42 30.62 -65.52 27.85
C VAL G 42 29.27 -65.52 27.15
N MET G 43 29.10 -64.68 26.13
CA MET G 43 27.83 -64.65 25.41
C MET G 43 27.58 -65.96 24.69
N VAL G 44 28.62 -66.57 24.13
CA VAL G 44 28.46 -67.86 23.46
C VAL G 44 27.95 -68.91 24.44
N GLN G 45 28.58 -68.97 25.62
CA GLN G 45 28.13 -69.93 26.62
C GLN G 45 26.70 -69.66 27.05
N LEU G 46 26.37 -68.38 27.28
CA LEU G 46 25.02 -68.02 27.72
C LEU G 46 23.99 -68.42 26.68
N ILE G 47 24.29 -68.18 25.41
CA ILE G 47 23.33 -68.51 24.36
C ILE G 47 23.19 -70.01 24.21
N ASN G 48 24.29 -70.75 24.35
CA ASN G 48 24.22 -72.20 24.24
C ASN G 48 23.38 -72.80 25.36
N GLU G 49 23.54 -72.29 26.59
CA GLU G 49 22.82 -72.87 27.72
C GLU G 49 21.32 -72.59 27.66
N GLN G 50 20.89 -71.58 26.91
CA GLN G 50 19.48 -71.25 26.76
C GLN G 50 18.86 -71.81 25.49
N TYR G 51 19.59 -72.60 24.72
CA TYR G 51 19.10 -73.14 23.45
C TYR G 51 18.73 -72.04 22.47
N HIS G 52 19.50 -70.94 22.47
CA HIS G 52 19.37 -69.87 21.49
C HIS G 52 18.05 -69.12 21.62
N LEU G 53 17.43 -69.14 22.80
CA LEU G 53 16.18 -68.44 23.07
C LEU G 53 16.44 -67.28 24.00
N CYS G 54 15.71 -66.18 23.79
CA CYS G 54 15.82 -65.04 24.69
C CYS G 54 15.34 -65.43 26.09
N CYS G 55 16.02 -64.90 27.10
CA CYS G 55 15.74 -65.30 28.48
C CYS G 55 14.38 -64.84 28.97
N TYR G 56 13.82 -63.78 28.39
CA TYR G 56 12.52 -63.25 28.82
C TYR G 56 11.39 -63.49 27.84
N SER G 57 11.63 -63.36 26.53
CA SER G 57 10.57 -63.46 25.54
C SER G 57 10.57 -64.76 24.76
N GLU G 58 11.66 -65.53 24.78
CA GLU G 58 11.73 -66.83 24.13
C GLU G 58 11.64 -66.73 22.61
N ILE G 59 12.29 -65.72 22.04
CA ILE G 59 12.36 -65.57 20.59
C ILE G 59 13.73 -66.04 20.11
N ARG G 60 13.81 -66.36 18.82
CA ARG G 60 15.05 -66.73 18.17
C ARG G 60 15.61 -65.48 17.49
N SER G 61 16.45 -64.74 18.23
CA SER G 61 17.00 -63.51 17.69
C SER G 61 17.89 -63.77 16.47
N ASP G 62 18.60 -64.90 16.46
CA ASP G 62 19.46 -65.21 15.33
C ASP G 62 18.67 -65.36 14.03
N LEU G 63 17.53 -66.04 14.09
CA LEU G 63 16.72 -66.24 12.88
C LEU G 63 16.08 -64.95 12.40
N ARG G 64 16.01 -63.93 13.24
CA ARG G 64 15.41 -62.64 12.88
C ARG G 64 16.46 -61.56 12.64
N GLY G 65 17.74 -61.86 12.87
CA GLY G 65 18.78 -60.87 12.68
C GLY G 65 18.72 -59.70 13.65
N LEU G 66 18.45 -59.98 14.93
CA LEU G 66 18.39 -58.94 15.95
C LEU G 66 19.50 -59.03 16.97
N GLY G 67 20.16 -60.18 17.11
CA GLY G 67 21.31 -60.30 17.98
C GLY G 67 20.95 -60.53 19.44
N TYR G 68 22.00 -60.59 20.26
CA TYR G 68 21.89 -60.79 21.69
C TYR G 68 22.81 -59.83 22.42
N HIS G 69 22.50 -59.60 23.69
CA HIS G 69 23.39 -58.87 24.58
C HIS G 69 23.36 -59.53 25.95
N ILE G 70 24.44 -59.32 26.70
CA ILE G 70 24.54 -59.88 28.05
C ILE G 70 23.71 -59.04 28.99
N GLU G 71 22.81 -59.68 29.73
CA GLU G 71 21.90 -59.01 30.64
C GLU G 71 22.21 -59.41 32.08
N HIS G 72 22.18 -58.44 32.98
CA HIS G 72 22.31 -58.69 34.40
C HIS G 72 20.91 -58.82 35.00
N VAL G 73 20.59 -60.01 35.53
CA VAL G 73 19.27 -60.24 36.07
C VAL G 73 18.94 -59.21 37.14
N GLU G 74 19.88 -58.97 38.05
CA GLU G 74 19.79 -57.88 39.01
C GLU G 74 20.72 -56.77 38.56
N ASN G 75 20.19 -55.56 38.45
CA ASN G 75 20.95 -54.45 37.88
C ASN G 75 22.26 -54.26 38.63
N LYS G 76 23.35 -54.13 37.88
CA LYS G 76 24.66 -53.92 38.50
C LYS G 76 24.78 -52.54 39.13
N SER G 77 23.91 -51.60 38.76
CA SER G 77 23.87 -50.32 39.46
C SER G 77 23.21 -50.44 40.82
N GLN G 78 22.36 -51.46 41.02
CA GLN G 78 21.75 -51.69 42.32
C GLN G 78 22.71 -52.44 43.24
N HIS G 79 23.26 -53.54 42.76
CA HIS G 79 24.16 -54.40 43.55
C HIS G 79 25.41 -54.67 42.72
N PRO G 80 26.32 -53.68 42.65
CA PRO G 80 27.50 -53.83 41.77
C PRO G 80 28.44 -54.97 42.16
N GLU G 81 28.28 -55.56 43.36
CA GLU G 81 29.15 -56.64 43.76
C GLU G 81 29.02 -57.88 42.88
N ARG G 82 27.95 -57.98 42.09
CA ARG G 82 27.68 -59.13 41.24
C ARG G 82 27.90 -58.83 39.77
N THR G 83 28.67 -57.78 39.44
CA THR G 83 28.89 -57.43 38.05
C THR G 83 29.54 -58.57 37.28
N PHE G 84 30.33 -59.40 37.96
CA PHE G 84 31.05 -60.50 37.30
C PHE G 84 30.63 -61.87 37.82
N ASP G 85 29.53 -61.95 38.57
CA ASP G 85 29.02 -63.24 39.02
C ASP G 85 28.30 -63.92 37.88
N TYR G 86 28.78 -65.11 37.48
CA TYR G 86 28.18 -65.82 36.36
C TYR G 86 26.72 -66.17 36.62
N GLN G 87 26.35 -66.33 37.89
CA GLN G 87 24.97 -66.68 38.23
C GLN G 87 24.00 -65.53 38.04
N ASN G 88 24.49 -64.32 37.77
CA ASN G 88 23.66 -63.14 37.61
C ASN G 88 23.61 -62.66 36.16
N LEU G 89 24.05 -63.48 35.21
CA LEU G 89 24.16 -63.09 33.81
C LEU G 89 23.26 -63.97 32.95
N ALA G 90 22.56 -63.33 32.01
CA ALA G 90 21.73 -64.01 31.03
C ALA G 90 21.92 -63.33 29.69
N ALA G 91 21.34 -63.93 28.64
CA ALA G 91 21.44 -63.41 27.28
C ALA G 91 20.05 -62.98 26.82
N SER G 92 19.93 -61.72 26.43
CA SER G 92 18.67 -61.15 25.97
C SER G 92 18.82 -60.66 24.54
N ALA G 93 17.67 -60.51 23.88
CA ALA G 93 17.65 -60.11 22.47
C ALA G 93 17.99 -58.62 22.35
N LEU G 94 18.00 -58.13 21.10
CA LEU G 94 18.30 -56.74 20.80
C LEU G 94 19.71 -56.36 21.27
N ASP G 95 20.69 -56.96 20.60
CA ASP G 95 22.09 -56.72 20.92
C ASP G 95 22.37 -55.23 21.08
N SER G 96 23.25 -54.92 22.03
CA SER G 96 23.58 -53.53 22.32
C SER G 96 24.37 -52.90 21.18
N GLY G 97 25.37 -53.61 20.67
CA GLY G 97 26.19 -53.09 19.59
C GLY G 97 27.37 -54.01 19.27
N SER G 103 18.82 -49.94 12.36
CA SER G 103 18.50 -48.79 13.17
C SER G 103 17.51 -49.15 14.28
N SER G 104 16.96 -50.35 14.22
CA SER G 104 16.02 -50.83 15.23
C SER G 104 16.79 -51.25 16.47
N LEU G 105 16.68 -50.46 17.54
CA LEU G 105 17.43 -50.71 18.76
C LEU G 105 16.70 -50.05 19.92
N LYS G 106 17.40 -49.87 21.05
CA LYS G 106 16.79 -49.36 22.27
C LYS G 106 15.89 -48.17 21.99
N GLY G 107 14.70 -48.20 22.61
CA GLY G 107 13.74 -47.12 22.43
C GLY G 107 12.59 -47.29 23.39
N LYS G 108 11.51 -46.55 23.11
CA LYS G 108 10.32 -46.63 23.95
C LYS G 108 9.71 -48.03 23.92
N ASN G 109 9.70 -48.66 22.75
CA ASN G 109 9.03 -49.94 22.56
C ASN G 109 9.95 -51.13 22.83
N ALA G 110 11.15 -50.91 23.35
CA ALA G 110 12.06 -52.01 23.62
C ALA G 110 11.49 -52.93 24.69
N PHE G 111 11.84 -54.20 24.60
CA PHE G 111 11.39 -55.22 25.53
C PHE G 111 12.59 -56.00 26.05
N GLY G 112 12.36 -56.78 27.10
CA GLY G 112 13.42 -57.57 27.70
C GLY G 112 14.33 -56.72 28.54
N GLY G 113 15.65 -56.92 28.38
CA GLY G 113 16.61 -56.14 29.15
C GLY G 113 16.68 -54.70 28.74
N HIS G 114 16.24 -54.37 27.52
CA HIS G 114 16.24 -53.00 27.02
C HIS G 114 14.93 -52.27 27.29
N ALA G 115 13.99 -52.89 28.00
CA ALA G 115 12.73 -52.23 28.29
C ALA G 115 12.95 -51.01 29.17
N GLN G 116 12.04 -50.03 29.05
CA GLN G 116 12.19 -48.78 29.79
C GLN G 116 12.21 -49.01 31.29
N GLY G 117 11.25 -49.78 31.81
CA GLY G 117 11.16 -49.97 33.24
C GLY G 117 12.34 -50.74 33.80
N LYS G 118 12.77 -51.79 33.09
CA LYS G 118 13.87 -52.62 33.59
C LYS G 118 15.17 -51.83 33.69
N GLN G 119 15.31 -50.74 32.93
CA GLN G 119 16.54 -49.95 32.97
C GLN G 119 16.63 -49.08 34.22
N ASP G 120 15.49 -48.63 34.75
CA ASP G 120 15.51 -47.68 35.86
C ASP G 120 15.71 -48.36 37.20
N VAL G 121 14.75 -49.19 37.62
CA VAL G 121 14.76 -49.80 38.94
C VAL G 121 14.05 -51.14 38.86
N VAL G 122 14.46 -52.07 39.73
CA VAL G 122 13.85 -53.39 39.83
C VAL G 122 13.67 -53.74 41.29
N ASP G 123 12.50 -54.27 41.64
CA ASP G 123 12.21 -54.75 42.99
C ASP G 123 12.29 -56.26 42.95
N MET G 124 13.38 -56.81 43.52
CA MET G 124 13.63 -58.24 43.41
C MET G 124 12.59 -59.08 44.13
N ALA G 125 11.87 -58.51 45.10
CA ALA G 125 10.86 -59.27 45.81
C ALA G 125 9.74 -59.73 44.89
N LYS G 126 9.30 -58.85 43.99
CA LYS G 126 8.18 -59.12 43.09
C LYS G 126 8.63 -59.58 41.71
N PHE G 127 9.94 -59.63 41.45
CA PHE G 127 10.43 -59.92 40.10
C PHE G 127 10.49 -61.43 39.90
N ILE G 128 9.79 -61.91 38.88
CA ILE G 128 9.83 -63.31 38.47
C ILE G 128 10.67 -63.40 37.21
N HIS G 129 11.78 -64.14 37.27
CA HIS G 129 12.70 -64.28 36.16
C HIS G 129 12.92 -65.77 35.86
N CYS G 130 13.73 -66.04 34.84
CA CYS G 130 13.94 -67.40 34.37
C CYS G 130 14.78 -68.24 35.33
N HIS G 131 15.40 -67.63 36.33
CA HIS G 131 16.27 -68.36 37.26
C HIS G 131 15.52 -68.83 38.49
N ILE G 132 14.21 -68.65 38.56
CA ILE G 132 13.37 -69.17 39.63
C ILE G 132 12.74 -70.46 39.14
N ARG G 133 12.87 -71.53 39.94
CA ARG G 133 12.53 -72.86 39.45
C ARG G 133 11.06 -72.98 39.07
N ASP G 134 10.19 -72.18 39.68
CA ASP G 134 8.75 -72.28 39.46
C ASP G 134 8.19 -71.03 38.77
N CYS G 135 8.95 -70.48 37.82
CA CYS G 135 8.48 -69.30 37.10
C CYS G 135 7.44 -69.64 36.04
N SER G 136 7.49 -70.84 35.48
CA SER G 136 6.62 -71.17 34.35
C SER G 136 5.14 -71.23 34.74
N ARG G 137 4.84 -71.44 36.02
CA ARG G 137 3.45 -71.52 36.46
C ARG G 137 2.82 -70.16 36.74
N TYR G 138 3.58 -69.08 36.63
CA TYR G 138 3.07 -67.74 36.89
C TYR G 138 2.39 -67.10 35.69
N PHE G 139 2.51 -67.68 34.50
CA PHE G 139 2.10 -67.01 33.27
C PHE G 139 1.23 -67.92 32.42
N ALA G 140 0.33 -67.29 31.65
CA ALA G 140 -0.50 -67.97 30.69
C ALA G 140 -0.49 -67.19 29.38
N TYR G 141 -0.68 -67.90 28.27
CA TYR G 141 -0.62 -67.31 26.95
C TYR G 141 -1.98 -67.45 26.27
N LEU G 142 -2.51 -66.33 25.79
CA LEU G 142 -3.87 -66.26 25.27
C LEU G 142 -3.89 -66.38 23.76
N SER G 143 -5.10 -66.51 23.21
CA SER G 143 -5.30 -66.70 21.78
C SER G 143 -5.14 -65.41 20.99
N ASP G 144 -5.23 -64.25 21.63
CA ASP G 144 -5.13 -62.96 20.94
C ASP G 144 -3.73 -62.37 21.01
N GLY G 145 -2.75 -63.10 21.54
CA GLY G 145 -1.38 -62.67 21.57
C GLY G 145 -0.92 -62.06 22.88
N ARG G 146 -1.79 -62.01 23.89
CA ARG G 146 -1.43 -61.42 25.17
C ARG G 146 -0.81 -62.47 26.09
N ILE G 147 -0.15 -61.99 27.14
CA ILE G 147 0.37 -62.81 28.22
C ILE G 147 -0.22 -62.30 29.53
N VAL G 148 -0.79 -63.20 30.33
CA VAL G 148 -1.54 -62.79 31.52
C VAL G 148 -1.12 -63.69 32.68
N PRO G 149 -1.35 -63.24 33.91
CA PRO G 149 -1.10 -64.10 35.06
C PRO G 149 -2.02 -65.31 35.07
N ALA G 150 -1.51 -66.42 35.61
CA ALA G 150 -2.29 -67.65 35.67
C ALA G 150 -3.41 -67.54 36.70
N ASP G 151 -4.52 -68.20 36.42
CA ASP G 151 -5.69 -68.11 37.30
C ASP G 151 -5.40 -68.72 38.67
N GLU G 152 -4.69 -69.85 38.70
CA GLU G 152 -4.41 -70.56 39.95
C GLU G 152 -3.23 -69.91 40.68
N LEU G 153 -3.41 -68.62 41.01
CA LEU G 153 -2.41 -67.86 41.73
C LEU G 153 -3.08 -67.13 42.88
N ASN G 154 -2.35 -66.98 43.99
CA ASN G 154 -2.85 -66.21 45.12
C ASN G 154 -3.07 -64.76 44.71
N ALA G 155 -3.73 -64.01 45.60
CA ALA G 155 -3.88 -62.58 45.40
C ALA G 155 -2.55 -61.84 45.50
N GLN G 156 -1.51 -62.49 46.01
CA GLN G 156 -0.18 -61.90 46.11
C GLN G 156 0.68 -62.25 44.91
N GLU G 157 0.59 -63.49 44.42
CA GLU G 157 1.36 -63.90 43.25
C GLU G 157 0.91 -63.17 41.99
N THR G 158 -0.40 -62.89 41.87
CA THR G 158 -0.90 -62.20 40.69
C THR G 158 -0.28 -60.82 40.56
N GLU G 159 -0.14 -60.10 41.68
CA GLU G 159 0.48 -58.79 41.63
C GLU G 159 1.92 -58.88 41.15
N ASN G 160 2.67 -59.88 41.64
CA ASN G 160 4.03 -60.07 41.18
C ASN G 160 4.09 -60.38 39.69
N ALA G 161 3.19 -61.23 39.21
CA ALA G 161 3.18 -61.58 37.79
C ALA G 161 2.89 -60.35 36.93
N GLN G 162 1.90 -59.55 37.33
CA GLN G 162 1.58 -58.35 36.56
C GLN G 162 2.73 -57.36 36.59
N TYR G 163 3.36 -57.19 37.76
CA TYR G 163 4.50 -56.29 37.87
C TYR G 163 5.64 -56.73 36.96
N THR G 164 5.93 -58.03 36.92
CA THR G 164 6.98 -58.53 36.04
C THR G 164 6.61 -58.33 34.58
N ILE G 165 5.36 -58.58 34.20
CA ILE G 165 4.96 -58.40 32.82
C ILE G 165 5.13 -56.95 32.40
N ASP G 166 4.71 -56.01 33.27
CA ASP G 166 4.83 -54.60 32.92
C ASP G 166 6.27 -54.11 32.92
N LEU G 167 7.11 -54.67 33.81
CA LEU G 167 8.49 -54.20 33.90
C LEU G 167 9.26 -54.48 32.64
N LEU G 168 9.08 -55.66 32.05
CA LEU G 168 9.81 -56.06 30.86
C LEU G 168 9.10 -55.70 29.56
N ASN G 169 7.90 -55.11 29.64
CA ASN G 169 7.14 -54.70 28.48
C ASN G 169 6.93 -55.88 27.53
N LEU G 170 6.41 -56.97 28.08
CA LEU G 170 6.21 -58.21 27.34
C LEU G 170 4.95 -58.20 26.50
N ASN G 171 4.13 -57.15 26.59
CA ASN G 171 2.88 -57.06 25.84
C ASN G 171 2.94 -55.97 24.78
N SER G 172 4.11 -55.75 24.19
CA SER G 172 4.25 -54.80 23.11
C SER G 172 3.61 -55.34 21.83
N GLY G 173 3.35 -54.44 20.89
CA GLY G 173 2.69 -54.85 19.66
C GLY G 173 3.46 -55.89 18.89
N PHE G 174 4.77 -55.76 18.83
CA PHE G 174 5.60 -56.71 18.10
C PHE G 174 5.47 -58.12 18.69
N LEU G 175 5.64 -58.23 20.01
CA LEU G 175 5.53 -59.53 20.66
C LEU G 175 4.14 -60.10 20.53
N GLN G 176 3.11 -59.26 20.67
CA GLN G 176 1.74 -59.74 20.55
C GLN G 176 1.48 -60.28 19.16
N THR G 177 1.95 -59.59 18.12
CA THR G 177 1.77 -60.08 16.75
C THR G 177 2.48 -61.40 16.54
N GLU G 178 3.73 -61.51 17.02
CA GLU G 178 4.47 -62.75 16.83
C GLU G 178 3.78 -63.91 17.53
N ARG G 179 3.31 -63.69 18.77
CA ARG G 179 2.66 -64.76 19.51
C ARG G 179 1.33 -65.15 18.87
N ARG G 180 0.59 -64.17 18.35
CA ARG G 180 -0.66 -64.47 17.65
C ARG G 180 -0.41 -65.33 16.41
N ASN G 181 0.63 -64.99 15.65
CA ASN G 181 0.95 -65.80 14.47
C ASN G 181 1.37 -67.21 14.87
N HIS G 182 2.12 -67.34 15.96
CA HIS G 182 2.50 -68.67 16.43
C HIS G 182 1.27 -69.49 16.83
N TRP G 183 0.31 -68.86 17.51
CA TRP G 183 -0.91 -69.55 17.88
C TRP G 183 -1.68 -70.00 16.63
N GLU G 184 -1.75 -69.14 15.62
CA GLU G 184 -2.44 -69.52 14.39
C GLU G 184 -1.77 -70.71 13.72
N GLU G 185 -0.44 -70.71 13.67
CA GLU G 185 0.27 -71.85 13.09
C GLU G 185 0.03 -73.12 13.89
N LEU G 186 -0.02 -73.01 15.22
CA LEU G 186 -0.32 -74.18 16.05
C LEU G 186 -1.71 -74.72 15.74
N GLU G 187 -2.69 -73.84 15.57
CA GLU G 187 -4.03 -74.29 15.20
C GLU G 187 -3.99 -75.00 13.85
N GLN G 188 -3.25 -74.45 12.89
CA GLN G 188 -3.12 -75.10 11.59
C GLN G 188 -2.56 -76.51 11.75
N LEU G 189 -1.51 -76.65 12.56
CA LEU G 189 -0.89 -77.97 12.74
C LEU G 189 -1.86 -78.95 13.40
N PHE G 190 -2.60 -78.48 14.41
CA PHE G 190 -3.59 -79.33 15.06
C PHE G 190 -4.59 -79.87 14.04
N ASP G 191 -5.17 -78.96 13.24
CA ASP G 191 -6.14 -79.39 12.24
C ASP G 191 -5.50 -80.35 11.24
N GLU G 192 -4.27 -80.07 10.82
CA GLU G 192 -3.60 -80.94 9.86
C GLU G 192 -3.43 -82.35 10.40
N HIS G 193 -2.98 -82.49 11.65
CA HIS G 193 -2.75 -83.82 12.18
C HIS G 193 -4.07 -84.53 12.44
N ILE G 194 -5.12 -83.79 12.80
CA ILE G 194 -6.44 -84.41 12.93
C ILE G 194 -6.90 -84.96 11.60
N GLU G 195 -6.71 -84.19 10.52
CA GLU G 195 -7.19 -84.62 9.21
C GLU G 195 -6.39 -85.80 8.68
N LYS G 196 -5.06 -85.76 8.81
CA LYS G 196 -4.20 -86.72 8.14
C LYS G 196 -4.02 -88.02 8.92
N ASP G 197 -4.63 -88.15 10.10
CA ASP G 197 -4.45 -89.35 10.92
C ASP G 197 -3.00 -89.51 11.37
N TRP G 198 -2.29 -88.39 11.48
CA TRP G 198 -0.90 -88.42 11.91
C TRP G 198 -0.82 -88.69 13.41
N ASP G 199 0.41 -88.97 13.87
CA ASP G 199 0.69 -89.13 15.29
C ASP G 199 1.20 -87.82 15.86
N LEU G 200 0.71 -87.48 17.06
CA LEU G 200 1.02 -86.20 17.68
C LEU G 200 2.20 -86.27 18.64
N GLN G 201 3.14 -87.17 18.39
CA GLN G 201 4.39 -87.21 19.15
C GLN G 201 5.61 -87.18 18.25
N GLN G 202 5.55 -87.80 17.07
CA GLN G 202 6.65 -87.71 16.13
C GLN G 202 6.87 -86.28 15.69
N LEU G 203 5.79 -85.55 15.40
CA LEU G 203 5.91 -84.16 14.97
C LEU G 203 6.39 -83.28 16.11
N LEU G 204 5.90 -83.51 17.33
CA LEU G 204 6.22 -82.62 18.44
C LEU G 204 7.67 -82.72 18.86
N GLN G 205 8.36 -83.80 18.49
CA GLN G 205 9.78 -83.93 18.81
C GLN G 205 10.63 -82.93 18.03
N LEU G 206 10.14 -82.45 16.90
CA LEU G 206 10.88 -81.42 16.17
C LEU G 206 10.86 -80.10 16.92
N ASP G 207 9.79 -79.82 17.67
CA ASP G 207 9.62 -78.54 18.34
C ASP G 207 10.04 -78.55 19.80
N LEU G 208 9.91 -79.69 20.49
CA LEU G 208 10.17 -79.74 21.93
C LEU G 208 11.51 -80.35 22.29
N VAL G 209 12.14 -81.08 21.38
CA VAL G 209 13.44 -81.70 21.63
C VAL G 209 14.50 -80.87 20.93
N SER G 210 15.60 -80.60 21.63
CA SER G 210 16.67 -79.78 21.07
C SER G 210 17.42 -80.56 20.01
N THR G 211 18.47 -79.94 19.49
CA THR G 211 19.30 -80.50 18.44
C THR G 211 20.75 -80.50 18.89
N PRO G 212 21.62 -81.25 18.23
CA PRO G 212 23.02 -81.33 18.66
C PRO G 212 23.70 -79.98 18.74
N ASP G 213 23.25 -78.99 17.98
CA ASP G 213 23.83 -77.65 18.01
C ASP G 213 23.13 -76.73 19.00
N HIS G 214 22.41 -77.30 19.98
CA HIS G 214 21.83 -76.53 21.08
C HIS G 214 20.87 -75.45 20.56
N LYS G 215 19.79 -75.91 19.93
CA LYS G 215 18.78 -75.01 19.39
C LYS G 215 17.38 -75.54 19.71
N LEU G 216 16.49 -74.62 20.07
CA LEU G 216 15.09 -74.93 20.35
C LEU G 216 14.21 -74.01 19.52
N HIS G 217 13.06 -74.53 19.11
CA HIS G 217 12.08 -73.69 18.43
C HIS G 217 11.60 -72.59 19.36
N GLU G 218 11.32 -71.42 18.79
CA GLU G 218 10.93 -70.28 19.60
C GLU G 218 9.53 -70.45 20.17
N PHE G 219 9.28 -69.77 21.28
CA PHE G 219 7.99 -69.84 21.98
C PHE G 219 7.72 -71.25 22.48
N PHE G 220 8.66 -71.76 23.30
CA PHE G 220 8.53 -73.09 23.88
C PHE G 220 7.29 -73.18 24.76
N SER G 221 7.04 -72.16 25.59
CA SER G 221 5.94 -72.21 26.54
C SER G 221 4.59 -72.28 25.83
N ILE G 222 4.42 -71.51 24.76
CA ILE G 222 3.14 -71.52 24.04
C ILE G 222 2.87 -72.91 23.49
N THR G 223 3.88 -73.53 22.87
CA THR G 223 3.69 -74.88 22.34
C THR G 223 3.39 -75.87 23.44
N ARG G 224 4.09 -75.78 24.56
CA ARG G 224 3.86 -76.72 25.65
C ARG G 224 2.46 -76.57 26.23
N GLN G 225 1.98 -75.33 26.35
CA GLN G 225 0.65 -75.09 26.89
C GLN G 225 -0.45 -75.43 25.90
N PHE G 226 -0.17 -75.33 24.59
CA PHE G 226 -1.18 -75.60 23.58
C PHE G 226 -1.59 -77.07 23.58
N PHE G 227 -0.61 -77.97 23.56
CA PHE G 227 -0.85 -79.41 23.68
C PHE G 227 -0.66 -79.75 25.16
N GLN G 228 -1.77 -80.00 25.86
CA GLN G 228 -1.74 -80.05 27.31
C GLN G 228 -0.95 -81.26 27.81
N GLN G 229 -1.42 -82.47 27.47
CA GLN G 229 -0.79 -83.69 27.95
C GLN G 229 0.16 -84.33 26.96
N GLU G 230 -0.07 -84.15 25.66
CA GLU G 230 0.84 -84.70 24.67
C GLU G 230 2.22 -84.09 24.78
N ALA G 231 2.29 -82.77 24.99
CA ALA G 231 3.57 -82.10 25.15
C ALA G 231 4.30 -82.62 26.40
N GLU G 232 3.57 -82.81 27.49
CA GLU G 232 4.19 -83.33 28.71
C GLU G 232 4.70 -84.75 28.49
N GLN G 233 3.94 -85.57 27.79
CA GLN G 233 4.39 -86.93 27.49
C GLN G 233 5.67 -86.90 26.66
N VAL G 234 5.70 -86.04 25.63
CA VAL G 234 6.88 -85.94 24.78
C VAL G 234 8.09 -85.50 25.62
N LEU G 235 7.89 -84.49 26.46
CA LEU G 235 9.01 -83.99 27.26
C LEU G 235 9.52 -85.05 28.22
N GLN G 236 8.62 -85.77 28.89
CA GLN G 236 9.05 -86.79 29.84
C GLN G 236 9.75 -87.94 29.14
N SER G 237 9.29 -88.29 27.93
CA SER G 237 9.92 -89.39 27.21
C SER G 237 11.35 -89.07 26.84
N HIS G 238 11.62 -87.83 26.41
CA HIS G 238 12.92 -87.44 25.87
C HIS G 238 13.57 -86.35 26.70
N ALA G 239 13.54 -86.48 28.01
CA ALA G 239 14.24 -85.55 28.91
C ALA G 239 14.23 -86.08 30.33
N MET H 1 -9.28 65.18 -35.58
CA MET H 1 -10.58 65.57 -34.95
C MET H 1 -11.30 66.60 -35.81
N ARG H 2 -12.53 66.94 -35.41
CA ARG H 2 -13.32 67.96 -36.07
C ARG H 2 -13.67 69.05 -35.06
N HIS H 3 -13.56 70.30 -35.50
CA HIS H 3 -13.89 71.42 -34.63
C HIS H 3 -15.40 71.53 -34.47
N VAL H 4 -15.86 71.59 -33.22
CA VAL H 4 -17.28 71.71 -32.90
C VAL H 4 -17.57 73.16 -32.55
N ILE H 5 -18.58 73.73 -33.19
CA ILE H 5 -18.99 75.11 -32.97
C ILE H 5 -20.28 75.09 -32.17
N LYS H 6 -20.29 75.77 -31.02
CA LYS H 6 -21.45 75.82 -30.15
C LYS H 6 -22.28 77.06 -30.44
N THR H 7 -23.56 76.87 -30.71
CA THR H 7 -24.46 77.98 -31.00
C THR H 7 -25.77 77.86 -30.23
N GLN H 8 -25.72 77.27 -29.03
CA GLN H 8 -26.90 77.12 -28.19
C GLN H 8 -26.49 77.38 -26.74
N LEU H 9 -27.25 78.23 -26.06
CA LEU H 9 -26.92 78.57 -24.68
C LEU H 9 -27.01 77.36 -23.77
N GLY H 10 -28.05 76.54 -23.96
CA GLY H 10 -28.26 75.38 -23.12
C GLY H 10 -29.71 75.18 -22.74
N THR H 11 -29.95 74.65 -21.54
CA THR H 11 -31.28 74.42 -21.03
C THR H 11 -31.49 75.18 -19.73
N VAL H 12 -32.76 75.42 -19.40
CA VAL H 12 -33.08 76.17 -18.19
C VAL H 12 -32.60 75.43 -16.95
N ALA H 13 -32.82 74.12 -16.89
CA ALA H 13 -32.37 73.34 -15.74
C ALA H 13 -30.85 73.38 -15.61
N LEU H 14 -30.13 73.24 -16.73
CA LEU H 14 -28.68 73.31 -16.69
C LEU H 14 -28.20 74.68 -16.23
N LEU H 15 -28.83 75.74 -16.74
CA LEU H 15 -28.45 77.09 -16.34
C LEU H 15 -28.69 77.30 -14.84
N THR H 16 -29.83 76.86 -14.33
CA THR H 16 -30.12 77.01 -12.91
C THR H 16 -29.13 76.22 -12.07
N ALA H 17 -28.80 74.99 -12.48
CA ALA H 17 -27.86 74.19 -11.72
C ALA H 17 -26.49 74.83 -11.64
N HIS H 18 -26.14 75.67 -12.61
CA HIS H 18 -24.85 76.34 -12.66
C HIS H 18 -24.82 77.63 -11.83
N GLU H 19 -25.94 78.01 -11.22
CA GLU H 19 -25.97 79.25 -10.45
C GLU H 19 -25.01 79.17 -9.26
N ASN H 20 -24.95 78.03 -8.58
CA ASN H 20 -24.06 77.80 -7.45
C ASN H 20 -23.10 76.67 -7.83
N PRO H 21 -21.94 76.98 -8.39
CA PRO H 21 -21.05 75.91 -8.85
C PRO H 21 -20.57 75.07 -7.69
N PRO H 22 -20.36 73.77 -7.92
CA PRO H 22 -19.69 72.95 -6.90
C PRO H 22 -18.25 73.41 -6.72
N GLN H 23 -17.72 73.18 -5.51
CA GLN H 23 -16.37 73.63 -5.17
C GLN H 23 -15.49 72.52 -4.63
N ASP H 24 -15.88 71.25 -4.77
CA ASP H 24 -15.02 70.14 -4.42
C ASP H 24 -15.56 68.89 -5.10
N ALA H 25 -14.74 67.83 -5.09
CA ALA H 25 -15.09 66.61 -5.81
C ALA H 25 -16.38 66.00 -5.29
N ASP H 26 -16.55 65.99 -3.96
CA ASP H 26 -17.73 65.33 -3.39
C ASP H 26 -19.01 66.01 -3.83
N GLN H 27 -19.07 67.34 -3.73
CA GLN H 27 -20.27 68.06 -4.15
C GLN H 27 -20.54 67.86 -5.63
N SER H 28 -19.49 67.92 -6.45
CA SER H 28 -19.67 67.73 -7.89
C SER H 28 -20.24 66.36 -8.19
N THR H 29 -19.67 65.32 -7.58
CA THR H 29 -20.17 63.97 -7.82
C THR H 29 -21.61 63.82 -7.38
N ARG H 30 -21.94 64.32 -6.18
CA ARG H 30 -23.29 64.16 -5.67
C ARG H 30 -24.30 64.89 -6.54
N ARG H 31 -23.99 66.12 -6.93
CA ARG H 31 -24.95 66.89 -7.73
C ARG H 31 -25.06 66.34 -9.14
N TRP H 32 -23.96 65.83 -9.72
CA TRP H 32 -24.04 65.18 -11.01
C TRP H 32 -24.91 63.93 -10.93
N ARG H 33 -24.80 63.17 -9.84
CA ARG H 33 -25.66 62.01 -9.64
C ARG H 33 -27.12 62.43 -9.55
N ASN H 34 -27.40 63.51 -8.80
CA ASN H 34 -28.78 63.95 -8.63
C ASN H 34 -29.35 64.59 -9.90
N PHE H 35 -28.50 65.06 -10.81
CA PHE H 35 -28.93 65.72 -12.04
C PHE H 35 -29.41 64.74 -13.10
N ARG H 36 -29.59 63.47 -12.78
CA ARG H 36 -29.87 62.46 -13.79
C ARG H 36 -31.19 62.70 -14.52
N ARG H 37 -32.10 63.50 -13.95
CA ARG H 37 -33.42 63.64 -14.55
C ARG H 37 -33.37 64.45 -15.84
N ASP H 38 -32.60 65.54 -15.85
CA ASP H 38 -32.57 66.46 -16.98
C ASP H 38 -31.35 66.26 -17.88
N LYS H 39 -30.74 65.07 -17.83
CA LYS H 39 -29.59 64.81 -18.70
C LYS H 39 -30.01 64.57 -20.14
N ALA H 40 -31.24 64.10 -20.36
CA ALA H 40 -31.66 63.72 -21.71
C ALA H 40 -31.66 64.91 -22.66
N ALA H 41 -32.22 66.04 -22.23
CA ALA H 41 -32.28 67.20 -23.11
C ALA H 41 -30.88 67.73 -23.43
N VAL H 42 -30.01 67.78 -22.42
CA VAL H 42 -28.65 68.24 -22.64
C VAL H 42 -27.94 67.33 -23.63
N MET H 43 -28.10 66.00 -23.48
CA MET H 43 -27.46 65.09 -24.40
C MET H 43 -28.04 65.23 -25.81
N VAL H 44 -29.34 65.46 -25.92
CA VAL H 44 -29.94 65.65 -27.24
C VAL H 44 -29.33 66.86 -27.93
N GLN H 45 -29.22 67.97 -27.20
CA GLN H 45 -28.62 69.17 -27.79
C GLN H 45 -27.17 68.91 -28.17
N LEU H 46 -26.41 68.25 -27.30
CA LEU H 46 -25.01 67.98 -27.58
C LEU H 46 -24.85 67.12 -28.83
N ILE H 47 -25.68 66.09 -28.97
CA ILE H 47 -25.59 65.21 -30.12
C ILE H 47 -26.00 65.94 -31.40
N ASN H 48 -27.02 66.79 -31.31
CA ASN H 48 -27.44 67.55 -32.49
C ASN H 48 -26.36 68.50 -32.96
N GLU H 49 -25.66 69.16 -32.02
CA GLU H 49 -24.66 70.14 -32.42
C GLU H 49 -23.42 69.49 -33.02
N GLN H 50 -23.19 68.20 -32.77
CA GLN H 50 -22.05 67.49 -33.33
C GLN H 50 -22.39 66.68 -34.56
N TYR H 51 -23.62 66.78 -35.07
CA TYR H 51 -24.07 66.00 -36.23
C TYR H 51 -23.97 64.50 -35.96
N HIS H 52 -24.28 64.09 -34.73
CA HIS H 52 -24.38 62.68 -34.35
C HIS H 52 -23.04 61.95 -34.45
N LEU H 53 -21.93 62.67 -34.33
CA LEU H 53 -20.60 62.08 -34.36
C LEU H 53 -19.96 62.19 -32.98
N CYS H 54 -19.17 61.18 -32.63
CA CYS H 54 -18.44 61.21 -31.36
C CYS H 54 -17.43 62.36 -31.39
N CYS H 55 -17.27 63.02 -30.24
CA CYS H 55 -16.45 64.22 -30.18
C CYS H 55 -14.97 63.93 -30.37
N TYR H 56 -14.52 62.71 -30.10
CA TYR H 56 -13.10 62.36 -30.23
C TYR H 56 -12.81 61.43 -31.39
N SER H 57 -13.66 60.44 -31.66
CA SER H 57 -13.37 59.43 -32.68
C SER H 57 -14.17 59.58 -33.96
N GLU H 58 -15.25 60.38 -33.95
CA GLU H 58 -16.04 60.65 -35.15
C GLU H 58 -16.73 59.40 -35.68
N ILE H 59 -17.27 58.58 -34.78
CA ILE H 59 -18.05 57.41 -35.17
C ILE H 59 -19.53 57.72 -34.96
N ARG H 60 -20.36 56.98 -35.68
CA ARG H 60 -21.82 57.05 -35.54
C ARG H 60 -22.23 55.98 -34.54
N SER H 61 -22.31 56.37 -33.27
CA SER H 61 -22.67 55.41 -32.24
C SER H 61 -24.10 54.90 -32.41
N ASP H 62 -25.01 55.76 -32.90
CA ASP H 62 -26.38 55.34 -33.09
C ASP H 62 -26.49 54.21 -34.11
N LEU H 63 -25.76 54.32 -35.22
CA LEU H 63 -25.83 53.29 -36.25
C LEU H 63 -25.22 51.97 -35.80
N ARG H 64 -24.34 51.99 -34.79
CA ARG H 64 -23.71 50.79 -34.27
C ARG H 64 -24.37 50.28 -32.99
N GLY H 65 -25.34 51.02 -32.45
CA GLY H 65 -25.98 50.61 -31.22
C GLY H 65 -25.07 50.63 -30.01
N LEU H 66 -24.25 51.67 -29.87
CA LEU H 66 -23.35 51.79 -28.73
C LEU H 66 -23.71 52.95 -27.80
N GLY H 67 -24.49 53.92 -28.27
CA GLY H 67 -24.97 54.98 -27.40
C GLY H 67 -23.98 56.11 -27.22
N TYR H 68 -24.40 57.09 -26.42
CA TYR H 68 -23.60 58.26 -26.10
C TYR H 68 -23.66 58.51 -24.60
N HIS H 69 -22.68 59.27 -24.11
CA HIS H 69 -22.71 59.77 -22.74
C HIS H 69 -22.14 61.18 -22.72
N ILE H 70 -22.52 61.94 -21.70
CA ILE H 70 -22.06 63.31 -21.55
C ILE H 70 -20.64 63.29 -21.01
N GLU H 71 -19.73 63.97 -21.69
CA GLU H 71 -18.32 64.00 -21.34
C GLU H 71 -17.92 65.42 -20.93
N HIS H 72 -17.14 65.51 -19.85
CA HIS H 72 -16.55 66.77 -19.44
C HIS H 72 -15.18 66.88 -20.07
N VAL H 73 -14.98 67.90 -20.92
CA VAL H 73 -13.70 68.05 -21.59
C VAL H 73 -12.58 68.15 -20.58
N GLU H 74 -12.77 68.97 -19.56
CA GLU H 74 -11.86 69.06 -18.42
C GLU H 74 -12.51 68.35 -17.24
N ASN H 75 -11.79 67.40 -16.65
CA ASN H 75 -12.38 66.55 -15.62
C ASN H 75 -12.96 67.38 -14.49
N LYS H 76 -14.19 67.05 -14.10
CA LYS H 76 -14.84 67.78 -13.01
C LYS H 76 -14.20 67.47 -11.66
N SER H 77 -13.43 66.39 -11.56
CA SER H 77 -12.65 66.15 -10.36
C SER H 77 -11.44 67.06 -10.28
N GLN H 78 -10.96 67.56 -11.43
CA GLN H 78 -9.85 68.52 -11.43
C GLN H 78 -10.34 69.92 -11.13
N HIS H 79 -11.35 70.38 -11.86
CA HIS H 79 -11.89 71.74 -11.73
C HIS H 79 -13.40 71.63 -11.59
N PRO H 80 -13.89 71.26 -10.39
CA PRO H 80 -15.33 71.03 -10.23
C PRO H 80 -16.19 72.27 -10.41
N GLU H 81 -15.60 73.46 -10.52
CA GLU H 81 -16.41 74.66 -10.71
C GLU H 81 -17.12 74.68 -12.06
N ARG H 82 -16.72 73.81 -12.99
CA ARG H 82 -17.30 73.77 -14.33
C ARG H 82 -18.17 72.54 -14.54
N THR H 83 -18.65 71.91 -13.46
CA THR H 83 -19.48 70.72 -13.59
C THR H 83 -20.73 71.00 -14.39
N PHE H 84 -21.24 72.23 -14.35
CA PHE H 84 -22.47 72.59 -15.04
C PHE H 84 -22.25 73.66 -16.11
N ASP H 85 -21.01 73.93 -16.49
CA ASP H 85 -20.73 74.89 -17.55
C ASP H 85 -20.96 74.22 -18.90
N TYR H 86 -21.91 74.75 -19.67
CA TYR H 86 -22.25 74.14 -20.95
C TYR H 86 -21.06 74.13 -21.90
N GLN H 87 -20.13 75.07 -21.74
CA GLN H 87 -18.96 75.13 -22.61
C GLN H 87 -17.96 74.03 -22.35
N ASN H 88 -18.13 73.27 -21.26
CA ASN H 88 -17.20 72.20 -20.89
C ASN H 88 -17.79 70.81 -21.11
N LEU H 89 -18.91 70.71 -21.81
CA LEU H 89 -19.62 69.46 -21.99
C LEU H 89 -19.63 69.05 -23.47
N ALA H 90 -19.38 67.76 -23.71
CA ALA H 90 -19.45 67.18 -25.04
C ALA H 90 -20.10 65.81 -24.93
N ALA H 91 -20.38 65.21 -26.08
CA ALA H 91 -21.02 63.90 -26.15
C ALA H 91 -20.06 62.89 -26.73
N SER H 92 -19.79 61.83 -25.99
CA SER H 92 -18.87 60.77 -26.41
C SER H 92 -19.61 59.46 -26.52
N ALA H 93 -19.01 58.52 -27.26
CA ALA H 93 -19.62 57.23 -27.50
C ALA H 93 -19.53 56.35 -26.25
N LEU H 94 -20.06 55.13 -26.36
CA LEU H 94 -20.04 54.16 -25.26
C LEU H 94 -20.80 54.71 -24.04
N ASP H 95 -22.11 54.83 -24.23
CA ASP H 95 -22.97 55.36 -23.17
C ASP H 95 -22.68 54.71 -21.83
N SER H 96 -22.83 55.51 -20.77
CA SER H 96 -22.53 55.01 -19.43
C SER H 96 -23.57 54.00 -18.96
N GLY H 97 -24.85 54.32 -19.16
CA GLY H 97 -25.92 53.43 -18.74
C GLY H 97 -27.29 54.03 -18.99
N SER H 103 -22.99 43.99 -22.99
CA SER H 103 -21.95 43.81 -22.00
C SER H 103 -20.69 44.58 -22.37
N SER H 104 -20.64 45.07 -23.61
CA SER H 104 -19.48 45.84 -24.09
C SER H 104 -19.56 47.26 -23.53
N LEU H 105 -18.67 47.56 -22.59
CA LEU H 105 -18.69 48.86 -21.91
C LEU H 105 -17.29 49.14 -21.36
N LYS H 106 -17.20 50.07 -20.43
CA LYS H 106 -15.91 50.53 -19.91
C LYS H 106 -14.99 49.35 -19.61
N GLY H 107 -13.72 49.51 -19.96
CA GLY H 107 -12.74 48.47 -19.73
C GLY H 107 -11.37 48.94 -20.12
N LYS H 108 -10.45 47.98 -20.25
CA LYS H 108 -9.08 48.31 -20.64
C LYS H 108 -9.03 48.93 -22.03
N ASN H 109 -9.82 48.41 -22.96
CA ASN H 109 -9.78 48.82 -24.35
C ASN H 109 -10.71 49.99 -24.67
N ALA H 110 -11.31 50.60 -23.65
CA ALA H 110 -12.21 51.72 -23.90
C ALA H 110 -11.45 52.90 -24.50
N PHE H 111 -12.15 53.67 -25.32
CA PHE H 111 -11.58 54.84 -25.98
C PHE H 111 -12.49 56.04 -25.74
N GLY H 112 -11.99 57.22 -26.06
CA GLY H 112 -12.75 58.44 -25.88
C GLY H 112 -12.77 58.85 -24.43
N GLY H 113 -13.95 59.24 -23.94
CA GLY H 113 -14.09 59.64 -22.55
C GLY H 113 -13.94 58.51 -21.57
N HIS H 114 -14.13 57.27 -22.02
CA HIS H 114 -14.00 56.09 -21.17
C HIS H 114 -12.60 55.48 -21.23
N ALA H 115 -11.66 56.11 -21.91
CA ALA H 115 -10.31 55.57 -21.99
C ALA H 115 -9.65 55.60 -20.60
N GLN H 116 -8.72 54.67 -20.40
CA GLN H 116 -8.09 54.53 -19.09
C GLN H 116 -7.37 55.81 -18.68
N GLY H 117 -6.54 56.35 -19.57
CA GLY H 117 -5.78 57.54 -19.22
C GLY H 117 -6.65 58.75 -18.96
N LYS H 118 -7.66 58.96 -19.80
CA LYS H 118 -8.52 60.13 -19.65
C LYS H 118 -9.27 60.12 -18.32
N GLN H 119 -9.46 58.95 -17.71
CA GLN H 119 -10.19 58.89 -16.45
C GLN H 119 -9.35 59.34 -15.27
N ASP H 120 -8.03 59.15 -15.33
CA ASP H 120 -7.19 59.44 -14.17
C ASP H 120 -6.82 60.92 -14.07
N VAL H 121 -6.08 61.43 -15.05
CA VAL H 121 -5.56 62.80 -15.00
C VAL H 121 -5.44 63.31 -16.43
N VAL H 122 -5.53 64.64 -16.58
CA VAL H 122 -5.39 65.30 -17.87
C VAL H 122 -4.56 66.56 -17.67
N ASP H 123 -3.61 66.80 -18.58
CA ASP H 123 -2.80 68.00 -18.59
C ASP H 123 -3.33 68.90 -19.70
N MET H 124 -4.06 69.96 -19.31
CA MET H 124 -4.74 70.79 -20.29
C MET H 124 -3.77 71.52 -21.20
N ALA H 125 -2.51 71.71 -20.79
CA ALA H 125 -1.55 72.40 -21.63
C ALA H 125 -1.29 71.64 -22.93
N LYS H 126 -1.15 70.32 -22.84
CA LYS H 126 -0.83 69.48 -23.98
C LYS H 126 -2.05 68.83 -24.62
N PHE H 127 -3.25 69.04 -24.07
CA PHE H 127 -4.43 68.35 -24.54
C PHE H 127 -5.02 69.09 -25.74
N ILE H 128 -5.17 68.38 -26.85
CA ILE H 128 -5.83 68.90 -28.05
C ILE H 128 -7.21 68.25 -28.13
N HIS H 129 -8.26 69.07 -28.11
CA HIS H 129 -9.63 68.57 -28.14
C HIS H 129 -10.40 69.30 -29.24
N CYS H 130 -11.65 68.90 -29.43
CA CYS H 130 -12.48 69.41 -30.51
C CYS H 130 -12.89 70.87 -30.33
N HIS H 131 -12.67 71.45 -29.15
CA HIS H 131 -13.06 72.83 -28.89
C HIS H 131 -11.94 73.83 -29.17
N ILE H 132 -10.82 73.37 -29.72
CA ILE H 132 -9.74 74.25 -30.15
C ILE H 132 -9.87 74.45 -31.65
N ARG H 133 -9.85 75.71 -32.10
CA ARG H 133 -10.24 76.02 -33.47
C ARG H 133 -9.31 75.38 -34.49
N ASP H 134 -8.06 75.10 -34.11
CA ASP H 134 -7.06 74.58 -35.03
C ASP H 134 -6.62 73.18 -34.65
N CYS H 135 -7.57 72.34 -34.20
CA CYS H 135 -7.23 70.98 -33.82
C CYS H 135 -7.06 70.07 -35.03
N SER H 136 -7.78 70.35 -36.13
CA SER H 136 -7.77 69.43 -37.27
C SER H 136 -6.41 69.34 -37.94
N ARG H 137 -5.54 70.34 -37.78
CA ARG H 137 -4.23 70.32 -38.42
C ARG H 137 -3.18 69.56 -37.61
N TYR H 138 -3.54 69.04 -36.44
CA TYR H 138 -2.61 68.31 -35.60
C TYR H 138 -2.51 66.82 -35.93
N PHE H 139 -3.41 66.29 -36.76
CA PHE H 139 -3.53 64.85 -36.93
C PHE H 139 -3.57 64.48 -38.41
N ALA H 140 -3.08 63.27 -38.70
CA ALA H 140 -3.14 62.69 -40.03
C ALA H 140 -3.60 61.25 -39.92
N TYR H 141 -4.29 60.78 -40.96
CA TYR H 141 -4.87 59.44 -40.98
C TYR H 141 -4.19 58.62 -42.06
N LEU H 142 -3.69 57.45 -41.69
CA LEU H 142 -2.87 56.63 -42.56
C LEU H 142 -3.70 55.53 -43.23
N SER H 143 -3.06 54.86 -44.19
CA SER H 143 -3.70 53.82 -44.97
C SER H 143 -3.87 52.51 -44.21
N ASP H 144 -3.11 52.29 -43.14
CA ASP H 144 -3.18 51.06 -42.38
C ASP H 144 -4.10 51.16 -41.17
N GLY H 145 -4.78 52.28 -40.99
CA GLY H 145 -5.74 52.45 -39.91
C GLY H 145 -5.22 53.22 -38.71
N ARG H 146 -4.00 53.72 -38.76
CA ARG H 146 -3.43 54.46 -37.64
C ARG H 146 -3.75 55.95 -37.75
N ILE H 147 -3.57 56.65 -36.63
CA ILE H 147 -3.65 58.10 -36.57
C ILE H 147 -2.33 58.61 -36.01
N VAL H 148 -1.70 59.56 -36.69
CA VAL H 148 -0.36 60.01 -36.34
C VAL H 148 -0.33 61.53 -36.35
N PRO H 149 0.64 62.13 -35.68
CA PRO H 149 0.79 63.59 -35.75
C PRO H 149 1.18 64.04 -37.16
N ALA H 150 0.75 65.25 -37.51
CA ALA H 150 1.03 65.79 -38.82
C ALA H 150 2.51 66.18 -38.95
N ASP H 151 3.03 66.02 -40.17
CA ASP H 151 4.45 66.30 -40.40
C ASP H 151 4.77 67.77 -40.16
N GLU H 152 3.91 68.67 -40.63
CA GLU H 152 4.16 70.11 -40.54
C GLU H 152 3.80 70.63 -39.14
N LEU H 153 4.48 70.07 -38.15
CA LEU H 153 4.30 70.46 -36.75
C LEU H 153 5.66 70.70 -36.13
N ASN H 154 5.72 71.67 -35.21
CA ASN H 154 6.94 71.93 -34.48
C ASN H 154 7.33 70.70 -33.66
N ALA H 155 8.53 70.75 -33.10
CA ALA H 155 8.97 69.71 -32.17
C ALA H 155 8.18 69.74 -30.87
N GLN H 156 7.42 70.81 -30.62
CA GLN H 156 6.59 70.91 -29.42
C GLN H 156 5.16 70.46 -29.69
N GLU H 157 4.61 70.80 -30.87
CA GLU H 157 3.25 70.38 -31.21
C GLU H 157 3.16 68.87 -31.39
N THR H 158 4.21 68.24 -31.90
CA THR H 158 4.19 66.80 -32.10
C THR H 158 4.04 66.06 -30.77
N GLU H 159 4.73 66.54 -29.74
CA GLU H 159 4.59 65.92 -28.42
C GLU H 159 3.17 66.03 -27.90
N ASN H 160 2.54 67.20 -28.09
CA ASN H 160 1.16 67.37 -27.66
C ASN H 160 0.23 66.43 -28.44
N ALA H 161 0.44 66.31 -29.74
CA ALA H 161 -0.41 65.43 -30.55
C ALA H 161 -0.28 63.98 -30.09
N GLN H 162 0.95 63.52 -29.87
CA GLN H 162 1.15 62.14 -29.42
C GLN H 162 0.56 61.92 -28.05
N TYR H 163 0.72 62.89 -27.14
CA TYR H 163 0.15 62.77 -25.81
C TYR H 163 -1.37 62.68 -25.87
N THR H 164 -1.99 63.49 -26.72
CA THR H 164 -3.45 63.44 -26.87
C THR H 164 -3.89 62.11 -27.46
N ILE H 165 -3.17 61.61 -28.47
CA ILE H 165 -3.53 60.34 -29.08
C ILE H 165 -3.46 59.22 -28.04
N ASP H 166 -2.42 59.21 -27.23
CA ASP H 166 -2.27 58.15 -26.22
C ASP H 166 -3.28 58.30 -25.09
N LEU H 167 -3.63 59.53 -24.72
CA LEU H 167 -4.52 59.74 -23.60
C LEU H 167 -5.91 59.18 -23.87
N LEU H 168 -6.42 59.37 -25.08
CA LEU H 168 -7.77 58.92 -25.44
C LEU H 168 -7.78 57.52 -26.04
N ASN H 169 -6.62 56.88 -26.19
CA ASN H 169 -6.52 55.54 -26.74
C ASN H 169 -7.21 55.46 -28.10
N LEU H 170 -6.79 56.34 -29.00
CA LEU H 170 -7.40 56.45 -30.32
C LEU H 170 -6.83 55.45 -31.31
N ASN H 171 -5.85 54.63 -30.92
CA ASN H 171 -5.23 53.66 -31.79
C ASN H 171 -5.53 52.22 -31.36
N SER H 172 -6.70 52.01 -30.76
CA SER H 172 -7.09 50.66 -30.38
C SER H 172 -7.43 49.84 -31.61
N GLY H 173 -7.49 48.51 -31.44
CA GLY H 173 -7.73 47.63 -32.55
C GLY H 173 -9.06 47.90 -33.24
N PHE H 174 -10.10 48.16 -32.45
CA PHE H 174 -11.42 48.40 -33.03
C PHE H 174 -11.41 49.64 -33.94
N LEU H 175 -10.87 50.75 -33.43
CA LEU H 175 -10.81 51.98 -34.21
C LEU H 175 -9.94 51.80 -35.45
N GLN H 176 -8.79 51.12 -35.31
CA GLN H 176 -7.91 50.91 -36.44
C GLN H 176 -8.60 50.09 -37.53
N THR H 177 -9.31 49.03 -37.14
CA THR H 177 -10.03 48.23 -38.12
C THR H 177 -11.10 49.05 -38.83
N GLU H 178 -11.88 49.82 -38.07
CA GLU H 178 -12.93 50.62 -38.69
C GLU H 178 -12.36 51.63 -39.68
N ARG H 179 -11.26 52.30 -39.28
CA ARG H 179 -10.67 53.31 -40.16
C ARG H 179 -10.05 52.66 -41.40
N ARG H 180 -9.46 51.48 -41.25
CA ARG H 180 -8.93 50.77 -42.40
C ARG H 180 -10.05 50.41 -43.39
N ASN H 181 -11.18 49.93 -42.87
CA ASN H 181 -12.31 49.62 -43.74
C ASN H 181 -12.83 50.85 -44.45
N HIS H 182 -12.89 51.99 -43.73
CA HIS H 182 -13.32 53.23 -44.37
C HIS H 182 -12.38 53.64 -45.49
N TRP H 183 -11.08 53.52 -45.26
CA TRP H 183 -10.10 53.83 -46.31
C TRP H 183 -10.29 52.94 -47.51
N GLU H 184 -10.53 51.65 -47.29
CA GLU H 184 -10.75 50.73 -48.40
C GLU H 184 -11.99 51.12 -49.20
N GLU H 185 -13.07 51.48 -48.51
CA GLU H 185 -14.28 51.91 -49.21
C GLU H 185 -14.02 53.19 -50.01
N LEU H 186 -13.24 54.12 -49.45
CA LEU H 186 -12.89 55.33 -50.18
C LEU H 186 -12.12 55.01 -51.45
N GLU H 187 -11.17 54.07 -51.37
CA GLU H 187 -10.44 53.65 -52.57
C GLU H 187 -11.40 53.07 -53.60
N GLN H 188 -12.34 52.24 -53.15
CA GLN H 188 -13.34 51.68 -54.06
C GLN H 188 -14.11 52.79 -54.77
N LEU H 189 -14.56 53.79 -54.01
CA LEU H 189 -15.33 54.88 -54.61
C LEU H 189 -14.50 55.67 -55.61
N PHE H 190 -13.24 55.94 -55.27
CA PHE H 190 -12.35 56.64 -56.20
C PHE H 190 -12.24 55.89 -57.51
N ASP H 191 -11.95 54.58 -57.44
CA ASP H 191 -11.85 53.79 -58.66
C ASP H 191 -13.15 53.78 -59.44
N GLU H 192 -14.28 53.68 -58.73
CA GLU H 192 -15.58 53.64 -59.38
C GLU H 192 -15.84 54.93 -60.17
N HIS H 193 -15.56 56.08 -59.55
CA HIS H 193 -15.85 57.33 -60.24
C HIS H 193 -14.87 57.57 -61.38
N ILE H 194 -13.62 57.09 -61.24
CA ILE H 194 -12.69 57.17 -62.35
C ILE H 194 -13.20 56.34 -63.53
N GLU H 195 -13.70 55.14 -63.26
CA GLU H 195 -14.14 54.26 -64.34
C GLU H 195 -15.40 54.79 -65.01
N LYS H 196 -16.38 55.22 -64.20
CA LYS H 196 -17.71 55.54 -64.73
C LYS H 196 -17.81 56.94 -65.32
N ASP H 197 -16.74 57.73 -65.29
CA ASP H 197 -16.78 59.11 -65.79
C ASP H 197 -17.74 59.96 -64.97
N TRP H 198 -17.92 59.60 -63.71
CA TRP H 198 -18.80 60.35 -62.83
C TRP H 198 -18.16 61.68 -62.43
N ASP H 199 -18.95 62.53 -61.79
CA ASP H 199 -18.47 63.79 -61.24
C ASP H 199 -18.18 63.60 -59.75
N LEU H 200 -17.06 64.16 -59.30
CA LEU H 200 -16.58 63.99 -57.93
C LEU H 200 -17.04 65.10 -57.00
N GLN H 201 -18.19 65.71 -57.27
CA GLN H 201 -18.79 66.67 -56.36
C GLN H 201 -20.23 66.33 -56.02
N GLN H 202 -20.99 65.79 -56.97
CA GLN H 202 -22.35 65.35 -56.66
C GLN H 202 -22.34 64.24 -55.62
N LEU H 203 -21.43 63.28 -55.77
CA LEU H 203 -21.35 62.18 -54.82
C LEU H 203 -20.87 62.67 -53.46
N LEU H 204 -19.88 63.58 -53.44
CA LEU H 204 -19.28 63.98 -52.17
C LEU H 204 -20.25 64.79 -51.31
N GLN H 205 -21.30 65.34 -51.91
CA GLN H 205 -22.29 66.07 -51.13
C GLN H 205 -23.09 65.15 -50.21
N LEU H 206 -23.16 63.86 -50.53
CA LEU H 206 -23.82 62.92 -49.64
C LEU H 206 -23.02 62.71 -48.35
N ASP H 207 -21.70 62.79 -48.44
CA ASP H 207 -20.83 62.50 -47.30
C ASP H 207 -20.40 63.74 -46.54
N LEU H 208 -20.25 64.89 -47.20
CA LEU H 208 -19.70 66.08 -46.56
C LEU H 208 -20.75 67.10 -46.15
N VAL H 209 -21.95 67.03 -46.73
CA VAL H 209 -23.03 67.96 -46.40
C VAL H 209 -24.02 67.26 -45.48
N SER H 210 -24.43 67.95 -44.43
CA SER H 210 -25.34 67.35 -43.46
C SER H 210 -26.74 67.22 -44.05
N THR H 211 -27.67 66.78 -43.22
CA THR H 211 -29.05 66.56 -43.60
C THR H 211 -29.96 67.33 -42.65
N PRO H 212 -31.22 67.53 -43.02
CA PRO H 212 -32.11 68.31 -42.15
C PRO H 212 -32.22 67.78 -40.74
N ASP H 213 -31.99 66.49 -40.53
CA ASP H 213 -32.03 65.90 -39.20
C ASP H 213 -30.69 65.91 -38.49
N HIS H 214 -29.76 66.77 -38.93
CA HIS H 214 -28.49 66.99 -38.25
C HIS H 214 -27.69 65.69 -38.14
N LYS H 215 -27.31 65.16 -39.30
CA LYS H 215 -26.54 63.92 -39.37
C LYS H 215 -25.40 64.07 -40.37
N LEU H 216 -24.25 63.50 -40.03
CA LEU H 216 -23.08 63.50 -40.91
C LEU H 216 -22.53 62.08 -40.99
N HIS H 217 -22.00 61.73 -42.16
CA HIS H 217 -21.34 60.44 -42.31
C HIS H 217 -20.13 60.38 -41.39
N GLU H 218 -19.86 59.19 -40.86
CA GLU H 218 -18.79 59.03 -39.89
C GLU H 218 -17.43 59.15 -40.57
N PHE H 219 -16.43 59.52 -39.78
CA PHE H 219 -15.06 59.71 -40.26
C PHE H 219 -14.99 60.84 -41.27
N PHE H 220 -15.45 62.01 -40.84
CA PHE H 220 -15.41 63.20 -41.68
C PHE H 220 -13.99 63.56 -42.07
N SER H 221 -13.06 63.50 -41.12
CA SER H 221 -11.68 63.92 -41.39
C SER H 221 -11.02 63.03 -42.43
N ILE H 222 -11.24 61.72 -42.36
CA ILE H 222 -10.61 60.82 -43.32
C ILE H 222 -11.11 61.13 -44.74
N THR H 223 -12.41 61.33 -44.90
CA THR H 223 -12.95 61.66 -46.22
C THR H 223 -12.40 63.00 -46.70
N ARG H 224 -12.33 64.00 -45.82
CA ARG H 224 -11.84 65.31 -46.25
C ARG H 224 -10.37 65.24 -46.66
N GLN H 225 -9.56 64.47 -45.93
CA GLN H 225 -8.15 64.35 -46.26
C GLN H 225 -7.90 63.46 -47.47
N PHE H 226 -8.81 62.52 -47.75
CA PHE H 226 -8.63 61.61 -48.87
C PHE H 226 -8.75 62.34 -50.20
N PHE H 227 -9.79 63.16 -50.36
CA PHE H 227 -9.96 64.01 -51.54
C PHE H 227 -9.42 65.39 -51.17
N GLN H 228 -8.21 65.69 -51.63
CA GLN H 228 -7.47 66.83 -51.12
C GLN H 228 -8.19 68.14 -51.43
N GLN H 229 -8.35 68.47 -52.71
CA GLN H 229 -8.93 69.74 -53.10
C GLN H 229 -10.42 69.66 -53.46
N GLU H 230 -10.88 68.51 -53.95
CA GLU H 230 -12.30 68.36 -54.26
C GLU H 230 -13.15 68.48 -53.00
N ALA H 231 -12.69 67.88 -51.90
CA ALA H 231 -13.43 67.99 -50.65
C ALA H 231 -13.50 69.44 -50.18
N GLU H 232 -12.39 70.18 -50.29
CA GLU H 232 -12.40 71.58 -49.90
C GLU H 232 -13.34 72.39 -50.78
N GLN H 233 -13.34 72.12 -52.08
CA GLN H 233 -14.26 72.82 -52.98
C GLN H 233 -15.71 72.55 -52.59
N VAL H 234 -16.03 71.28 -52.32
CA VAL H 234 -17.40 70.93 -51.93
C VAL H 234 -17.78 71.65 -50.63
N LEU H 235 -16.88 71.64 -49.65
CA LEU H 235 -17.18 72.27 -48.37
C LEU H 235 -17.40 73.77 -48.55
N GLN H 236 -16.52 74.43 -49.31
CA GLN H 236 -16.66 75.87 -49.49
C GLN H 236 -17.94 76.22 -50.24
N SER H 237 -18.32 75.38 -51.23
CA SER H 237 -19.52 75.67 -52.00
C SER H 237 -20.77 75.61 -51.14
N HIS H 238 -20.84 74.65 -50.21
CA HIS H 238 -22.04 74.39 -49.43
C HIS H 238 -21.80 74.57 -47.94
N ALA H 239 -21.12 75.65 -47.57
CA ALA H 239 -20.92 75.98 -46.16
C ALA H 239 -20.31 77.37 -46.02
#